data_6H3I
#
_entry.id   6H3I
#
_cell.length_a   1.000
_cell.length_b   1.000
_cell.length_c   1.000
_cell.angle_alpha   90.000
_cell.angle_beta   90.000
_cell.angle_gamma   90.000
#
_symmetry.space_group_name_H-M   'P 1'
#
loop_
_entity.id
_entity.type
_entity.pdbx_description
1 polymer 'Protein involved in gliding motility SprA'
2 polymer 'Peptidyl-prolyl cis-trans isomerase'
3 polymer PorV
#
loop_
_entity_poly.entity_id
_entity_poly.type
_entity_poly.pdbx_seq_one_letter_code
_entity_poly.pdbx_strand_id
1 'polypeptide(L)'
;MRKICIFLLVLFCGNVLRSQVKPAVQDTTKTQFSVGKMELENPPSILSAYKYDPITDRYIYTTSVDGFSIDYPLVLTPKE
YEDLLLKESRRDYFRKKMDAIDGKKTGAEAAKKDLLPRYYINSSLFESIFGSNTIDVKPTGSVEMDLGVRYTKQDNPAFS
PRNRSSLTFDFDQRISMSLMGKIGTRLEVNANYDTQSTFAFQNLFKLAYTPSEDDIIQKVEVGNVSMPLNSTLIRGAQSL
FGVKTQLQFGRTTITGVFSEQKSQTKSVVAENGGTVQNFDLYALDYDNDRHFFLSQYFRNKYDVSLKNYPFIDSRVQITR
LEVWVTNKQNRVTTTGGGNNLRNIIALQDLGEAQVSGVPDNEVVVISSTAGFFNNPIDSPTSNTNNKYDPATIGQAGSFL
NSNIREIVTAKSGFNNTNVSEATDYSVLENARKLTTNEYTFNPQLGYISLQQRLANDEILAVAFEYTVGGKVYQVGEFGS
DGVDATVVTGNNSSNQAIITQSLVLKMLKSNLTNVKNPVWNLMMKNVYQIPQAYQIKQDDFRLNILYTDPSPINYITPVQ
GSSFPPNPAPDSKVEQTPLLNVFNLDRLNYNNDPQAGGDGFFDYIPGVTVDVQNGRVIFTTKEPFGELIFNKLQTGAGES
YNDPTTYNANQQKYVFRNMYRNTQAGALQDSDKNKFLLRGKYKSSGSNGIPIGAFNVPQGSVVVTAAGRVLVEGIDYSVD
YQLGRVQILDPSLQASNTPIEVSLENNSIFGQQTRRFMGFNIEHKISDKFVIGGTYLKMTERPFTQKSTYGQESVNNTIF
GFNGNYSTEVPFLTRLANKLPNIDTDVPSNLSIRGEVAFLRPDAPKASDFQGEATIYVDDFEGSQSTIDMRSAYAWSLAS
TPFITSINDNTFNANSNTLEYGFKRAKLSWYTIDPVFYSSKPSGISNDDLSLNTTRRIYSRELYPNTDIAQGQIQVVNTL
DLTYYPGERGPYNNNPSFGASNPSANFGGIMRALNSTNFEQGNVEYIQFWVLDPYVGNGESPATNAGKIYFNLGEISEDV
LKDGRKQYENGLGPDQVMVNPQPLWGDVPASQSLIYAFDTNPDNRKNQDVGLDGLPSSREGSIYTNYAGEADPAGDDYTY
YLNADGGVLERYKNYNGTEGNSAVSINDPNRGSTTLPDVEDINRDNTMSTINAYYEYSIDVKPGMQVGENYITDIREVTN
VDLPNGGTTNARWIQFKIPVSQPQNTIGNITDFRSIRFMRMFMTGFNSQMTVRFGALDLVRGEWRRYTGTLDANDQNPDD
DGVEFDVAAVNIQENGTKCPVNYVMPPGVQREQLYNNNTVINQNEQALAVRIGGAGLQYQDSRAVFKNVSVDMRQYKKLK
MFLHAESLPNQPTLEDDEMVGFIRFGNDFTQNFYQVEIPLKVTKTGGSCSISPDLVWMDDNSIDLALDLLTRMKIKAMSI
DINSSKRDVNGIYYPDNDPDLEGGDGDGKLTLGIKGNPNFGLVRNLMVGVKSRADHKDIKGEVWFNELRLADLENKGGMA
AILNVDTNMADFATVSATGRKSTIGFGSLEQGANERDREDVQQYNIVTNLNLGKLLPKKWGINLPFNYAIGEEVITPEYD
PFNQDIKLDQLIRETTDQAEKDNIRTRAIDYTKRKSINFIGVRKDRAPEQKPHVYDIENFTFSQSYNQVERHDYEVADYE
DEQSNSAVNYAYTFQPKEVVPFKSTKFMKKSEYWKLLSDFNFNYLPSNISFNTNILRQSNRQQFREVEVEGIGLDPLYRR
NFAFNYQYGFGFNLTKSLKLNYSATSNNIVRNFLNDDNSPKEDFNIWDDYLDIGTPNQHAQQLVLNYDIPINKIPIFGFV
KASYSYTADYMWQRSSTAFSEYEDPNGTVYDLGNTIQNSNSNTLTTTLNMNTLYKYLGLTPGAKKTAKPKTAAPPKPGEK
IVNTAKPVVSSSPFYDGLIGVLTSIKNVQINYTKNSGTVLPGYTPSVGFLGTSKPSLGFVFGSQDDVRYEAAKRGWLTTY
QDFNQSFTQVSNKLLKVTANIDLLPDLKVDLSMDRSYSENTSEQYSVDPSTNEYKPLSPYTYGMFSISTVMIKTAFSPSD
ETQSAAFDDFRSNRLIIANRLAEGHYGSGVAIPRYGDANNPIPAETDPNYAVYTANQGYPIGYTKSNQAVLLPAFLAAYT
GSDASSSSTNIFRSFPIPNWSIKYNGLMRYKYFKDKFKRFSLQHNYRASYTINQFRSNFDYNSSPKVQDVNTNFYNEIIM
SNVNLVEQFSPLIRMDFELKSSLRVLSEIKKDRALSMSFDNNLLTEVKGMEYIIGLGYRFKDVIFSSRLADNPTGIIKSD
INIKADFSLRNNETLVRYLDYDNNQLAAGQNIWSLKLTADYSFSKNLTAIFYYDHSFSKAVISTSFPLTNIRSGFTLRYN
FGN
;
A
2 'polypeptide(L)'
;MKQLLTALLSLTLFISCSKDKDEVKDYTAENEKEIVDYLAQNNLTAQRTNSGLYYIITKEGSSESEGENPGEEENTGEGE
NTEENENDGHPTLNSNITVIYKGYFTNGKVFDESTEGVSYSLRTLIPGWKEGIPLLKSGGEIQLFVPAHLGYGSNGNKTV
PGGAVLIFEITLVSVN
;
B
3 'polypeptide(L)'
;MKKISLLLICLLITTFAKAQDIERPITTGVPFLLVAADARAAGLGDQGVATSSDVFSQQWNPAKYAFAEDAQGLSISYTP
YLTDLANDISLGQVTYYNKINDRSAFAGSFRYFGFGGIELRQTGDPNEPTREVNPNEFALDGSYSLKLSETFSMAVAARY
IRSNLKVATEEIDASAAGSFAVDVAGFYQSEEIAYSDFNGRWRAGFNIQNLGPKISYDHDDLSANFLPANLRVGGGFDFI
FDDYNKLGVSLELTKLLVPTPPGPGTPYDANGDGDFTDPGDISQSQADEANYKKYKDIGWVSGIFKSFGDAPGGFSEELK
EITYSAAAEYMYQDAFAMRLGYYHESPMKGAKQFFSLGAGFKYSMIKVDVSYLFSASKVKNPLENTLRFSLTFNFGDKYE
TY
;
F
#
# COMPACT_ATOMS: atom_id res chain seq x y z
N SER A 132 29.43 -39.50 -35.37
CA SER A 132 29.68 -38.35 -36.23
C SER A 132 28.37 -37.80 -36.79
N ASN A 133 27.65 -38.66 -37.50
CA ASN A 133 26.35 -38.31 -38.05
C ASN A 133 25.27 -38.40 -36.98
N THR A 134 24.02 -38.51 -37.41
CA THR A 134 22.86 -38.54 -36.52
C THR A 134 22.62 -37.22 -35.81
N ILE A 135 22.36 -36.17 -36.59
CA ILE A 135 21.78 -34.96 -36.04
C ILE A 135 20.32 -35.26 -35.73
N ASP A 136 20.02 -35.58 -34.47
CA ASP A 136 18.69 -35.96 -34.07
C ASP A 136 18.09 -34.96 -33.08
N VAL A 137 18.29 -33.67 -33.35
CA VAL A 137 17.71 -32.64 -32.50
C VAL A 137 16.22 -32.57 -32.79
N LYS A 138 15.42 -33.18 -31.93
CA LYS A 138 13.99 -33.24 -32.16
C LYS A 138 13.28 -32.19 -31.33
N PRO A 139 12.79 -31.11 -31.94
CA PRO A 139 12.07 -30.10 -31.17
C PRO A 139 10.71 -30.62 -30.73
N THR A 140 10.25 -30.11 -29.60
CA THR A 140 8.92 -30.43 -29.09
C THR A 140 8.28 -29.16 -28.59
N GLY A 141 6.96 -29.19 -28.44
CA GLY A 141 6.25 -28.02 -27.96
C GLY A 141 5.35 -27.44 -29.01
N SER A 142 5.18 -26.12 -29.00
CA SER A 142 4.22 -25.49 -29.88
C SER A 142 4.64 -24.06 -30.19
N VAL A 143 4.04 -23.52 -31.24
CA VAL A 143 4.24 -22.14 -31.65
C VAL A 143 2.89 -21.57 -32.02
N GLU A 144 2.69 -20.29 -31.73
CA GLU A 144 1.41 -19.66 -31.99
C GLU A 144 1.62 -18.22 -32.42
N MET A 145 0.94 -17.84 -33.50
CA MET A 145 0.91 -16.48 -34.02
C MET A 145 -0.53 -15.99 -33.99
N ASP A 146 -0.71 -14.71 -33.71
CA ASP A 146 -2.04 -14.16 -33.46
C ASP A 146 -2.30 -12.92 -34.29
N LEU A 147 -2.12 -13.03 -35.60
CA LEU A 147 -2.21 -11.87 -36.48
C LEU A 147 -3.65 -11.37 -36.51
N GLY A 148 -3.91 -10.22 -35.90
CA GLY A 148 -5.28 -9.73 -35.85
C GLY A 148 -5.34 -8.22 -35.83
N VAL A 149 -6.56 -7.72 -35.80
CA VAL A 149 -6.83 -6.30 -35.70
C VAL A 149 -7.47 -6.05 -34.35
N ARG A 150 -7.29 -4.84 -33.81
CA ARG A 150 -7.87 -4.49 -32.53
C ARG A 150 -8.38 -3.06 -32.64
N TYR A 151 -9.69 -2.93 -32.76
CA TYR A 151 -10.39 -1.66 -32.81
C TYR A 151 -10.88 -1.33 -31.41
N THR A 152 -10.79 -0.06 -31.02
CA THR A 152 -11.30 0.36 -29.72
C THR A 152 -11.73 1.81 -29.81
N LYS A 153 -12.93 2.10 -29.30
CA LYS A 153 -13.31 3.50 -29.19
C LYS A 153 -14.14 3.72 -27.95
N GLN A 154 -13.77 4.71 -27.16
CA GLN A 154 -14.65 5.29 -26.16
C GLN A 154 -15.46 6.41 -26.79
N ASP A 155 -16.33 6.98 -26.00
CA ASP A 155 -17.09 8.15 -26.41
C ASP A 155 -17.11 9.19 -25.32
N ASN A 156 -15.96 9.43 -24.70
CA ASN A 156 -15.99 10.58 -23.83
C ASN A 156 -15.81 11.85 -24.66
N PRO A 157 -16.52 12.92 -24.31
CA PRO A 157 -16.41 14.14 -25.12
C PRO A 157 -15.10 14.85 -24.93
N ALA A 158 -14.38 14.59 -23.84
CA ALA A 158 -13.18 15.36 -23.54
C ALA A 158 -12.07 15.11 -24.54
N PHE A 159 -12.05 13.95 -25.17
CA PHE A 159 -11.02 13.70 -26.16
C PHE A 159 -11.17 14.63 -27.35
N SER A 160 -10.16 14.61 -28.21
CA SER A 160 -10.21 15.34 -29.45
C SER A 160 -11.16 14.63 -30.39
N PRO A 161 -11.49 15.24 -31.52
CA PRO A 161 -12.11 14.50 -32.63
C PRO A 161 -11.14 13.57 -33.33
N ARG A 162 -9.87 13.57 -32.89
CA ARG A 162 -8.82 12.76 -33.51
C ARG A 162 -8.62 11.43 -32.80
N ASN A 163 -8.83 11.38 -31.49
CA ASN A 163 -8.70 10.14 -30.73
C ASN A 163 -9.91 9.22 -30.88
N ARG A 164 -10.78 9.50 -31.82
CA ARG A 164 -11.89 8.61 -32.10
C ARG A 164 -11.39 7.32 -32.74
N SER A 165 -11.76 6.18 -32.16
CA SER A 165 -11.66 4.88 -32.83
C SER A 165 -10.21 4.53 -33.19
N SER A 166 -9.43 4.24 -32.16
CA SER A 166 -8.11 3.67 -32.39
C SER A 166 -8.25 2.32 -33.08
N LEU A 167 -7.32 2.00 -33.97
CA LEU A 167 -7.43 0.80 -34.81
C LEU A 167 -6.10 0.07 -34.86
N THR A 168 -5.56 -0.27 -33.69
CA THR A 168 -4.21 -0.81 -33.67
C THR A 168 -4.17 -2.24 -34.21
N PHE A 169 -3.13 -2.53 -34.99
CA PHE A 169 -2.87 -3.91 -35.35
C PHE A 169 -2.52 -4.69 -34.08
N ASP A 170 -2.54 -6.02 -34.15
CA ASP A 170 -2.18 -6.84 -33.02
C ASP A 170 -1.45 -8.08 -33.49
N PHE A 171 -0.40 -8.44 -32.76
CA PHE A 171 0.46 -9.55 -33.13
C PHE A 171 0.96 -10.21 -31.86
N ASP A 172 0.83 -11.53 -31.78
CA ASP A 172 1.22 -12.26 -30.58
C ASP A 172 1.92 -13.54 -30.97
N GLN A 173 2.92 -13.89 -30.18
CA GLN A 173 3.68 -15.12 -30.35
C GLN A 173 3.67 -15.89 -29.04
N ARG A 174 3.63 -17.21 -29.15
CA ARG A 174 3.67 -18.05 -27.95
C ARG A 174 4.59 -19.24 -28.15
N ILE A 175 5.80 -18.99 -28.62
CA ILE A 175 6.77 -20.06 -28.76
C ILE A 175 7.03 -20.70 -27.40
N SER A 176 6.77 -22.00 -27.30
CA SER A 176 6.98 -22.75 -26.06
C SER A 176 7.74 -24.04 -26.35
N MET A 177 8.85 -23.92 -27.06
CA MET A 177 9.54 -25.09 -27.58
C MET A 177 10.59 -25.62 -26.61
N SER A 178 11.08 -26.81 -26.91
CA SER A 178 12.22 -27.38 -26.21
C SER A 178 12.94 -28.32 -27.15
N LEU A 179 14.27 -28.20 -27.21
CA LEU A 179 15.10 -29.02 -28.07
C LEU A 179 15.85 -30.06 -27.24
N MET A 180 15.84 -31.28 -27.72
CA MET A 180 16.67 -32.35 -27.20
C MET A 180 17.40 -32.98 -28.37
N GLY A 181 18.46 -33.69 -28.07
CA GLY A 181 19.19 -34.40 -29.11
C GLY A 181 20.67 -34.47 -28.79
N LYS A 182 21.33 -35.41 -29.44
CA LYS A 182 22.74 -35.71 -29.20
C LYS A 182 23.45 -35.69 -30.55
N ILE A 183 23.88 -34.51 -30.97
CA ILE A 183 24.49 -34.36 -32.28
C ILE A 183 25.85 -35.03 -32.31
N GLY A 184 26.13 -35.75 -33.39
CA GLY A 184 27.47 -36.20 -33.70
C GLY A 184 28.12 -37.11 -32.68
N THR A 185 27.33 -37.70 -31.77
CA THR A 185 27.80 -38.73 -30.84
C THR A 185 28.66 -38.15 -29.72
N ARG A 186 29.04 -36.88 -29.84
CA ARG A 186 29.83 -36.18 -28.83
C ARG A 186 29.07 -34.99 -28.27
N LEU A 187 28.60 -34.10 -29.13
CA LEU A 187 27.82 -32.95 -28.72
C LEU A 187 26.51 -33.41 -28.08
N GLU A 188 25.89 -32.52 -27.33
CA GLU A 188 24.65 -32.84 -26.64
C GLU A 188 23.86 -31.55 -26.49
N VAL A 189 22.80 -31.42 -27.23
CA VAL A 189 22.00 -30.20 -27.17
C VAL A 189 20.89 -30.39 -26.16
N ASN A 190 20.52 -29.30 -25.49
CA ASN A 190 19.35 -29.31 -24.65
C ASN A 190 18.92 -27.87 -24.52
N ALA A 191 17.62 -27.62 -24.60
CA ALA A 191 17.16 -26.24 -24.60
C ALA A 191 15.68 -26.22 -24.33
N ASN A 192 15.23 -25.11 -23.77
CA ASN A 192 13.83 -24.94 -23.40
C ASN A 192 13.54 -23.46 -23.47
N TYR A 193 12.80 -23.05 -24.50
CA TYR A 193 12.54 -21.64 -24.75
C TYR A 193 11.04 -21.40 -24.66
N ASP A 194 10.62 -20.64 -23.66
CA ASP A 194 9.22 -20.32 -23.42
C ASP A 194 9.04 -18.83 -23.49
N THR A 195 7.96 -18.39 -24.11
CA THR A 195 7.69 -16.97 -24.26
C THR A 195 6.99 -16.36 -23.05
N GLN A 196 7.08 -16.99 -21.89
CA GLN A 196 6.49 -16.44 -20.67
C GLN A 196 7.54 -16.27 -19.58
N PHE A 201 12.18 -16.11 -19.05
CA PHE A 201 12.99 -15.61 -17.95
C PHE A 201 14.13 -16.58 -17.65
N GLN A 202 13.76 -17.84 -17.43
CA GLN A 202 14.73 -18.92 -17.20
C GLN A 202 14.86 -19.82 -18.41
N ASN A 203 14.69 -19.28 -19.61
CA ASN A 203 14.83 -20.04 -20.84
C ASN A 203 16.21 -20.67 -20.93
N LEU A 204 16.26 -21.98 -20.88
CA LEU A 204 17.53 -22.68 -20.73
C LEU A 204 18.09 -23.07 -22.08
N PHE A 205 19.42 -23.11 -22.15
CA PHE A 205 20.08 -23.56 -23.37
C PHE A 205 21.46 -24.07 -23.01
N LYS A 206 21.60 -25.38 -22.89
CA LYS A 206 22.89 -26.01 -22.64
C LYS A 206 23.34 -26.72 -23.90
N LEU A 207 24.63 -26.66 -24.17
CA LEU A 207 25.21 -27.22 -25.39
C LEU A 207 26.52 -27.89 -24.96
N ALA A 208 26.42 -29.15 -24.54
CA ALA A 208 27.53 -29.83 -23.90
C ALA A 208 28.49 -30.38 -24.94
N TYR A 209 29.50 -31.11 -24.50
CA TYR A 209 30.46 -31.75 -25.39
C TYR A 209 31.35 -32.65 -24.56
N THR A 210 31.69 -33.81 -25.11
CA THR A 210 32.46 -34.81 -24.37
C THR A 210 33.34 -35.56 -25.36
N PRO A 211 34.62 -35.25 -25.41
CA PRO A 211 35.52 -36.02 -26.27
C PRO A 211 35.74 -37.43 -25.77
N SER A 212 36.61 -38.17 -26.43
CA SER A 212 36.96 -39.52 -26.00
C SER A 212 37.59 -39.51 -24.61
N ILE A 216 42.46 -34.51 -22.96
CA ILE A 216 43.00 -33.16 -22.82
C ILE A 216 41.87 -32.14 -22.93
N ILE A 217 40.74 -32.58 -23.45
CA ILE A 217 39.51 -31.80 -23.46
C ILE A 217 38.42 -32.69 -22.89
N GLN A 218 37.80 -32.26 -21.79
CA GLN A 218 36.79 -33.08 -21.14
C GLN A 218 35.38 -32.66 -21.50
N LYS A 219 35.03 -31.41 -21.25
CA LYS A 219 33.69 -30.94 -21.54
C LYS A 219 33.75 -29.46 -21.88
N VAL A 220 32.83 -29.02 -22.72
CA VAL A 220 32.68 -27.60 -23.00
C VAL A 220 31.21 -27.27 -23.11
N GLU A 221 30.64 -26.68 -22.06
CA GLU A 221 29.25 -26.26 -22.09
C GLU A 221 29.15 -24.80 -22.53
N VAL A 222 27.96 -24.43 -23.00
CA VAL A 222 27.65 -23.03 -23.28
C VAL A 222 26.18 -22.80 -22.96
N GLY A 223 25.91 -21.79 -22.14
CA GLY A 223 24.55 -21.39 -21.88
C GLY A 223 24.04 -21.68 -20.49
N ASN A 224 24.33 -22.86 -19.96
CA ASN A 224 23.90 -23.14 -18.60
C ASN A 224 25.01 -23.85 -17.85
N VAL A 225 26.21 -23.27 -17.95
CA VAL A 225 27.31 -23.70 -17.13
C VAL A 225 26.93 -23.61 -15.66
N SER A 226 27.60 -24.40 -14.82
CA SER A 226 27.30 -24.43 -13.40
C SER A 226 28.47 -23.94 -12.55
N MET A 227 29.64 -24.54 -12.69
CA MET A 227 30.81 -24.19 -11.89
C MET A 227 30.53 -24.41 -10.40
N PRO A 228 30.38 -25.65 -9.96
CA PRO A 228 30.02 -25.92 -8.56
C PRO A 228 31.02 -25.40 -7.54
N LEU A 229 32.26 -25.89 -7.60
CA LEU A 229 33.38 -25.34 -6.83
C LEU A 229 33.09 -25.36 -5.32
N ASN A 230 33.06 -26.57 -4.77
CA ASN A 230 32.78 -26.79 -3.36
C ASN A 230 33.94 -26.34 -2.48
N SER A 231 33.82 -25.17 -1.86
CA SER A 231 34.90 -24.73 -1.00
C SER A 231 34.45 -24.32 0.40
N THR A 232 33.31 -23.65 0.53
CA THR A 232 32.79 -23.00 1.74
C THR A 232 33.47 -21.66 1.99
N LEU A 233 34.45 -21.27 1.19
CA LEU A 233 34.98 -19.92 1.17
C LEU A 233 34.83 -19.25 -0.18
N ILE A 234 35.01 -20.02 -1.25
CA ILE A 234 35.13 -19.49 -2.59
C ILE A 234 33.90 -19.95 -3.34
N ARG A 235 32.78 -19.99 -2.64
CA ARG A 235 31.58 -20.65 -3.14
C ARG A 235 31.03 -19.92 -4.35
N GLY A 236 31.42 -20.37 -5.54
CA GLY A 236 31.07 -19.69 -6.76
C GLY A 236 29.60 -19.89 -7.11
N ALA A 237 29.16 -19.11 -8.09
CA ALA A 237 27.78 -19.18 -8.54
C ALA A 237 27.50 -20.52 -9.19
N GLN A 238 26.21 -20.81 -9.33
CA GLN A 238 25.77 -22.09 -9.85
C GLN A 238 24.74 -21.96 -10.95
N SER A 239 24.12 -20.80 -11.12
CA SER A 239 23.23 -20.50 -12.24
C SER A 239 23.82 -19.34 -13.01
N LEU A 240 24.24 -19.58 -14.25
CA LEU A 240 24.95 -18.53 -14.98
C LEU A 240 25.09 -18.94 -16.43
N PHE A 241 24.95 -17.97 -17.33
CA PHE A 241 24.98 -18.19 -18.78
C PHE A 241 26.38 -17.88 -19.28
N GLY A 242 26.95 -18.80 -20.05
CA GLY A 242 28.24 -18.56 -20.65
C GLY A 242 28.94 -19.86 -20.94
N VAL A 243 30.26 -19.77 -21.08
CA VAL A 243 31.10 -20.87 -21.52
C VAL A 243 31.80 -21.51 -20.33
N LYS A 244 31.95 -22.83 -20.36
CA LYS A 244 32.71 -23.56 -19.35
C LYS A 244 33.54 -24.62 -20.04
N THR A 245 34.80 -24.73 -19.64
CA THR A 245 35.74 -25.67 -20.24
C THR A 245 36.22 -26.64 -19.18
N GLN A 246 37.22 -27.44 -19.56
CA GLN A 246 37.87 -28.35 -18.64
C GLN A 246 39.03 -28.98 -19.37
N LEU A 247 40.06 -29.35 -18.61
CA LEU A 247 41.34 -29.73 -19.22
C LEU A 247 42.06 -30.66 -18.26
N GLN A 248 42.20 -31.92 -18.62
CA GLN A 248 42.91 -32.89 -17.79
C GLN A 248 44.34 -33.04 -18.32
N PHE A 249 45.28 -32.39 -17.65
CA PHE A 249 46.70 -32.55 -17.99
C PHE A 249 47.32 -33.58 -17.04
N GLY A 250 46.88 -34.82 -17.24
CA GLY A 250 47.29 -35.91 -16.40
C GLY A 250 46.45 -35.98 -15.15
N ARG A 251 46.73 -35.12 -14.18
CA ARG A 251 45.93 -35.05 -12.96
C ARG A 251 45.82 -33.61 -12.48
N THR A 252 45.57 -32.68 -13.38
CA THR A 252 45.60 -31.25 -13.06
C THR A 252 44.44 -30.52 -13.72
N THR A 253 43.21 -30.97 -13.48
CA THR A 253 42.06 -30.41 -14.20
C THR A 253 41.92 -28.91 -13.97
N ILE A 254 41.67 -28.17 -15.04
CA ILE A 254 41.78 -26.72 -15.00
C ILE A 254 40.45 -26.07 -15.37
N THR A 255 39.34 -26.68 -14.93
CA THR A 255 37.99 -26.19 -15.22
C THR A 255 37.87 -24.69 -15.02
N GLY A 256 37.54 -23.99 -16.10
CA GLY A 256 37.41 -22.55 -16.06
C GLY A 256 36.13 -22.11 -16.74
N VAL A 257 35.58 -21.00 -16.23
CA VAL A 257 34.31 -20.47 -16.69
C VAL A 257 34.46 -18.99 -16.98
N PHE A 258 34.08 -18.58 -18.17
CA PHE A 258 33.72 -17.21 -18.46
C PHE A 258 32.23 -17.16 -18.78
N SER A 259 31.52 -16.27 -18.12
CA SER A 259 30.07 -16.27 -18.28
C SER A 259 29.42 -15.12 -17.53
N GLU A 260 28.11 -15.02 -17.63
CA GLU A 260 27.34 -13.95 -17.02
C GLU A 260 26.48 -14.53 -15.91
N GLN A 261 26.76 -14.15 -14.68
CA GLN A 261 25.99 -14.62 -13.54
C GLN A 261 24.59 -14.04 -13.57
N LYS A 262 23.61 -14.88 -13.25
CA LYS A 262 22.21 -14.51 -13.31
C LYS A 262 21.52 -14.81 -11.99
N SER A 263 22.12 -14.37 -10.89
CA SER A 263 21.60 -14.66 -9.58
C SER A 263 22.03 -13.56 -8.62
N GLN A 264 21.67 -13.73 -7.34
CA GLN A 264 21.87 -12.65 -6.38
C GLN A 264 22.48 -13.09 -5.05
N THR A 265 22.39 -14.36 -4.68
CA THR A 265 23.07 -14.89 -3.49
C THR A 265 22.55 -14.26 -2.20
N LYS A 266 21.25 -14.03 -2.13
CA LYS A 266 20.70 -13.53 -0.88
C LYS A 266 20.68 -14.64 0.16
N SER A 267 20.57 -14.25 1.42
CA SER A 267 20.68 -15.18 2.54
C SER A 267 19.60 -14.92 3.59
N VAL A 268 19.57 -15.79 4.60
CA VAL A 268 18.69 -15.64 5.76
C VAL A 268 19.47 -16.03 7.01
N VAL A 269 18.87 -15.77 8.16
CA VAL A 269 19.54 -15.97 9.44
C VAL A 269 18.64 -16.79 10.37
N ALA A 270 17.90 -17.74 9.79
CA ALA A 270 16.85 -18.46 10.50
C ALA A 270 17.30 -19.06 11.83
N GLU A 271 16.72 -18.56 12.91
CA GLU A 271 16.93 -19.14 14.24
C GLU A 271 15.97 -20.31 14.39
N ASN A 272 15.83 -20.84 15.60
CA ASN A 272 14.84 -21.88 15.87
C ASN A 272 13.46 -21.40 15.49
N GLY A 273 12.80 -22.15 14.60
CA GLY A 273 11.60 -21.65 13.97
C GLY A 273 11.93 -21.27 12.55
N GLY A 274 12.06 -19.98 12.27
CA GLY A 274 12.50 -19.59 10.95
C GLY A 274 12.67 -18.12 10.72
N THR A 275 13.80 -17.74 10.12
CA THR A 275 14.02 -16.45 9.49
C THR A 275 13.80 -15.30 10.47
N VAL A 276 14.69 -15.24 11.46
CA VAL A 276 14.81 -14.05 12.28
C VAL A 276 15.04 -12.87 11.36
N GLN A 277 14.14 -11.88 11.39
CA GLN A 277 14.32 -10.71 10.54
C GLN A 277 14.21 -9.45 11.38
N ASN A 278 15.29 -8.68 11.41
CA ASN A 278 15.48 -7.60 12.35
C ASN A 278 14.67 -6.38 11.94
N PHE A 279 14.45 -5.50 12.90
CA PHE A 279 13.83 -4.21 12.63
C PHE A 279 14.52 -3.16 13.48
N ASP A 280 14.42 -1.92 13.03
CA ASP A 280 15.17 -0.82 13.63
C ASP A 280 14.37 0.46 13.44
N LEU A 281 13.61 0.84 14.46
CA LEU A 281 12.80 2.03 14.43
C LEU A 281 13.56 3.18 15.08
N TYR A 282 12.87 4.28 15.35
CA TYR A 282 13.46 5.37 16.09
C TYR A 282 12.38 6.03 16.93
N ALA A 283 12.80 7.01 17.73
CA ALA A 283 11.85 7.78 18.49
C ALA A 283 10.86 8.48 17.57
N LEU A 284 11.37 9.09 16.51
CA LEU A 284 10.56 10.05 15.76
C LEU A 284 9.67 9.39 14.72
N ASP A 285 10.02 8.21 14.23
CA ASP A 285 9.19 7.58 13.22
C ASP A 285 8.25 6.57 13.87
N TYR A 286 7.30 7.12 14.62
CA TYR A 286 6.20 6.34 15.15
C TYR A 286 5.20 6.06 14.04
N ASP A 287 4.02 5.62 14.41
CA ASP A 287 2.98 5.36 13.41
C ASP A 287 2.18 6.63 13.18
N ASN A 288 1.94 6.94 11.91
CA ASN A 288 1.31 8.19 11.52
C ASN A 288 -0.14 8.20 11.98
N ASP A 289 -0.89 9.19 11.51
CA ASP A 289 -2.22 9.46 12.06
C ASP A 289 -3.14 8.31 11.67
N ARG A 290 -2.97 7.22 12.39
CA ARG A 290 -3.76 6.02 12.19
C ARG A 290 -4.23 5.43 13.51
N HIS A 291 -3.81 5.98 14.65
CA HIS A 291 -4.24 5.53 15.96
C HIS A 291 -4.68 6.74 16.76
N PHE A 292 -5.90 6.72 17.26
CA PHE A 292 -6.48 7.90 17.89
C PHE A 292 -7.06 7.56 19.24
N PHE A 293 -6.84 8.40 20.24
CA PHE A 293 -7.63 8.19 21.43
C PHE A 293 -9.08 8.56 21.15
N LEU A 294 -9.98 8.14 22.03
CA LEU A 294 -11.38 8.42 21.78
C LEU A 294 -11.87 9.68 22.46
N SER A 295 -11.12 10.24 23.41
CA SER A 295 -11.46 11.54 23.96
C SER A 295 -10.35 11.94 24.93
N GLN A 296 -10.40 13.20 25.35
CA GLN A 296 -9.39 13.70 26.28
C GLN A 296 -9.42 12.92 27.59
N TYR A 297 -10.59 12.40 27.97
CA TYR A 297 -10.68 11.59 29.17
C TYR A 297 -9.79 10.35 29.06
N PHE A 298 -9.97 9.57 28.00
CA PHE A 298 -9.15 8.39 27.83
C PHE A 298 -7.69 8.75 27.61
N ARG A 299 -7.43 9.86 26.93
CA ARG A 299 -6.05 10.28 26.74
C ARG A 299 -5.36 10.53 28.07
N ASN A 300 -5.92 11.43 28.87
CA ASN A 300 -5.31 11.77 30.14
C ASN A 300 -5.35 10.63 31.14
N LYS A 301 -6.22 9.65 30.94
CA LYS A 301 -6.32 8.52 31.84
C LYS A 301 -5.44 7.35 31.43
N TYR A 302 -4.91 7.39 30.20
CA TYR A 302 -4.13 6.27 29.67
C TYR A 302 -2.90 5.97 30.51
N ASP A 303 -2.01 6.95 30.64
CA ASP A 303 -0.73 6.69 31.30
C ASP A 303 -0.87 6.45 32.79
N VAL A 304 -2.03 6.71 33.39
CA VAL A 304 -2.24 6.43 34.79
C VAL A 304 -2.94 5.10 35.02
N SER A 305 -3.81 4.67 34.11
CA SER A 305 -4.45 3.38 34.30
C SER A 305 -3.50 2.22 34.04
N LEU A 306 -2.29 2.48 33.55
CA LEU A 306 -1.33 1.45 33.23
C LEU A 306 -0.12 1.48 34.15
N LYS A 307 -0.30 1.98 35.38
CA LYS A 307 0.78 1.94 36.35
C LYS A 307 1.25 0.52 36.61
N ASN A 308 0.33 -0.44 36.57
CA ASN A 308 0.64 -1.83 36.90
C ASN A 308 0.08 -2.68 35.75
N TYR A 309 0.85 -2.82 34.66
CA TYR A 309 0.34 -3.01 33.30
C TYR A 309 -0.86 -3.93 33.22
N PRO A 310 -0.71 -5.21 33.59
CA PRO A 310 -1.74 -6.18 33.22
C PRO A 310 -3.08 -5.85 33.84
N PHE A 311 -3.08 -5.37 35.08
CA PHE A 311 -4.28 -4.82 35.68
C PHE A 311 -4.40 -3.36 35.27
N ILE A 312 -5.47 -3.03 34.58
CA ILE A 312 -5.71 -1.69 34.07
C ILE A 312 -6.62 -0.98 35.05
N ASP A 313 -6.11 0.05 35.72
CA ASP A 313 -6.84 0.73 36.78
C ASP A 313 -7.98 1.55 36.21
N SER A 314 -9.00 0.90 35.68
CA SER A 314 -10.16 1.62 35.19
C SER A 314 -11.38 0.72 35.36
N ARG A 315 -12.47 1.06 34.68
CA ARG A 315 -13.61 0.17 34.60
C ARG A 315 -14.24 0.24 33.22
N VAL A 316 -13.67 1.02 32.30
CA VAL A 316 -14.29 1.31 31.03
C VAL A 316 -14.46 0.05 30.19
N GLN A 317 -15.43 0.08 29.30
CA GLN A 317 -15.63 -1.02 28.36
C GLN A 317 -16.40 -0.43 27.18
N ILE A 318 -15.70 -0.18 26.08
CA ILE A 318 -16.33 0.41 24.92
C ILE A 318 -17.26 -0.64 24.34
N THR A 319 -18.56 -0.49 24.56
CA THR A 319 -19.49 -1.49 24.08
C THR A 319 -19.75 -1.33 22.59
N ARG A 320 -20.04 -0.12 22.14
CA ARG A 320 -20.36 0.13 20.75
C ARG A 320 -19.54 1.30 20.24
N LEU A 321 -19.19 1.28 18.96
CA LEU A 321 -18.32 2.29 18.40
C LEU A 321 -18.63 2.43 16.92
N GLU A 322 -18.97 3.64 16.49
CA GLU A 322 -19.19 3.96 15.09
C GLU A 322 -18.20 5.03 14.66
N VAL A 323 -17.59 4.83 13.50
CA VAL A 323 -16.58 5.75 12.98
C VAL A 323 -17.01 6.23 11.61
N TRP A 324 -16.84 7.52 11.36
CA TRP A 324 -17.40 8.19 10.20
C TRP A 324 -16.26 8.96 9.53
N VAL A 325 -15.89 8.56 8.32
CA VAL A 325 -14.80 9.20 7.60
C VAL A 325 -15.39 9.97 6.43
N THR A 326 -14.67 10.98 5.96
CA THR A 326 -15.08 11.65 4.73
C THR A 326 -15.14 10.65 3.59
N ASN A 327 -16.18 10.77 2.76
CA ASN A 327 -16.42 9.82 1.68
C ASN A 327 -15.87 10.41 0.39
N LYS A 328 -14.56 10.30 0.23
CA LYS A 328 -13.92 10.89 -0.94
C LYS A 328 -14.29 10.13 -2.21
N GLN A 329 -14.52 8.83 -2.12
CA GLN A 329 -14.83 7.99 -3.28
C GLN A 329 -16.35 7.84 -3.36
N ASN A 330 -16.99 8.65 -4.18
CA ASN A 330 -18.44 8.63 -4.27
C ASN A 330 -18.87 7.33 -4.93
N ARG A 331 -19.36 6.39 -4.12
CA ARG A 331 -19.83 5.11 -4.62
C ARG A 331 -20.95 4.62 -3.72
N VAL A 332 -21.63 3.57 -4.17
CA VAL A 332 -22.73 2.97 -3.40
C VAL A 332 -22.62 1.47 -3.51
N THR A 333 -22.78 0.78 -2.38
CA THR A 333 -22.61 -0.66 -2.33
C THR A 333 -23.73 -1.26 -1.48
N THR A 334 -23.82 -2.58 -1.54
CA THR A 334 -24.71 -3.37 -0.69
C THR A 334 -23.90 -4.49 -0.06
N THR A 335 -22.87 -4.94 -0.76
CA THR A 335 -22.06 -6.06 -0.32
C THR A 335 -20.95 -5.64 0.63
N GLY A 336 -20.64 -4.34 0.69
CA GLY A 336 -19.66 -3.85 1.64
C GLY A 336 -20.12 -3.82 3.08
N GLY A 337 -21.37 -4.17 3.34
CA GLY A 337 -21.93 -4.07 4.66
C GLY A 337 -23.22 -3.27 4.64
N GLY A 338 -23.29 -2.30 3.75
CA GLY A 338 -24.49 -1.49 3.61
C GLY A 338 -24.19 -0.22 2.87
N ASN A 339 -25.24 0.58 2.71
CA ASN A 339 -25.19 1.87 2.02
C ASN A 339 -25.75 2.95 2.92
N ASN A 340 -25.29 2.97 4.16
CA ASN A 340 -25.78 3.92 5.15
C ASN A 340 -24.74 5.00 5.37
N LEU A 341 -25.07 6.21 4.97
CA LEU A 341 -24.14 7.32 5.01
C LEU A 341 -24.94 8.60 5.10
N ARG A 342 -24.56 9.48 6.02
CA ARG A 342 -25.38 10.62 6.37
C ARG A 342 -24.51 11.85 6.47
N ASN A 343 -25.16 13.01 6.55
CA ASN A 343 -24.48 14.22 6.97
C ASN A 343 -23.91 14.03 8.36
N ILE A 344 -22.93 14.86 8.71
CA ILE A 344 -22.25 14.76 10.00
C ILE A 344 -21.76 16.14 10.38
N ILE A 345 -21.90 16.50 11.65
CA ILE A 345 -21.48 17.81 12.10
C ILE A 345 -20.52 17.69 13.26
N ALA A 346 -19.63 16.68 13.18
CA ALA A 346 -18.76 16.28 14.27
C ALA A 346 -18.10 17.45 14.98
N LEU A 347 -18.47 17.65 16.23
CA LEU A 347 -17.95 18.73 17.06
C LEU A 347 -16.66 18.30 17.69
N GLN A 348 -15.92 19.28 18.20
CA GLN A 348 -14.63 18.97 18.80
C GLN A 348 -14.71 18.78 20.29
N ASP A 349 -15.56 19.56 20.96
CA ASP A 349 -15.67 19.54 22.41
C ASP A 349 -16.85 18.70 22.87
N LEU A 350 -17.35 17.82 22.02
CA LEU A 350 -18.53 17.04 22.34
C LEU A 350 -18.15 16.04 23.42
N GLY A 351 -18.77 16.16 24.60
CA GLY A 351 -18.28 15.44 25.75
C GLY A 351 -17.18 16.25 26.41
N GLU A 352 -16.12 15.61 26.89
CA GLU A 352 -14.97 16.30 27.45
C GLU A 352 -15.36 17.17 28.64
N ALA A 353 -15.75 16.50 29.73
CA ALA A 353 -15.75 17.16 31.02
C ALA A 353 -14.32 17.40 31.47
N GLN A 354 -14.07 18.59 32.01
CA GLN A 354 -12.71 19.03 32.32
C GLN A 354 -12.02 18.09 33.30
N VAL A 355 -10.81 17.68 32.95
CA VAL A 355 -10.01 16.79 33.80
C VAL A 355 -9.29 17.61 34.86
N SER A 356 -8.71 16.94 35.85
CA SER A 356 -8.18 17.63 37.02
C SER A 356 -6.80 18.21 36.76
N GLY A 357 -5.92 17.46 36.11
CA GLY A 357 -4.55 17.91 35.97
C GLY A 357 -4.35 19.05 34.98
N VAL A 358 -4.59 18.79 33.71
CA VAL A 358 -4.24 19.72 32.64
C VAL A 358 -5.14 20.94 32.70
N PRO A 359 -4.71 22.08 32.16
CA PRO A 359 -5.59 23.25 32.11
C PRO A 359 -6.79 23.02 31.20
N ASP A 360 -7.70 23.99 31.16
CA ASP A 360 -8.89 23.84 30.35
C ASP A 360 -8.62 24.14 28.88
N ASN A 361 -7.65 25.01 28.61
CA ASN A 361 -7.32 25.40 27.25
C ASN A 361 -6.73 24.26 26.44
N GLU A 362 -6.38 23.15 27.07
CA GLU A 362 -5.82 22.00 26.38
C GLU A 362 -6.80 20.85 26.33
N VAL A 363 -7.89 20.91 27.07
CA VAL A 363 -8.96 19.93 26.97
C VAL A 363 -10.04 20.40 26.02
N VAL A 364 -10.53 21.62 26.20
CA VAL A 364 -11.67 22.11 25.44
C VAL A 364 -11.23 23.30 24.58
N VAL A 365 -11.75 23.34 23.35
CA VAL A 365 -11.37 24.36 22.39
C VAL A 365 -12.26 25.59 22.47
N ILE A 366 -13.39 25.51 23.14
CA ILE A 366 -14.28 26.66 23.25
C ILE A 366 -13.52 27.80 23.89
N SER A 367 -13.63 28.98 23.29
CA SER A 367 -12.80 30.10 23.70
C SER A 367 -13.11 30.54 25.12
N SER A 368 -14.38 30.44 25.52
CA SER A 368 -14.83 30.85 26.84
C SER A 368 -15.62 29.69 27.44
N THR A 369 -15.01 28.96 28.36
CA THR A 369 -15.67 27.81 28.98
C THR A 369 -16.61 28.22 30.11
N ALA A 370 -16.82 29.51 30.32
CA ALA A 370 -17.71 29.96 31.39
C ALA A 370 -19.12 29.45 31.16
N GLY A 371 -19.68 28.78 32.17
CA GLY A 371 -21.00 28.22 32.06
C GLY A 371 -21.11 27.17 30.99
N PHE A 372 -20.03 26.41 30.79
CA PHE A 372 -19.97 25.39 29.76
C PHE A 372 -20.05 23.98 30.28
N PHE A 373 -19.47 23.69 31.44
CA PHE A 373 -19.46 22.36 32.00
C PHE A 373 -20.58 22.23 33.02
N ASN A 374 -21.28 21.10 32.99
CA ASN A 374 -22.37 20.88 33.93
C ASN A 374 -22.20 19.55 34.64
N ASN A 375 -20.98 19.28 35.12
CA ASN A 375 -20.62 18.09 35.88
C ASN A 375 -19.38 18.36 36.73
N PRO A 376 -18.94 17.41 37.56
CA PRO A 376 -17.71 17.63 38.32
C PRO A 376 -16.46 17.58 37.44
N ILE A 377 -15.28 17.62 38.07
CA ILE A 377 -14.05 17.94 37.37
C ILE A 377 -13.30 16.66 37.02
N ASP A 378 -13.96 15.51 37.09
CA ASP A 378 -13.32 14.31 36.61
C ASP A 378 -14.28 13.34 35.93
N SER A 379 -15.55 13.69 35.77
CA SER A 379 -16.53 12.75 35.27
C SER A 379 -16.17 12.30 33.85
N PRO A 380 -16.46 11.05 33.51
CA PRO A 380 -16.02 10.51 32.23
C PRO A 380 -16.74 11.17 31.07
N THR A 381 -16.24 10.90 29.86
CA THR A 381 -16.81 11.50 28.67
C THR A 381 -18.21 10.97 28.44
N SER A 382 -19.18 11.88 28.42
CA SER A 382 -20.53 11.60 27.99
C SER A 382 -21.05 12.83 27.28
N ASN A 383 -22.15 12.68 26.56
CA ASN A 383 -22.74 13.82 25.88
C ASN A 383 -23.16 14.91 26.84
N THR A 384 -23.44 14.56 28.08
CA THR A 384 -23.97 15.50 29.05
C THR A 384 -22.92 16.12 29.95
N ASN A 385 -21.64 16.03 29.61
CA ASN A 385 -20.61 16.64 30.42
C ASN A 385 -20.45 18.13 30.14
N ASN A 386 -20.97 18.60 29.03
CA ASN A 386 -20.87 20.01 28.66
C ASN A 386 -22.09 20.36 27.83
N LYS A 387 -22.30 21.64 27.64
CA LYS A 387 -23.55 22.08 27.04
C LYS A 387 -23.53 22.07 25.53
N TYR A 388 -22.67 21.26 24.92
CA TYR A 388 -22.85 20.83 23.54
C TYR A 388 -23.59 19.51 23.45
N ASP A 389 -24.42 19.21 24.42
CA ASP A 389 -25.09 17.93 24.49
C ASP A 389 -26.10 17.80 23.35
N PRO A 390 -26.00 16.78 22.49
CA PRO A 390 -27.01 16.62 21.44
C PRO A 390 -28.38 16.30 21.98
N ALA A 391 -28.47 15.69 23.17
CA ALA A 391 -29.76 15.38 23.74
C ALA A 391 -30.57 16.64 24.01
N THR A 392 -29.91 17.73 24.31
CA THR A 392 -30.56 19.01 24.56
C THR A 392 -30.00 20.03 23.58
N ILE A 393 -30.60 20.08 22.39
CA ILE A 393 -30.18 20.98 21.34
C ILE A 393 -31.11 22.18 21.37
N GLY A 394 -30.58 23.31 21.83
CA GLY A 394 -31.38 24.51 21.95
C GLY A 394 -32.59 24.34 22.83
N GLN A 395 -32.56 23.39 23.75
CA GLN A 395 -33.76 23.08 24.52
C GLN A 395 -34.08 24.21 25.49
N ALA A 396 -33.23 24.42 26.48
CA ALA A 396 -33.48 25.57 27.33
C ALA A 396 -32.27 26.47 27.50
N GLY A 397 -31.08 25.90 27.63
CA GLY A 397 -29.90 26.71 27.87
C GLY A 397 -28.65 26.21 27.19
N SER A 398 -28.75 25.10 26.47
CA SER A 398 -27.58 24.58 25.78
C SER A 398 -27.10 25.56 24.73
N PHE A 399 -25.88 25.37 24.26
CA PHE A 399 -25.30 26.31 23.31
C PHE A 399 -25.83 26.06 21.90
N LEU A 400 -25.97 24.79 21.51
CA LEU A 400 -26.44 24.47 20.18
C LEU A 400 -27.85 25.00 19.96
N ASN A 401 -28.22 25.14 18.70
CA ASN A 401 -29.37 25.94 18.33
C ASN A 401 -30.39 25.22 17.46
N SER A 402 -30.13 23.96 17.11
CA SER A 402 -31.04 23.12 16.33
C SER A 402 -31.10 23.51 14.86
N ASN A 403 -30.48 24.62 14.50
CA ASN A 403 -30.05 24.79 13.11
C ASN A 403 -28.83 23.95 12.83
N ILE A 404 -28.12 23.53 13.89
CA ILE A 404 -26.89 22.78 13.75
C ILE A 404 -27.12 21.37 13.24
N ARG A 405 -28.38 20.92 13.19
CA ARG A 405 -28.70 19.71 12.48
C ARG A 405 -28.69 19.91 10.98
N GLU A 406 -28.77 21.15 10.51
CA GLU A 406 -28.88 21.46 9.09
C GLU A 406 -27.51 21.83 8.55
N ILE A 407 -27.10 21.17 7.47
CA ILE A 407 -25.74 21.37 6.96
C ILE A 407 -25.53 22.75 6.38
N VAL A 408 -26.60 23.46 6.05
CA VAL A 408 -26.46 24.78 5.45
C VAL A 408 -26.30 25.87 6.50
N THR A 409 -27.00 25.74 7.63
CA THR A 409 -26.93 26.73 8.70
C THR A 409 -26.14 26.21 9.90
N ALA A 410 -25.27 25.24 9.68
CA ALA A 410 -24.48 24.68 10.78
C ALA A 410 -23.62 25.75 11.45
N LYS A 411 -23.15 26.72 10.67
CA LYS A 411 -22.38 27.82 11.25
C LYS A 411 -23.20 28.68 12.18
N SER A 412 -24.52 28.62 12.08
CA SER A 412 -25.43 29.47 12.85
C SER A 412 -26.27 28.67 13.83
N GLY A 413 -25.66 27.71 14.51
CA GLY A 413 -26.38 26.95 15.51
C GLY A 413 -25.59 26.76 16.77
N PHE A 414 -24.73 27.71 17.13
CA PHE A 414 -23.85 27.53 18.28
C PHE A 414 -24.11 28.47 19.43
N ASN A 415 -24.62 29.67 19.20
CA ASN A 415 -24.94 30.63 20.26
C ASN A 415 -23.71 31.18 20.97
N ASN A 416 -22.51 30.70 20.65
CA ASN A 416 -21.30 31.23 21.26
C ASN A 416 -20.79 32.46 20.52
N THR A 417 -21.16 32.61 19.25
CA THR A 417 -20.87 33.77 18.41
C THR A 417 -19.39 33.86 18.05
N ASN A 418 -18.56 32.95 18.56
CA ASN A 418 -17.16 32.86 18.15
C ASN A 418 -16.85 31.39 17.93
N VAL A 419 -17.09 30.92 16.72
CA VAL A 419 -16.81 29.55 16.32
C VAL A 419 -16.43 29.56 14.85
N SER A 420 -15.44 28.76 14.49
CA SER A 420 -15.02 28.68 13.09
C SER A 420 -15.14 27.25 12.59
N GLU A 421 -14.86 27.07 11.32
CA GLU A 421 -15.31 25.90 10.58
C GLU A 421 -14.35 24.73 10.65
N ALA A 422 -13.17 24.89 11.20
CA ALA A 422 -12.22 23.79 11.29
C ALA A 422 -11.57 23.63 12.64
N THR A 423 -11.52 24.67 13.46
CA THR A 423 -10.94 24.55 14.80
C THR A 423 -12.01 24.39 15.87
N ASP A 424 -13.27 24.29 15.49
CA ASP A 424 -14.31 24.01 16.46
C ASP A 424 -15.31 22.96 16.02
N TYR A 425 -15.49 22.74 14.72
CA TYR A 425 -16.39 21.69 14.27
C TYR A 425 -16.18 21.38 12.80
N SER A 426 -16.11 20.11 12.45
CA SER A 426 -16.06 19.76 11.05
C SER A 426 -17.48 19.61 10.52
N VAL A 427 -17.59 19.29 9.24
CA VAL A 427 -18.88 19.06 8.61
C VAL A 427 -18.65 18.04 7.51
N LEU A 428 -19.66 17.23 7.23
CA LEU A 428 -19.60 16.31 6.11
C LEU A 428 -20.98 16.21 5.51
N GLU A 429 -21.05 15.67 4.30
CA GLU A 429 -22.36 15.48 3.70
C GLU A 429 -22.67 14.02 3.43
N ASN A 430 -21.77 13.27 2.81
CA ASN A 430 -22.09 11.86 2.66
C ASN A 430 -20.98 10.99 3.25
N ALA A 431 -20.58 11.32 4.47
CA ALA A 431 -19.49 10.62 5.13
C ALA A 431 -19.77 9.14 5.25
N ARG A 432 -18.79 8.32 4.89
CA ARG A 432 -18.93 6.88 5.02
C ARG A 432 -19.06 6.50 6.48
N LYS A 433 -19.28 5.21 6.69
CA LYS A 433 -19.26 4.62 8.01
C LYS A 433 -18.33 3.42 7.93
N LEU A 434 -17.16 3.53 8.56
CA LEU A 434 -16.17 2.48 8.47
C LEU A 434 -16.73 1.18 8.98
N THR A 435 -16.74 0.16 8.13
CA THR A 435 -17.12 -1.17 8.57
C THR A 435 -16.23 -1.61 9.71
N THR A 436 -16.71 -2.58 10.48
CA THR A 436 -15.97 -3.04 11.64
C THR A 436 -14.69 -3.78 11.27
N ASN A 437 -14.45 -4.01 9.98
CA ASN A 437 -13.22 -4.63 9.51
C ASN A 437 -12.23 -3.62 8.97
N GLU A 438 -12.54 -2.33 9.07
CA GLU A 438 -11.64 -1.27 8.62
C GLU A 438 -11.00 -0.53 9.78
N TYR A 439 -11.04 -1.11 10.97
CA TYR A 439 -10.41 -0.53 12.15
C TYR A 439 -10.55 -1.52 13.29
N THR A 440 -9.86 -1.23 14.39
CA THR A 440 -10.03 -1.95 15.63
C THR A 440 -10.10 -0.93 16.75
N PHE A 441 -10.20 -1.42 17.97
CA PHE A 441 -10.20 -0.50 19.11
C PHE A 441 -10.00 -1.30 20.38
N ASN A 442 -9.06 -0.89 21.21
CA ASN A 442 -8.89 -1.54 22.49
C ASN A 442 -10.09 -1.15 23.34
N PRO A 443 -11.05 -2.03 23.58
CA PRO A 443 -12.27 -1.57 24.24
C PRO A 443 -12.11 -1.53 25.74
N GLN A 444 -10.96 -1.09 26.20
CA GLN A 444 -10.74 -0.87 27.63
C GLN A 444 -9.92 0.36 27.91
N LEU A 445 -9.13 0.83 26.96
CA LEU A 445 -8.36 2.06 27.06
C LEU A 445 -8.86 3.14 26.10
N GLY A 446 -9.56 2.76 25.05
CA GLY A 446 -10.21 3.70 24.18
C GLY A 446 -9.32 4.36 23.14
N TYR A 447 -8.72 3.57 22.25
CA TYR A 447 -8.02 4.13 21.11
C TYR A 447 -8.39 3.35 19.86
N ILE A 448 -8.86 4.08 18.85
CA ILE A 448 -9.10 3.52 17.53
C ILE A 448 -7.78 3.21 16.86
N SER A 449 -7.79 2.21 15.99
CA SER A 449 -6.60 1.67 15.36
C SER A 449 -6.83 1.51 13.87
N LEU A 450 -7.19 2.62 13.20
CA LEU A 450 -7.59 2.67 11.79
C LEU A 450 -6.70 1.80 10.91
N GLN A 451 -7.25 1.28 9.83
CA GLN A 451 -6.53 0.32 9.01
C GLN A 451 -6.10 0.91 7.68
N GLN A 452 -6.18 2.23 7.51
CA GLN A 452 -5.81 2.83 6.24
C GLN A 452 -5.01 4.12 6.33
N ARG A 453 -4.71 4.63 7.53
CA ARG A 453 -3.85 5.80 7.70
C ARG A 453 -4.37 7.00 6.92
N LEU A 454 -5.51 7.48 7.39
CA LEU A 454 -6.06 8.71 6.82
C LEU A 454 -5.14 9.86 7.17
N ALA A 455 -4.38 10.35 6.18
CA ALA A 455 -3.34 11.34 6.45
C ALA A 455 -3.28 12.47 5.44
N ASN A 456 -4.31 12.63 4.61
CA ASN A 456 -4.38 13.71 3.64
C ASN A 456 -5.51 14.68 3.97
N ASP A 457 -5.65 15.02 5.25
CA ASP A 457 -6.66 15.96 5.70
C ASP A 457 -8.06 15.43 5.44
N GLU A 458 -8.31 14.20 5.86
CA GLU A 458 -9.66 13.69 5.91
C GLU A 458 -10.34 14.19 7.17
N ILE A 459 -11.58 13.79 7.38
CA ILE A 459 -12.27 14.02 8.64
C ILE A 459 -12.71 12.68 9.17
N LEU A 460 -12.60 12.53 10.49
CA LEU A 460 -12.72 11.25 11.19
C LEU A 460 -13.47 11.53 12.48
N ALA A 461 -14.77 11.32 12.47
CA ALA A 461 -15.59 11.49 13.65
C ALA A 461 -15.92 10.13 14.24
N VAL A 462 -16.32 10.12 15.50
CA VAL A 462 -16.73 8.89 16.16
C VAL A 462 -17.90 9.18 17.08
N ALA A 463 -18.77 8.18 17.20
CA ALA A 463 -19.79 8.18 18.23
C ALA A 463 -19.74 6.82 18.88
N PHE A 464 -19.52 6.77 20.19
CA PHE A 464 -19.37 5.50 20.85
C PHE A 464 -20.16 5.48 22.14
N GLU A 465 -20.19 4.31 22.75
CA GLU A 465 -21.03 4.05 23.91
C GLU A 465 -20.30 3.02 24.75
N TYR A 466 -19.91 3.41 25.95
CA TYR A 466 -19.16 2.52 26.83
C TYR A 466 -19.86 2.49 28.17
N THR A 467 -19.35 1.63 29.06
CA THR A 467 -20.01 1.35 30.33
C THR A 467 -18.95 1.30 31.41
N VAL A 468 -19.02 2.24 32.35
CA VAL A 468 -18.15 2.19 33.53
C VAL A 468 -18.92 1.39 34.57
N GLY A 469 -18.86 0.07 34.44
CA GLY A 469 -19.50 -0.80 35.39
C GLY A 469 -20.98 -0.96 35.14
N GLY A 470 -21.79 -0.30 35.95
CA GLY A 470 -23.22 -0.40 35.82
C GLY A 470 -23.83 0.75 35.07
N LYS A 471 -23.08 1.83 34.91
CA LYS A 471 -23.56 2.99 34.19
C LYS A 471 -23.26 2.86 32.70
N VAL A 472 -24.03 3.60 31.90
CA VAL A 472 -23.84 3.62 30.46
C VAL A 472 -23.61 5.07 30.04
N TYR A 473 -22.60 5.28 29.21
CA TYR A 473 -22.25 6.59 28.73
C TYR A 473 -22.27 6.61 27.21
N GLN A 474 -22.14 7.82 26.66
CA GLN A 474 -22.15 7.98 25.21
C GLN A 474 -21.73 9.38 24.85
N VAL A 475 -20.74 9.53 23.96
CA VAL A 475 -20.29 10.87 23.60
C VAL A 475 -20.41 11.05 22.09
N GLY A 476 -21.40 10.41 21.50
CA GLY A 476 -21.67 10.66 20.10
C GLY A 476 -23.14 10.72 19.83
N GLU A 477 -23.54 10.17 18.69
CA GLU A 477 -24.95 10.02 18.37
C GLU A 477 -25.02 8.99 17.24
N PHE A 478 -25.67 7.87 17.49
CA PHE A 478 -25.64 6.78 16.54
C PHE A 478 -26.74 6.92 15.50
N GLY A 479 -26.63 6.13 14.43
CA GLY A 479 -27.67 6.14 13.43
C GLY A 479 -29.01 5.67 13.96
N SER A 480 -28.99 4.65 14.81
CA SER A 480 -30.20 4.12 15.42
C SER A 480 -30.62 4.90 16.65
N ASP A 481 -30.03 6.06 16.86
CA ASP A 481 -30.33 6.91 18.01
C ASP A 481 -30.53 8.35 17.57
N GLY A 482 -29.91 8.73 16.47
CA GLY A 482 -29.88 10.11 16.06
C GLY A 482 -31.14 10.55 15.36
N VAL A 483 -31.20 11.85 15.10
CA VAL A 483 -32.30 12.41 14.34
C VAL A 483 -32.33 11.79 12.96
N ASP A 484 -33.53 11.61 12.42
CA ASP A 484 -33.69 10.88 11.18
C ASP A 484 -33.03 11.62 10.03
N ALA A 485 -32.66 10.86 9.00
CA ALA A 485 -31.93 11.37 7.85
C ALA A 485 -32.65 12.52 7.18
N THR A 486 -33.83 12.27 6.63
CA THR A 486 -34.62 13.28 5.95
C THR A 486 -36.01 13.35 6.55
N VAL A 487 -36.64 14.50 6.38
CA VAL A 487 -37.99 14.74 6.85
C VAL A 487 -38.68 15.62 5.82
N VAL A 488 -39.72 15.10 5.19
CA VAL A 488 -40.48 15.84 4.20
C VAL A 488 -41.69 16.44 4.89
N THR A 489 -42.17 17.57 4.40
CA THR A 489 -43.35 18.20 4.96
C THR A 489 -44.27 18.65 3.83
N GLY A 490 -44.54 17.75 2.89
CA GLY A 490 -45.38 18.12 1.78
C GLY A 490 -46.02 16.92 1.14
N ASN A 491 -46.75 17.18 0.07
CA ASN A 491 -47.45 16.14 -0.68
C ASN A 491 -47.16 16.14 -2.17
N ASN A 492 -46.74 17.26 -2.75
CA ASN A 492 -46.37 17.34 -4.14
C ASN A 492 -44.93 17.81 -4.27
N SER A 493 -44.33 17.58 -5.43
CA SER A 493 -42.95 17.98 -5.64
C SER A 493 -42.78 19.49 -5.62
N SER A 494 -43.86 20.25 -5.78
CA SER A 494 -43.80 21.70 -5.77
C SER A 494 -44.26 22.29 -4.43
N ASN A 495 -44.47 21.46 -3.42
CA ASN A 495 -44.73 21.99 -2.08
C ASN A 495 -44.04 21.18 -0.99
N GLN A 496 -43.20 20.21 -1.33
CA GLN A 496 -42.43 19.50 -0.32
C GLN A 496 -41.33 20.38 0.23
N ALA A 497 -40.97 20.15 1.49
CA ALA A 497 -39.91 20.90 2.17
C ALA A 497 -38.97 19.89 2.79
N ILE A 498 -37.98 19.44 2.01
CA ILE A 498 -37.04 18.44 2.50
C ILE A 498 -36.20 19.04 3.61
N ILE A 499 -35.93 18.24 4.64
CA ILE A 499 -35.07 18.66 5.74
C ILE A 499 -34.12 17.51 6.05
N THR A 500 -32.86 17.67 5.68
CA THR A 500 -31.84 16.70 6.04
C THR A 500 -31.23 17.06 7.38
N GLN A 501 -30.73 16.05 8.09
CA GLN A 501 -30.28 16.27 9.44
C GLN A 501 -28.95 15.58 9.68
N SER A 502 -28.19 16.14 10.62
CA SER A 502 -26.73 16.09 10.56
C SER A 502 -26.09 15.05 11.47
N LEU A 503 -26.72 14.59 12.54
CA LEU A 503 -26.12 13.58 13.40
C LEU A 503 -24.80 14.07 14.00
N VAL A 504 -24.93 15.01 14.94
CA VAL A 504 -23.84 15.49 15.78
C VAL A 504 -22.98 14.32 16.27
N LEU A 505 -21.67 14.47 16.20
CA LEU A 505 -20.72 13.44 16.58
C LEU A 505 -19.58 14.09 17.33
N LYS A 506 -18.50 13.35 17.51
CA LYS A 506 -17.27 13.89 18.06
C LYS A 506 -16.18 13.84 17.00
N MET A 507 -15.29 14.81 17.02
CA MET A 507 -14.28 14.94 15.98
C MET A 507 -12.94 14.44 16.49
N LEU A 508 -12.27 13.62 15.68
CA LEU A 508 -10.95 13.12 16.04
C LEU A 508 -9.82 13.70 15.21
N LYS A 509 -10.10 14.24 14.02
CA LYS A 509 -9.11 15.09 13.36
C LYS A 509 -9.81 15.85 12.26
N SER A 510 -9.69 17.18 12.28
CA SER A 510 -10.36 18.00 11.30
C SER A 510 -9.58 18.01 10.00
N ASN A 511 -10.05 18.79 9.04
CA ASN A 511 -9.34 18.97 7.79
C ASN A 511 -8.03 19.72 8.01
N LEU A 512 -8.13 20.90 8.59
CA LEU A 512 -6.98 21.77 8.80
C LEU A 512 -6.27 21.31 10.06
N THR A 513 -5.15 20.60 9.90
CA THR A 513 -4.47 20.01 11.04
C THR A 513 -3.76 21.11 11.81
N ASN A 514 -4.50 21.75 12.71
CA ASN A 514 -3.91 22.70 13.62
C ASN A 514 -3.24 21.95 14.76
N VAL A 515 -2.00 22.30 15.05
CA VAL A 515 -1.24 21.55 16.05
C VAL A 515 -1.62 21.99 17.46
N LYS A 516 -2.06 23.23 17.63
CA LYS A 516 -2.41 23.71 18.97
C LYS A 516 -3.62 22.98 19.52
N ASN A 517 -4.63 22.75 18.70
CA ASN A 517 -5.92 22.30 19.20
C ASN A 517 -5.83 20.88 19.76
N PRO A 518 -6.66 20.58 20.76
CA PRO A 518 -6.55 19.26 21.41
C PRO A 518 -6.98 18.09 20.55
N VAL A 519 -7.67 18.31 19.43
CA VAL A 519 -7.89 17.20 18.51
C VAL A 519 -6.56 16.67 18.00
N TRP A 520 -5.56 17.54 17.88
CA TRP A 520 -4.22 17.06 17.60
C TRP A 520 -3.77 16.07 18.65
N ASN A 521 -3.95 16.41 19.93
CA ASN A 521 -3.49 15.55 21.00
C ASN A 521 -4.23 14.22 21.00
N LEU A 522 -5.49 14.20 20.54
CA LEU A 522 -6.23 12.94 20.52
C LEU A 522 -5.54 11.88 19.67
N MET A 523 -4.80 12.28 18.67
CA MET A 523 -3.98 11.33 17.93
C MET A 523 -3.01 10.67 18.90
N MET A 524 -2.64 9.43 18.61
CA MET A 524 -1.88 8.61 19.55
C MET A 524 -0.52 8.33 18.95
N LYS A 525 0.52 8.83 19.59
CA LYS A 525 1.86 8.84 19.00
C LYS A 525 2.81 7.89 19.73
N ASN A 526 2.27 6.87 20.38
CA ASN A 526 3.10 5.89 21.08
C ASN A 526 2.99 4.51 20.46
N VAL A 527 2.54 4.43 19.21
CA VAL A 527 2.40 3.17 18.50
C VAL A 527 3.46 3.11 17.43
N TYR A 528 4.37 2.16 17.55
CA TYR A 528 5.44 1.95 16.58
C TYR A 528 5.15 0.64 15.86
N GLN A 529 5.05 0.69 14.55
CA GLN A 529 4.66 -0.51 13.81
C GLN A 529 5.90 -1.27 13.38
N ILE A 530 6.06 -2.47 13.92
CA ILE A 530 7.14 -3.36 13.57
C ILE A 530 7.06 -3.65 12.07
N PRO A 531 8.06 -3.23 11.29
CA PRO A 531 7.88 -3.17 9.84
C PRO A 531 7.67 -4.55 9.23
N GLN A 532 6.55 -4.70 8.53
CA GLN A 532 6.20 -5.95 7.88
C GLN A 532 6.07 -7.09 8.89
N ALA A 533 5.09 -6.94 9.78
CA ALA A 533 4.87 -7.89 10.84
C ALA A 533 3.56 -8.64 10.66
N TYR A 534 3.48 -9.77 11.35
CA TYR A 534 2.37 -10.70 11.28
C TYR A 534 1.89 -10.89 12.71
N GLN A 535 1.16 -11.96 12.95
CA GLN A 535 0.76 -12.24 14.32
C GLN A 535 2.03 -12.55 15.11
N ILE A 536 2.61 -11.51 15.71
CA ILE A 536 3.93 -11.63 16.31
C ILE A 536 3.81 -12.30 17.67
N LYS A 537 3.90 -13.62 17.67
CA LYS A 537 3.80 -14.38 18.90
C LYS A 537 4.97 -14.07 19.82
N GLN A 538 4.72 -14.15 21.12
CA GLN A 538 5.77 -13.97 22.11
C GLN A 538 6.86 -15.01 21.90
N ASP A 539 8.04 -14.72 22.46
CA ASP A 539 9.19 -15.62 22.42
C ASP A 539 9.85 -15.66 21.04
N ASP A 540 9.24 -15.01 20.05
CA ASP A 540 9.87 -14.77 18.77
C ASP A 540 9.89 -13.27 18.48
N PHE A 541 9.90 -12.47 19.53
CA PHE A 541 9.85 -11.02 19.41
C PHE A 541 10.68 -10.42 20.52
N ARG A 542 11.81 -9.82 20.15
CA ARG A 542 12.74 -9.22 21.10
C ARG A 542 12.87 -7.75 20.75
N LEU A 543 12.35 -6.89 21.62
CA LEU A 543 12.40 -5.45 21.45
C LEU A 543 13.41 -4.89 22.43
N ASN A 544 14.12 -3.83 22.03
CA ASN A 544 15.21 -3.34 22.86
C ASN A 544 15.49 -1.90 22.51
N ILE A 545 15.30 -1.01 23.45
CA ILE A 545 15.50 0.42 23.26
C ILE A 545 16.94 0.78 23.57
N LEU A 546 17.55 1.63 22.75
CA LEU A 546 18.95 1.99 22.87
C LEU A 546 19.07 3.49 22.75
N TYR A 547 20.25 4.03 23.09
CA TYR A 547 20.50 5.46 22.95
C TYR A 547 21.76 5.66 22.14
N THR A 548 21.61 5.82 20.83
CA THR A 548 22.76 5.93 19.93
C THR A 548 23.20 7.37 19.84
N ASP A 549 23.90 7.84 20.88
CA ASP A 549 24.38 9.20 20.76
C ASP A 549 25.50 9.23 19.72
N PRO A 550 26.70 8.66 19.94
CA PRO A 550 27.48 8.24 18.79
C PRO A 550 27.12 6.84 18.33
N SER A 551 26.81 5.98 19.29
CA SER A 551 26.73 4.54 19.07
C SER A 551 25.69 3.96 19.99
N PRO A 552 25.22 2.74 19.72
CA PRO A 552 24.10 2.21 20.51
C PRO A 552 24.51 1.76 21.90
N ILE A 553 24.19 2.58 22.89
CA ILE A 553 24.38 2.28 24.29
C ILE A 553 23.01 2.24 24.93
N ASN A 554 22.82 1.37 25.90
CA ASN A 554 21.48 1.16 26.45
C ASN A 554 21.40 1.53 27.91
N TYR A 555 21.89 2.71 28.22
CA TYR A 555 21.60 3.38 29.49
C TYR A 555 21.87 4.86 29.28
N ILE A 556 21.07 5.68 29.92
CA ILE A 556 21.22 7.13 29.82
C ILE A 556 22.30 7.59 30.77
N THR A 557 23.04 8.62 30.36
CA THR A 557 24.08 9.22 31.16
C THR A 557 23.84 10.72 31.29
N PRO A 558 24.18 11.33 32.42
CA PRO A 558 24.00 12.78 32.56
C PRO A 558 24.94 13.53 31.65
N VAL A 559 24.89 14.85 31.73
CA VAL A 559 25.74 15.71 30.91
C VAL A 559 26.46 16.70 31.82
N GLN A 560 27.75 16.46 32.05
CA GLN A 560 28.69 17.44 32.62
C GLN A 560 28.15 18.06 33.91
N GLY A 561 28.04 17.20 34.92
CA GLY A 561 27.58 17.63 36.21
C GLY A 561 26.09 17.51 36.42
N SER A 562 25.37 16.92 35.47
CA SER A 562 23.92 16.79 35.63
C SER A 562 23.58 15.93 36.85
N SER A 563 23.97 14.66 36.83
CA SER A 563 23.76 13.83 38.00
C SER A 563 22.29 13.73 38.36
N PHE A 564 21.53 12.90 37.62
CA PHE A 564 20.08 12.76 37.64
C PHE A 564 19.52 12.84 39.05
N PRO A 565 18.27 13.28 39.21
CA PRO A 565 17.74 13.66 40.53
C PRO A 565 17.87 12.53 41.54
N PRO A 566 18.40 12.83 42.72
CA PRO A 566 18.77 11.77 43.65
C PRO A 566 17.58 11.20 44.39
N ASN A 567 17.80 10.03 44.96
CA ASN A 567 16.78 9.31 45.71
C ASN A 567 15.56 9.04 44.84
N PRO A 568 15.70 8.41 43.67
CA PRO A 568 14.53 8.13 42.85
C PRO A 568 13.64 7.10 43.52
N ALA A 569 12.38 7.08 43.09
CA ALA A 569 11.50 6.02 43.54
C ALA A 569 11.99 4.70 42.97
N PRO A 570 11.46 3.56 43.41
CA PRO A 570 11.87 2.29 42.81
C PRO A 570 11.45 2.15 41.36
N ASP A 571 10.54 3.00 40.89
CA ASP A 571 10.00 2.92 39.54
C ASP A 571 10.72 3.82 38.54
N SER A 572 11.08 5.04 38.92
CA SER A 572 11.66 5.96 37.95
C SER A 572 13.14 5.66 37.73
N LYS A 573 13.96 5.94 38.74
CA LYS A 573 15.35 5.50 38.88
C LYS A 573 16.13 5.51 37.57
N VAL A 574 16.22 6.69 36.96
CA VAL A 574 17.06 6.86 35.76
C VAL A 574 18.44 7.26 36.27
N GLU A 575 19.21 6.27 36.68
CA GLU A 575 20.59 6.52 37.08
C GLU A 575 21.55 5.62 36.33
N GLN A 576 21.21 4.34 36.23
CA GLN A 576 21.93 3.40 35.40
C GLN A 576 21.00 2.42 34.72
N THR A 577 19.71 2.51 34.94
CA THR A 577 18.79 1.45 34.53
C THR A 577 18.75 1.33 33.02
N PRO A 578 18.57 0.12 32.50
CA PRO A 578 18.39 -0.06 31.06
C PRO A 578 17.18 0.73 30.57
N LEU A 579 17.19 1.01 29.27
CA LEU A 579 16.18 1.89 28.72
C LEU A 579 14.79 1.27 28.81
N LEU A 580 14.67 -0.04 28.76
CA LEU A 580 13.36 -0.66 28.89
C LEU A 580 12.78 -0.42 30.27
N ASN A 581 13.61 -0.29 31.29
CA ASN A 581 13.09 0.08 32.59
C ASN A 581 12.89 1.58 32.71
N VAL A 582 13.74 2.36 32.05
CA VAL A 582 13.57 3.81 32.07
C VAL A 582 12.25 4.21 31.45
N PHE A 583 11.80 3.47 30.45
CA PHE A 583 10.60 3.82 29.70
C PHE A 583 9.36 3.12 30.22
N ASN A 584 9.42 2.57 31.43
CA ASN A 584 8.31 1.85 32.04
C ASN A 584 7.73 0.83 31.07
N LEU A 585 8.60 0.12 30.37
CA LEU A 585 8.18 -0.88 29.42
C LEU A 585 8.73 -2.25 29.76
N ASP A 586 9.43 -2.38 30.88
CA ASP A 586 9.90 -3.67 31.37
C ASP A 586 9.76 -3.67 32.89
N ARG A 587 8.71 -4.30 33.39
CA ARG A 587 8.56 -4.46 34.81
C ARG A 587 8.02 -5.83 35.18
N LEU A 588 7.80 -6.71 34.22
CA LEU A 588 7.17 -7.98 34.48
C LEU A 588 8.12 -9.12 34.15
N ASN A 589 7.90 -10.25 34.81
CA ASN A 589 8.69 -11.45 34.64
C ASN A 589 8.37 -12.05 33.28
N TYR A 590 8.89 -13.25 33.00
CA TYR A 590 8.48 -13.95 31.79
C TYR A 590 7.00 -14.27 31.80
N ASN A 591 6.47 -14.65 32.96
CA ASN A 591 5.07 -15.03 33.09
C ASN A 591 4.16 -13.84 33.32
N ASN A 592 4.66 -12.63 33.08
CA ASN A 592 3.88 -11.41 33.22
C ASN A 592 3.45 -11.21 34.66
N ASP A 593 4.20 -11.71 35.59
CA ASP A 593 3.97 -11.24 36.92
C ASP A 593 5.13 -10.34 37.34
N PRO A 594 4.87 -9.27 38.10
CA PRO A 594 5.90 -8.27 38.34
C PRO A 594 7.12 -8.85 39.04
N GLN A 595 8.28 -8.31 38.68
CA GLN A 595 9.57 -8.70 39.22
C GLN A 595 10.32 -7.43 39.57
N ALA A 596 11.39 -7.59 40.36
CA ALA A 596 12.01 -6.45 41.02
C ALA A 596 12.51 -5.42 39.99
N GLY A 597 13.47 -5.80 39.17
CA GLY A 597 13.97 -4.89 38.16
C GLY A 597 13.38 -5.20 36.80
N GLY A 598 12.86 -6.40 36.66
CA GLY A 598 12.33 -6.86 35.40
C GLY A 598 13.15 -8.00 34.82
N ASP A 599 12.54 -8.72 33.90
CA ASP A 599 13.18 -9.82 33.23
C ASP A 599 14.27 -9.38 32.28
N GLY A 600 14.53 -8.08 32.14
CA GLY A 600 15.44 -7.58 31.15
C GLY A 600 14.89 -7.51 29.76
N PHE A 601 13.70 -8.08 29.51
CA PHE A 601 13.12 -8.14 28.19
C PHE A 601 11.79 -7.41 28.15
N PHE A 602 11.49 -6.85 26.97
CA PHE A 602 10.18 -6.29 26.66
C PHE A 602 9.08 -7.23 27.08
N ASP A 603 7.99 -6.66 27.59
CA ASP A 603 7.05 -7.43 28.38
C ASP A 603 6.02 -8.19 27.56
N TYR A 604 5.51 -7.58 26.49
CA TYR A 604 4.63 -8.28 25.54
C TYR A 604 3.35 -8.75 26.25
N ILE A 605 2.55 -7.78 26.63
CA ILE A 605 1.19 -8.03 27.10
C ILE A 605 0.26 -7.86 25.90
N PRO A 606 -0.42 -8.92 25.44
CA PRO A 606 -1.07 -8.87 24.12
C PRO A 606 -2.16 -7.84 23.99
N GLY A 607 -2.62 -7.21 25.07
CA GLY A 607 -3.54 -6.12 24.91
C GLY A 607 -2.87 -4.79 25.16
N VAL A 608 -2.03 -4.73 26.20
CA VAL A 608 -1.52 -3.46 26.66
C VAL A 608 -0.41 -2.95 25.75
N THR A 609 0.68 -3.72 25.66
CA THR A 609 1.91 -3.23 25.02
C THR A 609 2.12 -3.74 23.61
N VAL A 610 1.31 -4.67 23.11
CA VAL A 610 1.52 -5.19 21.76
C VAL A 610 0.17 -5.49 21.12
N ASP A 611 0.01 -5.07 19.87
CA ASP A 611 -1.11 -5.50 19.04
C ASP A 611 -0.64 -6.71 18.26
N VAL A 612 -0.85 -7.89 18.85
CA VAL A 612 -0.25 -9.11 18.35
C VAL A 612 -0.62 -9.40 16.91
N GLN A 613 -1.78 -8.94 16.47
CA GLN A 613 -2.24 -9.31 15.13
C GLN A 613 -1.39 -8.68 14.06
N ASN A 614 -0.93 -7.44 14.26
CA ASN A 614 -0.07 -6.79 13.26
C ASN A 614 0.86 -5.78 13.93
N GLY A 615 2.06 -6.23 14.28
CA GLY A 615 3.10 -5.35 14.78
C GLY A 615 2.65 -4.49 15.93
N ARG A 616 2.94 -3.20 15.83
CA ARG A 616 2.37 -2.18 16.72
C ARG A 616 2.74 -2.45 18.18
N VAL A 617 4.02 -2.28 18.46
CA VAL A 617 4.43 -2.08 19.85
C VAL A 617 3.83 -0.78 20.34
N ILE A 618 3.11 -0.84 21.45
CA ILE A 618 2.40 0.31 21.99
C ILE A 618 3.04 0.63 23.32
N PHE A 619 3.71 1.76 23.42
CA PHE A 619 4.33 2.10 24.69
C PHE A 619 3.26 2.47 25.70
N THR A 620 3.51 2.16 26.96
CA THR A 620 2.50 2.34 27.99
C THR A 620 2.49 3.75 28.55
N THR A 621 2.42 4.74 27.68
CA THR A 621 2.33 6.13 28.10
C THR A 621 1.78 6.92 26.93
N LYS A 622 1.13 8.05 27.24
CA LYS A 622 0.63 8.91 26.17
C LYS A 622 1.74 9.30 25.22
N GLU A 623 2.92 9.53 25.76
CA GLU A 623 4.06 10.07 25.03
C GLU A 623 5.33 9.73 25.78
N PRO A 624 5.90 8.57 25.51
CA PRO A 624 6.99 8.06 26.33
C PRO A 624 8.25 8.89 26.22
N PHE A 625 8.73 9.08 24.99
CA PHE A 625 9.98 9.77 24.79
C PHE A 625 9.88 11.24 25.17
N GLY A 626 8.68 11.78 25.23
CA GLY A 626 8.50 13.19 25.46
C GLY A 626 8.29 13.59 26.90
N GLU A 627 7.30 13.02 27.57
CA GLU A 627 6.97 13.43 28.92
C GLU A 627 7.33 12.41 29.98
N LEU A 628 7.36 11.13 29.64
CA LEU A 628 7.85 10.14 30.59
C LEU A 628 9.27 10.46 31.02
N ILE A 629 10.15 10.72 30.05
CA ILE A 629 11.52 11.08 30.38
C ILE A 629 11.58 12.41 31.10
N PHE A 630 10.70 13.35 30.77
CA PHE A 630 10.72 14.62 31.49
C PHE A 630 10.41 14.42 32.96
N ASN A 631 9.28 13.78 33.26
CA ASN A 631 8.92 13.55 34.65
C ASN A 631 9.86 12.57 35.34
N LYS A 632 10.65 11.81 34.59
CA LYS A 632 11.55 10.85 35.19
C LYS A 632 12.95 11.40 35.39
N LEU A 633 13.27 12.51 34.74
CA LEU A 633 14.52 13.23 34.95
C LEU A 633 14.34 14.50 35.76
N GLN A 634 13.09 14.88 36.04
CA GLN A 634 12.81 16.17 36.66
C GLN A 634 13.50 16.29 38.01
N THR A 635 13.87 17.52 38.37
CA THR A 635 14.67 17.78 39.55
C THR A 635 14.05 18.88 40.40
N GLY A 636 12.75 19.06 40.30
CA GLY A 636 12.09 20.08 41.09
C GLY A 636 10.73 20.41 40.51
N ALA A 637 10.14 21.48 41.04
CA ALA A 637 8.87 21.98 40.55
C ALA A 637 9.00 23.18 39.65
N GLY A 638 10.13 23.89 39.70
CA GLY A 638 10.36 24.97 38.77
C GLY A 638 10.34 24.52 37.33
N GLU A 639 10.73 23.27 37.07
CA GLU A 639 10.61 22.68 35.75
C GLU A 639 9.15 22.39 35.46
N SER A 640 8.71 22.73 34.26
CA SER A 640 7.37 22.40 33.80
C SER A 640 7.45 21.94 32.36
N TYR A 641 6.59 20.99 32.01
CA TYR A 641 6.66 20.38 30.69
C TYR A 641 6.10 21.27 29.60
N ASN A 642 5.30 22.28 29.97
CA ASN A 642 4.63 23.12 28.99
C ASN A 642 5.51 24.21 28.41
N ASP A 643 6.71 24.42 28.97
CA ASP A 643 7.62 25.44 28.47
C ASP A 643 9.02 24.85 28.32
N PRO A 644 9.54 24.72 27.10
CA PRO A 644 10.85 24.09 26.92
C PRO A 644 12.01 24.91 27.43
N THR A 645 11.78 26.14 27.89
CA THR A 645 12.87 26.97 28.37
C THR A 645 13.26 26.63 29.81
N THR A 646 12.32 26.13 30.59
CA THR A 646 12.59 25.75 31.98
C THR A 646 12.85 24.25 32.08
N TYR A 647 13.92 23.79 31.44
CA TYR A 647 14.34 22.41 31.56
C TYR A 647 15.61 22.30 32.37
N ASN A 648 15.86 21.08 32.86
CA ASN A 648 16.87 20.77 33.85
C ASN A 648 18.29 21.02 33.36
N ALA A 649 18.49 21.25 32.06
CA ALA A 649 19.77 21.20 31.37
C ALA A 649 20.26 19.78 31.20
N ASN A 650 19.57 18.82 31.78
CA ASN A 650 19.76 17.39 31.59
C ASN A 650 18.57 16.76 30.91
N GLN A 651 17.36 17.19 31.26
CA GLN A 651 16.16 16.89 30.50
C GLN A 651 15.95 17.87 29.38
N GLN A 652 17.00 18.58 29.01
CA GLN A 652 17.06 19.38 27.81
C GLN A 652 17.75 18.66 26.67
N LYS A 653 18.37 17.51 26.94
CA LYS A 653 18.97 16.69 25.91
C LYS A 653 18.17 15.44 25.61
N TYR A 654 17.25 15.05 26.49
CA TYR A 654 16.51 13.81 26.31
C TYR A 654 15.03 14.02 26.02
N VAL A 655 14.43 15.07 26.56
CA VAL A 655 13.00 15.30 26.39
C VAL A 655 12.75 15.71 24.94
N PHE A 656 12.18 14.81 24.16
CA PHE A 656 11.92 15.06 22.74
C PHE A 656 10.47 15.49 22.57
N ARG A 657 10.22 16.73 23.00
CA ARG A 657 8.88 17.30 23.05
C ARG A 657 8.29 17.56 21.66
N ASN A 658 9.13 17.75 20.65
CA ASN A 658 8.65 18.21 19.36
C ASN A 658 8.15 17.11 18.44
N MET A 659 8.16 15.86 18.85
CA MET A 659 7.41 14.90 18.07
C MET A 659 6.01 14.70 18.61
N TYR A 660 5.75 15.20 19.81
CA TYR A 660 4.41 15.13 20.37
C TYR A 660 3.68 16.45 20.29
N ARG A 661 4.39 17.57 20.24
CA ARG A 661 3.74 18.86 20.11
C ARG A 661 3.92 19.46 18.73
N ASN A 662 4.07 18.61 17.72
CA ASN A 662 4.39 19.07 16.38
C ASN A 662 4.36 17.85 15.46
N THR A 663 4.12 18.10 14.19
CA THR A 663 3.94 17.01 13.25
C THR A 663 5.20 16.18 13.10
N GLN A 664 5.14 15.12 12.31
CA GLN A 664 6.30 14.28 12.09
C GLN A 664 7.22 14.82 11.01
N ALA A 665 6.71 15.68 10.13
CA ALA A 665 7.57 16.35 9.15
C ALA A 665 8.26 17.55 9.76
N GLY A 666 7.53 18.31 10.56
CA GLY A 666 8.17 19.08 11.60
C GLY A 666 8.82 18.14 12.59
N ALA A 667 9.63 18.71 13.47
CA ALA A 667 10.49 17.97 14.37
C ALA A 667 11.64 17.28 13.64
N LEU A 668 11.74 17.43 12.32
CA LEU A 668 13.01 17.16 11.66
C LEU A 668 14.01 18.25 11.99
N GLN A 669 13.54 19.49 12.14
CA GLN A 669 14.42 20.57 12.55
C GLN A 669 14.84 20.46 14.01
N ASP A 670 14.15 19.64 14.80
CA ASP A 670 14.61 19.33 16.15
C ASP A 670 15.28 17.96 16.07
N SER A 671 16.51 17.98 15.56
CA SER A 671 17.21 16.78 15.15
C SER A 671 18.12 16.19 16.21
N ASP A 672 18.58 16.98 17.14
CA ASP A 672 19.49 16.56 18.18
C ASP A 672 18.86 15.67 19.19
N LYS A 673 17.62 15.23 19.03
CA LYS A 673 16.96 14.41 20.04
C LYS A 673 16.42 13.10 19.52
N ASN A 674 16.41 12.89 18.21
CA ASN A 674 15.88 11.67 17.62
C ASN A 674 16.89 10.55 17.72
N LYS A 675 17.42 10.28 18.90
CA LYS A 675 18.37 9.19 19.06
C LYS A 675 17.86 8.32 20.19
N PHE A 676 16.84 7.52 19.89
CA PHE A 676 16.33 6.50 20.79
C PHE A 676 15.85 5.29 20.01
N LEU A 677 16.65 4.80 19.09
CA LEU A 677 16.19 3.69 18.26
C LEU A 677 15.82 2.51 19.15
N LEU A 678 14.96 1.65 18.63
CA LEU A 678 14.53 0.46 19.35
C LEU A 678 14.69 -0.73 18.44
N ARG A 679 15.87 -1.34 18.49
CA ARG A 679 16.12 -2.47 17.63
C ARG A 679 15.28 -3.65 18.08
N GLY A 680 15.20 -4.64 17.23
CA GLY A 680 14.45 -5.81 17.63
C GLY A 680 14.55 -6.89 16.58
N LYS A 681 13.99 -8.03 16.94
CA LYS A 681 14.03 -9.22 16.09
C LYS A 681 12.70 -9.92 16.24
N TYR A 682 12.04 -10.21 15.14
CA TYR A 682 10.86 -11.05 15.17
C TYR A 682 11.06 -12.17 14.17
N LYS A 683 10.43 -13.30 14.46
CA LYS A 683 10.58 -14.47 13.61
C LYS A 683 9.26 -14.81 12.92
N SER A 684 9.38 -15.44 11.75
CA SER A 684 8.24 -15.89 10.99
C SER A 684 7.66 -17.15 11.63
N SER A 685 6.73 -17.79 10.94
CA SER A 685 6.12 -19.01 11.49
C SER A 685 7.14 -20.14 11.57
N GLY A 686 7.75 -20.48 10.45
CA GLY A 686 8.64 -21.62 10.42
C GLY A 686 7.94 -22.93 10.69
N SER A 687 6.65 -23.01 10.37
CA SER A 687 5.88 -24.22 10.65
C SER A 687 6.37 -25.38 9.80
N ASN A 688 6.29 -25.24 8.49
CA ASN A 688 6.82 -26.27 7.59
C ASN A 688 8.34 -26.30 7.67
N GLY A 689 8.98 -25.19 7.35
CA GLY A 689 10.42 -25.07 7.50
C GLY A 689 10.80 -23.62 7.35
N ILE A 690 12.09 -23.36 7.45
CA ILE A 690 12.65 -22.04 7.24
C ILE A 690 12.26 -21.57 5.85
N PRO A 691 11.34 -20.62 5.71
CA PRO A 691 10.98 -20.12 4.38
C PRO A 691 12.04 -19.14 3.93
N ILE A 692 12.86 -19.56 2.96
CA ILE A 692 14.04 -18.78 2.59
C ILE A 692 13.65 -17.41 2.07
N GLY A 693 12.58 -17.35 1.29
CA GLY A 693 12.20 -16.12 0.62
C GLY A 693 12.42 -16.13 -0.87
N ALA A 694 12.91 -17.23 -1.44
CA ALA A 694 13.09 -17.37 -2.86
C ALA A 694 12.28 -18.55 -3.36
N PHE A 695 11.93 -18.49 -4.65
CA PHE A 695 11.11 -19.51 -5.28
C PHE A 695 11.88 -20.16 -6.41
N ASN A 696 11.75 -21.48 -6.52
CA ASN A 696 12.42 -22.24 -7.57
C ASN A 696 13.92 -22.01 -7.53
N VAL A 697 14.50 -22.32 -6.38
CA VAL A 697 15.94 -22.07 -6.18
C VAL A 697 16.74 -22.92 -7.15
N PRO A 698 17.83 -22.40 -7.72
CA PRO A 698 18.70 -23.25 -8.54
C PRO A 698 19.42 -24.25 -7.64
N GLN A 699 19.31 -25.52 -7.99
CA GLN A 699 19.66 -26.60 -7.08
C GLN A 699 21.14 -26.54 -6.68
N GLY A 700 21.45 -27.22 -5.59
CA GLY A 700 22.81 -27.25 -5.09
C GLY A 700 23.38 -25.93 -4.65
N SER A 701 22.54 -24.91 -4.46
CA SER A 701 23.01 -23.58 -4.14
C SER A 701 23.00 -23.28 -2.65
N VAL A 702 21.99 -23.75 -1.92
CA VAL A 702 21.82 -23.37 -0.53
C VAL A 702 22.97 -23.90 0.31
N VAL A 703 23.41 -23.11 1.29
CA VAL A 703 24.52 -23.48 2.16
C VAL A 703 24.17 -23.14 3.60
N VAL A 704 23.73 -24.13 4.37
CA VAL A 704 23.12 -23.90 5.67
C VAL A 704 24.20 -24.16 6.72
N THR A 705 24.93 -23.11 7.08
CA THR A 705 25.98 -23.21 8.09
C THR A 705 25.34 -23.03 9.46
N ALA A 706 25.08 -24.15 10.14
CA ALA A 706 24.28 -24.12 11.35
C ALA A 706 24.90 -23.27 12.46
N ALA A 707 26.04 -23.70 12.98
CA ALA A 707 26.69 -22.99 14.08
C ALA A 707 28.11 -22.57 13.72
N GLY A 708 28.32 -22.25 12.45
CA GLY A 708 29.64 -22.02 11.90
C GLY A 708 30.10 -23.16 11.00
N ARG A 709 29.74 -24.39 11.34
CA ARG A 709 30.11 -25.53 10.52
C ARG A 709 29.01 -25.82 9.52
N VAL A 710 29.40 -26.00 8.26
CA VAL A 710 28.43 -26.24 7.20
C VAL A 710 27.74 -27.58 7.45
N LEU A 711 26.49 -27.68 7.03
CA LEU A 711 25.70 -28.88 7.22
C LEU A 711 25.59 -29.64 5.90
N VAL A 712 25.44 -30.96 6.00
CA VAL A 712 25.42 -31.83 4.82
C VAL A 712 24.03 -31.80 4.20
N GLU A 713 23.97 -31.64 2.88
CA GLU A 713 22.71 -31.33 2.21
C GLU A 713 21.64 -32.40 2.36
N GLY A 714 21.97 -33.59 2.83
CA GLY A 714 20.95 -34.62 2.93
C GLY A 714 20.85 -35.29 4.28
N ILE A 715 21.91 -35.20 5.07
CA ILE A 715 21.95 -35.94 6.32
C ILE A 715 21.30 -35.17 7.46
N ASP A 716 21.38 -33.84 7.44
CA ASP A 716 20.80 -33.05 8.52
C ASP A 716 19.89 -31.93 8.06
N TYR A 717 19.78 -31.65 6.76
CA TYR A 717 18.72 -30.76 6.31
C TYR A 717 18.27 -31.21 4.93
N SER A 718 17.11 -30.70 4.54
CA SER A 718 16.54 -31.01 3.23
C SER A 718 15.82 -29.77 2.72
N VAL A 719 15.98 -29.48 1.44
CA VAL A 719 15.41 -28.29 0.84
C VAL A 719 14.31 -28.72 -0.10
N ASP A 720 13.30 -27.86 -0.27
CA ASP A 720 12.22 -28.16 -1.19
C ASP A 720 12.58 -27.79 -2.62
N TYR A 721 13.25 -26.65 -2.82
CA TYR A 721 13.66 -26.14 -4.12
C TYR A 721 12.48 -25.61 -4.93
N GLN A 722 11.27 -25.75 -4.40
CA GLN A 722 10.07 -25.25 -5.04
C GLN A 722 9.40 -24.15 -4.24
N LEU A 723 9.75 -24.03 -2.96
CA LEU A 723 8.99 -23.21 -2.03
C LEU A 723 9.88 -22.42 -1.08
N GLY A 724 11.19 -22.50 -1.22
CA GLY A 724 12.04 -22.17 -0.09
C GLY A 724 11.96 -23.34 0.87
N ARG A 725 11.71 -23.06 2.14
CA ARG A 725 11.41 -24.08 3.14
C ARG A 725 12.54 -25.10 3.25
N VAL A 726 13.69 -24.61 3.73
CA VAL A 726 14.73 -25.50 4.21
C VAL A 726 14.30 -26.10 5.53
N GLN A 727 14.56 -27.38 5.73
CA GLN A 727 14.02 -28.09 6.89
C GLN A 727 15.16 -28.88 7.53
N ILE A 728 15.57 -28.47 8.72
CA ILE A 728 16.69 -29.11 9.40
C ILE A 728 16.16 -30.35 10.13
N LEU A 729 16.50 -31.51 9.61
CA LEU A 729 16.18 -32.77 10.25
C LEU A 729 17.36 -33.27 11.10
N ASP A 730 17.90 -32.36 11.90
CA ASP A 730 18.98 -32.66 12.83
C ASP A 730 18.45 -32.49 14.24
N PRO A 731 18.07 -33.58 14.92
CA PRO A 731 17.28 -33.45 16.16
C PRO A 731 18.00 -32.68 17.24
N SER A 732 19.29 -32.92 17.40
CA SER A 732 20.07 -32.13 18.34
C SER A 732 20.12 -30.67 17.90
N LEU A 733 20.52 -30.44 16.65
CA LEU A 733 20.58 -29.07 16.15
C LEU A 733 19.20 -28.51 15.84
N GLN A 734 18.18 -29.37 15.77
CA GLN A 734 16.83 -28.88 15.54
C GLN A 734 16.37 -27.96 16.66
N ALA A 735 16.31 -28.49 17.88
CA ALA A 735 15.86 -27.74 19.05
C ALA A 735 17.08 -27.24 19.81
N SER A 736 17.69 -26.18 19.29
CA SER A 736 18.88 -25.61 19.92
C SER A 736 18.87 -24.09 20.01
N ASN A 737 18.06 -23.39 19.24
CA ASN A 737 18.08 -21.93 19.20
C ASN A 737 19.41 -21.39 18.70
N THR A 738 20.09 -22.15 17.89
CA THR A 738 21.24 -21.51 17.29
C THR A 738 20.83 -20.78 16.02
N PRO A 739 21.49 -19.71 15.67
CA PRO A 739 21.11 -18.97 14.47
C PRO A 739 21.57 -19.64 13.20
N ILE A 740 20.76 -20.57 12.68
CA ILE A 740 21.07 -21.29 11.46
C ILE A 740 20.97 -20.31 10.29
N GLU A 741 22.10 -19.90 9.73
CA GLU A 741 22.06 -19.01 8.58
C GLU A 741 22.11 -19.80 7.28
N VAL A 742 21.51 -19.23 6.25
CA VAL A 742 21.30 -19.90 4.98
C VAL A 742 21.63 -18.93 3.85
N SER A 743 22.52 -19.34 2.95
CA SER A 743 22.78 -18.60 1.73
C SER A 743 22.05 -19.29 0.59
N LEU A 744 21.43 -18.50 -0.28
CA LEU A 744 20.38 -19.02 -1.16
C LEU A 744 20.78 -19.10 -2.62
N GLU A 745 21.35 -18.05 -3.20
CA GLU A 745 21.59 -18.00 -4.64
C GLU A 745 20.27 -18.05 -5.42
N ASN A 746 19.46 -17.02 -5.26
CA ASN A 746 18.22 -16.97 -6.03
C ASN A 746 18.49 -16.46 -7.44
N ASN A 747 17.56 -16.75 -8.35
CA ASN A 747 17.70 -16.36 -9.74
C ASN A 747 16.48 -15.57 -10.23
N SER A 748 15.79 -14.90 -9.31
CA SER A 748 14.60 -14.13 -9.63
C SER A 748 14.87 -12.63 -9.61
N ILE A 749 16.07 -12.22 -10.01
CA ILE A 749 16.42 -10.80 -10.07
C ILE A 749 15.76 -10.14 -11.26
N PHE A 750 14.83 -9.22 -11.01
CA PHE A 750 14.22 -8.41 -12.05
C PHE A 750 14.77 -7.00 -11.89
N GLY A 751 15.60 -6.59 -12.84
CA GLY A 751 16.13 -5.24 -12.81
C GLY A 751 17.44 -5.12 -12.07
N GLN A 752 18.44 -5.91 -12.46
CA GLN A 752 19.75 -5.84 -11.83
C GLN A 752 20.85 -5.48 -12.83
N GLN A 753 22.10 -5.52 -12.38
CA GLN A 753 23.24 -5.14 -13.19
C GLN A 753 23.86 -6.40 -13.79
N THR A 754 24.26 -6.31 -15.06
CA THR A 754 24.90 -7.46 -15.68
C THR A 754 26.20 -7.77 -14.97
N ARG A 755 26.34 -9.01 -14.55
CA ARG A 755 27.52 -9.47 -13.84
C ARG A 755 28.30 -10.42 -14.72
N ARG A 756 29.60 -10.44 -14.53
CA ARG A 756 30.45 -11.39 -15.21
C ARG A 756 31.25 -12.18 -14.18
N PHE A 757 31.46 -13.45 -14.47
CA PHE A 757 31.97 -14.41 -13.50
C PHE A 757 33.20 -15.12 -14.06
N MET A 758 34.20 -14.34 -14.47
CA MET A 758 35.42 -14.97 -14.94
C MET A 758 36.02 -15.83 -13.84
N GLY A 759 36.71 -16.88 -14.23
CA GLY A 759 37.46 -17.63 -13.24
C GLY A 759 37.83 -19.02 -13.71
N PHE A 760 38.52 -19.73 -12.84
CA PHE A 760 38.90 -21.11 -13.07
C PHE A 760 39.33 -21.71 -11.75
N ASN A 761 39.66 -23.00 -11.76
CA ASN A 761 40.26 -23.60 -10.57
C ASN A 761 41.14 -24.77 -10.98
N ILE A 762 42.44 -24.62 -10.75
CA ILE A 762 43.30 -25.79 -10.88
C ILE A 762 42.87 -26.80 -9.85
N GLU A 763 42.98 -28.08 -10.21
CA GLU A 763 42.59 -29.15 -9.32
C GLU A 763 43.64 -30.24 -9.56
N HIS A 764 44.66 -30.24 -8.74
CA HIS A 764 45.75 -31.20 -8.85
C HIS A 764 45.50 -32.38 -7.94
N LYS A 765 45.80 -33.57 -8.43
CA LYS A 765 45.62 -34.81 -7.71
C LYS A 765 47.00 -35.32 -7.32
N ILE A 766 47.38 -35.13 -6.07
CA ILE A 766 48.56 -35.81 -5.55
C ILE A 766 48.07 -37.21 -5.23
N SER A 767 48.99 -38.11 -4.86
CA SER A 767 48.69 -39.51 -4.56
C SER A 767 47.38 -39.66 -3.81
N ASP A 768 46.59 -40.65 -4.25
CA ASP A 768 45.14 -40.71 -4.08
C ASP A 768 44.62 -40.27 -2.73
N LYS A 769 43.45 -39.63 -2.73
CA LYS A 769 42.85 -39.08 -1.52
C LYS A 769 43.66 -37.91 -0.98
N PHE A 770 44.25 -37.13 -1.89
CA PHE A 770 44.94 -35.90 -1.50
C PHE A 770 45.00 -35.01 -2.73
N VAL A 771 44.32 -33.87 -2.68
CA VAL A 771 44.24 -32.97 -3.81
C VAL A 771 44.68 -31.59 -3.36
N ILE A 772 44.79 -30.71 -4.34
CA ILE A 772 45.13 -29.31 -4.11
C ILE A 772 44.34 -28.48 -5.10
N GLY A 773 44.00 -27.26 -4.68
CA GLY A 773 43.08 -26.45 -5.45
C GLY A 773 43.59 -25.09 -5.86
N GLY A 774 42.89 -24.51 -6.81
CA GLY A 774 43.15 -23.21 -7.38
C GLY A 774 42.04 -22.26 -7.01
N THR A 775 41.04 -22.15 -7.89
CA THR A 775 39.89 -21.29 -7.65
C THR A 775 40.32 -19.82 -7.61
N TYR A 776 40.69 -19.35 -8.79
CA TYR A 776 40.67 -17.93 -9.09
C TYR A 776 39.27 -17.57 -9.58
N LEU A 777 38.79 -16.40 -9.19
CA LEU A 777 37.46 -15.94 -9.55
C LEU A 777 37.47 -14.43 -9.60
N LYS A 778 36.72 -13.88 -10.55
CA LYS A 778 36.58 -12.44 -10.71
C LYS A 778 35.13 -12.16 -11.07
N MET A 779 34.41 -11.53 -10.17
CA MET A 779 33.02 -11.17 -10.39
C MET A 779 32.95 -9.66 -10.56
N THR A 780 32.49 -9.23 -11.72
CA THR A 780 32.51 -7.83 -12.11
C THR A 780 31.09 -7.38 -12.44
N GLU A 781 30.60 -6.40 -11.70
CA GLU A 781 29.35 -5.74 -12.03
C GLU A 781 29.56 -4.81 -13.21
N ARG A 782 28.47 -4.50 -13.89
CA ARG A 782 28.51 -3.48 -14.93
C ARG A 782 27.46 -2.43 -14.62
N PRO A 783 27.85 -1.24 -14.19
CA PRO A 783 26.86 -0.25 -13.76
C PRO A 783 26.02 0.22 -14.94
N PHE A 784 24.78 0.58 -14.64
CA PHE A 784 23.91 1.14 -15.67
C PHE A 784 24.50 2.41 -16.25
N THR A 785 24.75 3.40 -15.40
CA THR A 785 25.41 4.62 -15.80
C THR A 785 26.73 4.76 -15.04
N GLN A 786 27.62 5.60 -15.55
CA GLN A 786 28.87 5.85 -14.88
C GLN A 786 28.70 6.54 -13.54
N LYS A 787 27.52 7.07 -13.26
CA LYS A 787 27.27 7.81 -12.03
C LYS A 787 26.66 6.88 -11.00
N SER A 788 27.49 5.95 -10.53
CA SER A 788 27.07 4.93 -9.57
C SER A 788 26.65 5.59 -8.27
N THR A 789 25.37 5.53 -7.96
CA THR A 789 24.82 6.18 -6.78
C THR A 789 25.18 5.39 -5.53
N TYR A 790 24.78 5.93 -4.38
CA TYR A 790 25.11 5.29 -3.12
C TYR A 790 24.12 4.16 -2.83
N GLY A 791 24.64 2.96 -2.61
CA GLY A 791 23.81 1.81 -2.34
C GLY A 791 23.72 0.90 -3.55
N GLN A 792 23.57 1.49 -4.72
CA GLN A 792 23.57 0.75 -5.99
C GLN A 792 24.96 0.68 -6.57
N GLU A 793 25.92 0.24 -5.77
CA GLU A 793 27.32 0.31 -6.15
C GLU A 793 27.72 -0.94 -6.91
N SER A 794 28.74 -0.80 -7.74
CA SER A 794 29.26 -1.88 -8.55
C SER A 794 30.53 -2.44 -7.94
N VAL A 795 30.73 -3.75 -8.11
CA VAL A 795 31.85 -4.44 -7.49
C VAL A 795 32.74 -5.01 -8.60
N ASN A 796 34.00 -5.23 -8.24
CA ASN A 796 34.96 -5.79 -9.18
C ASN A 796 35.83 -6.81 -8.46
N ASN A 797 35.21 -7.68 -7.68
CA ASN A 797 35.96 -8.43 -6.69
C ASN A 797 36.69 -9.59 -7.34
N THR A 798 37.82 -9.96 -6.74
CA THR A 798 38.62 -11.08 -7.24
C THR A 798 39.05 -11.92 -6.06
N ILE A 799 38.59 -13.15 -6.01
CA ILE A 799 38.99 -14.10 -4.98
C ILE A 799 39.94 -15.09 -5.60
N PHE A 800 40.86 -15.61 -4.80
CA PHE A 800 41.71 -16.70 -5.24
C PHE A 800 42.15 -17.48 -4.03
N GLY A 801 41.94 -18.79 -4.06
CA GLY A 801 42.15 -19.58 -2.87
C GLY A 801 43.04 -20.79 -3.06
N PHE A 802 43.07 -21.66 -2.06
CA PHE A 802 43.81 -22.92 -2.11
C PHE A 802 42.87 -24.06 -1.74
N ASN A 803 43.41 -25.25 -1.56
CA ASN A 803 42.60 -26.40 -1.14
C ASN A 803 43.46 -27.36 -0.33
N GLY A 804 43.00 -28.59 -0.23
CA GLY A 804 43.34 -29.50 0.83
C GLY A 804 42.57 -30.78 0.62
N ASN A 805 41.81 -31.20 1.63
CA ASN A 805 40.96 -32.38 1.49
C ASN A 805 41.78 -33.65 1.33
N TYR A 806 42.57 -33.95 2.36
CA TYR A 806 43.27 -35.22 2.46
C TYR A 806 42.37 -36.22 3.17
N SER A 807 42.06 -37.33 2.53
CA SER A 807 41.24 -38.38 3.12
C SER A 807 42.13 -39.55 3.53
N THR A 808 41.54 -40.45 4.32
CA THR A 808 42.27 -41.59 4.87
C THR A 808 41.29 -42.48 5.61
N GLU A 809 41.56 -43.78 5.61
CA GLU A 809 40.91 -44.70 6.53
C GLU A 809 41.84 -44.94 7.72
N VAL A 810 41.26 -45.02 8.90
CA VAL A 810 42.04 -45.31 10.09
C VAL A 810 41.59 -46.66 10.64
N PRO A 811 42.02 -47.75 10.01
CA PRO A 811 41.71 -49.08 10.56
C PRO A 811 42.28 -49.27 11.95
N PHE A 812 43.35 -48.56 12.31
CA PHE A 812 43.76 -48.49 13.70
C PHE A 812 42.60 -48.08 14.58
N LEU A 813 41.88 -47.04 14.18
CA LEU A 813 40.81 -46.54 15.02
C LEU A 813 39.57 -47.43 14.97
N THR A 814 39.33 -48.10 13.84
CA THR A 814 38.25 -49.08 13.83
C THR A 814 38.58 -50.26 14.74
N ARG A 815 39.84 -50.68 14.77
CA ARG A 815 40.26 -51.71 15.70
C ARG A 815 40.10 -51.23 17.13
N LEU A 816 40.43 -49.98 17.40
CA LEU A 816 40.19 -49.41 18.72
C LEU A 816 38.71 -49.48 19.08
N ALA A 817 37.85 -49.20 18.11
CA ALA A 817 36.41 -49.25 18.35
C ALA A 817 35.97 -50.66 18.74
N ASN A 818 36.32 -51.65 17.92
CA ASN A 818 35.87 -53.01 18.23
C ASN A 818 36.76 -53.71 19.26
N LYS A 819 37.72 -53.00 19.85
CA LYS A 819 38.41 -53.47 21.07
C LYS A 819 37.80 -52.85 22.31
N LEU A 820 36.49 -52.65 22.31
CA LEU A 820 35.70 -52.03 23.34
C LEU A 820 34.65 -53.04 23.80
N PRO A 821 33.74 -52.68 24.71
CA PRO A 821 32.59 -53.57 24.97
C PRO A 821 31.70 -53.72 23.75
N ASN A 822 30.51 -54.27 23.91
CA ASN A 822 29.74 -55.05 22.92
C ASN A 822 29.86 -54.67 21.44
N ILE A 823 30.39 -53.48 21.12
CA ILE A 823 30.72 -53.03 19.77
C ILE A 823 31.29 -54.17 18.95
N ASP A 824 30.84 -54.30 17.71
CA ASP A 824 31.28 -55.35 16.82
C ASP A 824 31.63 -54.88 15.41
N THR A 825 31.17 -53.71 15.00
CA THR A 825 31.07 -53.37 13.59
C THR A 825 32.43 -53.26 12.94
N ASP A 826 32.50 -53.67 11.68
CA ASP A 826 33.69 -53.52 10.84
C ASP A 826 33.52 -52.42 9.80
N VAL A 827 32.49 -51.58 9.95
CA VAL A 827 32.26 -50.50 8.98
C VAL A 827 33.46 -49.57 9.00
N PRO A 828 33.89 -49.02 7.87
CA PRO A 828 35.17 -48.30 7.83
C PRO A 828 35.13 -47.02 8.65
N SER A 829 36.34 -46.51 8.91
CA SER A 829 36.51 -45.24 9.61
C SER A 829 37.40 -44.36 8.77
N ASN A 830 37.03 -43.08 8.69
CA ASN A 830 37.72 -42.12 7.84
C ASN A 830 38.18 -40.94 8.68
N LEU A 831 39.19 -40.24 8.19
CA LEU A 831 39.76 -39.09 8.90
C LEU A 831 40.04 -37.96 7.92
N SER A 832 39.00 -37.53 7.20
CA SER A 832 39.18 -36.47 6.22
C SER A 832 39.62 -35.17 6.88
N ILE A 833 40.46 -34.41 6.17
CA ILE A 833 41.04 -33.17 6.66
C ILE A 833 41.10 -32.16 5.53
N ARG A 834 40.38 -31.05 5.67
CA ARG A 834 40.26 -30.08 4.59
C ARG A 834 40.75 -28.72 5.05
N GLY A 835 41.21 -27.91 4.11
CA GLY A 835 41.72 -26.59 4.46
C GLY A 835 41.71 -25.67 3.26
N GLU A 836 41.51 -24.37 3.53
CA GLU A 836 41.41 -23.38 2.47
C GLU A 836 41.94 -22.04 2.95
N VAL A 837 42.22 -21.15 2.00
CA VAL A 837 42.74 -19.83 2.36
C VAL A 837 41.91 -18.72 1.74
N ALA A 838 41.83 -18.67 0.41
CA ALA A 838 40.86 -17.81 -0.28
C ALA A 838 41.05 -16.33 0.06
N PHE A 839 42.16 -15.78 -0.43
CA PHE A 839 42.35 -14.35 -0.36
C PHE A 839 41.34 -13.64 -1.24
N LEU A 840 40.92 -12.46 -0.80
CA LEU A 840 40.01 -11.63 -1.58
C LEU A 840 40.64 -10.27 -1.78
N ARG A 841 40.50 -9.74 -2.98
CA ARG A 841 40.96 -8.39 -3.31
C ARG A 841 39.83 -7.67 -4.02
N PRO A 842 39.25 -6.65 -3.42
CA PRO A 842 38.14 -5.94 -4.03
C PRO A 842 38.65 -4.77 -4.87
N ASP A 843 37.74 -4.20 -5.64
CA ASP A 843 37.97 -3.02 -6.46
C ASP A 843 36.63 -2.34 -6.68
N ALA A 844 36.60 -1.43 -7.64
CA ALA A 844 35.37 -0.86 -8.16
C ALA A 844 35.57 -0.77 -9.67
N PRO A 845 34.54 -1.06 -10.45
CA PRO A 845 34.72 -1.11 -11.91
C PRO A 845 35.07 0.27 -12.45
N LYS A 846 36.08 0.31 -13.32
CA LYS A 846 36.62 1.59 -13.78
C LYS A 846 35.61 2.39 -14.59
N ALA A 847 34.53 1.77 -15.04
CA ALA A 847 33.48 2.54 -15.69
C ALA A 847 32.92 3.60 -14.77
N SER A 848 32.67 3.26 -13.52
CA SER A 848 32.13 4.19 -12.55
C SER A 848 33.23 4.95 -11.84
N ASP A 849 34.14 5.55 -12.60
CA ASP A 849 35.16 6.41 -12.02
C ASP A 849 34.83 7.86 -12.35
N PHE A 850 35.36 8.76 -11.53
CA PHE A 850 35.25 10.19 -11.78
C PHE A 850 36.67 10.74 -11.74
N GLN A 851 37.25 10.93 -12.91
CA GLN A 851 38.61 11.47 -13.03
C GLN A 851 39.66 10.50 -12.53
N GLY A 852 39.31 9.22 -12.42
CA GLY A 852 40.26 8.21 -12.01
C GLY A 852 40.13 7.81 -10.56
N GLU A 853 38.91 7.60 -10.09
CA GLU A 853 38.68 7.25 -8.70
C GLU A 853 37.45 6.36 -8.61
N ALA A 854 36.97 6.14 -7.39
CA ALA A 854 35.89 5.20 -7.15
C ALA A 854 34.71 5.91 -6.53
N THR A 855 34.30 7.03 -7.13
CA THR A 855 33.22 7.85 -6.59
C THR A 855 31.95 7.04 -6.39
N ILE A 856 31.13 7.49 -5.46
CA ILE A 856 29.91 6.76 -5.16
C ILE A 856 28.71 7.71 -5.15
N TYR A 857 28.97 9.01 -5.14
CA TYR A 857 27.92 10.02 -5.30
C TYR A 857 26.84 9.88 -4.23
N VAL A 858 27.24 10.18 -2.99
CA VAL A 858 26.32 10.07 -1.86
C VAL A 858 25.04 10.87 -2.12
N ASP A 859 25.15 12.01 -2.80
CA ASP A 859 23.96 12.68 -3.33
C ASP A 859 24.37 13.55 -4.51
N ASP A 860 24.20 13.04 -5.70
CA ASP A 860 24.12 13.89 -6.88
C ASP A 860 22.74 14.52 -6.90
N PHE A 861 22.66 15.83 -7.00
CA PHE A 861 21.41 16.52 -6.68
C PHE A 861 20.40 16.36 -7.81
N GLU A 862 20.14 15.11 -8.16
CA GLU A 862 19.34 14.73 -9.31
C GLU A 862 17.94 14.27 -8.95
N GLY A 863 17.75 13.71 -7.76
CA GLY A 863 16.43 13.33 -7.32
C GLY A 863 15.64 14.46 -6.71
N SER A 864 16.31 15.51 -6.25
CA SER A 864 15.59 16.64 -5.68
C SER A 864 14.70 17.29 -6.73
N GLN A 865 13.80 18.14 -6.26
CA GLN A 865 12.84 18.84 -7.12
C GLN A 865 12.04 17.85 -7.96
N SER A 866 11.24 17.07 -7.26
CA SER A 866 10.26 16.23 -7.92
C SER A 866 8.99 17.04 -8.11
N THR A 867 8.45 17.01 -9.31
CA THR A 867 7.39 17.93 -9.66
C THR A 867 6.03 17.25 -9.65
N ILE A 868 4.99 18.07 -9.56
CA ILE A 868 3.61 17.58 -9.70
C ILE A 868 2.90 18.49 -10.70
N ASP A 869 2.46 17.89 -11.81
CA ASP A 869 1.91 18.65 -12.92
C ASP A 869 0.60 19.30 -12.53
N MET A 870 0.29 20.43 -13.17
CA MET A 870 -0.96 21.09 -12.84
C MET A 870 -1.63 21.75 -14.05
N ARG A 871 -1.09 21.58 -15.24
CA ARG A 871 -1.66 22.18 -16.44
C ARG A 871 -2.60 21.20 -17.14
N SER A 872 -3.53 20.65 -16.38
CA SER A 872 -4.59 19.80 -16.93
C SER A 872 -5.79 20.70 -17.16
N ALA A 873 -6.05 21.03 -18.43
CA ALA A 873 -7.00 22.08 -18.77
C ALA A 873 -8.40 21.82 -18.25
N TYR A 874 -8.74 20.57 -17.95
CA TYR A 874 -10.10 20.24 -17.54
C TYR A 874 -10.26 20.18 -16.03
N ALA A 875 -9.19 19.92 -15.29
CA ALA A 875 -9.34 19.78 -13.84
C ALA A 875 -9.54 21.10 -13.14
N TRP A 876 -9.45 22.21 -13.85
CA TRP A 876 -9.71 23.51 -13.27
C TRP A 876 -11.21 23.79 -13.31
N SER A 877 -11.62 24.97 -12.86
CA SER A 877 -13.02 25.36 -12.93
C SER A 877 -13.17 26.79 -12.44
N LEU A 878 -14.38 27.33 -12.46
CA LEU A 878 -14.56 28.69 -11.99
C LEU A 878 -14.21 28.81 -10.52
N ALA A 879 -13.95 30.04 -10.10
CA ALA A 879 -13.43 30.30 -8.78
C ALA A 879 -14.28 31.34 -8.07
N SER A 880 -14.36 31.23 -6.76
CA SER A 880 -15.04 32.26 -5.99
C SER A 880 -14.30 33.57 -6.15
N THR A 881 -15.03 34.66 -5.96
CA THR A 881 -14.39 35.96 -6.09
C THR A 881 -13.36 36.14 -5.01
N PRO A 882 -12.15 36.56 -5.33
CA PRO A 882 -11.05 36.54 -4.37
C PRO A 882 -10.98 37.78 -3.49
N PHE A 883 -10.24 37.63 -2.41
CA PHE A 883 -9.78 38.74 -1.58
C PHE A 883 -8.36 39.09 -1.98
N ILE A 884 -7.94 40.30 -1.65
CA ILE A 884 -6.59 40.69 -2.07
C ILE A 884 -5.66 40.94 -0.89
N THR A 885 -5.94 41.98 -0.11
CA THR A 885 -4.95 42.32 0.90
C THR A 885 -5.17 41.55 2.19
N SER A 886 -6.42 41.40 2.59
CA SER A 886 -6.77 40.76 3.84
C SER A 886 -8.13 40.10 3.67
N ILE A 887 -8.75 39.74 4.78
CA ILE A 887 -10.08 39.16 4.74
C ILE A 887 -11.08 40.29 4.94
N ASN A 888 -10.63 41.53 4.71
CA ASN A 888 -11.41 42.71 5.01
C ASN A 888 -11.61 43.63 3.81
N ASP A 889 -10.97 43.37 2.68
CA ASP A 889 -11.10 44.23 1.51
C ASP A 889 -12.13 43.68 0.53
N ASN A 890 -12.84 44.60 -0.12
CA ASN A 890 -13.85 44.22 -1.09
C ASN A 890 -13.51 44.79 -2.45
N THR A 891 -12.25 44.66 -2.86
CA THR A 891 -11.86 45.10 -4.19
C THR A 891 -12.67 44.38 -5.26
N PHE A 892 -12.99 43.10 -5.03
CA PHE A 892 -13.74 42.32 -5.99
C PHE A 892 -15.13 41.95 -5.48
N ASN A 893 -15.66 42.73 -4.55
CA ASN A 893 -16.98 42.48 -3.98
C ASN A 893 -17.04 41.13 -3.29
N ALA A 894 -15.91 40.66 -2.78
CA ALA A 894 -15.81 39.30 -2.26
C ALA A 894 -16.62 39.09 -1.00
N ASN A 895 -16.98 40.15 -0.29
CA ASN A 895 -17.80 40.04 0.90
C ASN A 895 -19.25 40.39 0.66
N SER A 896 -19.59 40.96 -0.49
CA SER A 896 -20.98 41.30 -0.78
C SER A 896 -21.80 40.03 -0.81
N ASN A 897 -22.76 39.92 0.10
CA ASN A 897 -23.59 38.74 0.19
C ASN A 897 -24.79 38.78 -0.73
N THR A 898 -25.05 39.93 -1.36
CA THR A 898 -26.15 40.05 -2.31
C THR A 898 -25.72 39.45 -3.64
N LEU A 899 -26.48 39.75 -4.69
CA LEU A 899 -26.10 39.38 -6.04
C LEU A 899 -24.96 40.23 -6.56
N GLU A 900 -24.53 41.25 -5.80
CA GLU A 900 -23.41 42.10 -6.18
C GLU A 900 -22.11 41.40 -5.84
N TYR A 901 -21.97 40.15 -6.27
CA TYR A 901 -20.87 39.30 -5.89
C TYR A 901 -19.97 38.95 -7.05
N GLY A 902 -20.52 38.84 -8.24
CA GLY A 902 -19.73 38.53 -9.40
C GLY A 902 -19.73 39.66 -10.40
N PHE A 903 -20.13 40.86 -9.96
CA PHE A 903 -20.11 42.02 -10.84
C PHE A 903 -18.75 42.21 -11.49
N LYS A 904 -17.69 41.95 -10.74
CA LYS A 904 -16.33 42.03 -11.26
C LYS A 904 -15.81 40.65 -11.64
N ARG A 905 -16.44 40.01 -12.62
CA ARG A 905 -15.92 38.76 -13.17
C ARG A 905 -15.89 38.89 -14.68
N ALA A 906 -14.70 38.98 -15.26
CA ALA A 906 -14.55 39.06 -16.70
C ALA A 906 -14.67 37.67 -17.30
N LYS A 907 -14.34 37.53 -18.58
CA LYS A 907 -14.71 36.34 -19.35
C LYS A 907 -13.53 35.40 -19.53
N LEU A 908 -12.76 35.14 -18.48
CA LEU A 908 -11.67 34.19 -18.57
C LEU A 908 -12.11 32.87 -19.16
N SER A 909 -11.28 32.31 -20.05
CA SER A 909 -11.57 31.03 -20.69
C SER A 909 -10.27 30.26 -20.75
N TRP A 910 -10.21 29.15 -20.02
CA TRP A 910 -9.04 28.31 -19.97
C TRP A 910 -9.25 27.10 -20.89
N TYR A 911 -8.16 26.65 -21.50
CA TYR A 911 -8.29 25.60 -22.50
C TYR A 911 -6.93 25.13 -22.98
N THR A 912 -6.93 24.23 -23.96
CA THR A 912 -5.76 23.94 -24.76
C THR A 912 -6.23 23.74 -26.18
N ILE A 913 -5.54 24.33 -27.14
CA ILE A 913 -5.92 24.14 -28.53
C ILE A 913 -5.75 22.68 -28.88
N ASP A 914 -6.85 22.00 -29.16
CA ASP A 914 -6.79 20.58 -29.43
C ASP A 914 -5.99 20.33 -30.70
N PRO A 915 -5.46 19.12 -30.87
CA PRO A 915 -4.58 18.85 -32.01
C PRO A 915 -5.30 18.81 -33.34
N VAL A 916 -6.63 18.88 -33.36
CA VAL A 916 -7.32 18.88 -34.65
C VAL A 916 -6.97 20.13 -35.43
N PHE A 917 -6.89 21.28 -34.75
CA PHE A 917 -6.56 22.53 -35.44
C PHE A 917 -5.22 22.42 -36.14
N TYR A 918 -4.23 21.84 -35.48
CA TYR A 918 -2.89 21.81 -36.05
C TYR A 918 -2.76 20.72 -37.11
N SER A 919 -3.21 19.51 -36.79
CA SER A 919 -3.08 18.41 -37.73
C SER A 919 -4.00 18.56 -38.92
N SER A 920 -5.31 18.52 -38.70
CA SER A 920 -6.29 18.52 -39.78
C SER A 920 -7.19 19.73 -39.61
N LYS A 921 -6.82 20.83 -40.27
CA LYS A 921 -7.49 22.11 -40.13
C LYS A 921 -8.98 22.00 -40.38
N PRO A 922 -9.81 22.15 -39.34
CA PRO A 922 -11.25 22.20 -39.56
C PRO A 922 -11.60 23.40 -40.43
N SER A 923 -12.63 23.20 -41.24
CA SER A 923 -13.05 24.20 -42.22
C SER A 923 -13.36 25.54 -41.57
N GLY A 924 -12.53 26.54 -41.82
CA GLY A 924 -12.78 27.87 -41.30
C GLY A 924 -11.54 28.55 -40.73
N ILE A 925 -10.64 27.78 -40.13
CA ILE A 925 -9.43 28.34 -39.54
C ILE A 925 -8.36 28.42 -40.62
N SER A 926 -8.09 29.63 -41.09
CA SER A 926 -6.99 29.82 -42.01
C SER A 926 -5.69 29.40 -41.35
N ASN A 927 -4.68 29.15 -42.17
CA ASN A 927 -3.40 28.77 -41.63
C ASN A 927 -2.66 29.97 -41.04
N ASP A 928 -3.14 31.19 -41.29
CA ASP A 928 -2.65 32.38 -40.61
C ASP A 928 -3.26 32.55 -39.23
N ASP A 929 -4.14 31.64 -38.82
CA ASP A 929 -4.70 31.64 -37.47
C ASP A 929 -3.94 30.72 -36.54
N LEU A 930 -3.34 29.67 -37.07
CA LEU A 930 -2.54 28.73 -36.31
C LEU A 930 -1.10 29.18 -36.18
N SER A 931 -0.83 30.48 -36.31
CA SER A 931 0.54 30.93 -36.39
C SER A 931 0.83 32.24 -35.68
N LEU A 932 -0.10 32.78 -34.88
CA LEU A 932 0.09 34.11 -34.34
C LEU A 932 0.55 34.10 -32.89
N ASN A 933 1.32 33.07 -32.50
CA ASN A 933 2.12 33.10 -31.28
C ASN A 933 1.29 32.97 -30.01
N THR A 934 -0.03 33.02 -30.13
CA THR A 934 -0.90 32.57 -29.05
C THR A 934 -1.55 31.26 -29.39
N THR A 935 -1.40 30.77 -30.62
CA THR A 935 -1.88 29.47 -31.05
C THR A 935 -0.83 28.94 -32.02
N ARG A 936 0.17 28.21 -31.53
CA ARG A 936 1.26 27.81 -32.40
C ARG A 936 1.70 26.36 -32.29
N ARG A 937 1.19 25.59 -31.33
CA ARG A 937 1.69 24.24 -31.12
C ARG A 937 3.18 24.26 -30.77
N ILE A 938 3.45 24.80 -29.58
CA ILE A 938 4.82 24.88 -29.10
C ILE A 938 5.44 23.49 -29.04
N TYR A 939 6.47 23.28 -29.85
CA TYR A 939 7.22 22.05 -29.76
C TYR A 939 8.08 22.06 -28.51
N SER A 940 8.45 20.88 -28.04
CA SER A 940 9.34 20.81 -26.90
C SER A 940 10.75 21.24 -27.25
N ARG A 941 11.08 21.31 -28.54
CA ARG A 941 12.36 21.83 -28.99
C ARG A 941 12.49 23.33 -28.81
N GLU A 942 11.46 24.01 -28.32
CA GLU A 942 11.56 25.41 -27.97
C GLU A 942 11.77 25.60 -26.48
N LEU A 943 10.91 25.01 -25.65
CA LEU A 943 11.10 25.10 -24.21
C LEU A 943 12.39 24.41 -23.80
N TYR A 944 12.53 23.13 -24.13
CA TYR A 944 13.59 22.29 -23.62
C TYR A 944 14.47 21.85 -24.77
N PRO A 945 15.25 22.76 -25.34
CA PRO A 945 16.12 22.38 -26.46
C PRO A 945 17.22 21.42 -26.07
N ASN A 946 17.50 21.26 -24.78
CA ASN A 946 18.53 20.34 -24.31
C ASN A 946 17.98 18.96 -23.97
N THR A 947 16.68 18.82 -23.79
CA THR A 947 16.12 17.52 -23.47
C THR A 947 15.99 16.69 -24.73
N ASP A 948 16.20 15.39 -24.58
CA ASP A 948 16.17 14.46 -25.70
C ASP A 948 14.86 13.68 -25.61
N ILE A 949 13.86 14.16 -26.33
CA ILE A 949 12.57 13.47 -26.35
C ILE A 949 12.75 12.10 -27.00
N ALA A 950 12.06 11.11 -26.45
CA ALA A 950 12.12 9.78 -27.03
C ALA A 950 11.51 9.79 -28.42
N GLN A 951 11.75 8.71 -29.15
CA GLN A 951 11.19 8.57 -30.48
C GLN A 951 9.78 8.03 -30.40
N GLY A 952 8.90 8.59 -31.21
CA GLY A 952 7.51 8.19 -31.23
C GLY A 952 6.67 8.75 -30.11
N GLN A 953 7.27 9.42 -29.13
CA GLN A 953 6.51 10.00 -28.03
C GLN A 953 6.13 11.43 -28.36
N ILE A 954 5.42 12.06 -27.41
CA ILE A 954 4.80 13.35 -27.67
C ILE A 954 5.85 14.43 -27.70
N GLN A 955 6.21 14.86 -28.90
CA GLN A 955 7.18 15.93 -29.10
C GLN A 955 6.60 17.30 -28.82
N VAL A 956 5.29 17.39 -28.64
CA VAL A 956 4.56 18.65 -28.61
C VAL A 956 4.31 19.03 -27.16
N VAL A 957 4.73 20.22 -26.78
CA VAL A 957 4.47 20.74 -25.43
C VAL A 957 3.06 21.29 -25.39
N ASN A 958 2.16 20.57 -24.75
CA ASN A 958 0.85 21.12 -24.49
C ASN A 958 0.97 22.35 -23.61
N THR A 959 -0.11 23.12 -23.55
CA THR A 959 -0.11 24.33 -22.74
C THR A 959 -1.37 24.32 -21.90
N LEU A 960 -1.64 25.44 -21.24
CA LEU A 960 -2.83 25.62 -20.41
C LEU A 960 -3.35 27.03 -20.67
N ASP A 961 -3.65 27.34 -21.93
CA ASP A 961 -3.90 28.71 -22.31
C ASP A 961 -5.04 29.33 -21.52
N LEU A 962 -4.89 30.60 -21.18
CA LEU A 962 -5.70 31.30 -20.19
C LEU A 962 -6.33 32.56 -20.73
N THR A 963 -7.03 32.48 -21.86
CA THR A 963 -7.42 33.69 -22.57
C THR A 963 -8.36 34.53 -21.73
N TYR A 964 -7.93 35.72 -21.37
CA TYR A 964 -8.66 36.57 -20.43
C TYR A 964 -9.21 37.77 -21.17
N TYR A 965 -10.51 37.98 -21.05
CA TYR A 965 -11.26 39.03 -21.71
C TYR A 965 -11.77 39.94 -20.61
N PRO A 966 -11.08 41.02 -20.28
CA PRO A 966 -11.56 41.86 -19.18
C PRO A 966 -12.56 42.90 -19.63
N GLY A 967 -13.45 42.55 -20.54
CA GLY A 967 -14.52 43.45 -20.92
C GLY A 967 -15.74 42.68 -21.35
N GLU A 968 -15.74 41.38 -21.17
CA GLU A 968 -16.71 40.50 -21.80
C GLU A 968 -17.76 39.95 -20.85
N ARG A 969 -17.88 40.51 -19.66
CA ARG A 969 -18.97 40.30 -18.72
C ARG A 969 -18.86 38.94 -18.05
N GLY A 970 -17.99 38.05 -18.52
CA GLY A 970 -17.79 36.77 -17.91
C GLY A 970 -19.06 35.97 -17.74
N PRO A 971 -18.97 34.88 -17.01
CA PRO A 971 -20.16 34.17 -16.56
C PRO A 971 -20.86 34.95 -15.47
N TYR A 972 -21.73 34.27 -14.73
CA TYR A 972 -22.87 34.80 -14.02
C TYR A 972 -22.59 36.11 -13.30
N ASN A 973 -23.20 37.19 -13.79
CA ASN A 973 -23.31 38.41 -13.00
C ASN A 973 -24.27 39.37 -13.66
N ASN A 974 -25.21 39.86 -12.87
CA ASN A 974 -26.16 40.85 -13.36
C ASN A 974 -25.60 42.25 -13.17
N ASN A 975 -24.39 42.47 -13.65
CA ASN A 975 -23.77 43.78 -13.46
C ASN A 975 -24.55 44.78 -14.29
N PRO A 976 -25.21 45.75 -13.68
CA PRO A 976 -26.06 46.66 -14.44
C PRO A 976 -25.26 47.51 -15.40
N SER A 977 -24.21 48.16 -14.92
CA SER A 977 -23.47 49.07 -15.80
C SER A 977 -22.47 48.31 -16.66
N PHE A 978 -21.40 47.80 -16.03
CA PHE A 978 -20.31 47.09 -16.70
C PHE A 978 -19.80 47.83 -17.95
N GLY A 979 -19.97 49.15 -17.99
CA GLY A 979 -19.54 49.93 -19.14
C GLY A 979 -18.65 51.06 -18.69
N ALA A 980 -18.83 51.47 -17.43
CA ALA A 980 -17.94 52.43 -16.80
C ALA A 980 -16.90 51.77 -15.93
N SER A 981 -17.11 50.51 -15.55
CA SER A 981 -16.13 49.77 -14.78
C SER A 981 -14.83 49.69 -15.55
N ASN A 982 -13.78 50.28 -15.00
CA ASN A 982 -12.47 50.21 -15.63
C ASN A 982 -12.05 48.75 -15.72
N PRO A 983 -11.75 48.22 -16.90
CA PRO A 983 -11.46 46.79 -17.03
C PRO A 983 -10.27 46.33 -16.21
N SER A 984 -9.46 47.24 -15.69
CA SER A 984 -8.39 46.88 -14.77
C SER A 984 -8.90 46.59 -13.37
N ALA A 985 -10.22 46.56 -13.17
CA ALA A 985 -10.78 46.21 -11.88
C ALA A 985 -11.38 44.81 -11.85
N ASN A 986 -11.66 44.22 -13.01
CA ASN A 986 -12.30 42.92 -13.07
C ASN A 986 -11.25 41.83 -12.98
N PHE A 987 -11.65 40.66 -12.50
CA PHE A 987 -10.77 39.51 -12.51
C PHE A 987 -11.34 38.43 -13.42
N GLY A 988 -10.63 37.33 -13.47
CA GLY A 988 -11.09 36.10 -14.08
C GLY A 988 -10.38 35.00 -13.33
N GLY A 989 -11.14 34.05 -12.80
CA GLY A 989 -10.59 33.13 -11.82
C GLY A 989 -10.77 31.68 -12.24
N ILE A 990 -9.87 30.85 -11.73
CA ILE A 990 -9.85 29.43 -12.02
C ILE A 990 -9.25 28.71 -10.83
N MET A 991 -10.00 27.79 -10.22
CA MET A 991 -9.49 27.08 -9.07
C MET A 991 -9.44 25.59 -9.35
N ARG A 992 -8.50 24.93 -8.71
CA ARG A 992 -8.26 23.51 -8.80
C ARG A 992 -8.48 22.92 -7.42
N ALA A 993 -8.22 21.63 -7.26
CA ALA A 993 -8.20 20.98 -5.97
C ALA A 993 -6.97 20.09 -5.91
N LEU A 994 -6.05 20.40 -5.02
CA LEU A 994 -4.78 19.68 -4.99
C LEU A 994 -4.98 18.26 -4.46
N ASN A 995 -4.32 17.31 -5.11
CA ASN A 995 -4.49 15.91 -4.73
C ASN A 995 -3.88 15.62 -3.38
N SER A 996 -2.82 16.35 -3.01
CA SER A 996 -2.08 16.09 -1.78
C SER A 996 -1.93 17.39 -1.02
N THR A 997 -2.51 17.42 0.17
CA THR A 997 -2.35 18.51 1.12
C THR A 997 -1.01 18.37 1.82
N ASN A 998 -0.87 19.00 2.99
CA ASN A 998 0.31 18.99 3.87
C ASN A 998 1.62 19.16 3.11
N PHE A 999 1.80 20.36 2.57
CA PHE A 999 3.08 20.74 1.96
C PHE A 999 4.25 20.64 2.91
N GLU A 1000 4.03 20.54 4.22
CA GLU A 1000 5.15 20.26 5.12
C GLU A 1000 5.78 18.93 4.78
N GLN A 1001 5.02 17.85 4.91
CA GLN A 1001 5.61 16.54 4.69
C GLN A 1001 5.59 16.15 3.22
N GLY A 1002 5.07 17.01 2.35
CA GLY A 1002 5.27 16.83 0.93
C GLY A 1002 6.50 17.56 0.47
N ASN A 1003 6.86 18.62 1.20
CA ASN A 1003 7.99 19.48 0.90
C ASN A 1003 7.78 20.23 -0.42
N VAL A 1004 6.55 20.62 -0.70
CA VAL A 1004 6.33 21.51 -1.84
C VAL A 1004 7.00 22.84 -1.56
N GLU A 1005 7.80 23.30 -2.49
CA GLU A 1005 8.52 24.56 -2.32
C GLU A 1005 8.15 25.58 -3.36
N TYR A 1006 8.14 25.23 -4.65
CA TYR A 1006 7.99 26.23 -5.68
C TYR A 1006 6.76 25.98 -6.52
N ILE A 1007 6.22 27.06 -7.05
CA ILE A 1007 5.25 27.02 -8.13
C ILE A 1007 6.01 27.45 -9.36
N GLN A 1008 6.40 26.49 -10.19
CA GLN A 1008 7.09 26.81 -11.42
C GLN A 1008 6.11 26.96 -12.56
N PHE A 1009 6.49 27.77 -13.54
CA PHE A 1009 5.75 27.78 -14.79
C PHE A 1009 6.50 28.60 -15.83
N TRP A 1010 6.18 28.31 -17.09
CA TRP A 1010 6.87 28.86 -18.25
C TRP A 1010 5.85 29.64 -19.06
N VAL A 1011 5.83 30.96 -18.94
CA VAL A 1011 4.85 31.77 -19.63
C VAL A 1011 5.49 32.39 -20.86
N LEU A 1012 4.80 32.34 -21.99
CA LEU A 1012 5.21 33.13 -23.13
C LEU A 1012 5.28 34.58 -22.71
N ASP A 1013 6.33 35.27 -23.14
CA ASP A 1013 6.27 36.70 -22.94
C ASP A 1013 5.17 37.21 -23.86
N PRO A 1014 4.02 37.63 -23.32
CA PRO A 1014 2.90 37.99 -24.19
C PRO A 1014 3.14 39.22 -25.04
N TYR A 1015 4.26 39.91 -24.87
CA TYR A 1015 4.54 41.11 -25.65
C TYR A 1015 5.69 40.77 -26.59
N VAL A 1016 5.36 40.10 -27.69
CA VAL A 1016 6.34 39.65 -28.67
C VAL A 1016 5.61 39.46 -29.99
N GLY A 1017 6.37 39.41 -31.08
CA GLY A 1017 5.79 39.61 -32.40
C GLY A 1017 4.75 38.56 -32.76
N ASN A 1018 3.83 38.97 -33.63
CA ASN A 1018 2.86 38.11 -34.29
C ASN A 1018 1.74 37.65 -33.38
N GLY A 1019 1.84 37.92 -32.09
CA GLY A 1019 0.74 37.68 -31.17
C GLY A 1019 0.73 38.72 -30.07
N GLU A 1020 1.49 39.78 -30.29
CA GLU A 1020 1.82 40.73 -29.23
C GLU A 1020 0.60 41.39 -28.64
N SER A 1021 0.31 41.10 -27.40
CA SER A 1021 -0.62 41.93 -26.67
C SER A 1021 -0.07 43.34 -26.65
N PRO A 1022 -0.86 44.35 -26.99
CA PRO A 1022 -0.35 45.71 -26.98
C PRO A 1022 0.08 46.09 -25.57
N ALA A 1023 1.24 46.73 -25.48
CA ALA A 1023 1.79 47.06 -24.17
C ALA A 1023 0.86 48.01 -23.44
N THR A 1024 1.21 48.27 -22.18
CA THR A 1024 0.41 49.02 -21.21
C THR A 1024 -0.76 48.21 -20.66
N ASN A 1025 -0.83 46.91 -20.97
CA ASN A 1025 -1.71 46.06 -20.18
C ASN A 1025 -1.28 46.05 -18.73
N ALA A 1026 -0.10 45.49 -18.45
CA ALA A 1026 0.56 45.58 -17.16
C ALA A 1026 -0.36 45.06 -16.04
N GLY A 1027 -0.64 43.77 -16.13
CA GLY A 1027 -1.56 43.14 -15.22
C GLY A 1027 -0.88 42.44 -14.08
N LYS A 1028 -1.63 41.52 -13.45
CA LYS A 1028 -1.21 40.95 -12.18
C LYS A 1028 -1.92 39.60 -12.06
N ILE A 1029 -1.16 38.53 -12.16
CA ILE A 1029 -1.72 37.20 -11.94
C ILE A 1029 -1.57 36.84 -10.48
N TYR A 1030 -2.56 36.17 -9.91
CA TYR A 1030 -2.54 35.79 -8.52
C TYR A 1030 -2.70 34.29 -8.38
N PHE A 1031 -2.03 33.74 -7.37
CA PHE A 1031 -1.94 32.30 -7.13
C PHE A 1031 -2.37 31.96 -5.72
N ASN A 1032 -3.60 32.33 -5.33
CA ASN A 1032 -4.07 31.98 -3.99
C ASN A 1032 -3.88 30.50 -3.75
N LEU A 1033 -2.97 30.14 -2.86
CA LEU A 1033 -2.61 28.75 -2.62
C LEU A 1033 -2.90 28.47 -1.16
N GLY A 1034 -4.13 28.14 -0.86
CA GLY A 1034 -4.58 28.14 0.51
C GLY A 1034 -5.61 27.09 0.83
N GLU A 1035 -6.71 27.53 1.40
CA GLU A 1035 -7.90 26.72 1.64
C GLU A 1035 -9.12 27.49 1.13
N ILE A 1036 -9.00 27.96 -0.10
CA ILE A 1036 -9.95 28.83 -0.79
C ILE A 1036 -11.39 28.35 -0.65
N SER A 1037 -12.32 29.30 -0.54
CA SER A 1037 -13.74 28.97 -0.59
C SER A 1037 -14.05 28.16 -1.83
N GLU A 1038 -15.09 27.35 -1.74
CA GLU A 1038 -15.47 26.49 -2.85
C GLU A 1038 -16.88 26.81 -3.33
N ASP A 1039 -17.46 27.90 -2.87
CA ASP A 1039 -18.79 28.33 -3.25
C ASP A 1039 -18.65 29.35 -4.36
N VAL A 1040 -18.76 28.88 -5.61
CA VAL A 1040 -18.65 29.78 -6.75
C VAL A 1040 -19.73 30.85 -6.69
N LEU A 1041 -20.99 30.44 -6.73
CA LEU A 1041 -22.12 31.33 -6.53
C LEU A 1041 -22.38 31.46 -5.04
N LYS A 1042 -22.00 32.60 -4.48
CA LYS A 1042 -22.09 32.80 -3.03
C LYS A 1042 -23.55 32.80 -2.62
N ASP A 1043 -23.99 31.68 -2.08
CA ASP A 1043 -25.30 31.56 -1.50
C ASP A 1043 -25.30 30.85 -0.15
N GLY A 1044 -24.28 30.06 0.15
CA GLY A 1044 -24.31 29.17 1.27
C GLY A 1044 -24.84 27.79 0.95
N ARG A 1045 -25.35 27.59 -0.26
CA ARG A 1045 -25.98 26.34 -0.65
C ARG A 1045 -25.19 25.70 -1.77
N LYS A 1046 -25.08 24.38 -1.69
CA LYS A 1046 -24.36 23.61 -2.68
C LYS A 1046 -25.18 23.47 -3.94
N GLN A 1047 -24.67 23.98 -5.04
CA GLN A 1047 -25.26 23.75 -6.34
C GLN A 1047 -24.71 22.47 -6.94
N TYR A 1048 -25.53 21.80 -7.73
CA TYR A 1048 -25.03 20.73 -8.58
C TYR A 1048 -26.07 20.46 -9.63
N GLU A 1049 -25.69 20.56 -10.90
CA GLU A 1049 -26.67 20.49 -11.98
C GLU A 1049 -27.06 19.06 -12.29
N ASN A 1050 -26.82 18.15 -11.35
CA ASN A 1050 -27.21 16.76 -11.46
C ASN A 1050 -28.63 16.53 -10.99
N GLY A 1051 -29.03 17.22 -9.93
CA GLY A 1051 -30.31 16.94 -9.30
C GLY A 1051 -31.37 17.96 -9.62
N LEU A 1052 -31.24 18.63 -10.75
CA LEU A 1052 -32.23 19.59 -11.19
C LEU A 1052 -33.28 18.90 -12.06
N GLY A 1053 -34.31 19.66 -12.40
CA GLY A 1053 -35.38 19.14 -13.22
C GLY A 1053 -36.72 19.68 -12.82
N PRO A 1054 -37.77 19.29 -13.55
CA PRO A 1054 -39.11 19.77 -13.22
C PRO A 1054 -39.74 18.98 -12.08
N ASP A 1055 -39.50 17.68 -12.05
CA ASP A 1055 -40.08 16.81 -11.05
C ASP A 1055 -39.18 16.58 -9.86
N GLN A 1056 -38.31 17.54 -9.56
CA GLN A 1056 -37.52 17.54 -8.34
C GLN A 1056 -38.01 18.67 -7.44
N VAL A 1057 -37.53 18.66 -6.20
CA VAL A 1057 -37.90 19.67 -5.23
C VAL A 1057 -36.68 20.54 -4.96
N MET A 1058 -36.79 21.82 -5.29
CA MET A 1058 -35.76 22.79 -4.99
C MET A 1058 -36.14 23.52 -3.71
N VAL A 1059 -35.23 24.37 -3.24
CA VAL A 1059 -35.52 25.17 -2.07
C VAL A 1059 -36.69 26.09 -2.40
N ASN A 1060 -37.48 26.44 -1.37
CA ASN A 1060 -38.67 27.25 -1.64
C ASN A 1060 -38.30 28.66 -2.10
N PRO A 1061 -37.66 29.49 -1.28
CA PRO A 1061 -37.13 30.74 -1.82
C PRO A 1061 -35.91 30.43 -2.68
N GLN A 1062 -35.91 30.92 -3.92
CA GLN A 1062 -34.78 30.66 -4.79
C GLN A 1062 -33.51 31.22 -4.16
N PRO A 1063 -32.41 30.49 -4.23
CA PRO A 1063 -31.21 30.89 -3.50
C PRO A 1063 -30.44 32.04 -4.16
N LEU A 1064 -31.14 33.06 -4.64
CA LEU A 1064 -30.51 34.31 -5.03
C LEU A 1064 -29.68 34.19 -6.30
N TRP A 1065 -29.48 32.97 -6.78
CA TRP A 1065 -28.67 32.72 -7.96
C TRP A 1065 -29.32 31.77 -8.94
N GLY A 1066 -30.30 30.98 -8.51
CA GLY A 1066 -30.89 29.99 -9.39
C GLY A 1066 -31.91 29.13 -8.70
N ASP A 1067 -31.82 27.81 -8.91
CA ASP A 1067 -32.80 26.85 -8.43
C ASP A 1067 -32.11 25.67 -7.77
N VAL A 1068 -31.23 25.97 -6.83
CA VAL A 1068 -30.44 24.98 -6.10
C VAL A 1068 -31.33 23.84 -5.60
N PRO A 1069 -31.11 22.62 -6.06
CA PRO A 1069 -31.99 21.51 -5.65
C PRO A 1069 -31.86 21.25 -4.16
N ALA A 1070 -33.00 21.08 -3.50
CA ALA A 1070 -33.02 20.87 -2.05
C ALA A 1070 -33.10 19.39 -1.73
N SER A 1071 -32.06 18.67 -2.12
CA SER A 1071 -31.95 17.24 -1.84
C SER A 1071 -30.46 16.91 -1.75
N GLN A 1072 -30.08 16.19 -0.71
CA GLN A 1072 -28.68 15.86 -0.53
C GLN A 1072 -28.22 14.95 -1.66
N SER A 1073 -27.16 15.37 -2.35
CA SER A 1073 -26.66 14.62 -3.49
C SER A 1073 -26.17 13.25 -3.05
N LEU A 1074 -26.19 12.32 -3.99
CA LEU A 1074 -25.67 10.97 -3.75
C LEU A 1074 -24.45 10.69 -4.61
N ILE A 1075 -24.57 10.83 -5.93
CA ILE A 1075 -23.43 10.73 -6.82
C ILE A 1075 -23.51 11.87 -7.83
N TYR A 1076 -22.35 12.37 -8.23
CA TYR A 1076 -22.27 13.47 -9.19
C TYR A 1076 -22.19 12.87 -10.58
N ALA A 1077 -23.36 12.54 -11.13
CA ALA A 1077 -23.38 11.91 -12.43
C ALA A 1077 -24.80 11.92 -12.98
N PHE A 1078 -24.95 12.36 -14.22
CA PHE A 1078 -26.25 12.43 -14.86
C PHE A 1078 -26.78 11.03 -15.13
N ASP A 1079 -28.01 10.97 -15.65
CA ASP A 1079 -28.51 9.76 -16.26
C ASP A 1079 -27.95 9.66 -17.67
N THR A 1080 -28.51 8.77 -18.48
CA THR A 1080 -28.21 8.70 -19.89
C THR A 1080 -29.48 8.85 -20.72
N ASN A 1081 -30.37 9.71 -20.26
CA ASN A 1081 -31.60 10.05 -20.94
C ASN A 1081 -31.49 11.44 -21.54
N PRO A 1082 -31.69 11.59 -22.82
CA PRO A 1082 -31.45 12.89 -23.47
C PRO A 1082 -32.40 13.97 -23.00
N ASP A 1083 -33.70 13.64 -22.97
CA ASP A 1083 -34.71 14.63 -22.61
C ASP A 1083 -34.69 14.94 -21.12
N ASN A 1084 -34.01 14.15 -20.32
CA ASN A 1084 -33.81 14.50 -18.91
C ASN A 1084 -32.55 15.31 -18.73
N ARG A 1085 -31.47 14.93 -19.42
CA ARG A 1085 -30.25 15.70 -19.29
C ARG A 1085 -30.40 17.10 -19.86
N LYS A 1086 -31.28 17.27 -20.86
CA LYS A 1086 -31.49 18.62 -21.40
C LYS A 1086 -32.00 19.57 -20.34
N ASN A 1087 -32.77 19.07 -19.38
CA ASN A 1087 -33.20 19.89 -18.25
C ASN A 1087 -32.17 19.92 -17.15
N GLN A 1088 -31.36 18.88 -17.01
CA GLN A 1088 -30.37 18.88 -15.94
C GLN A 1088 -29.19 19.81 -16.23
N ASP A 1089 -28.43 19.57 -17.31
CA ASP A 1089 -27.21 20.36 -17.49
C ASP A 1089 -27.57 21.79 -17.90
N VAL A 1090 -27.66 22.66 -16.90
CA VAL A 1090 -28.28 23.96 -17.03
C VAL A 1090 -27.41 25.08 -16.50
N GLY A 1091 -26.22 24.77 -16.00
CA GLY A 1091 -25.30 25.73 -15.46
C GLY A 1091 -25.23 25.64 -13.95
N LEU A 1092 -24.55 26.61 -13.37
CA LEU A 1092 -24.56 26.79 -11.92
C LEU A 1092 -25.73 27.63 -11.47
N ASP A 1093 -26.78 27.69 -12.27
CA ASP A 1093 -28.02 28.37 -11.93
C ASP A 1093 -29.12 27.39 -11.55
N GLY A 1094 -29.38 26.42 -12.41
CA GLY A 1094 -30.66 25.77 -12.45
C GLY A 1094 -31.61 26.40 -13.44
N LEU A 1095 -31.22 27.50 -14.05
CA LEU A 1095 -32.09 28.26 -14.90
C LEU A 1095 -31.67 28.07 -16.34
N PRO A 1096 -32.54 27.53 -17.19
CA PRO A 1096 -32.07 27.09 -18.51
C PRO A 1096 -31.99 28.18 -19.55
N SER A 1097 -31.47 29.34 -19.19
CA SER A 1097 -31.24 30.46 -20.10
C SER A 1097 -32.52 31.02 -20.70
N SER A 1098 -33.68 30.47 -20.34
CA SER A 1098 -34.96 31.09 -20.63
C SER A 1098 -35.69 31.49 -19.36
N ARG A 1099 -35.32 30.93 -18.22
CA ARG A 1099 -35.76 31.40 -16.92
C ARG A 1099 -34.67 32.20 -16.22
N GLU A 1100 -33.56 32.48 -16.90
CA GLU A 1100 -32.47 33.27 -16.34
C GLU A 1100 -32.77 34.76 -16.38
N GLY A 1101 -33.66 35.20 -17.26
CA GLY A 1101 -34.01 36.60 -17.28
C GLY A 1101 -34.70 37.07 -16.01
N SER A 1102 -35.34 36.15 -15.29
CA SER A 1102 -36.03 36.53 -14.06
C SER A 1102 -35.06 36.99 -12.99
N ILE A 1103 -33.83 36.47 -13.01
CA ILE A 1103 -32.81 36.87 -12.06
C ILE A 1103 -31.85 37.89 -12.66
N TYR A 1104 -31.72 37.94 -13.98
CA TYR A 1104 -30.76 38.85 -14.60
C TYR A 1104 -31.43 39.94 -15.42
N GLY A 1115 -25.06 34.25 -17.95
CA GLY A 1115 -24.23 34.08 -19.14
C GLY A 1115 -23.41 32.82 -19.13
N ASP A 1116 -24.08 31.68 -18.98
CA ASP A 1116 -23.44 30.41 -18.73
C ASP A 1116 -23.34 29.52 -19.95
N ASP A 1117 -23.76 30.00 -21.11
CA ASP A 1117 -24.01 29.11 -22.23
C ASP A 1117 -22.70 28.55 -22.78
N TYR A 1118 -22.79 27.37 -23.38
CA TYR A 1118 -21.64 26.63 -23.88
C TYR A 1118 -21.68 26.53 -25.39
N THR A 1119 -20.52 26.70 -26.04
CA THR A 1119 -20.41 26.55 -27.48
C THR A 1119 -19.12 25.82 -27.81
N TYR A 1120 -19.26 24.69 -28.49
CA TYR A 1120 -18.14 23.80 -28.78
C TYR A 1120 -17.10 24.50 -29.64
N TYR A 1121 -15.83 24.18 -29.40
CA TYR A 1121 -14.74 24.90 -30.05
C TYR A 1121 -14.71 24.66 -31.54
N LEU A 1122 -15.06 23.45 -31.97
CA LEU A 1122 -15.07 23.09 -33.38
C LEU A 1122 -16.38 23.47 -34.04
N ASN A 1123 -17.31 24.05 -33.28
CA ASN A 1123 -18.61 24.50 -33.75
C ASN A 1123 -18.68 26.01 -33.88
N ALA A 1124 -18.15 26.75 -32.92
CA ALA A 1124 -18.10 28.19 -33.06
C ALA A 1124 -17.19 28.57 -34.22
N ASP A 1125 -17.32 29.81 -34.68
CA ASP A 1125 -16.54 30.30 -35.82
C ASP A 1125 -15.66 31.46 -35.39
N GLY A 1126 -14.45 31.49 -35.91
CA GLY A 1126 -13.45 32.48 -35.58
C GLY A 1126 -12.09 31.85 -35.55
N GLY A 1127 -11.11 32.60 -35.08
CA GLY A 1127 -9.78 32.07 -34.90
C GLY A 1127 -9.75 30.97 -33.86
N VAL A 1128 -8.59 30.34 -33.74
CA VAL A 1128 -8.45 29.29 -32.74
C VAL A 1128 -8.50 29.85 -31.33
N LEU A 1129 -8.16 31.12 -31.19
CA LEU A 1129 -8.24 31.80 -29.90
C LEU A 1129 -9.67 32.17 -29.54
N GLU A 1130 -10.57 32.22 -30.51
CA GLU A 1130 -11.92 32.69 -30.28
C GLU A 1130 -12.97 31.60 -30.38
N ARG A 1131 -12.66 30.47 -31.00
CA ARG A 1131 -13.56 29.34 -30.92
C ARG A 1131 -13.78 28.91 -29.48
N TYR A 1132 -12.74 29.02 -28.65
CA TYR A 1132 -12.80 28.69 -27.24
C TYR A 1132 -13.36 29.81 -26.41
N LYS A 1133 -14.01 30.79 -27.03
CA LYS A 1133 -14.55 31.94 -26.30
C LYS A 1133 -15.58 31.51 -25.27
N ASN A 1134 -16.35 30.46 -25.57
CA ASN A 1134 -17.40 30.00 -24.68
C ASN A 1134 -17.28 28.53 -24.36
N TYR A 1135 -16.12 27.93 -24.62
CA TYR A 1135 -15.95 26.50 -24.40
C TYR A 1135 -16.05 26.12 -22.94
N ASN A 1136 -15.91 27.09 -22.03
CA ASN A 1136 -15.85 26.81 -20.61
C ASN A 1136 -17.18 27.04 -19.90
N GLY A 1137 -18.23 27.36 -20.64
CA GLY A 1137 -19.53 27.55 -20.03
C GLY A 1137 -20.06 26.25 -19.47
N THR A 1138 -21.21 26.36 -18.81
CA THR A 1138 -21.75 25.22 -18.09
C THR A 1138 -23.09 24.70 -18.61
N GLU A 1139 -23.84 25.46 -19.38
CA GLU A 1139 -25.07 24.93 -19.98
C GLU A 1139 -24.73 24.12 -21.21
N GLY A 1140 -25.05 22.84 -21.19
CA GLY A 1140 -24.81 22.04 -22.35
C GLY A 1140 -23.40 21.56 -22.53
N ASN A 1141 -22.56 21.75 -21.53
CA ASN A 1141 -21.19 21.23 -21.58
C ASN A 1141 -21.12 19.75 -21.36
N SER A 1142 -22.26 19.07 -21.24
CA SER A 1142 -22.28 17.64 -21.04
C SER A 1142 -23.41 17.02 -21.83
N ALA A 1143 -23.59 17.46 -23.07
CA ALA A 1143 -24.61 16.87 -23.93
C ALA A 1143 -24.37 15.36 -24.09
N VAL A 1144 -25.45 14.64 -24.33
CA VAL A 1144 -25.38 13.20 -24.47
C VAL A 1144 -24.91 12.84 -25.88
N SER A 1145 -24.35 11.64 -26.03
CA SER A 1145 -24.22 11.05 -27.35
C SER A 1145 -23.33 11.87 -28.27
N ILE A 1146 -22.02 11.81 -28.10
CA ILE A 1146 -21.17 12.77 -28.79
C ILE A 1146 -21.18 12.48 -30.28
N ASN A 1147 -22.19 13.02 -30.94
CA ASN A 1147 -22.21 13.25 -32.38
C ASN A 1147 -22.90 14.55 -32.68
N ASP A 1148 -23.32 15.30 -31.65
CA ASP A 1148 -23.96 16.57 -31.82
C ASP A 1148 -22.99 17.56 -32.42
N PRO A 1149 -23.48 18.73 -32.83
CA PRO A 1149 -22.57 19.83 -33.16
C PRO A 1149 -22.03 20.57 -31.95
N ASN A 1150 -22.40 20.15 -30.75
CA ASN A 1150 -22.02 20.81 -29.51
C ASN A 1150 -21.58 19.79 -28.47
N ARG A 1151 -20.64 18.93 -28.83
CA ARG A 1151 -20.08 17.94 -27.93
C ARG A 1151 -19.70 18.54 -26.58
N GLY A 1152 -19.70 17.70 -25.56
CA GLY A 1152 -19.69 18.18 -24.20
C GLY A 1152 -18.41 18.74 -23.64
N SER A 1153 -17.34 17.95 -23.68
CA SER A 1153 -16.10 18.10 -22.93
C SER A 1153 -16.21 17.58 -21.51
N THR A 1154 -17.40 17.23 -21.02
CA THR A 1154 -17.53 16.51 -19.76
C THR A 1154 -18.78 15.65 -19.83
N THR A 1155 -18.86 14.70 -18.92
CA THR A 1155 -20.09 13.97 -18.68
C THR A 1155 -20.54 14.06 -17.24
N LEU A 1156 -19.78 14.74 -16.40
CA LEU A 1156 -19.92 15.07 -14.99
C LEU A 1156 -20.71 16.36 -14.83
N PRO A 1157 -21.61 16.42 -13.85
CA PRO A 1157 -22.34 17.66 -13.61
C PRO A 1157 -21.41 18.75 -13.12
N ASP A 1158 -21.93 19.97 -13.12
CA ASP A 1158 -21.18 21.12 -12.66
C ASP A 1158 -21.55 21.46 -11.23
N VAL A 1159 -21.08 20.60 -10.32
CA VAL A 1159 -21.30 20.83 -8.91
C VAL A 1159 -20.57 22.08 -8.46
N GLU A 1160 -20.95 22.57 -7.28
CA GLU A 1160 -20.14 23.55 -6.56
C GLU A 1160 -19.15 22.88 -5.64
N ASP A 1161 -18.71 21.67 -5.97
CA ASP A 1161 -17.76 20.91 -5.17
C ASP A 1161 -16.60 20.48 -6.06
N ILE A 1162 -15.44 21.08 -5.83
CA ILE A 1162 -14.29 20.84 -6.71
C ILE A 1162 -13.66 19.50 -6.41
N ASN A 1163 -13.20 19.30 -5.19
CA ASN A 1163 -12.36 18.17 -4.84
C ASN A 1163 -13.14 16.92 -4.46
N ARG A 1164 -14.44 16.87 -4.73
CA ARG A 1164 -15.24 15.67 -4.57
C ARG A 1164 -15.28 15.17 -3.13
N ASP A 1165 -15.05 16.05 -2.17
CA ASP A 1165 -15.21 15.70 -0.77
C ASP A 1165 -16.67 15.60 -0.36
N ASN A 1166 -17.60 15.89 -1.27
CA ASN A 1166 -19.04 15.87 -1.06
C ASN A 1166 -19.54 17.05 -0.24
N THR A 1167 -18.65 17.94 0.20
CA THR A 1167 -19.04 19.14 0.92
C THR A 1167 -18.39 20.34 0.24
N MET A 1168 -18.78 21.53 0.68
CA MET A 1168 -18.29 22.74 0.03
C MET A 1168 -17.08 23.36 0.72
N SER A 1169 -17.08 23.45 2.04
CA SER A 1169 -15.94 24.05 2.75
C SER A 1169 -15.75 25.51 2.37
N THR A 1170 -16.78 26.30 2.66
CA THR A 1170 -16.77 27.74 2.40
C THR A 1170 -15.93 28.45 3.47
N ILE A 1171 -14.61 28.23 3.40
CA ILE A 1171 -13.65 28.87 4.29
C ILE A 1171 -12.62 29.56 3.41
N ASN A 1172 -12.05 30.64 3.93
CA ASN A 1172 -11.08 31.42 3.19
C ASN A 1172 -9.81 31.52 4.03
N ALA A 1173 -8.78 30.77 3.64
CA ALA A 1173 -7.46 30.82 4.27
C ALA A 1173 -6.44 30.69 3.15
N TYR A 1174 -5.99 31.81 2.63
CA TYR A 1174 -5.23 31.83 1.40
C TYR A 1174 -3.76 31.97 1.70
N TYR A 1175 -3.00 32.12 0.61
CA TYR A 1175 -1.64 32.60 0.59
C TYR A 1175 -1.48 33.18 -0.81
N GLU A 1176 -1.47 34.50 -0.92
CA GLU A 1176 -1.37 35.08 -2.25
C GLU A 1176 0.05 35.01 -2.77
N TYR A 1177 0.16 34.98 -4.09
CA TYR A 1177 1.45 35.07 -4.77
C TYR A 1177 1.17 35.77 -6.09
N SER A 1178 1.65 36.98 -6.23
CA SER A 1178 1.22 37.86 -7.31
C SER A 1178 2.35 38.03 -8.32
N ILE A 1179 2.28 37.27 -9.40
CA ILE A 1179 3.12 37.54 -10.55
C ILE A 1179 2.68 38.85 -11.19
N ASP A 1180 3.64 39.64 -11.65
CA ASP A 1180 3.27 40.76 -12.49
C ASP A 1180 3.15 40.29 -13.93
N VAL A 1181 2.57 41.13 -14.77
CA VAL A 1181 2.66 40.89 -16.20
C VAL A 1181 2.91 42.22 -16.88
N LYS A 1182 4.17 42.50 -17.19
CA LYS A 1182 4.62 43.74 -17.78
C LYS A 1182 5.23 43.43 -19.14
N PRO A 1183 5.61 44.44 -19.91
CA PRO A 1183 6.38 44.20 -21.13
C PRO A 1183 7.88 44.10 -20.94
N GLY A 1184 8.38 44.25 -19.72
CA GLY A 1184 9.81 44.22 -19.48
C GLY A 1184 10.29 42.90 -18.93
N MET A 1185 10.45 42.81 -17.61
CA MET A 1185 10.70 41.55 -16.92
C MET A 1185 12.03 40.91 -17.33
N GLN A 1186 13.12 41.56 -16.92
CA GLN A 1186 14.39 40.86 -16.94
C GLN A 1186 14.41 39.82 -15.81
N VAL A 1187 15.53 39.10 -15.70
CA VAL A 1187 15.57 37.86 -14.94
C VAL A 1187 15.63 38.08 -13.44
N GLY A 1188 15.57 39.32 -12.98
CA GLY A 1188 15.74 39.54 -11.56
C GLY A 1188 14.48 39.69 -10.72
N GLU A 1189 13.53 40.53 -11.17
CA GLU A 1189 12.65 41.19 -10.22
C GLU A 1189 11.46 40.34 -9.73
N ASN A 1190 10.53 39.97 -10.61
CA ASN A 1190 9.28 39.43 -10.09
C ASN A 1190 9.48 38.09 -9.41
N TYR A 1191 9.60 37.03 -10.20
CA TYR A 1191 10.16 35.77 -9.73
C TYR A 1191 10.91 35.09 -10.87
N ILE A 1192 11.34 35.83 -11.88
CA ILE A 1192 11.86 35.21 -13.08
C ILE A 1192 13.13 34.44 -12.76
N THR A 1193 13.37 33.40 -13.51
CA THR A 1193 14.67 32.73 -13.41
C THR A 1193 15.34 32.55 -14.76
N ASP A 1194 14.57 32.27 -15.81
CA ASP A 1194 15.11 32.16 -17.16
C ASP A 1194 14.24 32.98 -18.11
N ILE A 1195 14.78 33.26 -19.29
CA ILE A 1195 13.95 33.92 -20.28
C ILE A 1195 13.87 33.11 -21.56
N ARG A 1196 14.95 32.40 -21.91
CA ARG A 1196 15.04 31.52 -23.07
C ARG A 1196 14.37 32.09 -24.32
N GLU A 1197 14.94 33.19 -24.80
CA GLU A 1197 14.40 33.81 -26.01
C GLU A 1197 14.66 32.93 -27.21
N VAL A 1198 13.61 32.63 -27.96
CA VAL A 1198 13.75 32.04 -29.27
C VAL A 1198 13.74 33.16 -30.30
N THR A 1199 14.32 32.91 -31.46
CA THR A 1199 14.48 33.94 -32.46
C THR A 1199 13.67 33.69 -33.72
N ASN A 1200 13.85 32.55 -34.38
CA ASN A 1200 13.14 32.27 -35.63
C ASN A 1200 12.41 30.95 -35.48
N VAL A 1201 11.14 31.03 -35.14
CA VAL A 1201 10.26 29.87 -35.09
C VAL A 1201 9.47 29.82 -36.38
N ASP A 1202 9.34 28.63 -36.95
CA ASP A 1202 8.71 28.45 -38.25
C ASP A 1202 7.22 28.33 -38.05
N LEU A 1203 6.51 29.44 -38.24
CA LEU A 1203 5.06 29.39 -38.22
C LEU A 1203 4.56 28.56 -39.39
N PRO A 1204 3.32 28.08 -39.33
CA PRO A 1204 2.79 27.32 -40.46
C PRO A 1204 2.53 28.15 -41.69
N ASN A 1205 2.46 29.47 -41.57
CA ASN A 1205 2.34 30.33 -42.75
C ASN A 1205 3.68 30.74 -43.31
N GLY A 1206 4.76 30.01 -42.98
CA GLY A 1206 6.08 30.34 -43.44
C GLY A 1206 6.77 31.47 -42.72
N GLY A 1207 6.04 32.24 -41.92
CA GLY A 1207 6.63 33.39 -41.25
C GLY A 1207 7.60 33.02 -40.15
N THR A 1208 7.74 33.90 -39.16
CA THR A 1208 8.67 33.67 -38.07
C THR A 1208 8.41 34.72 -36.99
N THR A 1209 8.43 34.29 -35.74
CA THR A 1209 8.18 35.19 -34.62
C THR A 1209 9.38 35.20 -33.68
N ASN A 1210 9.37 36.16 -32.76
CA ASN A 1210 10.35 36.22 -31.68
C ASN A 1210 9.59 35.94 -30.39
N ALA A 1211 9.74 34.74 -29.85
CA ALA A 1211 9.03 34.36 -28.64
C ALA A 1211 9.97 34.34 -27.45
N ARG A 1212 9.39 34.54 -26.26
CA ARG A 1212 10.10 34.39 -25.00
C ARG A 1212 9.35 33.40 -24.13
N TRP A 1213 10.07 32.83 -23.17
CA TRP A 1213 9.55 31.77 -22.32
C TRP A 1213 9.91 32.05 -20.87
N ILE A 1214 9.53 33.23 -20.40
CA ILE A 1214 9.94 33.67 -19.07
C ILE A 1214 9.52 32.64 -18.03
N GLN A 1215 10.49 32.14 -17.27
CA GLN A 1215 10.26 31.08 -16.29
C GLN A 1215 10.06 31.68 -14.92
N PHE A 1216 8.83 31.66 -14.44
CA PHE A 1216 8.56 32.07 -13.07
C PHE A 1216 8.74 30.89 -12.15
N LYS A 1217 9.19 31.17 -10.95
CA LYS A 1217 9.40 30.14 -9.94
C LYS A 1217 9.12 30.78 -8.59
N ILE A 1218 7.88 30.66 -8.14
CA ILE A 1218 7.40 31.37 -6.98
C ILE A 1218 7.66 30.53 -5.73
N PRO A 1219 8.32 31.05 -4.70
CA PRO A 1219 8.57 30.24 -3.50
C PRO A 1219 7.30 30.17 -2.66
N VAL A 1220 6.79 28.96 -2.46
CA VAL A 1220 5.56 28.78 -1.70
C VAL A 1220 5.73 29.24 -0.27
N SER A 1221 6.94 29.13 0.27
CA SER A 1221 7.21 29.42 1.66
C SER A 1221 7.40 30.91 1.94
N GLN A 1222 6.97 31.77 1.04
CA GLN A 1222 7.09 33.22 1.22
C GLN A 1222 5.87 33.90 0.63
N PRO A 1223 4.73 33.77 1.28
CA PRO A 1223 3.52 34.42 0.78
C PRO A 1223 3.64 35.93 0.86
N GLN A 1224 2.90 36.59 0.00
CA GLN A 1224 2.87 38.05 0.02
C GLN A 1224 1.81 38.57 0.96
N ASN A 1225 0.69 37.87 1.06
CA ASN A 1225 -0.35 38.18 2.03
C ASN A 1225 -0.95 36.86 2.48
N THR A 1226 -1.74 36.92 3.55
CA THR A 1226 -2.42 35.73 4.06
C THR A 1226 -3.85 36.15 4.36
N ILE A 1227 -4.80 35.60 3.62
CA ILE A 1227 -6.20 35.95 3.76
C ILE A 1227 -6.83 34.94 4.71
N GLY A 1228 -7.07 35.34 5.95
CA GLY A 1228 -7.76 34.51 6.91
C GLY A 1228 -6.79 33.82 7.85
N ASN A 1229 -7.38 33.05 8.76
CA ASN A 1229 -6.63 32.43 9.84
C ASN A 1229 -5.90 31.19 9.32
N ILE A 1230 -4.86 31.44 8.55
CA ILE A 1230 -3.96 30.39 8.07
C ILE A 1230 -2.63 30.58 8.77
N THR A 1231 -1.99 29.46 9.12
CA THR A 1231 -0.75 29.50 9.87
C THR A 1231 0.40 28.81 9.15
N ASP A 1232 0.18 27.59 8.65
CA ASP A 1232 1.28 26.81 8.12
C ASP A 1232 0.74 25.85 7.08
N PHE A 1233 1.66 25.29 6.30
CA PHE A 1233 1.35 24.52 5.09
C PHE A 1233 1.08 23.06 5.39
N ARG A 1234 0.24 22.79 6.38
CA ARG A 1234 -0.08 21.42 6.70
C ARG A 1234 -1.40 20.99 6.10
N SER A 1235 -2.16 21.91 5.54
CA SER A 1235 -3.43 21.59 4.89
C SER A 1235 -3.64 22.61 3.79
N ILE A 1236 -3.20 22.27 2.59
CA ILE A 1236 -3.34 23.14 1.44
C ILE A 1236 -4.20 22.44 0.40
N ARG A 1237 -4.95 23.23 -0.34
CA ARG A 1237 -5.92 22.72 -1.30
C ARG A 1237 -6.48 23.92 -2.05
N PHE A 1238 -7.07 23.65 -3.20
CA PHE A 1238 -7.71 24.68 -3.98
C PHE A 1238 -6.72 25.77 -4.39
N MET A 1239 -5.78 25.42 -5.24
CA MET A 1239 -4.99 26.46 -5.87
C MET A 1239 -5.87 27.25 -6.82
N ARG A 1240 -6.01 28.55 -6.58
CA ARG A 1240 -6.89 29.39 -7.38
C ARG A 1240 -6.08 30.52 -7.97
N MET A 1241 -5.92 30.51 -9.29
CA MET A 1241 -5.24 31.60 -9.96
C MET A 1241 -6.26 32.48 -10.65
N PHE A 1242 -6.05 33.78 -10.56
CA PHE A 1242 -6.94 34.70 -11.24
C PHE A 1242 -6.15 35.90 -11.75
N MET A 1243 -6.67 36.52 -12.80
CA MET A 1243 -5.88 37.45 -13.60
C MET A 1243 -6.50 38.84 -13.55
N THR A 1244 -5.99 39.69 -12.68
CA THR A 1244 -6.55 41.03 -12.62
C THR A 1244 -5.59 42.04 -13.22
N GLY A 1245 -6.01 43.30 -13.23
CA GLY A 1245 -5.15 44.40 -13.61
C GLY A 1245 -5.07 44.70 -15.09
N PHE A 1246 -5.54 43.79 -15.94
CA PHE A 1246 -5.41 43.96 -17.37
C PHE A 1246 -6.37 45.02 -17.87
N ASN A 1247 -6.14 45.46 -19.11
CA ASN A 1247 -7.02 46.40 -19.79
C ASN A 1247 -7.75 45.80 -20.98
N SER A 1248 -7.27 44.68 -21.52
CA SER A 1248 -7.86 44.13 -22.71
C SER A 1248 -7.49 42.66 -22.82
N GLN A 1249 -7.81 42.07 -23.98
CA GLN A 1249 -7.46 40.71 -24.37
C GLN A 1249 -6.06 40.33 -23.91
N MET A 1250 -5.95 39.17 -23.27
CA MET A 1250 -4.68 38.79 -22.67
C MET A 1250 -4.61 37.27 -22.56
N THR A 1251 -3.84 36.63 -23.43
CA THR A 1251 -3.71 35.19 -23.41
C THR A 1251 -2.36 34.80 -22.83
N VAL A 1252 -2.39 34.04 -21.75
CA VAL A 1252 -1.19 33.56 -21.08
C VAL A 1252 -1.12 32.06 -21.28
N ARG A 1253 0.02 31.56 -21.73
CA ARG A 1253 0.17 30.16 -22.07
C ARG A 1253 1.21 29.54 -21.15
N PHE A 1254 0.80 28.58 -20.35
CA PHE A 1254 1.67 27.98 -19.35
C PHE A 1254 2.35 26.76 -19.95
N GLY A 1255 3.61 26.94 -20.35
CA GLY A 1255 4.36 25.83 -20.91
C GLY A 1255 4.47 24.66 -19.96
N ALA A 1256 4.63 24.93 -18.67
CA ALA A 1256 4.59 23.87 -17.66
C ALA A 1256 4.28 24.51 -16.31
N LEU A 1257 3.03 24.39 -15.87
CA LEU A 1257 2.66 24.85 -14.54
C LEU A 1257 2.73 23.69 -13.58
N ASP A 1258 3.33 23.94 -12.41
CA ASP A 1258 3.92 22.84 -11.70
C ASP A 1258 4.07 23.21 -10.24
N LEU A 1259 3.70 22.30 -9.35
CA LEU A 1259 4.08 22.41 -7.94
C LEU A 1259 5.31 21.54 -7.76
N VAL A 1260 6.49 22.16 -7.68
CA VAL A 1260 7.70 21.38 -7.55
C VAL A 1260 8.08 21.30 -6.09
N ARG A 1261 8.17 20.07 -5.58
CA ARG A 1261 8.49 19.80 -4.19
C ARG A 1261 9.93 19.36 -4.10
N GLY A 1262 10.68 20.01 -3.21
CA GLY A 1262 12.08 19.70 -3.11
C GLY A 1262 12.34 18.33 -2.52
N GLU A 1263 13.54 18.15 -2.02
CA GLU A 1263 13.89 16.94 -1.28
C GLU A 1263 14.78 17.31 -0.11
N TRP A 1264 14.89 18.60 0.21
CA TRP A 1264 15.98 19.10 1.02
C TRP A 1264 15.61 20.02 2.17
N ARG A 1265 14.38 20.51 2.27
CA ARG A 1265 13.89 20.96 3.57
C ARG A 1265 14.71 22.04 4.24
N ARG A 1266 14.61 23.28 3.79
CA ARG A 1266 15.26 24.43 4.42
C ARG A 1266 15.26 24.32 5.95
N TYR A 1267 16.43 24.47 6.54
CA TYR A 1267 16.56 24.35 7.99
C TYR A 1267 16.11 25.65 8.64
N THR A 1268 15.20 25.54 9.60
CA THR A 1268 14.74 26.70 10.34
C THR A 1268 15.33 26.69 11.74
N GLY A 1269 15.77 27.86 12.20
CA GLY A 1269 16.36 27.97 13.50
C GLY A 1269 17.79 28.45 13.44
N THR A 1270 18.29 29.00 14.55
CA THR A 1270 19.65 29.50 14.58
C THR A 1270 20.63 28.33 14.51
N LEU A 1271 21.79 28.59 13.91
CA LEU A 1271 22.83 27.59 13.83
C LEU A 1271 24.06 28.01 14.63
N ASP A 1280 15.01 35.34 12.52
CA ASP A 1280 13.93 35.32 11.55
C ASP A 1280 13.84 36.63 10.78
N ASP A 1281 14.82 37.50 10.99
CA ASP A 1281 14.85 38.79 10.31
C ASP A 1281 14.91 38.57 8.80
N GLY A 1282 14.38 39.54 8.04
CA GLY A 1282 14.03 39.32 6.65
C GLY A 1282 15.19 38.87 5.79
N VAL A 1283 15.19 37.58 5.46
CA VAL A 1283 16.23 36.99 4.62
C VAL A 1283 15.57 35.97 3.71
N GLU A 1284 15.33 36.36 2.45
CA GLU A 1284 14.65 35.46 1.54
C GLU A 1284 15.57 34.31 1.16
N PHE A 1285 15.48 33.21 1.89
CA PHE A 1285 16.30 32.05 1.65
C PHE A 1285 15.52 31.06 0.78
N ASP A 1286 16.07 30.69 -0.35
CA ASP A 1286 15.37 29.87 -1.32
C ASP A 1286 16.24 28.70 -1.75
N VAL A 1287 15.60 27.60 -2.10
CA VAL A 1287 16.30 26.37 -2.47
C VAL A 1287 15.63 25.82 -3.73
N ALA A 1288 16.16 26.17 -4.89
CA ALA A 1288 15.74 25.58 -6.13
C ALA A 1288 16.76 24.53 -6.56
N ALA A 1289 16.52 23.93 -7.71
CA ALA A 1289 17.53 23.09 -8.35
C ALA A 1289 17.79 23.64 -9.73
N VAL A 1290 18.95 24.26 -9.91
CA VAL A 1290 19.38 24.63 -11.25
C VAL A 1290 19.53 23.37 -12.07
N ASN A 1291 19.15 23.46 -13.33
CA ASN A 1291 18.92 22.28 -14.15
C ASN A 1291 19.41 22.55 -15.55
N ILE A 1292 20.09 21.57 -16.16
CA ILE A 1292 20.70 21.85 -17.45
C ILE A 1292 19.66 21.83 -18.56
N GLN A 1293 18.58 21.06 -18.40
CA GLN A 1293 17.57 21.03 -19.45
C GLN A 1293 16.70 22.27 -19.44
N GLU A 1294 16.40 22.79 -18.26
CA GLU A 1294 15.62 24.01 -18.17
C GLU A 1294 16.52 25.24 -18.07
N ASN A 1295 17.36 25.28 -17.04
CA ASN A 1295 18.13 26.48 -16.72
C ASN A 1295 19.48 26.48 -17.40
N GLY A 1296 19.49 26.19 -18.69
CA GLY A 1296 20.67 26.34 -19.50
C GLY A 1296 20.80 27.71 -20.10
N THR A 1297 19.95 28.65 -19.69
CA THR A 1297 19.93 29.99 -20.25
C THR A 1297 19.74 31.04 -19.15
N LYS A 1298 20.15 30.74 -17.93
CA LYS A 1298 19.95 31.66 -16.83
C LYS A 1298 20.76 32.93 -17.04
N CYS A 1299 20.31 34.01 -16.39
CA CYS A 1299 20.85 35.33 -16.67
C CYS A 1299 22.21 35.58 -16.03
N PRO A 1300 22.37 35.40 -14.72
CA PRO A 1300 23.69 35.62 -14.12
C PRO A 1300 24.76 34.70 -14.71
N VAL A 1301 24.52 33.39 -14.70
CA VAL A 1301 25.43 32.44 -15.32
C VAL A 1301 24.62 31.29 -15.88
N ASN A 1302 24.88 30.94 -17.13
CA ASN A 1302 24.26 29.75 -17.68
C ASN A 1302 24.74 28.53 -16.92
N TYR A 1303 23.82 27.63 -16.59
CA TYR A 1303 24.22 26.41 -15.93
C TYR A 1303 25.00 25.55 -16.91
N VAL A 1304 26.31 25.46 -16.69
CA VAL A 1304 27.17 24.55 -17.43
C VAL A 1304 27.56 23.43 -16.49
N MET A 1305 27.57 22.21 -17.03
CA MET A 1305 27.94 21.06 -16.21
C MET A 1305 29.34 21.23 -15.67
N PRO A 1306 29.61 20.80 -14.43
CA PRO A 1306 30.96 20.86 -13.90
C PRO A 1306 31.91 20.07 -14.77
N PRO A 1307 33.21 20.35 -14.71
CA PRO A 1307 34.13 19.95 -15.78
C PRO A 1307 34.15 18.45 -16.08
N GLY A 1308 34.45 17.63 -15.09
CA GLY A 1308 34.56 16.20 -15.37
C GLY A 1308 33.24 15.53 -15.64
N VAL A 1309 32.13 16.14 -15.21
CA VAL A 1309 30.86 15.43 -15.17
C VAL A 1309 30.32 15.20 -16.56
N GLN A 1310 29.97 13.95 -16.86
CA GLN A 1310 29.38 13.58 -18.13
C GLN A 1310 27.87 13.79 -18.06
N ARG A 1311 27.14 13.32 -19.06
CA ARG A 1311 25.71 13.58 -19.15
C ARG A 1311 24.86 12.34 -18.92
N GLU A 1312 25.45 11.19 -18.64
CA GLU A 1312 24.71 10.03 -18.15
C GLU A 1312 23.71 9.51 -19.19
N GLN A 1313 24.27 8.99 -20.28
CA GLN A 1313 23.50 8.40 -21.37
C GLN A 1313 22.58 7.29 -20.85
N LEU A 1314 21.60 6.94 -21.67
CA LEU A 1314 20.62 5.94 -21.26
C LEU A 1314 19.72 5.61 -22.44
N TYR A 1315 19.25 4.37 -22.51
CA TYR A 1315 18.37 3.90 -23.59
C TYR A 1315 16.93 3.85 -23.11
N ASN A 1316 16.04 4.58 -23.80
CA ASN A 1316 14.60 4.44 -23.57
C ASN A 1316 14.05 3.28 -24.40
N ASN A 1317 14.09 3.41 -25.72
CA ASN A 1317 13.66 2.35 -26.64
C ASN A 1317 14.51 2.51 -27.90
N ASN A 1318 15.59 1.75 -27.98
CA ASN A 1318 16.46 1.71 -29.14
C ASN A 1318 17.15 3.04 -29.41
N THR A 1319 17.11 3.97 -28.46
CA THR A 1319 17.63 5.31 -28.66
C THR A 1319 18.32 5.77 -27.39
N VAL A 1320 19.49 6.39 -27.53
CA VAL A 1320 20.09 7.07 -26.39
C VAL A 1320 19.14 8.16 -25.95
N ILE A 1321 19.18 8.48 -24.67
CA ILE A 1321 18.44 9.61 -24.13
C ILE A 1321 19.33 10.24 -23.06
N ASN A 1322 19.86 11.42 -23.34
CA ASN A 1322 20.70 12.11 -22.39
C ASN A 1322 19.92 12.39 -21.11
N GLN A 1323 20.32 11.78 -20.01
CA GLN A 1323 19.67 12.06 -18.76
C GLN A 1323 19.98 13.49 -18.31
N ASN A 1324 19.40 13.86 -17.18
CA ASN A 1324 19.43 15.25 -16.76
C ASN A 1324 20.59 15.50 -15.80
N GLU A 1325 20.84 16.78 -15.53
CA GLU A 1325 21.76 17.16 -14.48
C GLU A 1325 21.23 18.35 -13.71
N GLN A 1326 21.33 18.27 -12.39
CA GLN A 1326 20.86 19.36 -11.55
C GLN A 1326 21.91 19.74 -10.54
N ALA A 1327 21.57 20.73 -9.73
CA ALA A 1327 22.37 21.21 -8.63
C ALA A 1327 21.43 21.74 -7.58
N LEU A 1328 21.95 22.50 -6.63
CA LEU A 1328 21.12 23.30 -5.75
C LEU A 1328 21.27 24.77 -6.07
N ALA A 1329 20.34 25.55 -5.55
CA ALA A 1329 20.26 26.97 -5.85
C ALA A 1329 20.07 27.76 -4.58
N VAL A 1330 20.92 27.50 -3.60
CA VAL A 1330 20.78 28.17 -2.32
C VAL A 1330 20.93 29.65 -2.57
N ARG A 1331 19.83 30.38 -2.43
CA ARG A 1331 19.73 31.75 -2.89
C ARG A 1331 19.34 32.65 -1.73
N ILE A 1332 20.19 33.61 -1.41
CA ILE A 1332 19.98 34.50 -0.28
C ILE A 1332 19.50 35.84 -0.81
N GLY A 1333 18.44 36.37 -0.21
CA GLY A 1333 17.95 37.66 -0.61
C GLY A 1333 17.36 38.43 0.54
N GLY A 1334 16.63 39.50 0.24
CA GLY A 1334 16.05 40.29 1.30
C GLY A 1334 17.13 41.13 1.95
N ALA A 1335 17.23 41.04 3.27
CA ALA A 1335 18.28 41.76 3.98
C ALA A 1335 19.63 41.07 3.88
N GLY A 1336 19.68 39.85 3.39
CA GLY A 1336 20.96 39.16 3.25
C GLY A 1336 21.54 38.72 4.57
N LEU A 1337 22.53 37.83 4.52
CA LEU A 1337 23.09 37.27 5.74
C LEU A 1337 23.87 38.33 6.51
N GLN A 1338 23.92 38.14 7.82
CA GLN A 1338 24.69 38.99 8.73
C GLN A 1338 26.10 38.40 8.87
N TYR A 1339 26.85 38.83 9.89
CA TYR A 1339 28.27 38.50 9.97
C TYR A 1339 28.50 37.00 10.10
N GLN A 1340 27.67 36.29 10.85
CA GLN A 1340 27.82 34.85 10.91
C GLN A 1340 26.51 34.09 10.86
N ASP A 1341 25.38 34.77 10.73
CA ASP A 1341 24.11 34.09 10.58
C ASP A 1341 24.11 33.34 9.25
N SER A 1342 24.05 32.02 9.31
CA SER A 1342 24.07 31.20 8.12
C SER A 1342 22.67 30.69 7.82
N ARG A 1343 22.56 29.93 6.74
CA ARG A 1343 21.29 29.34 6.33
C ARG A 1343 21.61 28.02 5.64
N ALA A 1344 20.87 26.97 5.96
CA ALA A 1344 21.26 25.66 5.49
C ALA A 1344 20.08 24.86 5.02
N VAL A 1345 20.38 23.70 4.44
CA VAL A 1345 19.40 22.84 3.79
C VAL A 1345 19.82 21.40 4.04
N PHE A 1346 18.94 20.61 4.61
CA PHE A 1346 19.32 19.31 5.13
C PHE A 1346 18.47 18.19 4.57
N LYS A 1347 19.09 17.06 4.31
CA LYS A 1347 18.34 15.85 4.04
C LYS A 1347 18.80 14.78 5.00
N ASN A 1348 18.19 13.61 4.89
CA ASN A 1348 18.43 12.51 5.79
C ASN A 1348 18.91 11.31 4.99
N VAL A 1349 19.78 10.51 5.59
CA VAL A 1349 20.54 9.51 4.87
C VAL A 1349 21.09 8.52 5.90
N SER A 1350 21.50 7.35 5.45
CA SER A 1350 22.21 6.42 6.30
C SER A 1350 23.57 6.10 5.71
N VAL A 1351 24.20 7.10 5.10
CA VAL A 1351 25.41 6.87 4.34
C VAL A 1351 26.55 6.49 5.28
N ASP A 1352 27.26 5.42 4.93
CA ASP A 1352 28.43 4.94 5.66
C ASP A 1352 29.68 5.20 4.83
N MET A 1353 30.33 6.32 5.11
CA MET A 1353 31.51 6.72 4.36
C MET A 1353 32.79 6.33 5.09
N ARG A 1354 32.99 5.03 5.27
CA ARG A 1354 34.19 4.55 5.96
C ARG A 1354 35.14 3.75 5.10
N GLN A 1355 34.71 3.27 3.93
CA GLN A 1355 35.67 2.71 3.01
C GLN A 1355 36.33 3.78 2.16
N TYR A 1356 35.60 4.83 1.82
CA TYR A 1356 36.08 5.83 0.90
C TYR A 1356 36.93 6.84 1.65
N LYS A 1357 37.97 7.34 0.99
CA LYS A 1357 39.00 8.11 1.67
C LYS A 1357 38.89 9.61 1.49
N LYS A 1358 37.98 10.10 0.65
CA LYS A 1358 37.79 11.54 0.54
C LYS A 1358 36.33 11.84 0.24
N LEU A 1359 35.80 12.83 0.94
CA LEU A 1359 34.47 13.36 0.69
C LEU A 1359 34.63 14.70 -0.01
N LYS A 1360 34.15 14.80 -1.25
CA LYS A 1360 34.40 16.01 -2.01
C LYS A 1360 33.22 16.31 -2.92
N MET A 1361 32.87 17.60 -3.01
CA MET A 1361 31.79 18.05 -3.86
C MET A 1361 32.13 19.41 -4.44
N PHE A 1362 31.56 19.72 -5.60
CA PHE A 1362 31.74 21.02 -6.21
C PHE A 1362 30.95 22.06 -5.45
N LEU A 1363 31.27 23.32 -5.72
CA LEU A 1363 30.44 24.44 -5.28
C LEU A 1363 30.52 25.53 -6.33
N HIS A 1364 29.72 26.56 -6.13
CA HIS A 1364 29.65 27.64 -7.09
C HIS A 1364 29.04 28.84 -6.40
N ALA A 1365 29.63 30.00 -6.57
CA ALA A 1365 29.12 31.21 -5.96
C ALA A 1365 28.77 32.19 -7.05
N GLU A 1366 27.81 33.07 -6.76
CA GLU A 1366 27.35 34.06 -7.72
C GLU A 1366 26.80 35.25 -6.97
N SER A 1367 27.13 36.43 -7.47
CA SER A 1367 26.49 37.63 -6.95
C SER A 1367 25.01 37.61 -7.31
N LEU A 1368 24.29 38.57 -6.83
CA LEU A 1368 22.90 38.47 -7.18
C LEU A 1368 22.58 39.50 -8.27
N PRO A 1369 21.69 39.18 -9.20
CA PRO A 1369 21.37 40.16 -10.25
C PRO A 1369 20.67 41.37 -9.67
N ASN A 1370 21.23 42.55 -9.95
CA ASN A 1370 20.73 43.82 -9.41
C ASN A 1370 20.96 43.88 -7.90
N GLN A 1371 22.19 43.64 -7.49
CA GLN A 1371 22.58 43.67 -6.09
C GLN A 1371 24.04 44.05 -6.00
N PRO A 1372 24.52 44.40 -4.81
CA PRO A 1372 25.96 44.60 -4.62
C PRO A 1372 26.70 43.27 -4.81
N THR A 1373 27.64 43.25 -5.74
CA THR A 1373 28.33 42.01 -6.06
C THR A 1373 29.11 41.50 -4.86
N LEU A 1374 29.06 40.19 -4.66
CA LEU A 1374 29.88 39.57 -3.63
C LEU A 1374 31.36 39.78 -3.92
N GLU A 1375 32.16 39.72 -2.88
CA GLU A 1375 33.61 39.66 -3.02
C GLU A 1375 34.04 38.20 -3.03
N ASP A 1376 35.34 37.94 -2.92
CA ASP A 1376 35.86 36.58 -2.95
C ASP A 1376 36.01 35.97 -1.56
N ASP A 1377 35.12 36.32 -0.64
CA ASP A 1377 35.06 35.77 0.70
C ASP A 1377 33.60 35.78 1.14
N GLU A 1378 33.37 35.77 2.45
CA GLU A 1378 32.05 35.97 3.05
C GLU A 1378 31.02 34.96 2.53
N MET A 1379 31.49 33.80 2.10
CA MET A 1379 30.63 32.69 1.73
C MET A 1379 31.41 31.43 2.03
N VAL A 1380 30.73 30.39 2.47
CA VAL A 1380 31.42 29.17 2.87
C VAL A 1380 30.61 27.94 2.50
N GLY A 1381 31.32 26.84 2.29
CA GLY A 1381 30.74 25.57 1.93
C GLY A 1381 29.77 25.04 2.95
N PHE A 1382 30.21 24.85 4.19
CA PHE A 1382 29.31 24.64 5.32
C PHE A 1382 28.48 23.35 5.14
N ILE A 1383 29.16 22.23 5.32
CA ILE A 1383 28.60 20.91 5.05
C ILE A 1383 28.47 20.08 6.33
N ARG A 1384 27.93 20.64 7.40
CA ARG A 1384 27.58 19.87 8.60
C ARG A 1384 26.98 18.52 8.21
N PHE A 1385 27.60 17.45 8.67
CA PHE A 1385 27.05 16.12 8.53
C PHE A 1385 27.33 15.36 9.81
N GLY A 1386 26.87 14.12 9.87
CA GLY A 1386 26.88 13.38 11.11
C GLY A 1386 25.53 13.41 11.78
N ASN A 1387 25.48 12.81 12.97
CA ASN A 1387 24.23 12.45 13.62
C ASN A 1387 23.22 13.59 13.77
N ASP A 1388 23.64 14.84 13.60
CA ASP A 1388 22.94 15.94 14.23
C ASP A 1388 23.29 17.23 13.49
N PHE A 1389 22.68 18.33 13.92
CA PHE A 1389 22.98 19.65 13.40
C PHE A 1389 23.45 20.62 14.45
N THR A 1390 23.31 20.29 15.73
CA THR A 1390 23.75 21.17 16.78
C THR A 1390 24.40 20.45 17.97
N GLN A 1391 24.57 19.14 17.90
CA GLN A 1391 25.27 18.45 18.98
C GLN A 1391 26.22 17.36 18.51
N ASN A 1392 26.19 16.97 17.25
CA ASN A 1392 27.06 15.92 16.73
C ASN A 1392 27.25 16.20 15.24
N PHE A 1393 28.36 16.83 14.86
CA PHE A 1393 28.53 17.08 13.44
C PHE A 1393 30.00 17.29 13.10
N TYR A 1394 30.25 17.26 11.80
CA TYR A 1394 31.55 17.28 11.13
C TYR A 1394 31.61 18.39 10.11
N GLN A 1395 31.31 19.62 10.54
CA GLN A 1395 31.23 20.73 9.62
C GLN A 1395 32.49 20.95 8.80
N VAL A 1396 32.43 20.68 7.51
CA VAL A 1396 33.45 21.09 6.56
C VAL A 1396 33.07 22.48 6.09
N GLU A 1397 34.05 23.29 5.75
CA GLU A 1397 33.75 24.64 5.35
C GLU A 1397 34.75 25.06 4.28
N ILE A 1398 34.41 26.10 3.54
CA ILE A 1398 35.30 26.58 2.49
C ILE A 1398 34.94 27.99 2.12
N PRO A 1399 35.84 28.94 2.22
CA PRO A 1399 35.54 30.30 1.78
C PRO A 1399 35.48 30.38 0.27
N LEU A 1400 34.28 30.50 -0.26
CA LEU A 1400 34.06 30.54 -1.69
C LEU A 1400 34.69 31.79 -2.29
N LYS A 1401 34.75 31.79 -3.62
CA LYS A 1401 35.17 32.94 -4.38
C LYS A 1401 34.26 33.07 -5.59
N VAL A 1402 33.67 34.25 -5.74
CA VAL A 1402 32.63 34.45 -6.72
C VAL A 1402 33.19 34.31 -8.13
N THR A 1403 32.36 33.78 -9.03
CA THR A 1403 32.66 33.80 -10.45
C THR A 1403 32.44 35.20 -10.96
N LYS A 1404 33.52 35.89 -11.33
CA LYS A 1404 33.43 37.26 -11.81
C LYS A 1404 32.60 37.32 -13.08
N THR A 1405 31.45 37.98 -13.02
CA THR A 1405 30.57 38.11 -14.17
C THR A 1405 30.78 39.46 -14.84
N GLY A 1406 30.73 39.47 -16.16
CA GLY A 1406 30.86 40.69 -16.92
C GLY A 1406 29.64 41.02 -17.74
N GLY A 1407 28.93 39.99 -18.19
CA GLY A 1407 27.75 40.17 -19.01
C GLY A 1407 27.60 39.13 -20.09
N SER A 1408 28.61 38.28 -20.25
CA SER A 1408 28.55 37.25 -21.29
C SER A 1408 27.42 36.27 -21.02
N CYS A 1409 27.10 36.03 -19.75
CA CYS A 1409 26.01 35.17 -19.29
C CYS A 1409 26.22 33.70 -19.62
N SER A 1410 27.31 33.34 -20.28
CA SER A 1410 27.60 31.97 -20.71
C SER A 1410 29.02 31.61 -20.34
N ILE A 1411 29.37 31.87 -19.07
CA ILE A 1411 30.73 31.61 -18.60
C ILE A 1411 31.06 30.13 -18.71
N SER A 1412 32.30 29.85 -19.10
CA SER A 1412 32.71 28.48 -19.38
C SER A 1412 32.58 27.62 -18.13
N PRO A 1413 32.59 26.29 -18.31
CA PRO A 1413 32.43 25.42 -17.14
C PRO A 1413 33.54 25.53 -16.15
N ASP A 1414 34.78 25.76 -16.59
CA ASP A 1414 35.89 25.79 -15.66
C ASP A 1414 35.91 27.09 -14.85
N LEU A 1415 35.17 28.11 -15.28
CA LEU A 1415 35.01 29.32 -14.50
C LEU A 1415 33.71 29.35 -13.71
N VAL A 1416 32.71 28.57 -14.12
CA VAL A 1416 31.55 28.35 -13.28
C VAL A 1416 31.93 27.49 -12.08
N TRP A 1417 32.39 26.27 -12.35
CA TRP A 1417 32.74 25.32 -11.31
C TRP A 1417 34.24 25.36 -11.06
N MET A 1418 34.68 26.48 -10.48
CA MET A 1418 36.09 26.67 -10.21
C MET A 1418 36.61 25.57 -9.31
N ASP A 1419 37.88 25.21 -9.48
CA ASP A 1419 38.46 24.17 -8.65
C ASP A 1419 38.98 24.71 -7.34
N ASP A 1420 38.85 26.01 -7.10
CA ASP A 1420 39.06 26.57 -5.77
C ASP A 1420 37.80 26.49 -4.93
N ASN A 1421 36.64 26.51 -5.58
CA ASN A 1421 35.35 26.25 -4.94
C ASN A 1421 34.96 24.79 -5.12
N SER A 1422 35.79 23.90 -4.58
CA SER A 1422 35.53 22.48 -4.76
C SER A 1422 36.17 21.76 -3.59
N ILE A 1423 35.34 21.28 -2.67
CA ILE A 1423 35.85 20.67 -1.47
C ILE A 1423 36.57 19.37 -1.80
N ASP A 1424 37.59 19.04 -1.01
CA ASP A 1424 38.33 17.79 -1.17
C ASP A 1424 38.20 16.91 0.05
N LEU A 1425 38.62 17.39 1.22
CA LEU A 1425 38.27 16.82 2.53
C LEU A 1425 38.55 15.32 2.59
N ALA A 1426 39.83 14.98 2.59
CA ALA A 1426 40.22 13.61 2.87
C ALA A 1426 39.66 13.21 4.23
N LEU A 1427 38.87 12.14 4.25
CA LEU A 1427 38.20 11.74 5.49
C LEU A 1427 39.17 11.31 6.57
N ASP A 1428 40.37 10.87 6.20
CA ASP A 1428 41.36 10.47 7.19
C ASP A 1428 41.89 11.63 8.01
N LEU A 1429 41.52 12.86 7.67
CA LEU A 1429 41.86 14.02 8.48
C LEU A 1429 40.79 14.31 9.51
N LEU A 1430 39.54 13.96 9.21
CA LEU A 1430 38.47 14.12 10.18
C LEU A 1430 38.71 13.30 11.43
N THR A 1431 39.27 12.10 11.28
CA THR A 1431 39.51 11.27 12.44
C THR A 1431 40.60 11.84 13.32
N ARG A 1432 41.67 12.39 12.72
CA ARG A 1432 42.69 13.00 13.56
C ARG A 1432 42.16 14.26 14.22
N MET A 1433 41.25 14.98 13.56
CA MET A 1433 40.61 16.10 14.22
C MET A 1433 39.76 15.64 15.40
N LYS A 1434 39.01 14.56 15.21
CA LYS A 1434 38.20 14.01 16.29
C LYS A 1434 39.06 13.59 17.46
N ILE A 1435 40.20 12.97 17.19
CA ILE A 1435 41.08 12.53 18.25
C ILE A 1435 41.71 13.73 18.95
N LYS A 1436 42.11 14.75 18.20
CA LYS A 1436 42.66 15.94 18.84
C LYS A 1436 41.64 16.67 19.68
N ALA A 1437 40.35 16.53 19.36
CA ALA A 1437 39.32 17.23 20.10
C ALA A 1437 38.70 16.41 21.21
N MET A 1438 38.93 15.09 21.25
CA MET A 1438 38.48 14.33 22.42
C MET A 1438 39.13 14.83 23.68
N SER A 1439 40.39 15.25 23.60
CA SER A 1439 41.13 15.79 24.74
C SER A 1439 40.94 17.29 24.90
N ILE A 1440 39.85 17.85 24.37
CA ILE A 1440 39.51 19.26 24.52
C ILE A 1440 38.05 19.32 24.91
N ASP A 1441 37.79 19.68 26.17
CA ASP A 1441 36.49 19.45 26.77
C ASP A 1441 35.43 20.35 26.11
N ILE A 1442 34.16 20.10 26.47
CA ILE A 1442 33.02 20.82 25.92
C ILE A 1442 33.00 22.24 26.48
N ASN A 1443 33.74 22.48 27.55
CA ASN A 1443 33.86 23.81 28.12
C ASN A 1443 35.31 24.25 27.95
N SER A 1444 35.52 25.28 27.13
CA SER A 1444 36.84 25.86 26.93
C SER A 1444 36.68 27.04 25.99
N SER A 1445 37.78 27.77 25.80
CA SER A 1445 37.79 28.84 24.81
C SER A 1445 38.10 28.33 23.42
N LYS A 1446 38.65 27.12 23.30
CA LYS A 1446 38.84 26.52 21.98
C LYS A 1446 37.50 26.34 21.28
N ARG A 1447 36.51 25.81 22.00
CA ARG A 1447 35.16 25.73 21.46
C ARG A 1447 34.69 27.15 21.22
N ASP A 1448 34.63 27.56 19.96
CA ASP A 1448 34.64 28.98 19.62
C ASP A 1448 33.44 29.75 20.16
N VAL A 1449 32.25 29.49 19.63
CA VAL A 1449 31.05 30.13 20.14
C VAL A 1449 30.01 29.06 20.42
N ASN A 1450 29.70 28.28 19.40
CA ASN A 1450 28.73 27.20 19.50
C ASN A 1450 29.38 25.88 19.83
N GLY A 1451 30.57 25.90 20.43
CA GLY A 1451 31.27 24.67 20.74
C GLY A 1451 31.67 23.90 19.50
N ILE A 1452 32.08 24.61 18.44
CA ILE A 1452 32.37 23.92 17.19
C ILE A 1452 33.81 23.46 17.09
N TYR A 1453 34.72 24.03 17.88
CA TYR A 1453 36.14 23.66 17.91
C TYR A 1453 36.74 23.62 16.50
N TYR A 1454 36.87 24.80 15.94
CA TYR A 1454 37.70 24.95 14.77
C TYR A 1454 39.16 24.87 15.20
N PRO A 1455 39.98 24.04 14.57
CA PRO A 1455 41.38 23.95 14.98
C PRO A 1455 42.14 25.23 14.69
N ASP A 1456 41.96 26.21 15.56
CA ASP A 1456 42.72 27.45 15.54
C ASP A 1456 43.65 27.51 16.75
N GLY A 1468 43.70 21.67 4.59
CA GLY A 1468 44.17 22.53 3.52
C GLY A 1468 43.62 23.93 3.63
N LYS A 1469 42.50 24.18 2.93
CA LYS A 1469 41.72 25.40 3.11
C LYS A 1469 40.26 25.01 3.37
N LEU A 1470 39.97 24.61 4.60
CA LEU A 1470 38.62 24.17 4.93
C LEU A 1470 38.10 24.69 6.26
N THR A 1471 38.95 24.80 7.27
CA THR A 1471 38.53 25.15 8.63
C THR A 1471 37.45 24.18 9.13
N LEU A 1472 37.86 22.93 9.29
CA LEU A 1472 36.97 21.89 9.74
C LEU A 1472 36.50 22.17 11.18
N GLY A 1473 35.35 21.61 11.53
CA GLY A 1473 34.81 21.79 12.86
C GLY A 1473 34.04 20.59 13.36
N ILE A 1474 34.13 20.27 14.65
CA ILE A 1474 33.45 19.13 15.22
C ILE A 1474 32.82 19.54 16.55
N LYS A 1475 31.65 19.02 16.85
CA LYS A 1475 30.94 19.40 18.06
C LYS A 1475 30.40 18.18 18.79
N GLY A 1476 31.25 17.21 19.09
CA GLY A 1476 30.78 16.17 19.99
C GLY A 1476 30.76 14.74 19.51
N ASN A 1477 31.74 14.36 18.73
CA ASN A 1477 31.89 12.97 18.31
C ASN A 1477 30.74 12.54 17.41
N PRO A 1478 30.65 13.05 16.20
CA PRO A 1478 29.78 12.45 15.19
C PRO A 1478 30.34 11.15 14.68
N ASN A 1479 29.74 10.58 13.65
CA ASN A 1479 30.03 9.21 13.26
C ASN A 1479 30.03 9.09 11.74
N PHE A 1480 30.61 7.99 11.26
CA PHE A 1480 30.40 7.52 9.90
C PHE A 1480 29.60 6.22 9.96
N GLY A 1481 28.92 5.90 8.88
CA GLY A 1481 27.92 4.85 8.92
C GLY A 1481 26.61 5.27 9.54
N LEU A 1482 26.59 6.42 10.19
CA LEU A 1482 25.41 7.06 10.71
C LEU A 1482 25.46 8.53 10.33
N VAL A 1483 25.67 8.78 9.05
CA VAL A 1483 25.95 10.12 8.54
C VAL A 1483 24.61 10.69 8.09
N ARG A 1484 23.54 10.24 8.75
CA ARG A 1484 22.23 10.87 8.65
C ARG A 1484 22.32 12.37 8.83
N ASN A 1485 21.33 13.12 8.39
CA ASN A 1485 21.32 14.56 8.58
C ASN A 1485 22.51 15.22 7.89
N LEU A 1486 22.52 15.13 6.57
CA LEU A 1486 23.37 16.01 5.76
C LEU A 1486 22.80 17.41 5.79
N MET A 1487 23.69 18.40 5.84
CA MET A 1487 23.30 19.80 5.82
C MET A 1487 24.30 20.58 5.02
N VAL A 1488 23.93 20.97 3.81
CA VAL A 1488 24.74 21.84 2.99
C VAL A 1488 24.15 23.23 3.09
N GLY A 1489 24.99 24.24 3.13
CA GLY A 1489 24.47 25.55 3.40
C GLY A 1489 25.38 26.67 2.99
N VAL A 1490 25.09 27.83 3.54
CA VAL A 1490 25.72 29.09 3.14
C VAL A 1490 25.87 29.93 4.39
N LYS A 1491 27.10 30.17 4.80
CA LYS A 1491 27.39 30.95 5.99
C LYS A 1491 28.26 32.13 5.61
N SER A 1492 27.97 33.27 6.20
CA SER A 1492 28.67 34.49 5.85
C SER A 1492 29.85 34.72 6.78
N ARG A 1493 30.89 35.31 6.23
CA ARG A 1493 32.00 35.79 7.03
C ARG A 1493 32.40 37.19 6.59
N ALA A 1494 31.44 37.95 6.10
CA ALA A 1494 31.65 39.36 5.79
C ALA A 1494 31.65 40.16 7.07
N ASP A 1495 32.79 40.79 7.38
CA ASP A 1495 32.98 41.50 8.64
C ASP A 1495 31.86 42.51 8.90
N HIS A 1496 31.49 43.25 7.87
CA HIS A 1496 30.35 44.15 7.98
C HIS A 1496 29.77 44.33 6.58
N LYS A 1497 28.72 43.57 6.28
CA LYS A 1497 28.06 43.64 4.99
C LYS A 1497 26.89 42.68 5.05
N ASP A 1498 25.95 42.88 4.13
CA ASP A 1498 24.85 41.95 3.92
C ASP A 1498 25.16 41.13 2.68
N ILE A 1499 25.30 39.84 2.87
CA ILE A 1499 25.62 38.95 1.77
C ILE A 1499 24.34 38.58 1.03
N LYS A 1500 24.43 38.51 -0.29
CA LYS A 1500 23.31 38.09 -1.12
C LYS A 1500 23.92 37.30 -2.28
N GLY A 1501 23.94 35.98 -2.13
CA GLY A 1501 24.57 35.10 -3.09
C GLY A 1501 23.61 34.08 -3.65
N GLU A 1502 24.09 33.32 -4.60
CA GLU A 1502 23.27 32.32 -5.27
C GLU A 1502 24.04 31.01 -5.40
N VAL A 1503 24.54 30.50 -4.28
CA VAL A 1503 25.43 29.34 -4.33
C VAL A 1503 24.74 28.16 -4.98
N TRP A 1504 25.47 27.47 -5.84
CA TRP A 1504 25.07 26.19 -6.38
C TRP A 1504 25.93 25.11 -5.77
N PHE A 1505 25.31 24.02 -5.37
CA PHE A 1505 26.02 22.83 -4.94
C PHE A 1505 25.80 21.76 -6.00
N ASN A 1506 26.77 20.88 -6.17
CA ASN A 1506 26.63 19.84 -7.16
C ASN A 1506 27.34 18.61 -6.63
N GLU A 1507 27.70 17.69 -7.53
CA GLU A 1507 28.02 16.30 -7.26
C GLU A 1507 28.80 16.11 -5.97
N LEU A 1508 28.23 15.33 -5.05
CA LEU A 1508 28.71 15.24 -3.68
C LEU A 1508 29.35 13.88 -3.42
N ARG A 1509 30.07 13.36 -4.40
CA ARG A 1509 30.54 11.99 -4.36
C ARG A 1509 31.57 11.78 -3.26
N LEU A 1510 32.02 10.54 -3.14
CA LEU A 1510 33.08 10.12 -2.23
C LEU A 1510 34.25 9.59 -3.05
N ALA A 1511 35.46 9.92 -2.64
CA ALA A 1511 36.62 9.58 -3.44
C ALA A 1511 36.96 8.11 -3.26
N ASP A 1512 38.16 7.72 -3.70
CA ASP A 1512 38.54 6.33 -3.85
C ASP A 1512 38.45 5.59 -2.52
N LEU A 1513 38.42 4.27 -2.61
CA LEU A 1513 38.08 3.42 -1.49
C LEU A 1513 39.29 2.61 -1.05
N GLU A 1514 39.05 1.70 -0.11
CA GLU A 1514 40.09 0.84 0.45
C GLU A 1514 40.16 -0.43 -0.38
N ASN A 1515 41.18 -0.55 -1.22
CA ASN A 1515 41.36 -1.72 -2.05
C ASN A 1515 42.10 -2.85 -1.36
N LYS A 1516 42.34 -2.72 -0.05
CA LYS A 1516 42.96 -3.83 0.66
C LYS A 1516 42.04 -5.04 0.63
N GLY A 1517 42.60 -6.20 1.00
CA GLY A 1517 41.84 -7.42 0.88
C GLY A 1517 41.61 -8.17 2.17
N GLY A 1518 41.20 -9.41 2.04
CA GLY A 1518 40.86 -10.22 3.18
C GLY A 1518 41.62 -11.52 3.21
N MET A 1519 41.21 -12.44 4.08
CA MET A 1519 41.90 -13.72 4.19
C MET A 1519 41.09 -14.61 5.10
N ALA A 1520 40.95 -15.87 4.72
CA ALA A 1520 40.23 -16.85 5.52
C ALA A 1520 41.08 -18.10 5.67
N ALA A 1521 40.80 -18.88 6.70
CA ALA A 1521 41.59 -20.08 6.96
C ALA A 1521 40.72 -21.22 7.46
N ILE A 1522 39.62 -21.52 6.76
CA ILE A 1522 38.80 -22.66 7.15
C ILE A 1522 39.63 -23.93 7.18
N LEU A 1523 39.49 -24.69 8.26
CA LEU A 1523 40.17 -25.97 8.43
C LEU A 1523 39.19 -26.94 9.09
N ASN A 1524 38.82 -27.99 8.38
CA ASN A 1524 37.83 -28.96 8.83
C ASN A 1524 38.48 -30.32 9.05
N VAL A 1525 37.94 -31.08 10.00
CA VAL A 1525 38.47 -32.39 10.32
C VAL A 1525 37.31 -33.31 10.68
N ASP A 1526 37.03 -34.29 9.83
CA ASP A 1526 35.92 -35.22 10.06
C ASP A 1526 36.47 -36.61 10.30
N THR A 1527 35.98 -37.28 11.33
CA THR A 1527 36.46 -38.60 11.68
C THR A 1527 35.28 -39.55 11.88
N ASN A 1528 35.60 -40.83 11.86
CA ASN A 1528 34.64 -41.87 12.16
C ASN A 1528 35.30 -42.93 13.02
N MET A 1529 34.51 -43.59 13.85
CA MET A 1529 34.98 -44.72 14.64
C MET A 1529 34.08 -45.93 14.40
N ALA A 1530 33.81 -46.20 13.13
CA ALA A 1530 33.08 -47.40 12.72
C ALA A 1530 31.69 -47.41 13.34
N ASP A 1531 30.88 -46.43 12.92
CA ASP A 1531 29.46 -46.37 13.26
C ASP A 1531 29.24 -45.94 14.70
N PHE A 1532 30.32 -45.78 15.47
CA PHE A 1532 30.16 -45.44 16.88
C PHE A 1532 30.23 -43.94 17.11
N ALA A 1533 31.36 -43.32 16.79
CA ALA A 1533 31.56 -41.90 17.02
C ALA A 1533 31.85 -41.21 15.71
N THR A 1534 31.40 -39.97 15.60
CA THR A 1534 31.53 -39.19 14.37
C THR A 1534 32.11 -37.82 14.68
N VAL A 1535 33.21 -37.79 15.40
CA VAL A 1535 33.82 -36.54 15.84
C VAL A 1535 34.21 -35.69 14.65
N SER A 1536 33.57 -34.54 14.50
CA SER A 1536 34.00 -33.51 13.59
C SER A 1536 34.69 -32.40 14.36
N ALA A 1537 35.30 -31.49 13.61
CA ALA A 1537 35.95 -30.33 14.19
C ALA A 1537 36.18 -29.34 13.07
N THR A 1538 36.23 -28.06 13.43
CA THR A 1538 36.30 -27.01 12.43
C THR A 1538 37.14 -25.88 12.99
N GLY A 1539 36.99 -24.71 12.40
CA GLY A 1539 37.74 -23.55 12.83
C GLY A 1539 38.15 -22.75 11.63
N ARG A 1540 37.78 -21.48 11.63
CA ARG A 1540 38.11 -20.61 10.52
C ARG A 1540 38.47 -19.25 11.06
N LYS A 1541 39.60 -18.75 10.61
CA LYS A 1541 40.14 -17.47 11.04
C LYS A 1541 40.09 -16.54 9.84
N SER A 1542 39.42 -15.41 10.00
CA SER A 1542 39.29 -14.40 8.97
C SER A 1542 40.03 -13.14 9.38
N THR A 1543 40.15 -12.22 8.45
CA THR A 1543 40.80 -10.94 8.70
C THR A 1543 39.90 -9.81 8.20
N ILE A 1544 40.34 -8.58 8.46
CA ILE A 1544 39.52 -7.41 8.21
C ILE A 1544 39.41 -7.14 6.72
N GLY A 1545 38.28 -7.52 6.13
CA GLY A 1545 38.05 -7.16 4.74
C GLY A 1545 37.62 -8.33 3.88
N PHE A 1546 37.56 -9.52 4.45
CA PHE A 1546 37.20 -10.69 3.67
C PHE A 1546 35.69 -10.92 3.68
N GLY A 1547 35.11 -11.01 2.50
CA GLY A 1547 33.70 -11.32 2.38
C GLY A 1547 33.48 -12.40 1.34
N SER A 1548 32.66 -12.09 0.35
CA SER A 1548 32.49 -12.93 -0.83
C SER A 1548 32.56 -12.02 -2.05
N LEU A 1549 32.36 -12.60 -3.23
CA LEU A 1549 32.47 -11.81 -4.44
C LEU A 1549 31.39 -10.75 -4.50
N GLU A 1550 30.14 -11.12 -4.27
CA GLU A 1550 29.04 -10.18 -4.40
C GLU A 1550 28.99 -9.16 -3.28
N GLN A 1551 29.81 -9.31 -2.25
CA GLN A 1551 29.77 -8.38 -1.13
C GLN A 1551 30.13 -6.98 -1.58
N GLY A 1552 29.31 -6.01 -1.20
CA GLY A 1552 29.51 -4.64 -1.62
C GLY A 1552 30.72 -4.00 -0.98
N ALA A 1553 30.69 -2.68 -0.85
CA ALA A 1553 31.81 -1.97 -0.26
C ALA A 1553 31.62 -1.72 1.23
N ASN A 1554 30.39 -1.57 1.68
CA ASN A 1554 30.10 -1.37 3.08
C ASN A 1554 29.59 -2.62 3.77
N GLU A 1555 29.77 -3.79 3.14
CA GLU A 1555 29.23 -5.00 3.72
C GLU A 1555 30.15 -6.20 3.51
N ARG A 1556 31.46 -5.99 3.38
CA ARG A 1556 32.32 -7.15 3.18
C ARG A 1556 32.77 -7.75 4.50
N ASP A 1557 33.54 -7.00 5.29
CA ASP A 1557 33.91 -7.47 6.62
C ASP A 1557 34.65 -6.35 7.33
N ARG A 1558 34.36 -6.20 8.62
CA ARG A 1558 35.05 -5.23 9.45
C ARG A 1558 35.37 -5.85 10.79
N GLU A 1559 35.71 -7.14 10.78
CA GLU A 1559 35.90 -7.89 12.02
C GLU A 1559 36.83 -9.06 11.78
N ASP A 1560 37.95 -9.08 12.49
CA ASP A 1560 38.74 -10.30 12.58
C ASP A 1560 37.94 -11.34 13.35
N VAL A 1561 37.90 -12.57 12.83
CA VAL A 1561 37.01 -13.58 13.37
C VAL A 1561 37.77 -14.88 13.55
N GLN A 1562 37.42 -15.63 14.60
CA GLN A 1562 38.10 -16.88 14.93
C GLN A 1562 37.13 -18.00 15.28
N GLN A 1563 36.19 -18.29 14.37
CA GLN A 1563 35.27 -19.41 14.57
C GLN A 1563 36.01 -20.67 14.94
N TYR A 1564 35.43 -21.47 15.84
CA TYR A 1564 35.68 -22.90 15.75
C TYR A 1564 34.51 -23.64 16.37
N ASN A 1565 34.36 -24.89 15.95
CA ASN A 1565 33.26 -25.75 16.36
C ASN A 1565 33.78 -27.17 16.52
N ILE A 1566 33.12 -27.92 17.39
CA ILE A 1566 33.44 -29.32 17.61
C ILE A 1566 32.16 -30.07 17.90
N VAL A 1567 31.76 -30.97 17.01
CA VAL A 1567 30.62 -31.85 17.21
C VAL A 1567 31.13 -33.25 17.44
N THR A 1568 30.54 -33.95 18.41
CA THR A 1568 31.09 -35.24 18.85
C THR A 1568 29.98 -36.27 18.98
N ASN A 1569 29.18 -36.43 17.92
CA ASN A 1569 28.07 -37.39 17.96
C ASN A 1569 28.57 -38.78 18.29
N LEU A 1570 28.23 -39.28 19.47
CA LEU A 1570 28.55 -40.66 19.79
C LEU A 1570 27.36 -41.55 19.42
N ASN A 1571 27.40 -42.80 19.85
CA ASN A 1571 26.21 -43.64 19.82
C ASN A 1571 26.38 -44.63 20.96
N LEU A 1572 25.88 -44.24 22.14
CA LEU A 1572 26.17 -45.01 23.35
C LEU A 1572 25.48 -46.36 23.33
N GLY A 1573 24.30 -46.44 22.71
CA GLY A 1573 23.60 -47.72 22.63
C GLY A 1573 24.36 -48.78 21.88
N LYS A 1574 25.33 -48.39 21.07
CA LYS A 1574 26.12 -49.36 20.33
C LYS A 1574 27.04 -50.15 21.25
N LEU A 1575 27.40 -49.59 22.42
CA LEU A 1575 28.31 -50.26 23.34
C LEU A 1575 27.69 -51.45 24.05
N LEU A 1576 26.36 -51.55 24.07
CA LEU A 1576 25.68 -52.65 24.74
C LEU A 1576 25.21 -53.65 23.70
N PRO A 1577 24.78 -54.85 24.09
CA PRO A 1577 24.39 -55.86 23.11
C PRO A 1577 23.21 -55.41 22.27
N LYS A 1578 23.12 -55.96 21.06
CA LYS A 1578 22.01 -55.61 20.19
C LYS A 1578 20.68 -56.06 20.77
N LYS A 1579 20.67 -57.14 21.54
CA LYS A 1579 19.52 -57.45 22.36
C LYS A 1579 19.38 -56.39 23.44
N TRP A 1580 18.14 -56.15 23.85
CA TRP A 1580 17.75 -55.00 24.67
C TRP A 1580 18.45 -53.74 24.21
N GLY A 1581 18.39 -53.51 22.89
CA GLY A 1581 19.10 -52.40 22.31
C GLY A 1581 18.53 -51.06 22.73
N ILE A 1582 19.38 -50.05 22.71
CA ILE A 1582 19.02 -48.70 23.12
C ILE A 1582 19.45 -47.76 22.01
N ASN A 1583 19.02 -46.50 22.09
CA ASN A 1583 19.45 -45.46 21.17
C ASN A 1583 19.90 -44.26 21.99
N LEU A 1584 21.15 -44.27 22.42
CA LEU A 1584 21.68 -43.13 23.14
C LEU A 1584 22.56 -42.32 22.21
N PRO A 1585 22.00 -41.36 21.47
CA PRO A 1585 22.82 -40.64 20.49
C PRO A 1585 23.95 -39.84 21.12
N PHE A 1586 23.64 -38.98 22.09
CA PHE A 1586 24.67 -38.17 22.74
C PHE A 1586 25.42 -37.31 21.73
N ASN A 1587 24.72 -36.29 21.25
CA ASN A 1587 25.40 -35.19 20.59
C ASN A 1587 26.02 -34.28 21.64
N TYR A 1588 27.22 -33.80 21.35
CA TYR A 1588 27.93 -32.86 22.20
C TYR A 1588 28.67 -31.88 21.33
N ALA A 1589 28.35 -30.61 21.45
CA ALA A 1589 28.91 -29.59 20.56
C ALA A 1589 29.47 -28.45 21.39
N ILE A 1590 30.72 -28.12 21.14
CA ILE A 1590 31.35 -26.91 21.67
C ILE A 1590 31.68 -26.03 20.50
N GLY A 1591 32.02 -24.78 20.79
CA GLY A 1591 32.46 -23.89 19.75
C GLY A 1591 32.19 -22.46 20.10
N GLU A 1592 32.99 -21.57 19.54
CA GLU A 1592 32.73 -20.17 19.80
C GLU A 1592 33.39 -19.27 18.77
N GLU A 1593 33.16 -17.98 18.98
CA GLU A 1593 33.53 -16.89 18.10
C GLU A 1593 34.30 -15.86 18.91
N VAL A 1594 35.43 -15.43 18.37
CA VAL A 1594 36.12 -14.26 18.89
C VAL A 1594 36.24 -13.29 17.73
N ILE A 1595 35.76 -12.07 17.94
CA ILE A 1595 35.67 -11.08 16.88
C ILE A 1595 36.22 -9.77 17.40
N THR A 1596 37.12 -9.16 16.63
CA THR A 1596 37.62 -7.83 16.95
C THR A 1596 37.28 -6.91 15.78
N PRO A 1597 36.53 -5.85 15.99
CA PRO A 1597 36.14 -5.00 14.87
C PRO A 1597 37.31 -4.15 14.41
N GLU A 1598 37.28 -3.80 13.12
CA GLU A 1598 38.29 -2.87 12.62
C GLU A 1598 38.14 -1.50 13.26
N TYR A 1599 36.91 -1.11 13.56
CA TYR A 1599 36.60 0.16 14.18
C TYR A 1599 36.08 -0.11 15.59
N ASP A 1600 36.49 0.70 16.54
CA ASP A 1600 36.05 0.43 17.90
C ASP A 1600 34.56 0.76 18.02
N PRO A 1601 33.84 0.00 18.77
CA PRO A 1601 32.39 0.22 18.88
C PRO A 1601 32.01 1.37 19.80
N PHE A 1602 32.76 2.46 19.72
CA PHE A 1602 32.41 3.72 20.34
C PHE A 1602 33.34 4.74 19.71
N ASN A 1603 32.79 5.84 19.21
CA ASN A 1603 33.45 6.59 18.15
C ASN A 1603 33.62 5.68 16.94
N GLN A 1604 32.47 5.31 16.36
CA GLN A 1604 32.40 4.24 15.37
C GLN A 1604 33.33 4.45 14.18
N ASP A 1605 33.70 5.71 13.88
CA ASP A 1605 34.50 5.96 12.68
C ASP A 1605 35.98 5.73 12.92
N ILE A 1606 36.48 6.04 14.12
CA ILE A 1606 37.88 5.77 14.43
C ILE A 1606 38.10 4.26 14.42
N LYS A 1607 39.33 3.85 14.16
CA LYS A 1607 39.69 2.44 14.22
C LYS A 1607 40.20 2.10 15.61
N LEU A 1608 40.20 0.80 15.93
CA LEU A 1608 40.76 0.38 17.21
C LEU A 1608 42.23 0.75 17.32
N ASP A 1609 42.95 0.69 16.20
CA ASP A 1609 44.39 0.87 16.27
C ASP A 1609 44.74 2.31 16.57
N GLN A 1610 44.09 3.26 15.90
CA GLN A 1610 44.39 4.66 16.16
C GLN A 1610 43.97 5.12 17.55
N LEU A 1611 43.17 4.34 18.28
CA LEU A 1611 42.86 4.70 19.65
C LEU A 1611 43.67 3.92 20.68
N ILE A 1612 44.01 2.67 20.40
CA ILE A 1612 44.94 1.98 21.28
C ILE A 1612 46.30 2.65 21.22
N ARG A 1613 46.70 3.13 20.04
CA ARG A 1613 47.92 3.89 19.87
C ARG A 1613 47.62 5.39 19.93
N GLU A 1614 46.92 5.83 20.97
CA GLU A 1614 46.64 7.25 21.10
C GLU A 1614 46.66 7.74 22.53
N THR A 1615 46.94 6.88 23.51
CA THR A 1615 46.93 7.28 24.91
C THR A 1615 47.96 6.44 25.66
N THR A 1616 48.57 7.03 26.67
CA THR A 1616 49.30 6.27 27.68
C THR A 1616 48.46 6.37 28.94
N ASP A 1617 47.40 5.59 28.98
CA ASP A 1617 46.47 5.55 30.11
C ASP A 1617 45.98 4.11 30.25
N GLN A 1618 46.94 3.17 30.34
CA GLN A 1618 46.66 1.74 30.16
C GLN A 1618 45.46 1.23 30.95
N ALA A 1619 45.14 1.88 32.08
CA ALA A 1619 43.87 1.61 32.75
C ALA A 1619 42.69 1.83 31.81
N GLU A 1620 42.79 2.79 30.90
CA GLU A 1620 41.76 3.05 29.90
C GLU A 1620 42.04 2.38 28.57
N LYS A 1621 43.32 2.22 28.22
CA LYS A 1621 43.65 1.45 27.03
C LYS A 1621 43.16 0.01 27.14
N ASP A 1622 43.09 -0.52 28.36
CA ASP A 1622 42.56 -1.86 28.54
C ASP A 1622 41.05 -1.86 28.65
N ASN A 1623 40.44 -0.73 28.99
CA ASN A 1623 39.00 -0.60 28.80
C ASN A 1623 38.66 -0.72 27.33
N ILE A 1624 39.35 0.06 26.49
CA ILE A 1624 39.34 -0.19 25.06
C ILE A 1624 39.99 -1.54 24.83
N ARG A 1625 39.74 -2.11 23.65
CA ARG A 1625 40.18 -3.46 23.24
C ARG A 1625 39.83 -4.54 24.26
N THR A 1626 38.88 -4.27 25.15
CA THR A 1626 38.24 -5.29 25.95
C THR A 1626 36.75 -5.04 25.91
N ARG A 1627 36.36 -3.78 25.71
CA ARG A 1627 34.98 -3.48 25.37
C ARG A 1627 34.75 -3.56 23.87
N ALA A 1628 35.61 -4.23 23.14
CA ALA A 1628 35.41 -4.37 21.71
C ALA A 1628 35.65 -5.78 21.21
N ILE A 1629 36.23 -6.67 22.02
CA ILE A 1629 36.43 -8.04 21.59
C ILE A 1629 35.12 -8.79 21.82
N ASP A 1630 34.26 -8.79 20.82
CA ASP A 1630 33.09 -9.65 20.85
C ASP A 1630 33.50 -11.09 21.06
N TYR A 1631 32.75 -11.79 21.90
CA TYR A 1631 33.09 -13.15 22.26
C TYR A 1631 31.83 -13.92 22.52
N THR A 1632 31.74 -15.13 21.98
CA THR A 1632 30.67 -16.05 22.29
C THR A 1632 31.27 -17.35 22.78
N LYS A 1633 30.39 -18.27 23.13
CA LYS A 1633 30.72 -19.66 23.41
C LYS A 1633 29.43 -20.42 23.59
N ARG A 1634 29.35 -21.63 23.05
CA ARG A 1634 28.09 -22.35 23.14
C ARG A 1634 28.34 -23.83 23.30
N LYS A 1635 27.87 -24.37 24.42
CA LYS A 1635 27.87 -25.79 24.67
C LYS A 1635 26.49 -26.36 24.38
N SER A 1636 26.45 -27.59 23.92
CA SER A 1636 25.19 -28.22 23.58
C SER A 1636 25.34 -29.71 23.79
N ILE A 1637 24.84 -30.20 24.91
CA ILE A 1637 24.76 -31.63 25.19
C ILE A 1637 23.34 -32.05 24.91
N ASN A 1638 23.16 -33.27 24.40
CA ASN A 1638 21.78 -33.74 24.29
C ASN A 1638 21.72 -35.22 23.90
N PHE A 1639 20.67 -35.86 24.40
CA PHE A 1639 20.43 -37.30 24.28
C PHE A 1639 19.13 -37.55 23.53
N ILE A 1640 18.87 -36.75 22.50
CA ILE A 1640 17.55 -36.75 21.88
C ILE A 1640 17.33 -38.05 21.13
N GLY A 1641 16.35 -38.83 21.58
CA GLY A 1641 15.96 -40.02 20.85
C GLY A 1641 16.16 -41.31 21.61
N VAL A 1642 16.53 -41.22 22.88
CA VAL A 1642 16.77 -42.40 23.69
C VAL A 1642 15.46 -43.16 23.90
N ARG A 1643 15.51 -44.47 23.73
CA ARG A 1643 14.36 -45.34 23.87
C ARG A 1643 14.82 -46.78 23.67
N LYS A 1644 14.03 -47.72 24.16
CA LYS A 1644 14.36 -49.14 24.09
C LYS A 1644 13.47 -49.81 23.04
N ASP A 1645 14.03 -50.09 21.88
CA ASP A 1645 13.28 -50.73 20.82
C ASP A 1645 12.86 -52.14 21.21
N ARG A 1646 11.72 -52.58 20.68
CA ARG A 1646 11.19 -53.90 20.95
C ARG A 1646 11.69 -54.92 19.94
N ASP A 1656 1.70 -51.65 29.16
CA ASP A 1656 2.61 -51.42 30.28
C ASP A 1656 4.02 -51.87 29.92
N ILE A 1657 4.25 -52.13 28.64
CA ILE A 1657 5.54 -52.57 28.13
C ILE A 1657 6.51 -51.40 28.20
N GLU A 1658 7.81 -51.67 27.98
CA GLU A 1658 8.83 -50.63 27.92
C GLU A 1658 8.85 -50.00 26.53
N ASN A 1659 7.98 -49.02 26.34
CA ASN A 1659 7.88 -48.30 25.08
C ASN A 1659 7.74 -46.80 25.34
N PHE A 1660 8.51 -46.27 26.27
CA PHE A 1660 8.57 -44.83 26.48
C PHE A 1660 9.38 -44.22 25.35
N THR A 1661 9.65 -42.92 25.46
CA THR A 1661 10.60 -42.26 24.57
C THR A 1661 11.13 -41.06 25.34
N PHE A 1662 12.36 -41.14 25.82
CA PHE A 1662 12.93 -40.13 26.67
C PHE A 1662 13.62 -39.06 25.83
N SER A 1663 14.09 -38.02 26.49
CA SER A 1663 14.92 -37.02 25.82
C SER A 1663 15.69 -36.23 26.86
N GLN A 1664 16.56 -35.36 26.37
CA GLN A 1664 17.32 -34.45 27.21
C GLN A 1664 18.12 -33.53 26.32
N SER A 1665 18.20 -32.26 26.71
CA SER A 1665 18.91 -31.29 25.91
C SER A 1665 19.39 -30.19 26.84
N TYR A 1666 20.53 -29.60 26.49
CA TYR A 1666 21.14 -28.60 27.35
C TYR A 1666 22.01 -27.71 26.50
N ASN A 1667 21.64 -26.44 26.39
CA ASN A 1667 22.38 -25.47 25.60
C ASN A 1667 22.82 -24.34 26.51
N GLN A 1668 24.11 -24.09 26.57
CA GLN A 1668 24.66 -22.90 27.19
C GLN A 1668 25.17 -21.97 26.11
N VAL A 1669 24.92 -20.68 26.31
CA VAL A 1669 25.48 -19.63 25.47
C VAL A 1669 26.02 -18.54 26.39
N GLU A 1670 27.27 -18.16 26.16
CA GLU A 1670 27.89 -17.06 26.87
C GLU A 1670 28.41 -16.07 25.84
N ARG A 1671 28.42 -14.80 26.19
CA ARG A 1671 28.80 -13.77 25.24
C ARG A 1671 29.10 -12.48 25.97
N HIS A 1672 30.14 -11.79 25.56
CA HIS A 1672 30.48 -10.52 26.19
C HIS A 1672 30.89 -9.45 25.16
N ASP A 1673 30.02 -9.22 24.18
CA ASP A 1673 30.28 -8.22 23.15
C ASP A 1673 30.25 -6.81 23.76
N TYR A 1674 30.30 -5.81 22.89
CA TYR A 1674 30.40 -4.42 23.33
C TYR A 1674 29.25 -4.02 24.25
N GLU A 1675 28.05 -4.52 23.98
CA GLU A 1675 26.90 -4.07 24.76
C GLU A 1675 26.82 -4.79 26.09
N VAL A 1676 26.71 -6.11 26.07
CA VAL A 1676 26.51 -6.89 27.28
C VAL A 1676 27.86 -7.32 27.83
N ALA A 1677 28.16 -6.92 29.07
CA ALA A 1677 29.40 -7.33 29.69
C ALA A 1677 29.47 -8.82 29.90
N ASP A 1678 28.37 -9.45 30.30
CA ASP A 1678 28.28 -10.90 30.25
C ASP A 1678 26.85 -11.32 30.03
N TYR A 1679 26.69 -12.39 29.26
CA TYR A 1679 25.41 -12.89 28.85
C TYR A 1679 25.38 -14.38 29.12
N GLU A 1680 24.18 -14.90 29.38
CA GLU A 1680 24.06 -16.32 29.71
C GLU A 1680 22.71 -16.82 29.27
N ASP A 1681 22.70 -17.93 28.53
CA ASP A 1681 21.47 -18.65 28.23
C ASP A 1681 21.67 -20.11 28.57
N GLU A 1682 20.68 -20.71 29.23
CA GLU A 1682 20.63 -22.15 29.46
C GLU A 1682 19.25 -22.65 29.08
N GLN A 1683 19.22 -23.62 28.17
CA GLN A 1683 18.03 -24.37 27.81
C GLN A 1683 18.22 -25.79 28.32
N SER A 1684 17.20 -26.35 28.98
CA SER A 1684 17.33 -27.73 29.44
C SER A 1684 16.03 -28.53 29.23
N ASN A 1685 15.51 -28.55 28.02
CA ASN A 1685 14.38 -29.42 27.68
C ASN A 1685 14.63 -30.86 28.10
N SER A 1686 13.65 -31.48 28.76
CA SER A 1686 13.83 -32.83 29.29
C SER A 1686 12.59 -33.70 29.09
N ALA A 1687 12.10 -33.76 27.85
CA ALA A 1687 10.81 -34.37 27.57
C ALA A 1687 10.84 -35.89 27.72
N VAL A 1688 9.64 -36.47 27.75
CA VAL A 1688 9.43 -37.91 27.82
C VAL A 1688 8.00 -38.21 27.38
N ASN A 1689 7.83 -39.30 26.64
CA ASN A 1689 6.58 -39.62 25.96
C ASN A 1689 6.21 -41.08 26.18
N TYR A 1690 4.93 -41.41 26.07
CA TYR A 1690 4.48 -42.80 26.26
C TYR A 1690 3.85 -43.45 25.03
N ALA A 1691 2.71 -42.96 24.55
CA ALA A 1691 2.11 -43.34 23.27
C ALA A 1691 1.96 -44.87 23.10
N TYR A 1692 1.05 -45.46 23.88
CA TYR A 1692 0.89 -46.92 23.83
C TYR A 1692 0.23 -47.38 22.53
N THR A 1693 -0.99 -46.93 22.25
CA THR A 1693 -1.80 -47.39 21.11
C THR A 1693 -2.19 -48.87 21.23
N PHE A 1694 -3.15 -49.13 22.13
CA PHE A 1694 -3.67 -50.48 22.36
C PHE A 1694 -4.07 -51.23 21.09
N GLN A 1695 -4.25 -52.53 21.23
CA GLN A 1695 -4.61 -53.42 20.13
C GLN A 1695 -5.29 -54.67 20.68
N PRO A 1696 -6.48 -55.02 20.19
CA PRO A 1696 -7.13 -56.28 20.58
C PRO A 1696 -6.53 -57.48 19.86
N TYR A 1724 -14.14 -52.38 24.94
CA TYR A 1724 -14.47 -51.43 25.99
C TYR A 1724 -13.23 -50.78 26.58
N LEU A 1725 -12.09 -51.46 26.50
CA LEU A 1725 -10.84 -50.89 26.95
C LEU A 1725 -10.46 -49.69 26.07
N PRO A 1726 -9.51 -48.88 26.52
CA PRO A 1726 -9.05 -47.78 25.67
C PRO A 1726 -8.40 -48.29 24.40
N SER A 1727 -8.78 -47.69 23.28
CA SER A 1727 -8.11 -47.99 22.03
C SER A 1727 -6.71 -47.38 22.01
N ASN A 1728 -6.56 -46.20 22.58
CA ASN A 1728 -5.25 -45.56 22.65
C ASN A 1728 -4.99 -45.06 24.05
N ILE A 1729 -3.73 -44.77 24.31
CA ILE A 1729 -3.32 -43.96 25.44
C ILE A 1729 -2.08 -43.19 25.02
N SER A 1730 -2.04 -41.93 25.38
CA SER A 1730 -0.87 -41.10 25.12
C SER A 1730 -0.65 -40.22 26.32
N PHE A 1731 0.62 -39.92 26.57
CA PHE A 1731 1.03 -39.13 27.72
C PHE A 1731 2.41 -38.59 27.41
N ASN A 1732 2.73 -37.43 27.98
CA ASN A 1732 4.10 -36.96 27.89
C ASN A 1732 4.28 -35.73 28.76
N THR A 1733 5.47 -35.59 29.29
CA THR A 1733 5.85 -34.40 30.04
C THR A 1733 7.08 -33.82 29.40
N ASN A 1734 7.39 -32.57 29.75
CA ASN A 1734 8.71 -32.05 29.39
C ASN A 1734 9.06 -30.84 30.25
N ILE A 1735 10.00 -31.03 31.17
CA ILE A 1735 10.55 -29.89 31.90
C ILE A 1735 11.27 -28.99 30.91
N LEU A 1736 10.99 -27.69 31.00
CA LEU A 1736 11.63 -26.70 30.15
C LEU A 1736 12.18 -25.60 31.04
N ARG A 1737 13.48 -25.61 31.24
CA ARG A 1737 14.19 -24.62 32.02
C ARG A 1737 14.93 -23.68 31.07
N GLN A 1738 14.65 -22.39 31.20
CA GLN A 1738 15.39 -21.38 30.47
C GLN A 1738 15.89 -20.34 31.46
N SER A 1739 17.17 -20.02 31.36
CA SER A 1739 17.76 -19.09 32.31
C SER A 1739 18.66 -18.13 31.56
N ASN A 1740 18.47 -16.83 31.77
CA ASN A 1740 19.25 -15.84 31.04
C ASN A 1740 19.78 -14.79 31.99
N ARG A 1741 21.04 -14.41 31.81
CA ARG A 1741 21.62 -13.26 32.48
C ARG A 1741 22.12 -12.25 31.49
N GLN A 1742 22.07 -10.99 31.88
CA GLN A 1742 22.62 -9.89 31.10
C GLN A 1742 23.20 -8.87 32.05
N GLN A 1743 24.42 -8.44 31.79
CA GLN A 1743 25.00 -7.28 32.47
C GLN A 1743 25.47 -6.31 31.41
N PHE A 1744 24.65 -5.31 31.14
CA PHE A 1744 25.01 -4.33 30.14
C PHE A 1744 26.22 -3.55 30.61
N ARG A 1745 27.31 -3.58 29.85
CA ARG A 1745 28.53 -2.97 30.35
C ARG A 1745 28.37 -1.46 30.40
N GLU A 1746 29.06 -0.85 31.36
CA GLU A 1746 29.18 0.60 31.42
C GLU A 1746 30.43 0.98 30.62
N VAL A 1747 30.22 1.64 29.48
CA VAL A 1747 31.32 1.82 28.55
C VAL A 1747 32.36 2.83 29.02
N GLU A 1748 32.01 3.67 30.00
CA GLU A 1748 32.99 4.65 30.49
C GLU A 1748 34.17 3.95 31.15
N VAL A 1749 33.92 3.19 32.20
CA VAL A 1749 34.97 2.44 32.88
C VAL A 1749 34.58 0.97 32.90
N GLU A 1750 35.53 0.11 32.52
CA GLU A 1750 35.32 -1.33 32.46
C GLU A 1750 35.58 -1.89 33.85
N GLY A 1751 34.61 -1.65 34.74
CA GLY A 1751 34.70 -2.11 36.12
C GLY A 1751 33.59 -3.07 36.49
N ILE A 1752 32.62 -2.59 37.27
CA ILE A 1752 31.54 -3.45 37.73
C ILE A 1752 30.46 -3.57 36.68
N GLY A 1753 30.07 -2.47 36.07
CA GLY A 1753 29.02 -2.49 35.06
C GLY A 1753 27.63 -2.33 35.64
N LEU A 1754 26.62 -2.77 34.90
CA LEU A 1754 25.25 -2.60 35.33
C LEU A 1754 24.80 -3.77 36.19
N ASP A 1755 23.62 -3.63 36.77
CA ASP A 1755 23.05 -4.70 37.55
C ASP A 1755 22.62 -5.84 36.62
N PRO A 1756 22.85 -7.08 37.02
CA PRO A 1756 22.42 -8.20 36.19
C PRO A 1756 20.91 -8.27 36.12
N LEU A 1757 20.42 -8.86 35.04
CA LEU A 1757 18.98 -9.02 34.83
C LEU A 1757 18.71 -10.50 34.57
N TYR A 1758 17.92 -11.11 35.43
CA TYR A 1758 17.72 -12.55 35.42
C TYR A 1758 16.37 -12.86 34.81
N ARG A 1759 16.36 -13.56 33.68
CA ARG A 1759 15.12 -14.08 33.13
C ARG A 1759 15.08 -15.56 33.41
N ARG A 1760 13.90 -16.06 33.78
CA ARG A 1760 13.76 -17.48 34.07
C ARG A 1760 12.41 -17.98 33.60
N ASN A 1761 12.42 -19.11 32.90
CA ASN A 1761 11.25 -19.68 32.27
C ASN A 1761 11.08 -21.11 32.75
N PHE A 1762 11.15 -21.32 34.05
CA PHE A 1762 11.07 -22.67 34.59
C PHE A 1762 9.64 -23.17 34.45
N ALA A 1763 9.44 -24.17 33.61
CA ALA A 1763 8.10 -24.66 33.35
C ALA A 1763 8.08 -26.18 33.35
N PHE A 1764 6.98 -26.74 33.84
CA PHE A 1764 6.67 -28.15 33.73
C PHE A 1764 5.35 -28.23 32.97
N ASN A 1765 5.17 -29.27 32.16
CA ASN A 1765 3.94 -29.32 31.39
C ASN A 1765 3.82 -30.64 30.67
N TYR A 1766 2.57 -31.10 30.52
CA TYR A 1766 2.29 -32.47 30.13
C TYR A 1766 0.96 -32.56 29.39
N GLN A 1767 0.71 -33.74 28.82
CA GLN A 1767 -0.44 -34.01 27.98
C GLN A 1767 -1.17 -35.25 28.47
N TYR A 1768 -2.25 -35.60 27.77
CA TYR A 1768 -2.85 -36.91 27.94
C TYR A 1768 -3.42 -37.36 26.61
N GLY A 1769 -4.13 -38.47 26.65
CA GLY A 1769 -5.04 -38.86 25.59
C GLY A 1769 -5.56 -40.25 25.87
N PHE A 1770 -6.87 -40.41 25.75
CA PHE A 1770 -7.59 -41.59 26.26
C PHE A 1770 -8.59 -42.09 25.22
N GLY A 1771 -8.16 -42.21 23.97
CA GLY A 1771 -9.08 -42.61 22.92
C GLY A 1771 -9.82 -43.90 23.18
N PHE A 1772 -11.13 -43.80 23.44
CA PHE A 1772 -12.00 -44.93 23.69
C PHE A 1772 -12.89 -45.16 22.47
N ASN A 1773 -13.10 -46.43 22.15
CA ASN A 1773 -14.03 -46.84 21.10
C ASN A 1773 -15.11 -47.72 21.70
N LEU A 1774 -15.71 -47.24 22.81
CA LEU A 1774 -16.59 -47.96 23.72
C LEU A 1774 -17.52 -48.96 23.04
N THR A 1775 -18.08 -48.59 21.90
CA THR A 1775 -18.88 -49.51 21.10
C THR A 1775 -18.50 -49.27 19.64
N LYS A 1776 -19.26 -49.86 18.73
CA LYS A 1776 -19.12 -49.49 17.33
C LYS A 1776 -19.70 -48.12 17.04
N SER A 1777 -20.51 -47.58 17.95
CA SER A 1777 -21.17 -46.31 17.79
C SER A 1777 -20.75 -45.33 18.88
N LEU A 1778 -19.49 -45.38 19.29
CA LEU A 1778 -18.93 -44.40 20.19
C LEU A 1778 -17.44 -44.31 19.94
N LYS A 1779 -16.94 -43.11 19.71
CA LYS A 1779 -15.54 -42.90 19.40
C LYS A 1779 -14.98 -41.75 20.22
N LEU A 1780 -15.15 -41.82 21.54
CA LEU A 1780 -14.88 -40.64 22.34
C LEU A 1780 -13.41 -40.56 22.69
N ASN A 1781 -12.77 -39.49 22.28
CA ASN A 1781 -11.40 -39.22 22.66
C ASN A 1781 -11.39 -38.37 23.92
N TYR A 1782 -10.20 -38.10 24.43
CA TYR A 1782 -10.06 -37.21 25.58
C TYR A 1782 -8.61 -36.78 25.67
N SER A 1783 -8.33 -35.50 25.53
CA SER A 1783 -6.97 -35.01 25.52
C SER A 1783 -6.87 -33.81 26.45
N ALA A 1784 -6.57 -34.08 27.71
CA ALA A 1784 -6.24 -32.98 28.60
C ALA A 1784 -4.81 -32.56 28.36
N THR A 1785 -4.49 -31.36 28.81
CA THR A 1785 -3.15 -30.83 28.76
C THR A 1785 -2.97 -29.85 29.90
N SER A 1786 -1.74 -29.69 30.35
CA SER A 1786 -1.51 -28.80 31.47
C SER A 1786 -0.14 -28.20 31.32
N ASN A 1787 0.02 -27.01 31.88
CA ASN A 1787 1.25 -26.25 31.74
C ASN A 1787 1.38 -25.42 33.01
N ASN A 1788 2.17 -25.90 33.95
CA ASN A 1788 2.41 -25.17 35.18
C ASN A 1788 3.83 -24.64 35.21
N ILE A 1789 4.05 -23.64 36.06
CA ILE A 1789 5.32 -22.96 36.12
C ILE A 1789 5.98 -23.32 37.45
N VAL A 1790 7.22 -22.87 37.60
CA VAL A 1790 7.98 -23.07 38.83
C VAL A 1790 8.53 -21.73 39.26
N ARG A 1791 8.46 -21.45 40.56
CA ARG A 1791 8.88 -20.16 41.08
C ARG A 1791 9.75 -20.35 42.30
N ASN A 1792 10.74 -21.25 42.19
CA ASN A 1792 11.72 -21.43 43.27
C ASN A 1792 12.59 -20.20 43.45
N PHE A 1793 12.67 -19.34 42.45
CA PHE A 1793 13.71 -18.34 42.33
C PHE A 1793 13.23 -16.93 42.68
N LEU A 1794 12.34 -16.81 43.66
CA LEU A 1794 12.02 -15.48 44.19
C LEU A 1794 11.94 -15.50 45.71
N ASP A 1797 9.17 -13.17 47.24
CA ASP A 1797 8.45 -12.06 46.63
C ASP A 1797 9.15 -11.56 45.37
N ASN A 1798 8.86 -10.32 44.98
CA ASN A 1798 9.29 -9.78 43.69
C ASN A 1798 10.80 -9.57 43.58
N SER A 1799 11.57 -9.82 44.63
CA SER A 1799 13.02 -9.68 44.55
C SER A 1799 13.62 -11.02 44.15
N PRO A 1800 14.10 -11.19 42.93
CA PRO A 1800 14.66 -12.48 42.53
C PRO A 1800 15.93 -12.79 43.33
N LYS A 1801 16.40 -14.01 43.16
CA LYS A 1801 17.56 -14.50 43.88
C LYS A 1801 18.70 -14.66 42.88
N GLU A 1802 19.70 -13.79 42.98
CA GLU A 1802 20.91 -13.89 42.18
C GLU A 1802 21.93 -14.83 42.83
N ASP A 1803 21.44 -15.99 43.24
CA ASP A 1803 22.22 -17.05 43.85
C ASP A 1803 21.75 -18.41 43.36
N PHE A 1804 21.03 -18.43 42.24
CA PHE A 1804 20.21 -19.56 41.87
C PHE A 1804 20.90 -20.36 40.76
N ASN A 1805 20.24 -21.41 40.30
CA ASN A 1805 20.85 -22.34 39.35
C ASN A 1805 19.77 -22.97 38.49
N ILE A 1806 20.17 -23.37 37.28
CA ILE A 1806 19.24 -24.06 36.40
C ILE A 1806 19.01 -25.48 36.88
N TRP A 1807 20.04 -26.10 37.45
CA TRP A 1807 19.97 -27.47 37.93
C TRP A 1807 19.73 -27.52 39.43
N ASP A 1808 18.91 -26.59 39.92
CA ASP A 1808 18.38 -26.64 41.27
C ASP A 1808 17.26 -27.67 41.29
N ASP A 1809 16.40 -27.62 42.31
CA ASP A 1809 15.29 -28.57 42.42
C ASP A 1809 14.59 -28.68 41.09
N TYR A 1810 14.74 -29.83 40.44
CA TYR A 1810 14.53 -29.95 39.02
C TYR A 1810 13.28 -30.73 38.66
N LEU A 1811 12.95 -31.75 39.43
CA LEU A 1811 11.70 -32.47 39.23
C LEU A 1811 10.53 -31.81 39.94
N ASP A 1812 10.69 -30.54 40.33
CA ASP A 1812 9.62 -29.80 40.96
C ASP A 1812 8.42 -29.70 40.03
N ILE A 1813 7.23 -29.60 40.62
CA ILE A 1813 5.99 -29.40 39.88
C ILE A 1813 5.32 -28.20 40.51
N GLY A 1814 5.59 -27.02 39.99
CA GLY A 1814 5.18 -25.80 40.66
C GLY A 1814 3.70 -25.50 40.56
N THR A 1815 3.37 -24.23 40.62
CA THR A 1815 1.99 -23.80 40.55
C THR A 1815 1.46 -23.91 39.13
N PRO A 1816 0.20 -24.25 38.95
CA PRO A 1816 -0.37 -24.35 37.60
C PRO A 1816 -0.43 -22.99 36.94
N ASN A 1817 -0.37 -23.01 35.61
CA ASN A 1817 -0.41 -21.79 34.80
C ASN A 1817 -1.55 -21.82 33.80
N GLN A 1818 -1.71 -22.93 33.08
CA GLN A 1818 -2.82 -23.13 32.17
C GLN A 1818 -3.24 -24.58 32.23
N HIS A 1819 -4.52 -24.81 32.13
CA HIS A 1819 -5.04 -26.17 32.12
C HIS A 1819 -6.11 -26.26 31.04
N ALA A 1820 -5.96 -27.19 30.11
CA ALA A 1820 -6.85 -27.25 28.96
C ALA A 1820 -7.40 -28.66 28.81
N GLN A 1821 -8.65 -28.84 29.22
CA GLN A 1821 -9.37 -30.06 28.92
C GLN A 1821 -9.65 -30.14 27.43
N GLN A 1822 -10.14 -31.30 27.00
CA GLN A 1822 -10.78 -31.43 25.70
C GLN A 1822 -11.39 -32.80 25.55
N LEU A 1823 -12.63 -32.86 25.10
CA LEU A 1823 -13.35 -34.11 24.92
C LEU A 1823 -14.01 -34.07 23.55
N VAL A 1824 -14.02 -35.21 22.87
CA VAL A 1824 -14.67 -35.30 21.57
C VAL A 1824 -15.36 -36.65 21.45
N LEU A 1825 -16.67 -36.70 21.57
CA LEU A 1825 -17.38 -37.95 21.46
C LEU A 1825 -18.24 -37.96 20.21
N ASN A 1826 -18.06 -39.00 19.39
CA ASN A 1826 -18.85 -39.22 18.20
C ASN A 1826 -19.73 -40.44 18.40
N TYR A 1827 -20.97 -40.35 17.95
CA TYR A 1827 -21.99 -41.36 18.22
C TYR A 1827 -22.78 -41.55 16.93
N ASP A 1828 -22.62 -42.68 16.27
CA ASP A 1828 -23.36 -42.90 15.03
C ASP A 1828 -24.67 -43.64 15.26
N ILE A 1829 -25.41 -43.20 16.28
CA ILE A 1829 -26.85 -43.35 16.45
C ILE A 1829 -27.38 -44.71 16.01
N PRO A 1830 -27.17 -45.78 16.77
CA PRO A 1830 -27.62 -47.10 16.33
C PRO A 1830 -29.14 -47.20 16.26
N ILE A 1831 -29.73 -46.52 15.29
CA ILE A 1831 -31.15 -46.67 14.99
C ILE A 1831 -31.38 -47.73 13.93
N ASN A 1832 -30.35 -48.12 13.19
CA ASN A 1832 -30.49 -49.18 12.21
C ASN A 1832 -30.88 -50.50 12.88
N LYS A 1833 -30.49 -50.69 14.14
CA LYS A 1833 -30.90 -51.88 14.87
C LYS A 1833 -32.42 -52.00 14.90
N ILE A 1834 -33.11 -50.90 15.17
CA ILE A 1834 -34.56 -50.86 15.11
C ILE A 1834 -34.99 -51.13 13.67
N PRO A 1835 -35.63 -52.28 13.39
CA PRO A 1835 -35.91 -52.62 11.98
C PRO A 1835 -37.18 -51.96 11.46
N ILE A 1836 -37.36 -50.68 11.79
CA ILE A 1836 -38.42 -49.86 11.21
C ILE A 1836 -37.93 -48.50 10.76
N PHE A 1837 -36.76 -48.06 11.22
CA PHE A 1837 -36.18 -46.78 10.86
C PHE A 1837 -34.85 -46.97 10.13
N GLY A 1838 -34.58 -48.16 9.60
CA GLY A 1838 -33.30 -48.44 8.99
C GLY A 1838 -33.11 -47.75 7.66
N PHE A 1839 -33.29 -46.43 7.66
CA PHE A 1839 -33.12 -45.62 6.46
C PHE A 1839 -32.50 -44.27 6.79
N VAL A 1840 -32.04 -44.07 8.02
CA VAL A 1840 -31.55 -42.79 8.48
C VAL A 1840 -30.10 -42.96 8.96
N LYS A 1841 -29.18 -42.29 8.28
CA LYS A 1841 -27.77 -42.33 8.67
C LYS A 1841 -27.45 -41.25 9.69
N ALA A 1842 -28.24 -41.18 10.75
CA ALA A 1842 -28.07 -40.11 11.73
C ALA A 1842 -26.77 -40.32 12.50
N SER A 1843 -25.98 -39.27 12.59
CA SER A 1843 -24.78 -39.25 13.40
C SER A 1843 -24.89 -38.16 14.46
N TYR A 1844 -23.86 -38.05 15.29
CA TYR A 1844 -23.83 -36.99 16.27
C TYR A 1844 -22.40 -36.79 16.74
N SER A 1845 -22.01 -35.55 16.98
CA SER A 1845 -20.68 -35.22 17.42
C SER A 1845 -20.76 -34.16 18.49
N TYR A 1846 -19.92 -34.28 19.49
CA TYR A 1846 -19.90 -33.34 20.60
C TYR A 1846 -18.45 -33.15 21.03
N THR A 1847 -17.85 -32.05 20.62
CA THR A 1847 -16.54 -31.67 21.11
C THR A 1847 -16.75 -30.57 22.14
N ALA A 1848 -16.30 -30.83 23.35
CA ALA A 1848 -16.34 -29.88 24.44
C ALA A 1848 -14.93 -29.50 24.83
N ASP A 1849 -14.74 -28.27 25.25
CA ASP A 1849 -13.42 -27.81 25.64
C ASP A 1849 -13.52 -27.07 26.97
N TYR A 1850 -12.36 -26.70 27.48
CA TYR A 1850 -12.27 -26.07 28.78
C TYR A 1850 -10.87 -25.58 28.98
N MET A 1851 -10.72 -24.36 29.47
CA MET A 1851 -9.38 -23.86 29.71
C MET A 1851 -9.38 -22.95 30.92
N TRP A 1852 -8.26 -22.97 31.62
CA TRP A 1852 -8.06 -22.26 32.87
C TRP A 1852 -6.77 -21.49 32.76
N GLN A 1853 -6.84 -20.17 32.87
CA GLN A 1853 -5.65 -19.32 32.85
C GLN A 1853 -5.20 -19.03 34.27
N ARG A 1854 -3.95 -18.58 34.40
CA ARG A 1854 -3.42 -18.30 35.73
C ARG A 1854 -3.63 -16.86 36.16
N SER A 1855 -3.71 -15.90 35.23
CA SER A 1855 -3.93 -14.52 35.61
C SER A 1855 -2.82 -14.00 36.51
N SER A 1856 -1.67 -13.70 35.91
CA SER A 1856 -0.41 -13.41 36.60
C SER A 1856 -0.55 -12.52 37.82
N THR A 1857 0.40 -12.64 38.75
CA THR A 1857 0.22 -12.17 40.12
C THR A 1857 -0.17 -10.72 40.25
N ALA A 1858 0.01 -9.91 39.20
CA ALA A 1858 -0.48 -8.54 39.22
C ALA A 1858 -1.98 -8.47 39.42
N PHE A 1859 -2.71 -9.55 39.13
CA PHE A 1859 -4.09 -9.74 39.51
C PHE A 1859 -4.25 -10.52 40.79
N SER A 1860 -3.48 -11.60 40.95
CA SER A 1860 -3.70 -12.51 42.06
C SER A 1860 -3.43 -11.85 43.40
N GLU A 1861 -2.60 -10.81 43.44
CA GLU A 1861 -2.46 -10.04 44.66
C GLU A 1861 -2.43 -8.56 44.34
N TYR A 1862 -3.37 -8.13 43.51
CA TYR A 1862 -3.61 -6.70 43.35
C TYR A 1862 -3.88 -6.06 44.70
N GLU A 1863 -3.17 -5.00 45.01
CA GLU A 1863 -3.41 -4.25 46.23
C GLU A 1863 -3.94 -2.88 45.88
N ASP A 1864 -5.17 -2.61 46.30
CA ASP A 1864 -5.87 -1.34 46.26
C ASP A 1864 -4.93 -0.25 46.76
N PRO A 1865 -5.01 0.97 46.24
CA PRO A 1865 -4.31 2.10 46.88
C PRO A 1865 -4.66 2.29 48.36
N ASN A 1866 -5.81 1.77 48.79
CA ASN A 1866 -6.14 1.74 50.21
C ASN A 1866 -5.20 0.86 51.03
N GLY A 1867 -4.35 0.07 50.39
CA GLY A 1867 -3.48 -0.86 51.06
C GLY A 1867 -3.98 -2.28 51.09
N THR A 1868 -5.28 -2.48 50.91
CA THR A 1868 -5.83 -3.83 50.92
C THR A 1868 -5.44 -4.58 49.66
N VAL A 1869 -5.20 -5.88 49.81
CA VAL A 1869 -4.78 -6.75 48.72
C VAL A 1869 -5.96 -7.63 48.34
N TYR A 1870 -6.44 -7.49 47.12
CA TYR A 1870 -7.54 -8.28 46.65
C TYR A 1870 -7.03 -9.54 45.96
N ASP A 1871 -7.92 -10.23 45.26
CA ASP A 1871 -7.54 -11.37 44.43
C ASP A 1871 -8.52 -11.39 43.26
N LEU A 1872 -8.11 -10.76 42.16
CA LEU A 1872 -8.85 -10.82 40.92
C LEU A 1872 -8.52 -12.15 40.27
N GLY A 1873 -9.47 -13.08 40.30
CA GLY A 1873 -9.18 -14.44 39.94
C GLY A 1873 -8.72 -14.66 38.52
N ASN A 1874 -8.58 -15.92 38.15
CA ASN A 1874 -8.01 -16.31 36.88
C ASN A 1874 -9.06 -17.04 36.03
N THR A 1875 -9.09 -16.72 34.74
CA THR A 1875 -10.30 -16.91 33.96
C THR A 1875 -10.50 -18.37 33.56
N ILE A 1876 -11.74 -18.65 33.16
CA ILE A 1876 -12.18 -19.97 32.72
C ILE A 1876 -12.94 -19.84 31.40
N GLN A 1877 -12.80 -20.83 30.54
CA GLN A 1877 -13.46 -20.81 29.25
C GLN A 1877 -14.05 -22.17 28.93
N ASN A 1878 -15.23 -22.17 28.30
CA ASN A 1878 -15.84 -23.37 27.75
C ASN A 1878 -15.85 -23.31 26.23
N SER A 1879 -16.40 -24.37 25.65
CA SER A 1879 -16.85 -24.37 24.26
C SER A 1879 -17.53 -25.70 23.96
N ASN A 1880 -18.55 -25.67 23.12
CA ASN A 1880 -19.30 -26.85 22.72
C ASN A 1880 -19.49 -26.82 21.22
N SER A 1881 -19.53 -27.99 20.61
CA SER A 1881 -19.71 -28.09 19.17
C SER A 1881 -20.72 -29.17 18.80
N ASN A 1882 -21.92 -29.11 19.38
CA ASN A 1882 -22.98 -30.05 19.02
C ASN A 1882 -23.15 -30.09 17.51
N THR A 1883 -23.20 -31.28 16.94
CA THR A 1883 -23.27 -31.37 15.48
C THR A 1883 -23.96 -32.67 15.10
N LEU A 1884 -25.18 -32.60 14.57
CA LEU A 1884 -25.85 -33.77 14.06
C LEU A 1884 -26.17 -33.57 12.60
N THR A 1885 -25.85 -34.57 11.78
CA THR A 1885 -26.03 -34.52 10.34
C THR A 1885 -26.75 -35.80 9.91
N THR A 1886 -28.07 -35.77 9.97
CA THR A 1886 -28.89 -36.92 9.63
C THR A 1886 -29.16 -36.94 8.13
N THR A 1887 -29.63 -38.08 7.64
CA THR A 1887 -29.93 -38.24 6.23
C THR A 1887 -31.41 -38.48 5.96
N LEU A 1888 -31.99 -39.51 6.57
CA LEU A 1888 -33.40 -39.83 6.38
C LEU A 1888 -33.69 -40.21 4.94
N ASN A 1889 -32.86 -41.09 4.40
CA ASN A 1889 -33.10 -41.64 3.06
C ASN A 1889 -34.45 -42.34 3.03
N MET A 1890 -35.40 -41.78 2.31
CA MET A 1890 -36.76 -42.31 2.34
C MET A 1890 -36.77 -43.68 1.69
N ASN A 1891 -36.79 -44.71 2.53
CA ASN A 1891 -36.71 -46.11 2.15
C ASN A 1891 -37.80 -46.89 2.85
N THR A 1892 -39.01 -46.37 2.82
CA THR A 1892 -40.15 -46.99 3.48
C THR A 1892 -41.07 -47.66 2.46
N SER A 1944 -43.09 -37.76 -2.21
CA SER A 1944 -42.12 -38.54 -2.96
C SER A 1944 -40.70 -38.13 -2.62
N ILE A 1945 -40.54 -37.44 -1.48
CA ILE A 1945 -39.22 -37.04 -1.03
C ILE A 1945 -38.34 -38.27 -0.84
N LYS A 1946 -37.06 -38.14 -1.18
CA LYS A 1946 -36.17 -39.28 -1.17
C LYS A 1946 -34.85 -39.05 -0.45
N ASN A 1947 -34.46 -37.80 -0.18
CA ASN A 1947 -33.33 -37.51 0.67
C ASN A 1947 -33.63 -36.22 1.41
N VAL A 1948 -33.44 -36.23 2.73
CA VAL A 1948 -33.85 -35.13 3.59
C VAL A 1948 -32.69 -34.72 4.50
N GLN A 1949 -31.47 -34.77 3.99
CA GLN A 1949 -30.27 -34.52 4.79
C GLN A 1949 -30.38 -33.24 5.61
N ILE A 1950 -30.16 -33.37 6.91
CA ILE A 1950 -30.34 -32.29 7.87
C ILE A 1950 -29.02 -32.08 8.60
N ASN A 1951 -28.43 -30.90 8.43
CA ASN A 1951 -27.19 -30.52 9.08
C ASN A 1951 -27.49 -29.47 10.13
N TYR A 1952 -27.09 -29.72 11.38
CA TYR A 1952 -27.37 -28.81 12.47
C TYR A 1952 -26.16 -28.77 13.38
N THR A 1953 -25.57 -27.59 13.55
CA THR A 1953 -24.30 -27.41 14.24
C THR A 1953 -24.41 -26.26 15.25
N LYS A 1954 -24.64 -26.59 16.51
CA LYS A 1954 -24.63 -25.60 17.57
C LYS A 1954 -23.22 -25.47 18.12
N ASN A 1955 -22.56 -24.39 17.76
CA ASN A 1955 -21.33 -24.00 18.45
C ASN A 1955 -21.70 -23.14 19.63
N SER A 1956 -20.81 -23.07 20.60
CA SER A 1956 -21.06 -22.16 21.72
C SER A 1956 -19.83 -22.13 22.61
N GLY A 1957 -19.84 -21.19 23.54
CA GLY A 1957 -18.75 -21.03 24.47
C GLY A 1957 -19.07 -19.97 25.48
N THR A 1958 -18.31 -19.98 26.57
CA THR A 1958 -18.45 -18.99 27.62
C THR A 1958 -17.06 -18.63 28.13
N VAL A 1959 -16.97 -17.45 28.73
CA VAL A 1959 -15.75 -16.99 29.36
C VAL A 1959 -16.11 -16.29 30.66
N LEU A 1960 -15.56 -16.77 31.76
CA LEU A 1960 -15.85 -16.26 33.10
C LEU A 1960 -14.55 -15.82 33.74
N PRO A 1961 -14.27 -14.53 33.80
CA PRO A 1961 -13.08 -14.05 34.49
C PRO A 1961 -13.40 -13.66 35.92
N GLY A 1962 -12.37 -13.69 36.75
CA GLY A 1962 -12.54 -13.47 38.17
C GLY A 1962 -12.69 -14.73 38.97
N TYR A 1963 -12.78 -15.88 38.32
CA TYR A 1963 -12.83 -17.16 38.99
C TYR A 1963 -11.61 -17.36 39.86
N THR A 1964 -11.79 -17.39 41.18
CA THR A 1964 -10.62 -17.40 42.07
C THR A 1964 -9.89 -18.74 42.12
N PRO A 1965 -10.54 -19.87 42.42
CA PRO A 1965 -9.79 -21.06 42.79
C PRO A 1965 -9.02 -21.63 41.61
N SER A 1966 -8.07 -22.49 41.94
CA SER A 1966 -7.13 -23.06 40.99
C SER A 1966 -7.66 -24.39 40.47
N VAL A 1967 -6.80 -25.12 39.77
CA VAL A 1967 -7.10 -26.47 39.35
C VAL A 1967 -6.12 -27.40 40.02
N GLY A 1968 -6.39 -28.70 39.93
CA GLY A 1968 -5.56 -29.69 40.56
C GLY A 1968 -4.44 -30.16 39.66
N PHE A 1969 -4.33 -31.48 39.49
CA PHE A 1969 -3.35 -32.06 38.59
C PHE A 1969 -4.01 -32.71 37.39
N LEU A 1970 -4.91 -33.64 37.61
CA LEU A 1970 -5.58 -34.33 36.51
C LEU A 1970 -6.64 -33.47 35.86
N GLY A 1971 -7.11 -32.45 36.54
CA GLY A 1971 -8.15 -31.59 35.98
C GLY A 1971 -8.76 -30.72 37.06
N THR A 1972 -10.05 -30.44 36.89
CA THR A 1972 -10.77 -29.64 37.86
C THR A 1972 -12.25 -29.87 37.66
N SER A 1973 -13.00 -29.82 38.76
CA SER A 1973 -14.45 -29.96 38.71
C SER A 1973 -15.11 -29.02 39.70
N LYS A 1974 -14.52 -27.86 39.94
CA LYS A 1974 -15.02 -26.94 40.94
C LYS A 1974 -16.22 -26.13 40.45
N PRO A 1975 -16.17 -25.53 39.24
CA PRO A 1975 -17.36 -24.80 38.76
C PRO A 1975 -18.52 -25.76 38.60
N SER A 1976 -18.28 -26.80 37.80
CA SER A 1976 -19.20 -27.92 37.68
C SER A 1976 -18.58 -28.95 36.77
N LEU A 1977 -18.87 -30.23 37.04
CA LEU A 1977 -18.45 -31.26 36.10
C LEU A 1977 -19.11 -31.04 34.75
N GLY A 1978 -20.32 -30.49 34.74
CA GLY A 1978 -20.92 -30.11 33.48
C GLY A 1978 -20.20 -28.95 32.83
N PHE A 1979 -19.73 -28.00 33.64
CA PHE A 1979 -19.03 -26.85 33.08
C PHE A 1979 -17.75 -27.27 32.39
N VAL A 1980 -16.96 -28.12 33.05
CA VAL A 1980 -15.68 -28.52 32.48
C VAL A 1980 -15.85 -29.40 31.24
N PHE A 1981 -17.06 -29.84 30.95
CA PHE A 1981 -17.37 -30.49 29.68
C PHE A 1981 -18.33 -29.66 28.84
N GLY A 1982 -18.54 -28.39 29.20
CA GLY A 1982 -19.28 -27.48 28.34
C GLY A 1982 -20.79 -27.49 28.50
N SER A 1983 -21.29 -27.22 29.70
CA SER A 1983 -22.73 -27.13 29.87
C SER A 1983 -23.27 -25.77 29.44
N GLN A 1984 -22.60 -24.70 29.85
CA GLN A 1984 -23.02 -23.34 29.52
C GLN A 1984 -24.40 -23.04 30.09
N ASP A 1985 -24.42 -22.99 31.41
CA ASP A 1985 -25.64 -22.73 32.16
C ASP A 1985 -25.24 -21.93 33.40
N ASP A 1986 -26.09 -21.96 34.42
CA ASP A 1986 -25.94 -21.08 35.59
C ASP A 1986 -24.74 -21.53 36.42
N VAL A 1987 -23.55 -21.20 35.92
CA VAL A 1987 -22.32 -21.50 36.63
C VAL A 1987 -21.67 -20.17 36.99
N ARG A 1988 -22.51 -19.17 37.22
CA ARG A 1988 -22.05 -17.87 37.68
C ARG A 1988 -22.91 -17.29 38.78
N TYR A 1989 -24.03 -17.92 39.11
CA TYR A 1989 -24.73 -17.58 40.34
C TYR A 1989 -24.29 -18.50 41.47
N GLU A 1990 -24.26 -19.81 41.21
CA GLU A 1990 -23.73 -20.72 42.21
C GLU A 1990 -22.24 -20.49 42.43
N ALA A 1991 -21.51 -20.09 41.39
CA ALA A 1991 -20.09 -19.83 41.55
C ALA A 1991 -19.84 -18.63 42.44
N ALA A 1992 -20.76 -17.67 42.46
CA ALA A 1992 -20.62 -16.54 43.36
C ALA A 1992 -21.13 -16.87 44.75
N LYS A 1993 -22.12 -17.75 44.86
CA LYS A 1993 -22.61 -18.14 46.18
C LYS A 1993 -21.58 -19.00 46.90
N ARG A 1994 -20.96 -19.94 46.21
CA ARG A 1994 -19.97 -20.82 46.84
C ARG A 1994 -18.79 -20.02 47.38
N GLY A 1995 -18.52 -18.86 46.80
CA GLY A 1995 -17.45 -17.99 47.25
C GLY A 1995 -16.32 -17.84 46.25
N TRP A 1996 -16.13 -18.83 45.38
CA TRP A 1996 -14.97 -18.83 44.50
C TRP A 1996 -15.22 -17.94 43.27
N LEU A 1997 -15.53 -16.69 43.55
CA LEU A 1997 -15.80 -15.72 42.50
C LEU A 1997 -15.40 -14.36 43.06
N THR A 1998 -14.67 -13.58 42.26
CA THR A 1998 -13.88 -12.47 42.80
C THR A 1998 -14.73 -11.45 43.54
N THR A 1999 -14.27 -11.06 44.73
CA THR A 1999 -14.88 -10.01 45.52
C THR A 1999 -14.00 -8.77 45.42
N TYR A 2000 -14.13 -8.03 44.33
CA TYR A 2000 -13.37 -6.80 44.15
C TYR A 2000 -14.25 -5.58 43.95
N GLN A 2001 -15.25 -5.67 43.08
CA GLN A 2001 -16.30 -4.68 42.86
C GLN A 2001 -15.88 -3.51 41.99
N ASP A 2002 -14.67 -3.50 41.46
CA ASP A 2002 -14.31 -2.63 40.35
C ASP A 2002 -13.72 -3.46 39.24
N PHE A 2003 -14.28 -4.64 39.04
CA PHE A 2003 -13.66 -5.66 38.22
C PHE A 2003 -13.85 -5.32 36.75
N ASN A 2004 -12.74 -5.08 36.06
CA ASN A 2004 -12.77 -4.75 34.64
C ASN A 2004 -13.48 -5.83 33.84
N GLN A 2005 -12.90 -7.03 33.81
CA GLN A 2005 -13.24 -8.04 32.82
C GLN A 2005 -14.67 -8.51 32.98
N SER A 2006 -15.26 -8.93 31.87
CA SER A 2006 -16.69 -9.13 31.78
C SER A 2006 -17.03 -10.53 31.30
N PHE A 2007 -17.99 -11.14 31.96
CA PHE A 2007 -18.50 -12.45 31.59
C PHE A 2007 -19.08 -12.42 30.19
N THR A 2008 -18.70 -13.38 29.36
CA THR A 2008 -19.17 -13.38 27.98
C THR A 2008 -19.65 -14.76 27.58
N GLN A 2009 -20.53 -14.81 26.58
CA GLN A 2009 -21.05 -16.04 26.04
C GLN A 2009 -21.28 -15.87 24.55
N VAL A 2010 -20.93 -16.90 23.79
CA VAL A 2010 -21.10 -16.92 22.35
C VAL A 2010 -21.87 -18.18 21.99
N SER A 2011 -22.67 -18.09 20.93
CA SER A 2011 -23.41 -19.28 20.51
C SER A 2011 -23.83 -19.11 19.06
N ASN A 2012 -23.57 -20.14 18.24
CA ASN A 2012 -23.91 -20.13 16.84
C ASN A 2012 -24.75 -21.35 16.53
N LYS A 2013 -25.61 -21.22 15.52
CA LYS A 2013 -26.53 -22.27 15.13
C LYS A 2013 -26.66 -22.26 13.63
N LEU A 2014 -26.74 -23.44 13.04
CA LEU A 2014 -26.91 -23.57 11.60
C LEU A 2014 -27.92 -24.67 11.31
N LEU A 2015 -28.77 -24.41 10.33
CA LEU A 2015 -29.62 -25.43 9.73
C LEU A 2015 -29.33 -25.48 8.25
N LYS A 2016 -29.15 -26.67 7.72
CA LYS A 2016 -29.03 -26.84 6.27
C LYS A 2016 -29.85 -28.03 5.82
N VAL A 2017 -31.11 -28.06 6.24
CA VAL A 2017 -32.05 -29.07 5.76
C VAL A 2017 -32.08 -29.05 4.24
N THR A 2018 -32.24 -30.22 3.63
CA THR A 2018 -32.36 -30.33 2.20
C THR A 2018 -33.50 -31.30 1.87
N ALA A 2019 -33.68 -31.56 0.58
CA ALA A 2019 -34.72 -32.47 0.14
C ALA A 2019 -34.52 -32.72 -1.34
N ASN A 2020 -34.82 -33.94 -1.78
CA ASN A 2020 -34.55 -34.36 -3.15
C ASN A 2020 -35.81 -34.89 -3.83
N ILE A 2021 -36.86 -34.07 -3.82
CA ILE A 2021 -38.13 -34.46 -4.41
C ILE A 2021 -37.96 -34.86 -5.88
N ASP A 2022 -38.72 -35.88 -6.29
CA ASP A 2022 -38.65 -36.47 -7.62
C ASP A 2022 -40.06 -36.58 -8.21
N LEU A 2023 -40.78 -35.44 -8.21
CA LEU A 2023 -42.20 -35.36 -8.56
C LEU A 2023 -42.60 -36.23 -9.76
N LEU A 2024 -41.98 -35.98 -10.89
CA LEU A 2024 -42.24 -36.80 -12.06
C LEU A 2024 -41.09 -37.77 -12.27
N PRO A 2025 -41.28 -38.80 -13.10
CA PRO A 2025 -40.25 -39.86 -13.21
C PRO A 2025 -38.95 -39.38 -13.82
N ASP A 2026 -38.90 -38.19 -14.40
CA ASP A 2026 -37.67 -37.68 -14.99
C ASP A 2026 -37.17 -36.41 -14.33
N LEU A 2027 -38.05 -35.47 -13.98
CA LEU A 2027 -37.61 -34.24 -13.38
C LEU A 2027 -37.06 -34.51 -11.99
N LYS A 2028 -36.58 -33.45 -11.36
CA LYS A 2028 -36.25 -33.53 -9.94
C LYS A 2028 -36.02 -32.13 -9.41
N VAL A 2029 -36.58 -31.88 -8.23
CA VAL A 2029 -36.38 -30.64 -7.51
C VAL A 2029 -35.65 -30.98 -6.24
N ASP A 2030 -34.69 -30.14 -5.86
CA ASP A 2030 -33.99 -30.35 -4.60
C ASP A 2030 -34.01 -29.05 -3.81
N LEU A 2031 -34.70 -29.10 -2.67
CA LEU A 2031 -34.98 -27.93 -1.85
C LEU A 2031 -33.78 -27.65 -0.96
N SER A 2032 -33.96 -26.78 0.04
CA SER A 2032 -32.90 -26.43 0.96
C SER A 2032 -33.47 -25.52 2.03
N MET A 2033 -32.70 -25.28 3.08
CA MET A 2033 -33.06 -24.29 4.07
C MET A 2033 -31.81 -23.76 4.71
N ASP A 2034 -31.98 -22.78 5.60
CA ASP A 2034 -30.89 -22.24 6.38
C ASP A 2034 -31.45 -21.31 7.44
N ARG A 2035 -30.97 -21.42 8.67
CA ARG A 2035 -31.42 -20.56 9.76
C ARG A 2035 -30.24 -20.19 10.64
N SER A 2036 -29.17 -19.73 10.02
CA SER A 2036 -27.96 -19.40 10.78
C SER A 2036 -28.23 -18.28 11.76
N TYR A 2037 -27.71 -18.44 12.97
CA TYR A 2037 -27.98 -17.50 14.05
C TYR A 2037 -26.75 -17.44 14.93
N SER A 2038 -26.54 -16.31 15.60
CA SER A 2038 -25.30 -16.16 16.35
C SER A 2038 -25.43 -15.00 17.33
N GLU A 2039 -25.26 -15.30 18.62
CA GLU A 2039 -25.31 -14.29 19.68
C GLU A 2039 -23.99 -14.25 20.42
N ASN A 2040 -23.68 -13.07 20.95
CA ASN A 2040 -22.41 -12.79 21.60
C ASN A 2040 -22.64 -12.01 22.89
N THR A 2041 -23.51 -12.52 23.75
CA THR A 2041 -23.88 -11.80 24.95
C THR A 2041 -22.67 -11.56 25.85
N SER A 2042 -22.74 -10.52 26.67
CA SER A 2042 -21.70 -10.27 27.65
C SER A 2042 -22.23 -9.29 28.68
N GLU A 2043 -21.46 -9.11 29.75
CA GLU A 2043 -21.89 -8.28 30.86
C GLU A 2043 -20.77 -8.18 31.87
N GLN A 2044 -20.67 -7.04 32.53
CA GLN A 2044 -19.82 -6.93 33.69
C GLN A 2044 -20.63 -7.29 34.93
N TYR A 2045 -19.93 -7.77 35.96
CA TYR A 2045 -20.57 -8.14 37.20
C TYR A 2045 -19.81 -7.56 38.38
N SER A 2046 -20.34 -7.81 39.57
CA SER A 2046 -19.60 -7.57 40.81
C SER A 2046 -20.35 -8.30 41.91
N VAL A 2047 -19.70 -9.28 42.53
CA VAL A 2047 -20.30 -9.99 43.64
C VAL A 2047 -20.50 -9.05 44.81
N ASP A 2048 -21.65 -9.14 45.45
CA ASP A 2048 -21.87 -8.31 46.63
C ASP A 2048 -21.19 -8.92 47.85
N PRO A 2049 -20.71 -8.10 48.76
CA PRO A 2049 -19.91 -8.61 49.88
C PRO A 2049 -20.73 -9.47 50.84
N SER A 2050 -21.82 -8.91 51.33
CA SER A 2050 -22.69 -9.61 52.26
C SER A 2050 -23.77 -10.35 51.48
N THR A 2051 -23.97 -11.62 51.81
CA THR A 2051 -24.92 -12.47 51.10
C THR A 2051 -24.57 -12.53 49.61
N ASN A 2052 -23.42 -13.17 49.36
CA ASN A 2052 -22.75 -13.13 48.06
C ASN A 2052 -23.70 -13.51 46.94
N GLU A 2053 -24.03 -12.54 46.08
CA GLU A 2053 -24.91 -12.77 44.95
C GLU A 2053 -24.33 -12.08 43.73
N TYR A 2054 -24.45 -12.75 42.59
CA TYR A 2054 -24.01 -12.19 41.33
C TYR A 2054 -24.76 -10.89 41.07
N LYS A 2055 -24.15 -10.04 40.24
CA LYS A 2055 -24.75 -8.76 39.91
C LYS A 2055 -24.45 -8.44 38.46
N PRO A 2056 -25.34 -8.80 37.54
CA PRO A 2056 -25.14 -8.44 36.13
C PRO A 2056 -25.16 -6.93 35.97
N LEU A 2057 -24.06 -6.38 35.47
CA LEU A 2057 -23.90 -4.95 35.33
C LEU A 2057 -23.85 -4.60 33.85
N SER A 2058 -24.93 -4.01 33.35
CA SER A 2058 -25.04 -3.55 31.98
C SER A 2058 -24.79 -4.70 31.01
N PRO A 2059 -25.66 -5.69 30.96
CA PRO A 2059 -25.47 -6.78 30.00
C PRO A 2059 -25.99 -6.37 28.63
N TYR A 2060 -25.25 -6.76 27.60
CA TYR A 2060 -25.64 -6.45 26.24
C TYR A 2060 -25.32 -7.64 25.36
N THR A 2061 -26.14 -7.83 24.34
CA THR A 2061 -25.95 -8.88 23.35
C THR A 2061 -25.87 -8.26 21.98
N TYR A 2062 -25.43 -9.08 21.02
CA TYR A 2062 -25.36 -8.66 19.63
C TYR A 2062 -25.07 -9.90 18.81
N GLY A 2063 -25.08 -9.76 17.50
CA GLY A 2063 -24.77 -10.91 16.68
C GLY A 2063 -25.38 -10.81 15.29
N MET A 2064 -25.48 -11.97 14.65
CA MET A 2064 -25.86 -12.04 13.25
C MET A 2064 -27.20 -12.77 13.11
N PHE A 2065 -27.70 -12.81 11.88
CA PHE A 2065 -28.87 -13.64 11.63
C PHE A 2065 -29.03 -13.82 10.13
N SER A 2066 -29.42 -15.01 9.71
CA SER A 2066 -29.59 -15.24 8.28
C SER A 2066 -30.55 -16.41 8.09
N ILE A 2067 -31.72 -16.12 7.55
CA ILE A 2067 -32.73 -17.12 7.28
C ILE A 2067 -32.89 -17.21 5.77
N SER A 2068 -33.19 -18.42 5.30
CA SER A 2068 -33.35 -18.66 3.87
C SER A 2068 -34.81 -18.54 3.53
N THR A 2069 -35.23 -17.35 3.14
CA THR A 2069 -36.62 -17.05 2.86
C THR A 2069 -36.90 -17.20 1.37
N VAL A 2070 -38.09 -16.78 0.95
CA VAL A 2070 -38.47 -16.78 -0.45
C VAL A 2070 -39.25 -15.51 -0.73
N MET A 2071 -38.91 -14.84 -1.83
CA MET A 2071 -39.56 -13.60 -2.20
C MET A 2071 -39.81 -13.57 -3.69
N ILE A 2072 -40.19 -14.72 -4.26
CA ILE A 2072 -40.32 -14.82 -5.70
C ILE A 2072 -41.49 -14.03 -6.23
N LYS A 2073 -42.49 -13.75 -5.39
CA LYS A 2073 -43.70 -13.08 -5.85
C LYS A 2073 -43.39 -11.70 -6.41
N THR A 2074 -42.76 -10.85 -5.59
CA THR A 2074 -42.43 -9.50 -6.01
C THR A 2074 -41.03 -9.46 -6.62
N ALA A 2075 -40.85 -10.28 -7.66
CA ALA A 2075 -39.60 -10.35 -8.38
C ALA A 2075 -39.72 -9.97 -9.84
N PHE A 2076 -40.92 -9.99 -10.41
CA PHE A 2076 -41.13 -9.64 -11.80
C PHE A 2076 -41.90 -8.34 -11.98
N SER A 2077 -42.37 -7.73 -10.89
CA SER A 2077 -42.93 -6.40 -11.00
C SER A 2077 -41.84 -5.43 -11.46
N PRO A 2078 -42.18 -4.45 -12.30
CA PRO A 2078 -41.14 -3.57 -12.85
C PRO A 2078 -40.56 -2.67 -11.78
N SER A 2079 -39.30 -2.27 -12.00
CA SER A 2079 -38.63 -1.33 -11.09
C SER A 2079 -37.54 -0.63 -11.89
N ASP A 2080 -37.81 0.60 -12.32
CA ASP A 2080 -36.94 1.31 -13.23
C ASP A 2080 -36.81 2.77 -12.80
N GLU A 2081 -36.59 3.00 -11.51
CA GLU A 2081 -36.44 4.34 -10.91
C GLU A 2081 -37.54 5.31 -11.32
N THR A 2082 -38.69 4.79 -11.70
CA THR A 2082 -39.87 5.60 -11.98
C THR A 2082 -41.13 5.05 -11.34
N GLN A 2083 -41.18 3.76 -11.05
CA GLN A 2083 -42.35 3.10 -10.50
C GLN A 2083 -41.95 1.67 -10.16
N SER A 2084 -42.49 1.17 -9.05
CA SER A 2084 -42.29 -0.22 -8.68
C SER A 2084 -43.38 -0.61 -7.71
N ALA A 2085 -44.16 -1.63 -8.06
CA ALA A 2085 -45.28 -2.02 -7.22
C ALA A 2085 -44.82 -2.45 -5.84
N ALA A 2086 -43.72 -3.20 -5.76
CA ALA A 2086 -43.24 -3.68 -4.48
C ALA A 2086 -42.85 -2.52 -3.58
N PHE A 2087 -42.11 -1.56 -4.12
CA PHE A 2087 -41.68 -0.45 -3.29
C PHE A 2087 -42.84 0.48 -2.93
N ASP A 2088 -43.86 0.57 -3.79
CA ASP A 2088 -45.00 1.39 -3.41
C ASP A 2088 -45.82 0.71 -2.32
N ASP A 2089 -45.95 -0.61 -2.40
CA ASP A 2089 -46.54 -1.36 -1.29
C ASP A 2089 -45.74 -1.17 -0.01
N PHE A 2090 -44.42 -1.08 -0.13
CA PHE A 2090 -43.61 -0.85 1.06
C PHE A 2090 -43.82 0.55 1.62
N ARG A 2091 -43.95 1.56 0.75
CA ARG A 2091 -44.24 2.87 1.26
C ARG A 2091 -45.64 2.94 1.87
N SER A 2092 -46.54 2.04 1.47
CA SER A 2092 -47.90 2.05 2.00
C SER A 2092 -48.09 1.20 3.25
N ASN A 2093 -47.30 0.16 3.45
CA ASN A 2093 -47.48 -0.73 4.59
C ASN A 2093 -47.03 -0.12 5.91
N ARG A 2094 -46.38 1.04 5.88
CA ARG A 2094 -45.85 1.60 7.10
C ARG A 2094 -46.96 2.00 8.05
N LEU A 2095 -48.00 2.65 7.54
CA LEU A 2095 -49.13 2.99 8.40
C LEU A 2095 -49.90 1.76 8.85
N ILE A 2096 -49.99 0.73 8.00
CA ILE A 2096 -50.71 -0.48 8.38
C ILE A 2096 -50.01 -1.16 9.55
N ILE A 2097 -48.70 -1.35 9.47
CA ILE A 2097 -48.00 -1.99 10.57
C ILE A 2097 -47.89 -1.07 11.78
N ALA A 2098 -47.89 0.24 11.56
CA ALA A 2098 -47.96 1.15 12.69
C ALA A 2098 -49.25 0.95 13.46
N ASN A 2099 -50.38 0.91 12.76
CA ASN A 2099 -51.65 0.67 13.43
C ASN A 2099 -51.67 -0.69 14.11
N ARG A 2100 -51.13 -1.71 13.44
CA ARG A 2100 -51.07 -3.04 14.04
C ARG A 2100 -50.30 -3.02 15.37
N LEU A 2101 -49.02 -2.70 15.32
CA LEU A 2101 -48.22 -2.79 16.54
C LEU A 2101 -48.35 -1.54 17.40
N ALA A 2102 -49.32 -0.69 17.14
CA ALA A 2102 -49.77 0.28 18.13
C ALA A 2102 -51.02 -0.18 18.86
N GLU A 2103 -51.94 -0.83 18.15
CA GLU A 2103 -52.96 -1.62 18.82
C GLU A 2103 -52.33 -2.66 19.73
N GLY A 2104 -51.16 -3.19 19.34
CA GLY A 2104 -50.47 -4.14 20.19
C GLY A 2104 -49.88 -3.51 21.44
N HIS A 2105 -49.42 -2.27 21.33
CA HIS A 2105 -48.83 -1.58 22.48
C HIS A 2105 -49.89 -1.01 23.39
N TYR A 2106 -50.67 -0.05 22.89
CA TYR A 2106 -51.80 0.45 23.63
C TYR A 2106 -52.85 -0.65 23.73
N GLY A 2107 -53.64 -0.61 24.79
CA GLY A 2107 -54.73 -1.56 24.92
C GLY A 2107 -55.71 -1.43 23.77
N SER A 2108 -56.47 -2.51 23.55
CA SER A 2108 -57.51 -2.47 22.54
C SER A 2108 -58.58 -1.44 22.89
N GLY A 2109 -58.97 -1.37 24.16
CA GLY A 2109 -59.95 -0.40 24.58
C GLY A 2109 -59.33 0.88 25.10
N VAL A 2110 -58.47 1.50 24.30
CA VAL A 2110 -57.75 2.69 24.76
C VAL A 2110 -57.85 3.87 23.81
N ALA A 2111 -58.24 3.69 22.55
CA ALA A 2111 -58.31 4.80 21.59
C ALA A 2111 -56.92 5.41 21.37
N ILE A 2112 -56.09 4.61 20.72
CA ILE A 2112 -54.71 4.94 20.34
C ILE A 2112 -54.55 6.38 19.90
N PRO A 2113 -53.62 7.13 20.49
CA PRO A 2113 -53.40 8.50 20.03
C PRO A 2113 -52.69 8.52 18.69
N ARG A 2114 -52.69 9.69 18.07
CA ARG A 2114 -52.09 9.89 16.78
C ARG A 2114 -51.17 11.09 16.84
N TYR A 2115 -50.65 11.54 15.70
CA TYR A 2115 -49.81 12.72 15.66
C TYR A 2115 -50.58 13.98 15.28
N GLY A 2116 -51.83 13.86 14.89
CA GLY A 2116 -52.57 15.04 14.48
C GLY A 2116 -53.73 15.40 15.39
N ASP A 2117 -54.17 14.44 16.21
CA ASP A 2117 -55.38 14.64 16.98
C ASP A 2117 -55.21 15.78 17.98
N ALA A 2118 -56.34 16.29 18.47
CA ALA A 2118 -56.31 17.47 19.34
C ALA A 2118 -55.64 17.20 20.67
N ASN A 2119 -55.46 15.93 21.04
CA ASN A 2119 -54.70 15.61 22.24
C ASN A 2119 -53.20 15.74 22.01
N ASN A 2120 -52.72 15.43 20.81
CA ASN A 2120 -51.31 15.53 20.47
C ASN A 2120 -51.15 16.59 19.39
N PRO A 2121 -51.35 17.85 19.75
CA PRO A 2121 -51.44 18.91 18.73
C PRO A 2121 -50.17 19.05 17.91
N ILE A 2122 -50.25 19.83 16.84
CA ILE A 2122 -49.08 20.11 16.01
C ILE A 2122 -48.53 21.45 16.46
N PRO A 2123 -47.23 21.57 16.68
CA PRO A 2123 -46.71 22.80 17.28
C PRO A 2123 -46.72 23.95 16.29
N ALA A 2124 -46.28 25.12 16.74
CA ALA A 2124 -45.90 26.14 15.79
C ALA A 2124 -44.68 25.65 15.01
N GLU A 2125 -44.48 26.24 13.83
CA GLU A 2125 -43.32 25.87 13.02
C GLU A 2125 -42.02 26.15 13.75
N THR A 2126 -42.01 27.14 14.64
CA THR A 2126 -40.85 27.44 15.45
C THR A 2126 -40.81 26.56 16.70
N ASP A 2127 -40.92 25.25 16.51
CA ASP A 2127 -40.89 24.27 17.58
C ASP A 2127 -40.21 23.01 17.05
N PRO A 2128 -39.09 22.59 17.63
CA PRO A 2128 -38.20 21.64 16.94
C PRO A 2128 -38.79 20.26 16.67
N ASN A 2129 -40.03 20.00 17.06
CA ASN A 2129 -40.70 18.76 16.69
C ASN A 2129 -41.71 18.99 15.57
N TYR A 2130 -41.73 20.20 15.01
CA TYR A 2130 -42.78 20.60 14.09
C TYR A 2130 -42.77 19.76 12.81
N ALA A 2131 -41.59 19.55 12.24
CA ALA A 2131 -41.52 18.75 11.02
C ALA A 2131 -41.92 17.31 11.30
N VAL A 2132 -41.54 16.79 12.47
CA VAL A 2132 -41.87 15.40 12.79
C VAL A 2132 -43.35 15.24 13.07
N TYR A 2133 -44.06 16.32 13.40
CA TYR A 2133 -45.52 16.18 13.45
C TYR A 2133 -46.17 16.43 12.09
N THR A 2134 -45.67 17.39 11.31
CA THR A 2134 -46.29 17.68 10.01
C THR A 2134 -46.15 16.50 9.08
N ALA A 2135 -44.92 16.07 8.81
CA ALA A 2135 -44.76 14.73 8.30
C ALA A 2135 -45.32 13.76 9.31
N ASN A 2136 -45.68 12.57 8.85
CA ASN A 2136 -46.09 11.54 9.78
C ASN A 2136 -47.36 11.97 10.51
N GLN A 2137 -48.39 12.27 9.71
CA GLN A 2137 -49.52 13.00 10.25
C GLN A 2137 -50.36 12.12 11.17
N GLY A 2138 -50.93 11.04 10.64
CA GLY A 2138 -51.91 10.31 11.39
C GLY A 2138 -51.42 8.99 11.94
N TYR A 2139 -50.16 8.91 12.28
CA TYR A 2139 -49.71 7.63 12.77
C TYR A 2139 -49.81 7.58 14.28
N PRO A 2140 -49.81 6.39 14.88
CA PRO A 2140 -49.87 6.31 16.34
C PRO A 2140 -48.67 6.98 16.96
N ILE A 2141 -48.86 7.54 18.15
CA ILE A 2141 -47.93 8.54 18.64
C ILE A 2141 -46.55 7.99 18.91
N GLY A 2142 -46.41 6.68 19.04
CA GLY A 2142 -45.10 6.15 19.37
C GLY A 2142 -44.33 5.62 18.19
N TYR A 2143 -45.02 5.36 17.08
CA TYR A 2143 -44.44 4.64 15.96
C TYR A 2143 -44.44 5.54 14.73
N THR A 2144 -43.41 6.35 14.62
CA THR A 2144 -43.27 7.20 13.45
C THR A 2144 -43.14 6.35 12.19
N LYS A 2145 -43.25 7.03 11.06
CA LYS A 2145 -43.02 6.40 9.77
C LYS A 2145 -41.55 6.14 9.52
N SER A 2146 -40.68 6.63 10.39
CA SER A 2146 -39.25 6.37 10.32
C SER A 2146 -38.79 5.40 11.39
N ASN A 2147 -39.71 4.85 12.17
CA ASN A 2147 -39.32 3.92 13.22
C ASN A 2147 -38.73 2.67 12.61
N GLN A 2148 -37.92 1.96 13.41
CA GLN A 2148 -37.25 0.79 12.90
C GLN A 2148 -38.18 -0.42 12.90
N ALA A 2149 -39.00 -0.57 13.94
CA ALA A 2149 -39.94 -1.66 14.02
C ALA A 2149 -41.16 -1.45 13.14
N VAL A 2150 -41.37 -0.24 12.62
CA VAL A 2150 -42.46 -0.03 11.68
C VAL A 2150 -42.07 -0.49 10.29
N LEU A 2151 -40.86 -0.17 9.86
CA LEU A 2151 -40.45 -0.40 8.48
C LEU A 2151 -39.39 -1.48 8.34
N LEU A 2152 -39.16 -2.28 9.37
CA LEU A 2152 -38.56 -3.57 9.13
C LEU A 2152 -39.62 -4.55 8.63
N PRO A 2153 -40.71 -4.74 9.38
CA PRO A 2153 -41.75 -5.66 8.90
C PRO A 2153 -42.48 -5.15 7.68
N ALA A 2154 -42.64 -3.83 7.53
CA ALA A 2154 -43.22 -3.31 6.30
C ALA A 2154 -42.36 -3.65 5.11
N PHE A 2155 -41.04 -3.56 5.28
CA PHE A 2155 -40.09 -3.92 4.24
C PHE A 2155 -40.24 -5.39 3.85
N LEU A 2156 -40.27 -6.28 4.85
CA LEU A 2156 -40.40 -7.69 4.55
C LEU A 2156 -41.73 -8.00 3.88
N ALA A 2157 -42.81 -7.44 4.41
CA ALA A 2157 -44.13 -7.68 3.83
C ALA A 2157 -44.18 -7.22 2.38
N ALA A 2158 -43.62 -6.05 2.09
CA ALA A 2158 -43.63 -5.57 0.71
C ALA A 2158 -42.85 -6.49 -0.20
N TYR A 2159 -41.55 -6.65 0.08
CA TYR A 2159 -40.72 -7.37 -0.88
C TYR A 2159 -40.87 -8.88 -0.81
N THR A 2160 -41.76 -9.40 0.03
CA THR A 2160 -42.15 -10.80 -0.09
C THR A 2160 -43.62 -10.97 -0.44
N GLY A 2161 -44.36 -9.88 -0.59
CA GLY A 2161 -45.76 -9.97 -0.93
C GLY A 2161 -46.61 -10.63 0.12
N SER A 2162 -46.22 -10.50 1.39
CA SER A 2162 -46.86 -11.24 2.47
C SER A 2162 -48.08 -10.55 3.05
N ASP A 2163 -48.53 -9.46 2.43
CA ASP A 2163 -49.81 -8.84 2.78
C ASP A 2163 -49.84 -8.39 4.26
N ALA A 2164 -49.03 -7.36 4.53
CA ALA A 2164 -49.08 -6.71 5.83
C ALA A 2164 -50.52 -6.36 6.19
N SER A 2165 -50.78 -6.32 7.50
CA SER A 2165 -52.07 -6.45 8.16
C SER A 2165 -52.44 -7.92 8.25
N SER A 2166 -51.59 -8.82 7.75
CA SER A 2166 -51.67 -10.23 8.03
C SER A 2166 -50.32 -10.86 8.33
N SER A 2167 -49.20 -10.17 8.09
CA SER A 2167 -47.89 -10.77 8.23
C SER A 2167 -47.49 -10.80 9.70
N SER A 2168 -46.25 -11.23 9.96
CA SER A 2168 -45.73 -11.35 11.31
C SER A 2168 -44.77 -10.21 11.58
N THR A 2169 -45.13 -9.35 12.51
CA THR A 2169 -44.31 -8.17 12.83
C THR A 2169 -43.20 -8.51 13.83
N ASN A 2170 -42.48 -9.59 13.56
CA ASN A 2170 -41.31 -9.97 14.32
C ASN A 2170 -40.05 -9.50 13.60
N ILE A 2171 -38.91 -9.98 14.06
CA ILE A 2171 -37.63 -9.70 13.42
C ILE A 2171 -36.82 -10.95 13.12
N PHE A 2172 -37.13 -12.10 13.73
CA PHE A 2172 -36.35 -13.31 13.61
C PHE A 2172 -37.27 -14.44 13.12
N ARG A 2173 -37.27 -14.70 11.83
CA ARG A 2173 -38.10 -15.80 11.31
C ARG A 2173 -37.54 -17.12 11.81
N SER A 2174 -38.37 -17.88 12.52
CA SER A 2174 -37.95 -19.13 13.13
C SER A 2174 -38.09 -20.33 12.21
N PHE A 2175 -38.85 -20.23 11.12
CA PHE A 2175 -38.98 -21.32 10.17
C PHE A 2175 -38.59 -20.82 8.80
N PRO A 2176 -37.57 -21.38 8.17
CA PRO A 2176 -37.15 -20.89 6.85
C PRO A 2176 -38.04 -21.39 5.73
N ILE A 2177 -37.67 -21.09 4.48
CA ILE A 2177 -38.47 -21.47 3.32
C ILE A 2177 -37.53 -22.13 2.31
N PRO A 2178 -37.99 -23.08 1.50
CA PRO A 2178 -37.04 -23.98 0.80
C PRO A 2178 -36.07 -23.34 -0.18
N ASN A 2179 -36.49 -22.43 -1.06
CA ASN A 2179 -35.61 -21.98 -2.14
C ASN A 2179 -35.19 -23.16 -3.01
N TRP A 2180 -36.19 -23.67 -3.72
CA TRP A 2180 -36.09 -24.83 -4.57
C TRP A 2180 -35.02 -24.67 -5.65
N SER A 2181 -34.75 -25.78 -6.32
CA SER A 2181 -33.90 -25.83 -7.50
C SER A 2181 -34.42 -26.99 -8.37
N ILE A 2182 -35.03 -26.63 -9.49
CA ILE A 2182 -35.71 -27.57 -10.36
C ILE A 2182 -34.80 -27.93 -11.53
N LYS A 2183 -34.95 -29.15 -12.04
CA LYS A 2183 -34.21 -29.51 -13.25
C LYS A 2183 -34.87 -30.71 -13.90
N TYR A 2184 -35.07 -30.65 -15.21
CA TYR A 2184 -35.58 -31.84 -15.88
C TYR A 2184 -35.23 -31.84 -17.34
N ASN A 2185 -35.19 -33.04 -17.88
CA ASN A 2185 -34.87 -33.30 -19.28
C ASN A 2185 -35.78 -34.35 -19.88
N GLY A 2186 -36.97 -34.52 -19.32
CA GLY A 2186 -37.94 -35.47 -19.84
C GLY A 2186 -38.69 -34.95 -21.04
N LEU A 2187 -38.21 -33.86 -21.63
CA LEU A 2187 -38.74 -33.33 -22.87
C LEU A 2187 -38.23 -34.10 -24.07
N MET A 2188 -37.59 -35.25 -23.84
CA MET A 2188 -37.16 -36.15 -24.90
C MET A 2188 -38.25 -37.15 -25.29
N ARG A 2189 -39.51 -36.77 -25.13
CA ARG A 2189 -40.62 -37.63 -25.51
C ARG A 2189 -41.71 -36.80 -26.17
N LYS A 2196 -35.11 -33.31 -34.18
CA LYS A 2196 -34.86 -34.41 -33.26
C LYS A 2196 -33.59 -34.16 -32.46
N PHE A 2197 -33.77 -33.73 -31.22
CA PHE A 2197 -32.67 -33.25 -30.40
C PHE A 2197 -31.88 -34.43 -29.86
N LYS A 2198 -30.56 -34.40 -30.05
CA LYS A 2198 -29.71 -35.40 -29.40
C LYS A 2198 -29.80 -35.31 -27.88
N ARG A 2199 -30.12 -34.13 -27.36
CA ARG A 2199 -30.30 -33.91 -25.93
C ARG A 2199 -31.28 -32.78 -25.73
N PHE A 2200 -31.63 -32.56 -24.46
CA PHE A 2200 -32.40 -31.39 -24.09
C PHE A 2200 -32.48 -31.37 -22.57
N SER A 2201 -32.40 -30.19 -21.98
CA SER A 2201 -32.36 -30.10 -20.52
C SER A 2201 -32.72 -28.70 -20.10
N LEU A 2202 -33.83 -28.55 -19.39
CA LEU A 2202 -34.20 -27.29 -18.77
C LEU A 2202 -33.82 -27.34 -17.29
N GLN A 2203 -33.41 -26.18 -16.77
CA GLN A 2203 -32.95 -26.11 -15.40
C GLN A 2203 -33.31 -24.76 -14.84
N HIS A 2204 -33.44 -24.69 -13.52
CA HIS A 2204 -33.92 -23.50 -12.82
C HIS A 2204 -33.47 -23.60 -11.37
N ASN A 2205 -33.13 -22.46 -10.78
CA ASN A 2205 -32.80 -22.44 -9.36
C ASN A 2205 -33.44 -21.21 -8.74
N TYR A 2206 -33.49 -21.20 -7.41
CA TYR A 2206 -33.88 -19.98 -6.73
C TYR A 2206 -33.16 -19.93 -5.39
N ARG A 2207 -32.77 -18.72 -5.00
CA ARG A 2207 -32.10 -18.49 -3.74
C ARG A 2207 -32.61 -17.20 -3.15
N ALA A 2208 -32.68 -17.15 -1.82
CA ALA A 2208 -33.03 -15.91 -1.16
C ALA A 2208 -32.39 -15.94 0.22
N SER A 2209 -32.43 -14.79 0.88
CA SER A 2209 -31.91 -14.73 2.23
C SER A 2209 -32.47 -13.48 2.90
N TYR A 2210 -32.33 -13.45 4.22
CA TYR A 2210 -32.80 -12.35 5.06
C TYR A 2210 -31.71 -11.97 6.05
N THR A 2211 -30.53 -11.67 5.54
CA THR A 2211 -29.38 -11.45 6.42
C THR A 2211 -29.55 -10.15 7.21
N ILE A 2212 -29.60 -10.28 8.52
CA ILE A 2212 -29.29 -9.18 9.43
C ILE A 2212 -27.82 -9.30 9.75
N ASN A 2213 -27.02 -8.36 9.22
CA ASN A 2213 -25.57 -8.47 9.32
C ASN A 2213 -25.12 -8.37 10.76
N GLN A 2214 -25.71 -7.47 11.54
CA GLN A 2214 -25.42 -7.41 12.95
C GLN A 2214 -26.52 -6.66 13.68
N PHE A 2215 -27.28 -7.37 14.49
CA PHE A 2215 -28.22 -6.78 15.42
C PHE A 2215 -27.55 -6.61 16.77
N ARG A 2216 -28.18 -5.81 17.62
CA ARG A 2216 -27.60 -5.31 18.84
C ARG A 2216 -28.69 -5.32 19.90
N SER A 2217 -28.31 -5.15 21.15
CA SER A 2217 -29.27 -4.89 22.21
C SER A 2217 -29.16 -3.41 22.57
N ASN A 2218 -30.31 -2.72 22.63
CA ASN A 2218 -30.29 -1.29 22.88
C ASN A 2218 -30.20 -1.03 24.39
N PHE A 2219 -29.18 -0.28 24.81
CA PHE A 2219 -29.09 0.12 26.21
C PHE A 2219 -30.19 1.07 26.61
N ASP A 2220 -30.85 1.71 25.65
CA ASP A 2220 -31.88 2.69 25.99
C ASP A 2220 -33.21 2.03 26.33
N TYR A 2221 -33.48 0.87 25.76
CA TYR A 2221 -34.67 0.09 26.10
C TYR A 2221 -34.45 -0.66 27.42
N ASN A 2222 -34.21 0.11 28.49
CA ASN A 2222 -33.86 -0.58 29.72
C ASN A 2222 -35.01 -0.74 30.71
N SER A 2223 -35.34 0.29 31.47
CA SER A 2223 -36.49 0.25 32.36
C SER A 2223 -37.06 1.61 32.68
N SER A 2224 -36.48 2.69 32.15
CA SER A 2224 -36.69 4.00 32.71
C SER A 2224 -38.08 4.49 32.33
N PRO A 2225 -38.53 5.59 32.92
CA PRO A 2225 -39.74 6.23 32.39
C PRO A 2225 -39.42 7.15 31.23
N LYS A 2226 -38.61 6.68 30.30
CA LYS A 2226 -38.11 7.49 29.20
C LYS A 2226 -38.23 6.73 27.89
N VAL A 2227 -39.43 6.24 27.59
CA VAL A 2227 -39.65 5.47 26.36
C VAL A 2227 -40.04 6.48 25.29
N GLN A 2228 -39.03 7.13 24.71
CA GLN A 2228 -39.06 7.80 23.41
C GLN A 2228 -37.67 8.27 23.06
N ASP A 2229 -37.32 8.19 21.78
CA ASP A 2229 -36.03 8.66 21.32
C ASP A 2229 -36.15 10.10 20.82
N VAL A 2230 -35.12 10.56 20.11
CA VAL A 2230 -35.01 11.96 19.74
C VAL A 2230 -36.19 12.39 18.90
N ASN A 2231 -36.32 11.80 17.71
CA ASN A 2231 -37.36 12.21 16.78
C ASN A 2231 -38.76 11.92 17.34
N THR A 2232 -39.17 10.67 17.37
CA THR A 2232 -40.10 10.12 18.35
C THR A 2232 -40.27 8.64 18.05
N ASN A 2233 -40.02 7.78 19.02
CA ASN A 2233 -40.12 6.34 18.83
C ASN A 2233 -40.21 5.73 20.21
N PHE A 2234 -40.07 4.40 20.28
CA PHE A 2234 -40.20 3.73 21.57
C PHE A 2234 -38.96 2.95 21.97
N TYR A 2235 -37.80 3.23 21.39
CA TYR A 2235 -36.58 2.54 21.79
C TYR A 2235 -36.71 1.03 21.59
N ASN A 2236 -36.72 0.65 20.32
CA ASN A 2236 -36.75 -0.76 19.96
C ASN A 2236 -35.69 -1.53 20.72
N GLU A 2237 -36.03 -2.74 21.15
CA GLU A 2237 -35.09 -3.53 21.94
C GLU A 2237 -33.90 -3.96 21.11
N ILE A 2238 -34.13 -4.33 19.87
CA ILE A 2238 -33.06 -4.81 19.00
C ILE A 2238 -32.70 -3.73 18.00
N ILE A 2239 -31.72 -2.90 18.35
CA ILE A 2239 -31.10 -2.03 17.37
C ILE A 2239 -30.52 -2.91 16.27
N MET A 2240 -30.42 -2.36 15.08
CA MET A 2240 -29.83 -3.10 13.97
C MET A 2240 -29.51 -2.10 12.89
N SER A 2241 -29.10 -2.61 11.73
CA SER A 2241 -28.81 -1.75 10.61
C SER A 2241 -28.54 -2.64 9.40
N ASN A 2242 -28.97 -2.20 8.23
CA ASN A 2242 -28.69 -2.91 6.99
C ASN A 2242 -29.29 -4.32 7.01
N VAL A 2243 -30.61 -4.36 6.96
CA VAL A 2243 -31.30 -5.60 6.67
C VAL A 2243 -31.19 -5.88 5.18
N ASN A 2244 -30.72 -7.07 4.83
CA ASN A 2244 -30.39 -7.40 3.44
C ASN A 2244 -31.22 -8.57 2.97
N LEU A 2245 -32.12 -8.32 2.04
CA LEU A 2245 -32.83 -9.37 1.32
C LEU A 2245 -32.13 -9.60 -0.01
N VAL A 2246 -31.55 -10.77 -0.18
CA VAL A 2246 -30.85 -11.14 -1.40
C VAL A 2246 -31.69 -12.20 -2.09
N GLU A 2247 -32.20 -11.88 -3.27
CA GLU A 2247 -32.86 -12.84 -4.14
C GLU A 2247 -31.95 -13.13 -5.32
N GLN A 2248 -32.01 -14.36 -5.82
CA GLN A 2248 -31.10 -14.74 -6.89
C GLN A 2248 -31.64 -15.93 -7.65
N PHE A 2249 -32.10 -15.70 -8.88
CA PHE A 2249 -32.33 -16.76 -9.85
C PHE A 2249 -30.98 -17.05 -10.48
N SER A 2250 -30.32 -18.09 -10.02
CA SER A 2250 -28.98 -18.29 -10.57
C SER A 2250 -29.07 -18.71 -12.03
N PRO A 2251 -29.48 -19.94 -12.40
CA PRO A 2251 -30.06 -20.11 -13.73
C PRO A 2251 -31.57 -19.96 -13.71
N LEU A 2252 -32.10 -18.75 -13.80
CA LEU A 2252 -33.55 -18.57 -13.93
C LEU A 2252 -34.14 -19.53 -14.94
N ILE A 2253 -33.52 -19.65 -16.10
CA ILE A 2253 -33.76 -20.76 -17.01
C ILE A 2253 -32.44 -21.09 -17.68
N ARG A 2254 -32.15 -22.38 -17.79
CA ARG A 2254 -31.03 -22.88 -18.57
C ARG A 2254 -31.56 -23.94 -19.51
N MET A 2255 -31.06 -23.94 -20.75
CA MET A 2255 -31.71 -24.62 -21.86
C MET A 2255 -30.71 -25.42 -22.68
N ASP A 2256 -29.98 -26.32 -22.03
CA ASP A 2256 -29.03 -27.18 -22.75
C ASP A 2256 -29.73 -27.90 -23.91
N PHE A 2257 -29.19 -27.73 -25.10
CA PHE A 2257 -29.97 -27.84 -26.33
C PHE A 2257 -29.19 -28.61 -27.39
N GLU A 2258 -28.63 -29.75 -27.01
CA GLU A 2258 -27.83 -30.53 -27.94
C GLU A 2258 -28.67 -30.95 -29.14
N LEU A 2259 -28.40 -30.37 -30.29
CA LEU A 2259 -29.30 -30.46 -31.42
C LEU A 2259 -28.90 -31.63 -32.31
N LYS A 2260 -29.64 -31.80 -33.40
CA LYS A 2260 -29.67 -33.02 -34.22
C LYS A 2260 -28.30 -33.45 -34.71
N SER A 2261 -27.65 -32.65 -35.55
CA SER A 2261 -26.33 -33.04 -36.06
C SER A 2261 -25.25 -32.68 -35.05
N SER A 2262 -25.00 -31.38 -34.88
CA SER A 2262 -24.34 -30.86 -33.68
C SER A 2262 -24.62 -29.36 -33.68
N LEU A 2263 -25.54 -28.93 -32.82
CA LEU A 2263 -25.86 -27.52 -32.69
C LEU A 2263 -26.00 -27.20 -31.21
N ARG A 2264 -24.97 -27.55 -30.44
CA ARG A 2264 -24.93 -27.30 -29.01
C ARG A 2264 -25.38 -25.89 -28.68
N VAL A 2265 -26.27 -25.77 -27.70
CA VAL A 2265 -26.80 -24.48 -27.28
C VAL A 2265 -26.95 -24.49 -25.77
N LEU A 2266 -26.61 -23.37 -25.15
CA LEU A 2266 -26.68 -23.26 -23.69
C LEU A 2266 -26.96 -21.80 -23.39
N SER A 2267 -28.21 -21.45 -23.16
CA SER A 2267 -28.63 -20.07 -22.99
C SER A 2267 -29.21 -19.89 -21.59
N GLU A 2268 -28.35 -19.50 -20.65
CA GLU A 2268 -28.81 -19.21 -19.31
C GLU A 2268 -29.52 -17.86 -19.27
N ILE A 2269 -30.21 -17.63 -18.16
CA ILE A 2269 -30.64 -16.28 -17.81
C ILE A 2269 -30.46 -16.09 -16.31
N LYS A 2270 -29.40 -15.43 -15.89
CA LYS A 2270 -29.23 -15.18 -14.47
C LYS A 2270 -29.98 -13.92 -14.08
N LYS A 2271 -30.18 -13.75 -12.78
CA LYS A 2271 -30.99 -12.63 -12.33
C LYS A 2271 -30.88 -12.55 -10.82
N ASP A 2272 -31.01 -11.35 -10.27
CA ASP A 2272 -30.98 -11.25 -8.81
C ASP A 2272 -31.33 -9.83 -8.38
N ARG A 2273 -31.62 -9.70 -7.08
CA ARG A 2273 -31.92 -8.43 -6.45
C ARG A 2273 -31.28 -8.43 -5.08
N ALA A 2274 -30.89 -7.25 -4.62
CA ALA A 2274 -30.04 -7.14 -3.44
C ALA A 2274 -30.52 -6.04 -2.51
N LEU A 2275 -31.80 -6.08 -2.13
CA LEU A 2275 -32.36 -5.02 -1.29
C LEU A 2275 -31.60 -4.93 0.02
N SER A 2276 -31.20 -3.72 0.40
CA SER A 2276 -30.22 -3.53 1.46
C SER A 2276 -30.62 -2.40 2.39
N MET A 2277 -31.83 -2.45 2.93
CA MET A 2277 -32.34 -1.27 3.60
C MET A 2277 -31.54 -0.98 4.86
N SER A 2278 -31.02 0.25 4.94
CA SER A 2278 -30.24 0.70 6.08
C SER A 2278 -31.08 1.63 6.93
N PHE A 2279 -30.99 1.47 8.25
CA PHE A 2279 -31.81 2.24 9.16
C PHE A 2279 -31.11 3.46 9.72
N ASP A 2280 -29.90 3.74 9.26
CA ASP A 2280 -29.29 5.02 9.58
C ASP A 2280 -30.02 6.15 8.87
N ASN A 2281 -29.99 6.14 7.54
CA ASN A 2281 -30.62 7.15 6.73
C ASN A 2281 -32.01 6.77 6.25
N ASN A 2282 -32.40 5.50 6.39
CA ASN A 2282 -33.73 5.04 6.02
C ASN A 2282 -33.98 5.23 4.53
N LEU A 2283 -33.15 4.57 3.72
CA LEU A 2283 -33.32 4.60 2.28
C LEU A 2283 -32.72 3.32 1.71
N LEU A 2284 -33.48 2.63 0.88
CA LEU A 2284 -33.00 1.31 0.49
C LEU A 2284 -32.24 1.40 -0.82
N THR A 2285 -31.56 0.32 -1.17
CA THR A 2285 -30.74 0.29 -2.37
C THR A 2285 -31.01 -1.02 -3.09
N GLU A 2286 -31.63 -0.95 -4.25
CA GLU A 2286 -31.95 -2.13 -5.03
C GLU A 2286 -30.94 -2.32 -6.15
N VAL A 2287 -30.53 -3.56 -6.36
CA VAL A 2287 -29.57 -3.94 -7.39
C VAL A 2287 -30.23 -4.99 -8.28
N LYS A 2288 -29.75 -5.09 -9.52
CA LYS A 2288 -30.40 -5.95 -10.50
C LYS A 2288 -29.44 -6.99 -11.06
N GLY A 2289 -30.00 -7.94 -11.79
CA GLY A 2289 -29.24 -9.05 -12.34
C GLY A 2289 -29.15 -9.00 -13.85
N MET A 2290 -29.95 -9.80 -14.54
CA MET A 2290 -30.06 -9.71 -16.00
C MET A 2290 -28.72 -9.98 -16.67
N GLU A 2291 -28.31 -11.24 -16.61
CA GLU A 2291 -27.03 -11.69 -17.12
C GLU A 2291 -27.20 -12.66 -18.27
N TYR A 2292 -28.00 -12.26 -19.27
CA TYR A 2292 -28.31 -13.11 -20.43
C TYR A 2292 -27.05 -13.75 -21.02
N ILE A 2293 -27.18 -15.00 -21.41
CA ILE A 2293 -26.07 -15.74 -21.99
C ILE A 2293 -26.60 -16.65 -23.08
N ILE A 2294 -25.89 -16.70 -24.20
CA ILE A 2294 -26.24 -17.59 -25.30
C ILE A 2294 -24.97 -18.26 -25.81
N GLY A 2295 -24.73 -19.48 -25.37
CA GLY A 2295 -23.72 -20.30 -25.98
C GLY A 2295 -24.22 -20.86 -27.30
N LEU A 2296 -23.28 -21.30 -28.12
CA LEU A 2296 -23.65 -21.80 -29.43
C LEU A 2296 -22.49 -22.56 -30.03
N GLY A 2297 -22.74 -23.74 -30.56
CA GLY A 2297 -21.68 -24.55 -31.12
C GLY A 2297 -22.10 -25.31 -32.35
N TYR A 2298 -21.20 -25.46 -33.31
CA TYR A 2298 -21.53 -26.17 -34.53
C TYR A 2298 -20.23 -26.76 -35.07
N ARG A 2299 -20.36 -27.72 -35.97
CA ARG A 2299 -19.19 -28.32 -36.62
C ARG A 2299 -19.49 -28.52 -38.10
N PHE A 2300 -18.96 -27.64 -38.94
CA PHE A 2300 -18.88 -27.94 -40.36
C PHE A 2300 -17.99 -29.16 -40.56
N LYS A 2301 -18.34 -30.00 -41.52
CA LYS A 2301 -17.54 -31.20 -41.77
C LYS A 2301 -16.85 -31.13 -43.12
N ASP A 2302 -15.71 -31.85 -43.20
CA ASP A 2302 -14.98 -32.25 -44.41
C ASP A 2302 -15.01 -31.24 -45.55
N VAL A 2303 -14.58 -30.01 -45.28
CA VAL A 2303 -14.57 -28.95 -46.28
C VAL A 2303 -13.35 -29.07 -47.18
N SER A 2319 -11.64 -29.90 -44.38
CA SER A 2319 -11.97 -30.92 -43.39
C SER A 2319 -13.02 -30.41 -42.42
N ASP A 2320 -12.71 -30.51 -41.13
CA ASP A 2320 -13.65 -30.15 -40.07
C ASP A 2320 -13.41 -28.72 -39.61
N ILE A 2321 -14.49 -28.03 -39.25
CA ILE A 2321 -14.44 -26.63 -38.86
C ILE A 2321 -15.31 -26.47 -37.63
N ASN A 2322 -14.68 -26.25 -36.47
CA ASN A 2322 -15.44 -26.14 -35.24
C ASN A 2322 -15.76 -24.68 -34.96
N ILE A 2323 -17.03 -24.37 -34.77
CA ILE A 2323 -17.49 -23.00 -34.58
C ILE A 2323 -18.10 -22.88 -33.19
N LYS A 2324 -17.69 -21.86 -32.46
CA LYS A 2324 -18.28 -21.53 -31.17
C LYS A 2324 -18.65 -20.06 -31.18
N ALA A 2325 -19.72 -19.72 -30.48
CA ALA A 2325 -20.21 -18.35 -30.42
C ALA A 2325 -20.84 -18.16 -29.05
N ASP A 2326 -20.37 -17.17 -28.31
CA ASP A 2326 -20.77 -16.97 -26.93
C ASP A 2326 -21.26 -15.53 -26.76
N PHE A 2327 -22.52 -15.31 -27.07
CA PHE A 2327 -23.10 -14.00 -26.82
C PHE A 2327 -23.42 -13.86 -25.35
N SER A 2328 -23.30 -12.64 -24.83
CA SER A 2328 -23.67 -12.42 -23.45
C SER A 2328 -24.00 -10.95 -23.25
N LEU A 2329 -24.89 -10.70 -22.30
CA LEU A 2329 -25.43 -9.36 -22.07
C LEU A 2329 -25.66 -9.22 -20.57
N ARG A 2330 -24.83 -8.44 -19.91
CA ARG A 2330 -25.01 -8.15 -18.50
C ARG A 2330 -25.49 -6.73 -18.31
N ASN A 2331 -26.58 -6.60 -17.56
CA ASN A 2331 -27.16 -5.32 -17.21
C ASN A 2331 -27.09 -5.17 -15.70
N ASN A 2332 -27.08 -3.93 -15.22
CA ASN A 2332 -27.10 -3.69 -13.78
C ASN A 2332 -27.79 -2.38 -13.46
N GLU A 2333 -28.03 -2.17 -12.18
CA GLU A 2333 -28.66 -0.99 -11.62
C GLU A 2333 -28.28 -0.95 -10.15
N THR A 2334 -28.30 0.24 -9.57
CA THR A 2334 -28.05 0.38 -8.15
C THR A 2334 -28.94 1.46 -7.55
N LEU A 2335 -30.23 1.38 -7.83
CA LEU A 2335 -31.15 2.44 -7.43
C LEU A 2335 -31.15 2.68 -5.94
N VAL A 2336 -31.04 3.93 -5.54
CA VAL A 2336 -31.20 4.33 -4.14
C VAL A 2336 -32.57 4.99 -4.03
N ARG A 2337 -33.46 4.37 -3.27
CA ARG A 2337 -34.84 4.79 -3.19
C ARG A 2337 -35.09 5.39 -1.82
N TYR A 2338 -35.56 6.64 -1.80
CA TYR A 2338 -36.05 7.25 -0.57
C TYR A 2338 -37.48 6.82 -0.33
N LEU A 2339 -37.87 6.83 0.94
CA LEU A 2339 -39.23 6.46 1.31
C LEU A 2339 -40.14 7.68 1.34
N ASP A 2340 -39.75 8.70 2.11
CA ASP A 2340 -40.61 9.81 2.43
C ASP A 2340 -40.91 10.72 1.25
N TYR A 2341 -40.25 10.54 0.12
CA TYR A 2341 -40.64 11.23 -1.10
C TYR A 2341 -39.94 10.55 -2.28
N ASP A 2342 -40.53 10.69 -3.45
CA ASP A 2342 -40.02 9.99 -4.63
C ASP A 2342 -38.73 10.66 -5.11
N ASN A 2343 -37.60 10.09 -4.70
CA ASN A 2343 -36.28 10.50 -5.19
C ASN A 2343 -35.45 9.27 -5.54
N ASN A 2344 -36.11 8.21 -6.02
CA ASN A 2344 -35.37 7.02 -6.40
C ASN A 2344 -34.40 7.34 -7.52
N GLN A 2345 -33.10 7.35 -7.20
CA GLN A 2345 -32.09 7.84 -8.12
C GLN A 2345 -31.04 6.77 -8.40
N LEU A 2346 -30.62 6.70 -9.65
CA LEU A 2346 -29.65 5.70 -10.07
C LEU A 2346 -28.28 6.04 -9.50
N ALA A 2347 -27.49 4.99 -9.23
CA ALA A 2347 -26.18 5.21 -8.63
C ALA A 2347 -25.09 4.31 -9.18
N ALA A 2348 -25.36 3.50 -10.19
CA ALA A 2348 -24.36 2.63 -10.79
C ALA A 2348 -25.00 2.01 -12.03
N GLY A 2349 -24.29 1.10 -12.67
CA GLY A 2349 -24.91 0.35 -13.73
C GLY A 2349 -23.92 -0.06 -14.80
N GLN A 2350 -24.35 -1.01 -15.62
CA GLN A 2350 -23.58 -1.55 -16.73
C GLN A 2350 -24.56 -2.11 -17.75
N ASN A 2351 -24.16 -2.07 -19.01
CA ASN A 2351 -24.88 -2.75 -20.08
C ASN A 2351 -23.91 -3.45 -21.00
N ILE A 2352 -22.98 -4.20 -20.42
CA ILE A 2352 -21.89 -4.76 -21.23
C ILE A 2352 -22.40 -5.99 -21.97
N TRP A 2353 -22.34 -5.97 -23.29
CA TRP A 2353 -22.57 -7.19 -24.03
C TRP A 2353 -21.40 -7.52 -24.92
N SER A 2354 -21.06 -8.80 -24.95
CA SER A 2354 -19.88 -9.30 -25.65
C SER A 2354 -20.26 -10.46 -26.54
N LEU A 2355 -19.50 -10.63 -27.63
CA LEU A 2355 -19.85 -11.53 -28.71
C LEU A 2355 -18.64 -12.33 -29.17
N LYS A 2356 -17.95 -12.99 -28.24
CA LYS A 2356 -16.87 -13.89 -28.63
C LYS A 2356 -17.35 -14.90 -29.66
N LEU A 2357 -16.52 -15.17 -30.66
CA LEU A 2357 -16.94 -16.00 -31.78
C LEU A 2357 -15.70 -16.58 -32.43
N THR A 2358 -15.48 -17.88 -32.29
CA THR A 2358 -14.29 -18.51 -32.85
C THR A 2358 -14.68 -19.59 -33.84
N ALA A 2359 -13.78 -19.85 -34.79
CA ALA A 2359 -13.99 -20.90 -35.77
C ALA A 2359 -12.62 -21.42 -36.14
N ASP A 2360 -12.32 -22.66 -35.77
CA ASP A 2360 -11.00 -23.22 -35.97
C ASP A 2360 -11.04 -24.35 -36.98
N TYR A 2361 -9.90 -24.53 -37.68
CA TYR A 2361 -9.77 -25.44 -38.80
C TYR A 2361 -8.36 -25.97 -38.84
N SER A 2362 -8.21 -27.30 -38.88
CA SER A 2362 -6.90 -27.94 -38.83
C SER A 2362 -6.42 -28.24 -40.25
N PHE A 2363 -5.20 -27.83 -40.56
CA PHE A 2363 -4.61 -28.11 -41.87
C PHE A 2363 -3.82 -29.40 -41.90
N SER A 2364 -3.45 -29.93 -40.75
CA SER A 2364 -2.78 -31.23 -40.66
C SER A 2364 -2.74 -31.63 -39.19
N LYS A 2365 -2.03 -32.71 -38.90
CA LYS A 2365 -1.88 -33.14 -37.51
C LYS A 2365 -1.18 -32.07 -36.67
N ASN A 2366 -0.29 -31.31 -37.30
CA ASN A 2366 0.55 -30.34 -36.60
C ASN A 2366 0.01 -28.93 -36.69
N LEU A 2367 -0.44 -28.51 -37.86
CA LEU A 2367 -0.77 -27.13 -38.13
C LEU A 2367 -2.27 -26.92 -38.04
N THR A 2368 -2.67 -25.89 -37.30
CA THR A 2368 -4.07 -25.53 -37.20
C THR A 2368 -4.18 -24.01 -37.28
N ALA A 2369 -5.37 -23.54 -37.60
CA ALA A 2369 -5.66 -22.13 -37.59
C ALA A 2369 -6.95 -21.93 -36.82
N ILE A 2370 -7.15 -20.72 -36.29
CA ILE A 2370 -8.42 -20.41 -35.68
C ILE A 2370 -8.71 -18.92 -35.85
N PHE A 2371 -9.84 -18.62 -36.48
CA PHE A 2371 -10.30 -17.25 -36.66
C PHE A 2371 -11.19 -16.87 -35.48
N TYR A 2372 -10.75 -15.89 -34.70
CA TYR A 2372 -11.50 -15.46 -33.53
C TYR A 2372 -11.97 -14.03 -33.73
N TYR A 2373 -13.09 -13.70 -33.11
CA TYR A 2373 -13.72 -12.40 -33.25
C TYR A 2373 -14.39 -12.07 -31.94
N ASP A 2374 -13.82 -11.14 -31.18
CA ASP A 2374 -14.30 -10.78 -29.85
C ASP A 2374 -14.78 -9.35 -29.91
N HIS A 2375 -16.07 -9.17 -30.15
CA HIS A 2375 -16.69 -7.86 -30.09
C HIS A 2375 -17.16 -7.61 -28.67
N SER A 2376 -17.13 -6.36 -28.24
CA SER A 2376 -17.59 -6.05 -26.90
C SER A 2376 -18.04 -4.60 -26.87
N PHE A 2377 -19.15 -4.35 -26.19
CA PHE A 2377 -19.74 -3.02 -26.15
C PHE A 2377 -20.27 -2.76 -24.76
N SER A 2378 -19.69 -1.78 -24.08
CA SER A 2378 -20.25 -1.29 -22.84
C SER A 2378 -21.26 -0.21 -23.16
N LYS A 2379 -21.89 0.32 -22.12
CA LYS A 2379 -22.92 1.33 -22.33
C LYS A 2379 -22.99 2.21 -21.09
N ALA A 2380 -23.41 3.45 -21.29
CA ALA A 2380 -23.50 4.39 -20.18
C ALA A 2380 -24.79 4.15 -19.41
N VAL A 2381 -24.67 3.59 -18.22
CA VAL A 2381 -25.81 3.51 -17.32
C VAL A 2381 -25.85 4.72 -16.41
N ILE A 2382 -24.71 5.05 -15.83
CA ILE A 2382 -24.50 6.32 -15.19
C ILE A 2382 -23.75 7.20 -16.17
N SER A 2383 -23.70 8.50 -15.89
CA SER A 2383 -23.15 9.45 -16.86
C SER A 2383 -21.66 9.64 -16.70
N THR A 2384 -20.94 8.67 -16.16
CA THR A 2384 -19.49 8.75 -16.04
C THR A 2384 -18.85 7.43 -16.42
N SER A 2385 -19.32 6.81 -17.50
CA SER A 2385 -18.84 5.50 -17.88
C SER A 2385 -18.21 5.45 -19.27
N PHE A 2386 -18.56 6.37 -20.18
CA PHE A 2386 -17.85 6.47 -21.45
C PHE A 2386 -17.99 5.18 -22.24
N PRO A 2387 -19.12 4.97 -22.91
CA PRO A 2387 -19.39 3.68 -23.58
C PRO A 2387 -18.29 3.19 -24.50
N LEU A 2388 -17.64 2.10 -24.10
CA LEU A 2388 -16.63 1.45 -24.91
C LEU A 2388 -17.25 0.60 -25.99
N THR A 2389 -16.52 0.47 -27.10
CA THR A 2389 -16.75 -0.63 -28.02
C THR A 2389 -15.40 -1.04 -28.59
N ASN A 2390 -15.04 -2.30 -28.39
CA ASN A 2390 -13.75 -2.79 -28.80
C ASN A 2390 -13.87 -4.18 -29.41
N ILE A 2391 -13.08 -4.40 -30.45
CA ILE A 2391 -13.22 -5.54 -31.35
C ILE A 2391 -11.85 -6.12 -31.59
N ARG A 2392 -11.63 -7.34 -31.14
CA ARG A 2392 -10.45 -8.10 -31.50
C ARG A 2392 -10.82 -9.05 -32.63
N SER A 2393 -9.91 -9.25 -33.57
CA SER A 2393 -10.21 -10.12 -34.69
C SER A 2393 -8.93 -10.77 -35.15
N GLY A 2394 -8.93 -11.28 -36.36
CA GLY A 2394 -7.73 -11.80 -36.96
C GLY A 2394 -7.51 -13.27 -36.66
N PHE A 2395 -6.69 -13.89 -37.47
CA PHE A 2395 -6.44 -15.31 -37.31
C PHE A 2395 -5.36 -15.52 -36.28
N THR A 2396 -5.33 -16.73 -35.72
CA THR A 2396 -4.18 -17.19 -34.96
C THR A 2396 -3.84 -18.58 -35.45
N LEU A 2397 -2.64 -18.73 -35.98
CA LEU A 2397 -2.16 -20.05 -36.35
C LEU A 2397 -1.73 -20.81 -35.10
N ARG A 2398 -1.25 -22.02 -35.33
CA ARG A 2398 -0.82 -22.88 -34.24
C ARG A 2398 -0.06 -24.05 -34.83
N TYR A 2399 1.11 -24.35 -34.33
CA TYR A 2399 1.92 -25.43 -34.86
C TYR A 2399 2.40 -26.26 -33.69
N ASN A 2400 1.91 -27.49 -33.60
CA ASN A 2400 2.23 -28.38 -32.50
C ASN A 2400 3.22 -29.44 -33.00
N PHE A 2401 4.42 -29.43 -32.43
CA PHE A 2401 5.43 -30.38 -32.85
C PHE A 2401 5.12 -31.76 -32.31
N ASP B 22 -52.03 -11.70 16.38
CA ASP B 22 -53.07 -10.69 16.51
C ASP B 22 -53.96 -10.97 17.71
N GLU B 23 -53.42 -10.73 18.91
CA GLU B 23 -54.14 -10.92 20.17
C GLU B 23 -54.00 -9.64 20.99
N VAL B 24 -54.86 -8.68 20.73
CA VAL B 24 -54.80 -7.39 21.41
C VAL B 24 -55.45 -7.55 22.79
N LYS B 25 -54.93 -6.82 23.77
CA LYS B 25 -55.37 -6.99 25.15
C LYS B 25 -55.39 -5.63 25.81
N ASP B 26 -56.54 -5.23 26.35
CA ASP B 26 -56.66 -3.97 27.09
C ASP B 26 -56.90 -4.29 28.57
N TYR B 27 -55.95 -3.91 29.40
CA TYR B 27 -56.13 -4.04 30.84
C TYR B 27 -56.69 -2.74 31.43
N THR B 28 -57.70 -2.16 30.80
CA THR B 28 -58.10 -0.81 31.20
C THR B 28 -58.90 -0.84 32.49
N ALA B 29 -60.06 -1.51 32.47
CA ALA B 29 -60.87 -1.63 33.66
C ALA B 29 -60.12 -2.37 34.76
N GLU B 30 -59.27 -3.32 34.39
CA GLU B 30 -58.54 -4.08 35.40
C GLU B 30 -57.51 -3.20 36.10
N ASN B 31 -56.72 -2.42 35.35
CA ASN B 31 -55.77 -1.56 36.00
C ASN B 31 -56.46 -0.47 36.81
N GLU B 32 -57.63 0.00 36.35
CA GLU B 32 -58.35 0.96 37.16
C GLU B 32 -58.86 0.31 38.45
N LYS B 33 -59.31 -0.94 38.35
CA LYS B 33 -59.72 -1.70 39.54
C LYS B 33 -58.56 -1.84 40.52
N GLU B 34 -57.37 -2.11 40.01
CA GLU B 34 -56.23 -2.35 40.89
C GLU B 34 -55.72 -1.05 41.50
N ILE B 35 -55.74 0.04 40.73
CA ILE B 35 -55.50 1.35 41.31
C ILE B 35 -56.45 1.61 42.46
N VAL B 36 -57.74 1.32 42.24
CA VAL B 36 -58.75 1.63 43.26
C VAL B 36 -58.57 0.76 44.49
N ASP B 37 -58.34 -0.54 44.31
CA ASP B 37 -58.29 -1.40 45.48
C ASP B 37 -56.97 -1.25 46.23
N TYR B 38 -55.88 -0.88 45.55
CA TYR B 38 -54.67 -0.49 46.26
C TYR B 38 -54.89 0.78 47.06
N LEU B 39 -55.48 1.81 46.43
CA LEU B 39 -55.72 3.06 47.11
C LEU B 39 -56.76 2.93 48.22
N ALA B 40 -57.54 1.86 48.21
CA ALA B 40 -58.49 1.58 49.28
C ALA B 40 -57.88 0.75 50.40
N GLN B 41 -57.07 -0.26 50.06
CA GLN B 41 -56.30 -0.98 51.07
C GLN B 41 -55.46 0.00 51.88
N ASN B 42 -54.76 0.89 51.20
CA ASN B 42 -54.12 1.97 51.93
C ASN B 42 -55.13 3.09 52.18
N ASN B 43 -54.83 3.95 53.14
CA ASN B 43 -55.69 5.09 53.43
C ASN B 43 -55.33 6.27 52.54
N LEU B 44 -55.54 6.08 51.25
CA LEU B 44 -55.19 7.06 50.23
C LEU B 44 -56.45 7.71 49.68
N THR B 45 -56.30 8.94 49.21
CA THR B 45 -57.41 9.66 48.55
C THR B 45 -56.81 10.44 47.38
N ALA B 46 -56.79 9.80 46.21
CA ALA B 46 -56.31 10.43 44.99
C ALA B 46 -57.49 10.75 44.09
N GLN B 47 -57.18 11.44 43.00
CA GLN B 47 -58.17 11.78 42.00
C GLN B 47 -57.69 11.31 40.63
N ARG B 48 -58.45 11.64 39.60
CA ARG B 48 -58.21 11.11 38.26
C ARG B 48 -58.13 12.25 37.27
N THR B 49 -57.97 11.88 36.00
CA THR B 49 -57.96 12.83 34.90
C THR B 49 -58.84 12.30 33.79
N ASN B 50 -58.89 13.01 32.66
CA ASN B 50 -59.64 12.50 31.51
C ASN B 50 -59.02 11.20 31.00
N SER B 51 -57.69 11.11 31.02
CA SER B 51 -57.03 9.89 30.58
C SER B 51 -57.27 8.75 31.55
N GLY B 52 -57.01 8.97 32.84
CA GLY B 52 -57.36 7.97 33.82
C GLY B 52 -56.27 7.59 34.80
N LEU B 53 -55.18 8.33 34.84
CA LEU B 53 -54.16 8.08 35.85
C LEU B 53 -54.55 8.82 37.12
N TYR B 54 -54.23 8.21 38.26
CA TYR B 54 -54.51 8.88 39.52
C TYR B 54 -53.24 9.53 40.05
N TYR B 55 -53.42 10.55 40.88
CA TYR B 55 -52.26 11.23 41.41
C TYR B 55 -52.63 11.89 42.74
N ILE B 56 -51.60 12.11 43.54
CA ILE B 56 -51.73 12.82 44.81
C ILE B 56 -50.56 13.79 44.88
N ILE B 57 -50.84 15.08 44.71
CA ILE B 57 -49.78 16.09 44.78
C ILE B 57 -49.48 16.33 46.25
N THR B 58 -48.40 15.74 46.75
CA THR B 58 -48.05 15.87 48.15
C THR B 58 -47.75 17.33 48.50
N LYS B 59 -47.13 18.05 47.56
CA LYS B 59 -46.91 19.48 47.73
C LYS B 59 -46.42 20.05 46.41
N GLU B 60 -46.88 21.25 46.09
CA GLU B 60 -46.48 21.93 44.88
C GLU B 60 -45.41 22.96 45.23
N GLY B 61 -44.82 23.58 44.20
CA GLY B 61 -43.80 24.57 44.44
C GLY B 61 -43.97 25.81 43.58
N SER B 62 -42.96 26.68 43.60
CA SER B 62 -43.01 27.91 42.80
C SER B 62 -42.00 27.83 41.65
N HIS B 90 -43.47 25.66 36.58
CA HIS B 90 -44.43 25.58 35.50
C HIS B 90 -43.96 24.62 34.42
N PRO B 91 -43.74 23.36 34.77
CA PRO B 91 -43.14 22.43 33.82
C PRO B 91 -44.07 22.13 32.66
N THR B 92 -43.72 22.62 31.48
CA THR B 92 -44.53 22.41 30.29
C THR B 92 -44.08 21.14 29.57
N LEU B 93 -44.76 20.82 28.47
CA LEU B 93 -44.54 19.57 27.77
C LEU B 93 -43.29 19.57 26.91
N ASN B 94 -42.50 20.64 26.92
CA ASN B 94 -41.29 20.71 26.13
C ASN B 94 -40.16 21.36 26.93
N SER B 95 -40.01 20.93 28.18
CA SER B 95 -38.98 21.49 29.06
C SER B 95 -38.30 20.37 29.83
N ASN B 96 -37.02 20.58 30.12
CA ASN B 96 -36.29 19.66 30.98
C ASN B 96 -36.92 19.59 32.36
N ILE B 97 -36.64 18.50 33.06
CA ILE B 97 -37.07 18.34 34.44
C ILE B 97 -36.03 17.51 35.17
N THR B 98 -35.52 18.05 36.27
CA THR B 98 -34.65 17.28 37.15
C THR B 98 -35.50 16.68 38.25
N VAL B 99 -35.55 15.36 38.31
CA VAL B 99 -36.45 14.67 39.22
C VAL B 99 -35.70 13.63 40.03
N ILE B 100 -36.29 13.31 41.17
CA ILE B 100 -35.92 12.16 41.99
C ILE B 100 -37.18 11.33 42.15
N TYR B 101 -37.17 10.12 41.58
CA TYR B 101 -38.36 9.29 41.55
C TYR B 101 -38.05 7.90 42.07
N LYS B 102 -39.11 7.16 42.38
CA LYS B 102 -38.99 5.76 42.78
C LYS B 102 -40.25 5.06 42.32
N GLY B 103 -40.12 4.24 41.28
CA GLY B 103 -41.26 3.55 40.69
C GLY B 103 -41.30 2.10 41.15
N TYR B 104 -42.50 1.65 41.54
CA TYR B 104 -42.68 0.32 42.05
C TYR B 104 -44.10 -0.15 41.80
N PHE B 105 -44.30 -1.46 41.86
CA PHE B 105 -45.59 -2.06 41.53
C PHE B 105 -46.57 -1.82 42.67
N THR B 106 -47.76 -2.41 42.57
CA THR B 106 -48.75 -2.38 43.62
C THR B 106 -48.56 -3.49 44.64
N ASN B 107 -47.39 -4.12 44.66
CA ASN B 107 -47.02 -5.05 45.72
C ASN B 107 -45.78 -4.57 46.46
N GLY B 108 -45.45 -3.28 46.36
CA GLY B 108 -44.29 -2.73 47.00
C GLY B 108 -42.97 -2.98 46.30
N LYS B 109 -42.91 -3.97 45.40
CA LYS B 109 -41.67 -4.26 44.71
C LYS B 109 -41.31 -3.12 43.76
N VAL B 110 -40.08 -2.65 43.87
CA VAL B 110 -39.59 -1.55 43.04
C VAL B 110 -39.00 -2.11 41.76
N PHE B 111 -39.17 -1.36 40.67
CA PHE B 111 -38.60 -1.74 39.39
C PHE B 111 -37.65 -0.70 38.82
N ASP B 112 -37.64 0.52 39.34
CA ASP B 112 -36.85 1.57 38.73
C ASP B 112 -36.76 2.78 39.67
N GLU B 113 -35.54 3.27 39.92
CA GLU B 113 -35.37 4.34 40.88
C GLU B 113 -34.20 5.22 40.49
N SER B 114 -34.18 6.43 41.06
CA SER B 114 -33.04 7.33 40.90
C SER B 114 -33.04 8.26 42.11
N THR B 115 -32.20 7.95 43.10
CA THR B 115 -32.09 8.86 44.24
C THR B 115 -31.31 10.11 43.85
N GLU B 116 -30.26 9.95 43.06
CA GLU B 116 -29.60 11.09 42.44
C GLU B 116 -30.51 11.68 41.38
N GLY B 117 -30.46 13.00 41.24
CA GLY B 117 -31.33 13.67 40.29
C GLY B 117 -31.05 13.26 38.87
N VAL B 118 -32.10 13.18 38.06
CA VAL B 118 -31.98 12.87 36.65
C VAL B 118 -32.70 13.95 35.84
N SER B 119 -32.08 14.35 34.73
CA SER B 119 -32.59 15.43 33.90
C SER B 119 -33.24 14.82 32.67
N TYR B 120 -34.57 14.71 32.70
CA TYR B 120 -35.30 14.24 31.54
C TYR B 120 -35.83 15.43 30.76
N SER B 121 -36.57 15.12 29.69
CA SER B 121 -37.04 16.13 28.76
C SER B 121 -38.54 16.34 28.78
N LEU B 122 -39.32 15.34 29.17
CA LEU B 122 -40.75 15.43 29.36
C LEU B 122 -41.51 15.47 28.04
N ARG B 123 -40.80 15.62 26.92
CA ARG B 123 -41.29 15.22 25.61
C ARG B 123 -41.04 13.75 25.36
N THR B 124 -40.49 13.07 26.35
CA THR B 124 -39.89 11.76 26.18
C THR B 124 -40.38 10.74 27.19
N LEU B 125 -40.88 11.17 28.34
CA LEU B 125 -41.32 10.26 29.36
C LEU B 125 -42.57 9.53 28.89
N ILE B 126 -43.07 8.62 29.72
CA ILE B 126 -44.28 7.88 29.39
C ILE B 126 -45.47 8.83 29.56
N PRO B 127 -46.64 8.51 29.01
CA PRO B 127 -47.77 9.45 29.07
C PRO B 127 -48.22 9.75 30.49
N GLY B 128 -48.05 8.82 31.42
CA GLY B 128 -48.43 9.09 32.80
C GLY B 128 -47.71 10.29 33.37
N TRP B 129 -46.38 10.30 33.25
CA TRP B 129 -45.59 11.46 33.63
C TRP B 129 -46.07 12.71 32.91
N LYS B 130 -46.12 12.64 31.58
CA LYS B 130 -46.45 13.82 30.78
C LYS B 130 -47.81 14.40 31.11
N GLU B 131 -48.70 13.61 31.72
CA GLU B 131 -49.96 14.15 32.19
C GLU B 131 -49.91 14.60 33.64
N GLY B 132 -49.13 13.93 34.48
CA GLY B 132 -49.14 14.23 35.90
C GLY B 132 -48.11 15.25 36.35
N ILE B 133 -46.85 15.02 36.00
CA ILE B 133 -45.75 15.90 36.39
C ILE B 133 -45.91 17.34 35.91
N PRO B 134 -46.65 17.66 34.83
CA PRO B 134 -46.87 19.08 34.53
C PRO B 134 -47.65 19.82 35.59
N LEU B 135 -48.36 19.10 36.46
CA LEU B 135 -49.13 19.76 37.51
C LEU B 135 -48.22 20.41 38.54
N LEU B 136 -47.41 19.60 39.21
CA LEU B 136 -46.54 20.12 40.24
C LEU B 136 -45.48 21.05 39.66
N LYS B 137 -45.13 22.07 40.42
CA LYS B 137 -44.12 23.03 40.02
C LYS B 137 -42.78 22.64 40.64
N SER B 138 -41.79 23.50 40.49
CA SER B 138 -40.45 23.19 40.97
C SER B 138 -40.44 22.99 42.48
N GLY B 139 -39.65 22.03 42.94
CA GLY B 139 -39.62 21.66 44.34
C GLY B 139 -40.73 20.73 44.78
N GLY B 140 -41.85 20.72 44.08
CA GLY B 140 -43.00 19.93 44.48
C GLY B 140 -42.76 18.44 44.51
N GLU B 141 -43.80 17.67 44.78
CA GLU B 141 -43.68 16.22 44.92
C GLU B 141 -45.05 15.59 44.70
N ILE B 142 -45.05 14.39 44.14
CA ILE B 142 -46.29 13.79 43.67
C ILE B 142 -46.21 12.27 43.82
N GLN B 143 -47.38 11.66 43.94
CA GLN B 143 -47.57 10.21 44.00
C GLN B 143 -48.49 9.81 42.85
N LEU B 144 -47.92 9.17 41.83
CA LEU B 144 -48.64 8.83 40.61
C LEU B 144 -48.98 7.35 40.56
N PHE B 145 -50.20 7.05 40.10
CA PHE B 145 -50.68 5.70 39.87
C PHE B 145 -51.10 5.62 38.41
N VAL B 146 -50.29 4.93 37.62
CA VAL B 146 -50.35 4.95 36.16
C VAL B 146 -50.88 3.60 35.68
N PRO B 147 -52.00 3.57 34.97
CA PRO B 147 -52.43 2.32 34.34
C PRO B 147 -51.48 1.88 33.24
N ALA B 148 -51.73 0.70 32.67
CA ALA B 148 -50.82 0.17 31.66
C ALA B 148 -50.78 1.05 30.42
N HIS B 149 -51.96 1.44 29.94
CA HIS B 149 -52.04 2.19 28.69
C HIS B 149 -51.44 3.58 28.80
N LEU B 150 -51.28 4.11 30.01
CA LEU B 150 -50.51 5.31 30.23
C LEU B 150 -49.07 5.01 30.61
N GLY B 151 -48.75 3.75 30.88
CA GLY B 151 -47.40 3.36 31.19
C GLY B 151 -46.74 2.65 30.03
N TYR B 152 -46.78 1.32 30.06
CA TYR B 152 -46.04 0.51 29.09
C TYR B 152 -46.96 -0.40 28.31
N GLY B 153 -48.23 -0.03 28.18
CA GLY B 153 -49.16 -0.72 27.32
C GLY B 153 -49.33 -2.18 27.69
N SER B 154 -49.92 -2.92 26.77
CA SER B 154 -50.18 -4.33 26.97
C SER B 154 -48.97 -5.21 26.71
N ASN B 155 -47.79 -4.64 26.61
CA ASN B 155 -46.60 -5.48 26.54
C ASN B 155 -45.54 -5.10 27.55
N GLY B 156 -45.33 -3.81 27.79
CA GLY B 156 -44.35 -3.38 28.76
C GLY B 156 -42.93 -3.73 28.37
N ASN B 157 -41.96 -3.07 28.99
CA ASN B 157 -40.57 -3.39 28.72
C ASN B 157 -40.19 -4.64 29.51
N LYS B 158 -38.89 -4.94 29.56
CA LYS B 158 -38.41 -6.00 30.43
C LYS B 158 -38.46 -5.54 31.87
N THR B 159 -38.77 -6.46 32.78
CA THR B 159 -38.90 -6.27 34.21
C THR B 159 -40.25 -5.64 34.56
N VAL B 160 -41.05 -5.22 33.58
CA VAL B 160 -42.38 -4.71 33.88
C VAL B 160 -43.40 -5.55 33.12
N PRO B 161 -44.25 -6.31 33.82
CA PRO B 161 -45.26 -7.10 33.13
C PRO B 161 -46.24 -6.22 32.38
N GLY B 162 -46.65 -6.68 31.20
CA GLY B 162 -47.64 -5.96 30.42
C GLY B 162 -48.95 -5.82 31.17
N GLY B 163 -49.51 -4.62 31.16
CA GLY B 163 -50.74 -4.38 31.88
C GLY B 163 -50.56 -4.29 33.37
N ALA B 164 -49.38 -3.89 33.84
CA ALA B 164 -49.09 -3.81 35.25
C ALA B 164 -49.20 -2.37 35.72
N VAL B 165 -49.99 -2.16 36.78
CA VAL B 165 -50.10 -0.84 37.37
C VAL B 165 -48.74 -0.36 37.84
N LEU B 166 -48.47 0.93 37.69
CA LEU B 166 -47.20 1.52 38.05
C LEU B 166 -47.41 2.59 39.10
N ILE B 167 -46.49 2.69 40.04
CA ILE B 167 -46.54 3.66 41.12
C ILE B 167 -45.24 4.44 41.11
N PHE B 168 -45.33 5.77 41.12
CA PHE B 168 -44.16 6.62 41.11
C PHE B 168 -44.25 7.64 42.22
N GLU B 169 -43.12 7.93 42.86
CA GLU B 169 -43.01 9.05 43.79
C GLU B 169 -42.03 10.04 43.17
N ILE B 170 -42.56 11.08 42.59
CA ILE B 170 -41.75 12.08 41.92
C ILE B 170 -41.45 13.20 42.91
N THR B 171 -40.23 13.73 42.83
CA THR B 171 -39.82 14.91 43.59
C THR B 171 -39.12 15.82 42.60
N LEU B 172 -39.74 16.96 42.29
CA LEU B 172 -39.25 17.82 41.23
C LEU B 172 -38.15 18.70 41.80
N VAL B 173 -36.90 18.23 41.67
CA VAL B 173 -35.78 18.96 42.22
C VAL B 173 -35.54 20.26 41.46
N SER B 174 -35.83 20.28 40.17
CA SER B 174 -35.55 21.48 39.39
C SER B 174 -36.19 21.36 38.01
N VAL B 175 -36.71 22.48 37.52
CA VAL B 175 -37.21 22.58 36.15
C VAL B 175 -36.28 23.53 35.41
N ASN B 176 -35.47 22.98 34.51
CA ASN B 176 -34.52 23.78 33.76
C ASN B 176 -35.23 24.58 32.68
N ASP C 21 29.96 7.49 -23.77
CA ASP C 21 29.54 8.88 -23.85
C ASP C 21 29.66 9.39 -25.28
N ILE C 22 28.53 9.47 -25.97
CA ILE C 22 28.48 9.80 -27.38
C ILE C 22 28.03 11.24 -27.55
N GLU C 23 28.79 12.01 -28.33
CA GLU C 23 28.46 13.40 -28.63
C GLU C 23 27.77 13.48 -29.98
N ARG C 24 26.61 14.12 -30.01
CA ARG C 24 25.95 14.46 -31.26
C ARG C 24 25.61 13.21 -32.07
N PRO C 25 24.70 12.38 -31.59
CA PRO C 25 24.25 11.24 -32.40
C PRO C 25 23.30 11.72 -33.48
N ILE C 26 22.69 10.81 -34.21
CA ILE C 26 21.79 11.16 -35.31
C ILE C 26 20.43 10.55 -35.04
N THR C 27 19.42 11.41 -34.84
CA THR C 27 18.07 10.98 -34.48
C THR C 27 17.42 10.36 -35.70
N THR C 28 17.51 9.04 -35.80
CA THR C 28 17.18 8.34 -37.04
C THR C 28 15.72 7.91 -37.09
N GLY C 29 14.81 8.85 -36.82
CA GLY C 29 13.39 8.59 -36.94
C GLY C 29 12.89 7.38 -36.17
N VAL C 30 12.34 6.40 -36.88
CA VAL C 30 11.88 5.15 -36.28
C VAL C 30 13.10 4.28 -35.97
N PRO C 31 13.36 3.99 -34.72
CA PRO C 31 14.61 3.32 -34.39
C PRO C 31 14.51 1.80 -34.36
N PHE C 32 13.30 1.26 -34.31
CA PHE C 32 13.17 -0.20 -34.21
C PHE C 32 13.65 -0.89 -35.48
N LEU C 33 13.70 -0.17 -36.59
CA LEU C 33 14.10 -0.79 -37.85
C LEU C 33 15.54 -1.25 -37.80
N LEU C 34 16.41 -0.51 -37.10
CA LEU C 34 17.83 -0.82 -37.12
C LEU C 34 18.12 -2.15 -36.42
N VAL C 35 17.47 -2.38 -35.27
CA VAL C 35 17.77 -3.56 -34.46
C VAL C 35 17.38 -4.82 -35.23
N ALA C 36 18.24 -5.83 -35.14
CA ALA C 36 17.96 -7.10 -35.80
C ALA C 36 16.74 -7.76 -35.17
N ALA C 37 16.13 -8.66 -35.93
CA ALA C 37 14.91 -9.33 -35.50
C ALA C 37 15.00 -10.85 -35.52
N ASP C 38 16.13 -11.41 -35.95
CA ASP C 38 16.26 -12.84 -36.16
C ASP C 38 17.41 -13.39 -35.31
N ALA C 39 17.76 -14.65 -35.55
CA ALA C 39 18.89 -15.27 -34.88
C ALA C 39 20.00 -15.69 -35.81
N ARG C 40 19.70 -16.03 -37.07
CA ARG C 40 20.75 -16.22 -38.06
C ARG C 40 21.64 -14.99 -38.14
N ALA C 41 21.05 -13.82 -38.07
CA ALA C 41 21.74 -12.59 -37.77
C ALA C 41 21.42 -12.20 -36.34
N ALA C 42 22.23 -11.29 -35.79
CA ALA C 42 22.14 -10.82 -34.42
C ALA C 42 22.62 -11.84 -33.41
N GLY C 43 22.84 -13.07 -33.86
CA GLY C 43 23.76 -14.00 -33.23
C GLY C 43 25.03 -14.05 -34.03
N LEU C 44 25.20 -13.16 -35.00
CA LEU C 44 26.30 -13.19 -35.95
C LEU C 44 26.85 -11.78 -36.14
N GLY C 45 26.59 -10.89 -35.20
CA GLY C 45 27.06 -9.53 -35.30
C GLY C 45 26.15 -8.58 -36.04
N ASP C 46 24.89 -8.94 -36.24
CA ASP C 46 23.92 -8.06 -36.88
C ASP C 46 24.30 -7.69 -38.31
N GLN C 47 24.79 -8.66 -39.08
CA GLN C 47 25.19 -8.31 -40.44
C GLN C 47 24.34 -8.96 -41.52
N GLY C 48 24.34 -10.29 -41.64
CA GLY C 48 23.58 -10.99 -42.66
C GLY C 48 23.61 -10.45 -44.08
N VAL C 49 24.61 -9.65 -44.45
CA VAL C 49 24.62 -9.01 -45.76
C VAL C 49 25.42 -9.85 -46.74
N ALA C 50 26.40 -10.58 -46.23
CA ALA C 50 27.19 -11.52 -47.01
C ALA C 50 27.10 -12.91 -46.42
N THR C 51 25.95 -13.22 -45.85
CA THR C 51 25.66 -14.54 -45.29
C THR C 51 24.78 -15.28 -46.27
N SER C 52 24.89 -16.62 -46.26
CA SER C 52 24.21 -17.46 -47.24
C SER C 52 22.72 -17.18 -47.27
N SER C 53 22.09 -17.48 -48.40
CA SER C 53 20.68 -17.21 -48.58
C SER C 53 19.85 -17.96 -47.56
N ASP C 54 18.92 -17.26 -46.93
CA ASP C 54 18.18 -17.79 -45.79
C ASP C 54 16.85 -17.06 -45.70
N VAL C 55 15.94 -17.60 -44.90
CA VAL C 55 14.59 -17.06 -44.81
C VAL C 55 14.54 -15.74 -44.07
N PHE C 56 15.59 -15.40 -43.33
CA PHE C 56 15.62 -14.17 -42.54
C PHE C 56 16.08 -12.96 -43.31
N SER C 57 16.73 -13.16 -44.44
CA SER C 57 17.43 -12.09 -45.12
C SER C 57 16.48 -11.13 -45.82
N GLN C 58 15.68 -10.40 -45.05
CA GLN C 58 14.81 -9.43 -45.68
C GLN C 58 15.08 -8.07 -45.08
N GLN C 59 15.52 -8.06 -43.83
CA GLN C 59 15.94 -6.83 -43.18
C GLN C 59 17.36 -6.46 -43.55
N TRP C 60 18.15 -7.42 -44.03
CA TRP C 60 19.58 -7.23 -44.24
C TRP C 60 19.91 -7.06 -45.72
N ASN C 61 19.52 -8.03 -46.54
CA ASN C 61 19.86 -8.02 -47.96
C ASN C 61 18.83 -8.84 -48.69
N PRO C 62 17.73 -8.21 -49.11
CA PRO C 62 16.68 -8.96 -49.79
C PRO C 62 17.09 -9.51 -51.12
N ALA C 63 18.22 -9.08 -51.68
CA ALA C 63 18.65 -9.58 -52.97
C ALA C 63 18.96 -11.06 -52.91
N LYS C 64 19.49 -11.55 -51.79
CA LYS C 64 19.95 -12.92 -51.72
C LYS C 64 18.83 -13.92 -51.52
N TYR C 65 17.58 -13.51 -51.69
CA TYR C 65 16.50 -14.49 -51.75
C TYR C 65 16.53 -15.29 -53.05
N ALA C 66 17.09 -14.72 -54.11
CA ALA C 66 17.15 -15.44 -55.38
C ALA C 66 18.02 -16.67 -55.28
N PHE C 67 19.06 -16.63 -54.43
CA PHE C 67 20.02 -17.71 -54.31
C PHE C 67 19.61 -18.75 -53.28
N ALA C 68 18.44 -18.63 -52.69
CA ALA C 68 17.97 -19.65 -51.76
C ALA C 68 17.77 -20.95 -52.52
N GLU C 69 18.32 -22.04 -51.98
CA GLU C 69 18.21 -23.35 -52.61
C GLU C 69 16.96 -24.09 -52.21
N ASP C 70 15.94 -23.37 -51.75
CA ASP C 70 14.62 -23.90 -51.49
C ASP C 70 13.61 -23.18 -52.36
N ALA C 71 12.40 -23.72 -52.42
CA ALA C 71 11.36 -23.01 -53.14
C ALA C 71 10.80 -21.88 -52.30
N GLN C 72 10.26 -22.22 -51.12
CA GLN C 72 9.54 -21.23 -50.34
C GLN C 72 9.68 -21.55 -48.87
N GLY C 73 9.85 -20.53 -48.06
CA GLY C 73 9.97 -20.71 -46.62
C GLY C 73 9.31 -19.57 -45.89
N LEU C 74 9.08 -19.79 -44.60
CA LEU C 74 8.53 -18.75 -43.75
C LEU C 74 9.05 -18.94 -42.34
N SER C 75 9.19 -17.82 -41.62
CA SER C 75 9.90 -17.87 -40.35
C SER C 75 9.29 -16.90 -39.36
N ILE C 76 9.50 -17.20 -38.08
CA ILE C 76 9.00 -16.43 -36.96
C ILE C 76 10.14 -16.26 -35.97
N SER C 77 10.51 -15.03 -35.67
CA SER C 77 11.57 -14.80 -34.72
C SER C 77 11.07 -13.96 -33.56
N TYR C 78 11.91 -13.76 -32.57
CA TYR C 78 11.46 -13.12 -31.34
C TYR C 78 12.63 -12.68 -30.45
N THR C 79 12.58 -11.41 -30.02
CA THR C 79 13.57 -10.83 -29.13
C THR C 79 12.83 -10.20 -27.96
N PRO C 80 13.10 -10.61 -26.73
CA PRO C 80 12.18 -10.31 -25.63
C PRO C 80 12.33 -8.96 -24.96
N TYR C 81 13.51 -8.36 -24.91
CA TYR C 81 13.69 -7.10 -24.18
C TYR C 81 13.31 -7.24 -22.71
N LEU C 82 14.05 -8.07 -21.99
CA LEU C 82 13.76 -8.30 -20.57
C LEU C 82 14.18 -7.06 -19.78
N THR C 83 13.25 -6.12 -19.65
CA THR C 83 13.48 -4.90 -18.90
C THR C 83 12.76 -4.92 -17.56
N ASP C 88 5.83 -6.56 -20.72
CA ASP C 88 6.78 -7.40 -21.43
C ASP C 88 6.90 -6.98 -22.89
N ILE C 89 7.80 -6.04 -23.16
CA ILE C 89 8.03 -5.56 -24.51
C ILE C 89 8.53 -6.72 -25.35
N SER C 90 8.49 -6.55 -26.67
CA SER C 90 9.04 -7.60 -27.52
C SER C 90 9.16 -7.10 -28.94
N LEU C 91 9.99 -7.78 -29.71
CA LEU C 91 10.18 -7.49 -31.13
C LEU C 91 10.11 -8.80 -31.90
N GLY C 92 9.12 -8.94 -32.75
CA GLY C 92 8.96 -10.18 -33.48
C GLY C 92 8.79 -9.99 -34.96
N GLN C 93 9.55 -10.74 -35.75
CA GLN C 93 9.47 -10.66 -37.20
C GLN C 93 8.86 -11.92 -37.75
N VAL C 94 8.06 -11.78 -38.79
CA VAL C 94 7.50 -12.91 -39.52
C VAL C 94 7.78 -12.70 -41.00
N THR C 95 8.47 -13.64 -41.61
CA THR C 95 8.87 -13.49 -43.00
C THR C 95 8.41 -14.67 -43.81
N TYR C 96 8.32 -14.45 -45.12
CA TYR C 96 7.92 -15.50 -46.06
C TYR C 96 8.54 -15.18 -47.41
N TYR C 97 9.44 -16.03 -47.87
CA TYR C 97 9.96 -15.88 -49.22
C TYR C 97 9.45 -17.03 -50.06
N ASN C 98 9.35 -16.78 -51.37
CA ASN C 98 8.86 -17.78 -52.30
C ASN C 98 9.49 -17.44 -53.64
N LYS C 99 10.42 -18.25 -54.11
CA LYS C 99 11.09 -17.98 -55.37
C LYS C 99 10.36 -18.69 -56.49
N ILE C 100 9.81 -17.92 -57.41
CA ILE C 100 8.91 -18.47 -58.41
C ILE C 100 9.70 -19.25 -59.45
N ASN C 101 10.62 -18.59 -60.12
CA ASN C 101 11.50 -19.26 -61.07
C ASN C 101 12.65 -19.89 -60.31
N ASP C 102 13.64 -20.37 -61.05
CA ASP C 102 14.95 -20.66 -60.50
C ASP C 102 15.84 -19.43 -60.54
N ARG C 103 15.25 -18.26 -60.82
CA ARG C 103 15.99 -17.05 -61.14
C ARG C 103 15.37 -15.81 -60.50
N SER C 104 14.35 -15.95 -59.68
CA SER C 104 13.72 -14.80 -59.06
C SER C 104 12.93 -15.28 -57.84
N ALA C 105 12.52 -14.31 -57.03
CA ALA C 105 11.76 -14.64 -55.82
C ALA C 105 11.02 -13.41 -55.34
N PHE C 106 9.93 -13.66 -54.62
CA PHE C 106 9.22 -12.65 -53.87
C PHE C 106 9.45 -12.89 -52.39
N ALA C 107 9.20 -11.86 -51.60
CA ALA C 107 9.32 -12.02 -50.16
C ALA C 107 8.46 -10.98 -49.47
N GLY C 108 8.04 -11.33 -48.26
CA GLY C 108 7.25 -10.42 -47.45
C GLY C 108 7.60 -10.59 -46.00
N SER C 109 7.97 -9.50 -45.37
CA SER C 109 8.34 -9.52 -43.96
C SER C 109 7.40 -8.62 -43.19
N PHE C 110 7.39 -8.81 -41.88
CA PHE C 110 6.51 -8.07 -41.01
C PHE C 110 7.16 -8.01 -39.64
N ARG C 111 7.73 -6.86 -39.29
CA ARG C 111 8.29 -6.67 -37.97
C ARG C 111 7.23 -6.04 -37.10
N TYR C 112 7.17 -6.48 -35.85
CA TYR C 112 6.20 -5.95 -34.89
C TYR C 112 6.93 -5.71 -33.59
N PHE C 113 7.14 -4.46 -33.26
CA PHE C 113 7.67 -4.06 -31.97
C PHE C 113 6.50 -3.66 -31.10
N GLY C 114 6.24 -4.42 -30.05
CA GLY C 114 5.04 -4.24 -29.27
C GLY C 114 5.34 -4.11 -27.79
N PHE C 115 4.50 -3.29 -27.12
CA PHE C 115 4.48 -3.25 -25.66
C PHE C 115 3.37 -4.18 -25.17
N GLY C 116 3.63 -5.47 -25.30
CA GLY C 116 2.64 -6.49 -25.00
C GLY C 116 2.05 -6.39 -23.60
N GLY C 117 0.77 -6.00 -23.52
CA GLY C 117 0.12 -5.80 -22.25
C GLY C 117 -0.12 -4.33 -21.95
N ILE C 118 -1.34 -3.97 -21.57
CA ILE C 118 -1.66 -2.58 -21.26
C ILE C 118 -3.01 -2.56 -20.56
N GLU C 119 -3.25 -1.49 -19.79
CA GLU C 119 -4.54 -1.27 -19.16
C GLU C 119 -4.63 0.18 -18.74
N LEU C 120 -5.86 0.69 -18.67
CA LEU C 120 -6.11 2.11 -18.43
C LEU C 120 -6.82 2.35 -17.10
N ARG C 121 -6.35 1.66 -16.06
CA ARG C 121 -6.84 1.78 -14.68
C ARG C 121 -8.36 1.71 -14.57
N GLU C 128 -16.38 -2.83 -14.65
CA GLU C 128 -15.84 -1.56 -15.11
C GLU C 128 -14.80 -1.79 -16.21
N PRO C 129 -15.28 -2.13 -17.41
CA PRO C 129 -14.37 -2.40 -18.53
C PRO C 129 -13.51 -1.18 -18.85
N THR C 130 -12.22 -1.43 -19.05
CA THR C 130 -11.24 -0.39 -19.32
C THR C 130 -10.71 -0.51 -20.74
N ARG C 131 -10.25 0.61 -21.27
CA ARG C 131 -9.77 0.63 -22.65
C ARG C 131 -8.42 -0.06 -22.74
N GLU C 132 -8.24 -0.83 -23.80
CA GLU C 132 -7.00 -1.57 -24.06
C GLU C 132 -6.29 -0.93 -25.24
N VAL C 133 -5.06 -0.48 -25.02
CA VAL C 133 -4.29 0.26 -26.01
C VAL C 133 -2.88 -0.34 -26.06
N ASN C 134 -2.62 -1.16 -27.08
CA ASN C 134 -1.29 -1.71 -27.26
C ASN C 134 -0.43 -0.80 -28.13
N PRO C 135 0.59 -0.15 -27.59
CA PRO C 135 1.54 0.56 -28.45
C PRO C 135 2.38 -0.42 -29.26
N ASN C 136 2.62 -0.06 -30.51
CA ASN C 136 3.29 -0.98 -31.42
C ASN C 136 3.77 -0.22 -32.65
N GLU C 137 4.79 -0.79 -33.29
CA GLU C 137 5.46 -0.14 -34.41
C GLU C 137 5.70 -1.11 -35.56
N PHE C 138 4.66 -1.78 -36.03
CA PHE C 138 4.88 -2.74 -37.11
C PHE C 138 5.39 -2.06 -38.37
N ALA C 139 6.14 -2.81 -39.15
CA ALA C 139 6.72 -2.35 -40.41
C ALA C 139 6.55 -3.43 -41.47
N LEU C 140 5.41 -3.41 -42.16
CA LEU C 140 5.16 -4.37 -43.23
C LEU C 140 6.14 -4.14 -44.37
N ASP C 141 6.50 -5.20 -45.07
CA ASP C 141 7.54 -5.10 -46.08
C ASP C 141 7.33 -6.17 -47.14
N GLY C 142 7.69 -5.84 -48.36
CA GLY C 142 7.64 -6.78 -49.46
C GLY C 142 8.70 -6.48 -50.48
N SER C 143 9.36 -7.51 -51.00
CA SER C 143 10.53 -7.28 -51.84
C SER C 143 10.61 -8.31 -52.95
N TYR C 144 10.89 -7.83 -54.16
CA TYR C 144 11.17 -8.67 -55.29
C TYR C 144 12.68 -8.80 -55.44
N SER C 145 13.15 -9.96 -55.90
CA SER C 145 14.58 -10.21 -56.04
C SER C 145 14.80 -11.00 -57.31
N LEU C 146 15.39 -10.36 -58.31
CA LEU C 146 15.70 -10.96 -59.60
C LEU C 146 17.17 -11.33 -59.67
N LYS C 147 17.47 -12.32 -60.51
CA LYS C 147 18.83 -12.81 -60.69
C LYS C 147 19.31 -12.30 -62.05
N LEU C 148 20.00 -11.16 -62.04
CA LEU C 148 20.40 -10.52 -63.29
C LEU C 148 21.30 -11.42 -64.12
N SER C 149 22.48 -11.69 -63.62
CA SER C 149 23.43 -12.58 -64.26
C SER C 149 23.54 -13.84 -63.42
N GLU C 150 24.49 -14.68 -63.78
CA GLU C 150 24.64 -15.96 -63.10
C GLU C 150 25.31 -15.84 -61.74
N THR C 151 25.83 -14.67 -61.38
CA THR C 151 26.61 -14.50 -60.16
C THR C 151 25.96 -13.60 -59.12
N PHE C 152 25.48 -12.41 -59.51
CA PHE C 152 24.87 -11.56 -58.51
C PHE C 152 23.47 -11.16 -58.95
N SER C 153 22.63 -10.97 -57.93
CA SER C 153 21.22 -10.68 -58.06
C SER C 153 20.93 -9.29 -57.52
N MET C 154 19.83 -8.71 -57.98
CA MET C 154 19.40 -7.39 -57.55
C MET C 154 17.96 -7.47 -57.07
N ALA C 155 17.65 -6.75 -56.01
CA ALA C 155 16.32 -6.81 -55.42
C ALA C 155 15.87 -5.41 -55.04
N VAL C 156 14.56 -5.22 -55.11
CA VAL C 156 13.91 -3.96 -54.78
C VAL C 156 12.81 -4.25 -53.76
N ALA C 157 12.83 -3.54 -52.65
CA ALA C 157 11.91 -3.79 -51.55
C ALA C 157 11.15 -2.52 -51.21
N ALA C 158 10.04 -2.69 -50.50
CA ALA C 158 9.23 -1.56 -50.09
C ALA C 158 8.63 -1.85 -48.72
N ARG C 159 8.69 -0.86 -47.84
CA ARG C 159 8.17 -0.97 -46.49
C ARG C 159 7.13 0.09 -46.20
N TYR C 160 6.06 -0.33 -45.54
CA TYR C 160 5.11 0.59 -44.91
C TYR C 160 5.40 0.59 -43.42
N ILE C 161 6.22 1.53 -42.99
CA ILE C 161 6.53 1.69 -41.57
C ILE C 161 5.33 2.34 -40.91
N ARG C 162 4.97 1.91 -39.71
CA ARG C 162 3.86 2.53 -39.00
C ARG C 162 4.07 2.40 -37.51
N SER C 163 4.15 3.54 -36.82
CA SER C 163 4.34 3.57 -35.38
C SER C 163 3.12 4.15 -34.70
N ASN C 164 2.77 3.57 -33.56
CA ASN C 164 1.59 3.97 -32.81
C ASN C 164 1.92 3.96 -31.32
N LEU C 165 3.13 4.40 -30.98
CA LEU C 165 3.59 4.31 -29.60
C LEU C 165 2.79 5.21 -28.69
N LYS C 166 2.47 6.41 -29.15
CA LYS C 166 1.86 7.40 -28.28
C LYS C 166 0.37 7.20 -28.16
N VAL C 167 -0.07 5.97 -27.87
CA VAL C 167 -1.48 5.71 -27.68
C VAL C 167 -1.83 6.24 -26.28
N ALA C 168 -2.69 7.24 -26.25
CA ALA C 168 -2.92 7.93 -25.00
C ALA C 168 -4.18 8.78 -25.13
N THR C 169 -4.38 9.68 -24.18
CA THR C 169 -5.67 10.32 -23.97
C THR C 169 -5.49 11.79 -23.65
N GLU C 170 -6.48 12.59 -24.04
CA GLU C 170 -6.62 13.96 -23.53
C GLU C 170 -5.42 14.86 -23.83
N GLU C 171 -5.32 15.31 -25.08
CA GLU C 171 -4.32 16.27 -25.57
C GLU C 171 -3.01 15.63 -25.97
N ILE C 172 -2.92 14.31 -26.02
CA ILE C 172 -1.82 13.62 -26.68
C ILE C 172 -2.48 12.56 -27.56
N ASP C 173 -2.76 12.91 -28.81
CA ASP C 173 -3.59 12.06 -29.65
C ASP C 173 -2.78 10.91 -30.23
N ALA C 174 -3.39 9.73 -30.22
CA ALA C 174 -2.81 8.56 -30.84
C ALA C 174 -3.04 8.64 -32.35
N SER C 175 -2.94 7.51 -33.03
CA SER C 175 -3.13 7.43 -34.48
C SER C 175 -1.93 7.99 -35.22
N ALA C 176 -0.76 7.90 -34.61
CA ALA C 176 0.46 8.30 -35.29
C ALA C 176 0.60 7.51 -36.58
N ALA C 177 1.23 8.15 -37.57
CA ALA C 177 1.32 7.59 -38.90
C ALA C 177 2.70 7.02 -39.13
N GLY C 178 2.83 6.33 -40.25
CA GLY C 178 4.12 5.87 -40.70
C GLY C 178 4.48 6.51 -42.01
N SER C 179 5.16 5.78 -42.86
CA SER C 179 5.51 6.26 -44.18
C SER C 179 5.97 5.07 -45.01
N PHE C 180 6.51 5.36 -46.18
CA PHE C 180 6.96 4.34 -47.11
C PHE C 180 8.46 4.46 -47.31
N ALA C 181 9.10 3.32 -47.52
CA ALA C 181 10.54 3.29 -47.71
C ALA C 181 10.85 2.29 -48.81
N VAL C 182 11.93 2.54 -49.53
CA VAL C 182 12.33 1.68 -50.63
C VAL C 182 13.73 1.15 -50.31
N ASP C 183 14.02 -0.03 -50.85
CA ASP C 183 15.29 -0.69 -50.59
C ASP C 183 15.85 -1.21 -51.89
N VAL C 184 17.16 -1.10 -52.06
CA VAL C 184 17.85 -1.59 -53.25
C VAL C 184 19.03 -2.42 -52.81
N ALA C 185 19.03 -3.70 -53.16
CA ALA C 185 20.04 -4.62 -52.67
C ALA C 185 20.70 -5.36 -53.81
N GLY C 186 22.01 -5.54 -53.72
CA GLY C 186 22.74 -6.37 -54.67
C GLY C 186 23.53 -7.42 -53.91
N PHE C 187 23.55 -8.63 -54.46
CA PHE C 187 24.17 -9.76 -53.78
C PHE C 187 24.98 -10.57 -54.78
N TYR C 188 26.29 -10.60 -54.61
CA TYR C 188 27.20 -11.30 -55.50
C TYR C 188 27.63 -12.61 -54.87
N GLN C 189 26.98 -13.70 -55.25
CA GLN C 189 27.48 -15.01 -54.89
C GLN C 189 28.56 -15.40 -55.88
N SER C 190 29.47 -16.27 -55.46
CA SER C 190 30.47 -16.81 -56.37
C SER C 190 30.33 -18.32 -56.41
N GLU C 191 30.57 -18.90 -57.58
CA GLU C 191 30.29 -20.31 -57.78
C GLU C 191 31.24 -21.18 -56.95
N GLU C 192 32.52 -21.12 -57.27
CA GLU C 192 33.52 -21.94 -56.61
C GLU C 192 34.89 -21.60 -57.16
N ILE C 193 35.94 -21.74 -56.34
CA ILE C 193 37.28 -21.54 -56.87
C ILE C 193 38.22 -22.69 -56.54
N ALA C 194 37.95 -23.48 -55.49
CA ALA C 194 38.79 -24.62 -55.14
C ALA C 194 40.22 -24.15 -54.86
N TYR C 195 40.35 -23.40 -53.77
CA TYR C 195 41.63 -22.83 -53.37
C TYR C 195 42.58 -23.95 -52.92
N SER C 196 43.73 -23.53 -52.37
CA SER C 196 44.87 -24.42 -52.14
C SER C 196 44.47 -25.73 -51.46
N ASP C 197 43.74 -25.65 -50.34
CA ASP C 197 43.27 -26.88 -49.73
C ASP C 197 41.87 -26.77 -49.12
N PHE C 198 41.11 -25.73 -49.44
CA PHE C 198 39.84 -25.53 -48.75
C PHE C 198 38.67 -25.10 -49.63
N ASN C 199 38.87 -24.92 -50.94
CA ASN C 199 37.83 -24.73 -51.97
C ASN C 199 36.62 -23.92 -51.51
N GLY C 200 36.89 -22.71 -51.01
CA GLY C 200 35.83 -21.85 -50.52
C GLY C 200 35.14 -21.09 -51.63
N ARG C 201 34.12 -20.32 -51.25
CA ARG C 201 33.45 -19.43 -52.18
C ARG C 201 33.32 -18.04 -51.59
N TRP C 202 33.06 -17.08 -52.48
CA TRP C 202 33.01 -15.67 -52.16
C TRP C 202 31.57 -15.16 -52.17
N ARG C 203 31.32 -14.13 -51.36
CA ARG C 203 30.02 -13.51 -51.27
C ARG C 203 30.24 -12.03 -51.01
N ALA C 204 29.48 -11.20 -51.70
CA ALA C 204 29.52 -9.77 -51.48
C ALA C 204 28.10 -9.24 -51.54
N GLY C 205 27.91 -8.01 -51.10
CA GLY C 205 26.60 -7.44 -51.22
C GLY C 205 26.43 -6.08 -50.61
N PHE C 206 25.64 -5.25 -51.25
CA PHE C 206 25.30 -3.94 -50.73
C PHE C 206 23.81 -3.87 -50.52
N ASN C 207 23.40 -2.98 -49.63
CA ASN C 207 21.99 -2.78 -49.35
C ASN C 207 21.79 -1.31 -49.01
N ILE C 208 21.09 -0.60 -49.87
CA ILE C 208 20.59 0.73 -49.57
C ILE C 208 19.23 0.54 -48.93
N GLN C 209 19.17 0.79 -47.63
CA GLN C 209 18.01 0.61 -46.77
C GLN C 209 17.01 1.74 -46.95
N ASN C 210 16.20 1.96 -45.92
CA ASN C 210 15.05 2.86 -45.92
C ASN C 210 15.32 4.17 -46.65
N LEU C 211 14.59 4.37 -47.75
CA LEU C 211 14.66 5.57 -48.57
C LEU C 211 13.23 6.03 -48.79
N GLY C 212 12.72 6.83 -47.85
CA GLY C 212 11.37 7.31 -47.94
C GLY C 212 11.25 8.69 -47.34
N PRO C 213 10.12 9.35 -47.59
CA PRO C 213 9.92 10.69 -47.03
C PRO C 213 9.91 10.64 -45.52
N LYS C 214 10.45 11.69 -44.91
CA LYS C 214 10.65 11.70 -43.47
C LYS C 214 9.32 11.59 -42.73
N ILE C 215 9.37 10.98 -41.56
CA ILE C 215 8.18 10.73 -40.75
C ILE C 215 7.90 11.95 -39.89
N SER C 216 6.63 12.19 -39.63
CA SER C 216 6.20 13.24 -38.71
C SER C 216 5.31 12.56 -37.67
N TYR C 217 5.86 12.36 -36.46
CA TYR C 217 5.08 11.75 -35.41
C TYR C 217 3.93 12.65 -35.00
N ASP C 218 4.22 13.93 -34.78
CA ASP C 218 3.23 14.92 -34.38
C ASP C 218 2.24 15.29 -35.48
N HIS C 219 2.37 14.70 -36.67
CA HIS C 219 1.44 14.90 -37.77
C HIS C 219 1.53 16.30 -38.36
N ASP C 220 2.62 17.01 -38.12
CA ASP C 220 2.85 18.32 -38.69
C ASP C 220 3.72 18.21 -39.93
N ASP C 221 3.84 19.33 -40.63
CA ASP C 221 4.79 19.46 -41.73
C ASP C 221 6.02 20.27 -41.33
N LEU C 222 5.96 20.96 -40.19
CA LEU C 222 7.07 21.78 -39.72
C LEU C 222 7.96 21.05 -38.74
N SER C 223 7.82 19.73 -38.63
CA SER C 223 8.68 18.93 -37.76
C SER C 223 8.56 17.49 -38.20
N ALA C 224 9.66 16.90 -38.66
CA ALA C 224 9.63 15.53 -39.11
C ALA C 224 11.01 14.93 -38.99
N ASN C 225 11.06 13.67 -38.58
CA ASN C 225 12.31 12.96 -38.34
C ASN C 225 12.72 12.20 -39.60
N PHE C 226 14.01 12.16 -39.85
CA PHE C 226 14.52 11.40 -40.98
C PHE C 226 14.30 9.91 -40.78
N LEU C 227 14.09 9.20 -41.89
CA LEU C 227 14.05 7.76 -41.84
C LEU C 227 15.44 7.18 -41.67
N PRO C 228 15.54 5.98 -41.15
CA PRO C 228 16.85 5.36 -40.92
C PRO C 228 17.43 4.76 -42.19
N ALA C 229 17.86 5.63 -43.10
CA ALA C 229 18.51 5.16 -44.31
C ALA C 229 19.84 4.53 -43.95
N ASN C 230 20.12 3.38 -44.55
CA ASN C 230 21.35 2.65 -44.32
C ASN C 230 22.06 2.41 -45.64
N LEU C 231 23.38 2.27 -45.57
CA LEU C 231 24.16 1.93 -46.75
C LEU C 231 25.04 0.73 -46.48
N ARG C 232 24.43 -0.34 -45.97
CA ARG C 232 25.26 -1.42 -45.42
C ARG C 232 25.91 -2.20 -46.55
N VAL C 233 27.24 -2.26 -46.53
CA VAL C 233 28.02 -2.92 -47.57
C VAL C 233 28.88 -3.98 -46.91
N GLY C 234 28.80 -5.21 -47.39
CA GLY C 234 29.51 -6.28 -46.74
C GLY C 234 30.03 -7.30 -47.72
N GLY C 235 30.92 -8.14 -47.21
CA GLY C 235 31.49 -9.22 -47.98
C GLY C 235 31.80 -10.38 -47.07
N GLY C 236 32.29 -11.46 -47.64
CA GLY C 236 32.57 -12.63 -46.86
C GLY C 236 33.08 -13.75 -47.73
N PHE C 237 33.78 -14.68 -47.09
CA PHE C 237 34.33 -15.84 -47.75
C PHE C 237 34.11 -17.04 -46.85
N ASP C 238 33.60 -18.13 -47.41
CA ASP C 238 33.41 -19.34 -46.61
C ASP C 238 34.29 -20.45 -47.14
N PHE C 239 35.15 -20.98 -46.27
CA PHE C 239 35.93 -22.15 -46.56
C PHE C 239 35.01 -23.36 -46.54
N ILE C 240 35.26 -24.32 -47.43
CA ILE C 240 34.47 -25.54 -47.49
C ILE C 240 35.39 -26.73 -47.23
N PHE C 241 34.98 -27.59 -46.31
CA PHE C 241 35.73 -28.77 -45.93
C PHE C 241 34.78 -29.93 -46.10
N ASP C 242 35.16 -30.92 -46.92
CA ASP C 242 34.35 -32.10 -47.20
C ASP C 242 33.13 -31.78 -48.06
N ASP C 243 32.98 -30.53 -48.51
CA ASP C 243 31.89 -30.07 -49.37
C ASP C 243 30.55 -29.94 -48.64
N TYR C 244 30.46 -30.43 -47.41
CA TYR C 244 29.34 -30.10 -46.54
C TYR C 244 29.82 -29.93 -45.10
N ASN C 245 30.91 -29.19 -44.93
CA ASN C 245 31.39 -28.81 -43.60
C ASN C 245 32.11 -27.47 -43.75
N LYS C 246 31.37 -26.38 -43.59
CA LYS C 246 31.90 -25.10 -44.02
C LYS C 246 32.06 -24.13 -42.87
N LEU C 247 33.00 -23.21 -43.04
CA LEU C 247 33.33 -22.18 -42.05
C LEU C 247 33.51 -20.88 -42.79
N GLY C 248 32.56 -19.97 -42.65
CA GLY C 248 32.62 -18.74 -43.43
C GLY C 248 32.69 -17.50 -42.58
N VAL C 249 33.64 -16.62 -42.90
CA VAL C 249 33.78 -15.36 -42.21
C VAL C 249 33.19 -14.26 -43.09
N SER C 250 32.92 -13.12 -42.48
CA SER C 250 32.36 -12.01 -43.25
C SER C 250 32.46 -10.72 -42.45
N LEU C 251 32.43 -9.62 -43.19
CA LEU C 251 32.50 -8.27 -42.65
C LEU C 251 31.37 -7.42 -43.21
N GLU C 252 30.90 -6.48 -42.41
CA GLU C 252 29.89 -5.52 -42.82
C GLU C 252 30.27 -4.13 -42.34
N LEU C 253 29.98 -3.14 -43.17
CA LEU C 253 30.16 -1.73 -42.86
C LEU C 253 28.83 -1.03 -43.03
N THR C 254 28.30 -0.50 -41.94
CA THR C 254 27.01 0.18 -41.95
C THR C 254 27.24 1.68 -41.82
N LYS C 255 26.73 2.44 -42.78
CA LYS C 255 26.71 3.89 -42.73
C LYS C 255 25.27 4.32 -42.57
N LEU C 256 25.00 5.15 -41.57
CA LEU C 256 23.65 5.65 -41.31
C LEU C 256 23.51 6.93 -42.11
N LEU C 257 22.79 6.86 -43.23
CA LEU C 257 22.74 7.93 -44.22
C LEU C 257 21.69 8.99 -43.85
N VAL C 258 21.83 9.55 -42.65
CA VAL C 258 21.08 10.74 -42.32
C VAL C 258 22.10 11.83 -42.02
N PRO C 259 21.80 13.08 -42.29
CA PRO C 259 22.74 14.15 -41.96
C PRO C 259 23.04 14.17 -40.46
N THR C 260 24.29 14.44 -40.14
CA THR C 260 24.66 14.53 -38.74
C THR C 260 24.22 15.88 -38.18
N PRO C 261 23.66 15.90 -36.97
CA PRO C 261 23.19 17.16 -36.41
C PRO C 261 24.33 18.13 -36.22
N PRO C 262 24.05 19.43 -36.24
CA PRO C 262 25.12 20.42 -36.08
C PRO C 262 25.39 20.74 -34.62
N GLY C 263 26.65 20.72 -34.22
CA GLY C 263 27.03 21.01 -32.86
C GLY C 263 27.45 22.46 -32.66
N SER C 285 22.73 32.35 -28.49
CA SER C 285 22.63 31.09 -29.21
C SER C 285 21.78 31.25 -30.47
N GLN C 286 21.81 32.44 -31.06
CA GLN C 286 21.10 32.64 -32.33
C GLN C 286 21.67 31.76 -33.42
N ALA C 287 23.01 31.68 -33.50
CA ALA C 287 23.62 30.72 -34.41
C ALA C 287 23.37 29.29 -33.97
N ASP C 288 23.32 29.06 -32.66
CA ASP C 288 23.06 27.73 -32.14
C ASP C 288 21.66 27.26 -32.43
N GLU C 289 20.75 28.17 -32.77
CA GLU C 289 19.41 27.84 -33.24
C GLU C 289 19.35 27.73 -34.75
N ALA C 290 19.97 28.69 -35.46
CA ALA C 290 19.92 28.67 -36.92
C ALA C 290 20.61 27.44 -37.48
N ASN C 291 21.63 26.93 -36.80
CA ASN C 291 22.30 25.73 -37.28
C ASN C 291 21.37 24.52 -37.24
N TYR C 292 20.64 24.35 -36.14
CA TYR C 292 19.67 23.26 -36.10
C TYR C 292 18.53 23.50 -37.08
N LYS C 293 18.17 24.75 -37.33
CA LYS C 293 17.14 24.99 -38.33
C LYS C 293 17.60 24.57 -39.72
N LYS C 294 18.85 24.87 -40.05
CA LYS C 294 19.41 24.40 -41.32
C LYS C 294 19.55 22.88 -41.35
N TYR C 295 19.69 22.26 -40.18
CA TYR C 295 19.69 20.80 -40.14
C TYR C 295 18.30 20.25 -40.41
N LYS C 296 17.28 20.86 -39.84
CA LYS C 296 15.93 20.30 -39.94
C LYS C 296 15.22 20.65 -41.23
N ASP C 297 15.61 21.73 -41.91
CA ASP C 297 15.00 22.03 -43.19
C ASP C 297 15.69 21.34 -44.36
N ILE C 298 16.34 20.21 -44.10
CA ILE C 298 16.98 19.42 -45.14
C ILE C 298 15.99 18.36 -45.62
N GLY C 299 15.75 18.33 -46.93
CA GLY C 299 14.99 17.22 -47.48
C GLY C 299 15.72 15.90 -47.30
N TRP C 300 14.96 14.81 -47.44
CA TRP C 300 15.59 13.50 -47.29
C TRP C 300 16.42 13.12 -48.51
N VAL C 301 15.95 13.47 -49.72
CA VAL C 301 16.71 13.17 -50.92
C VAL C 301 18.01 13.95 -50.96
N SER C 302 18.07 15.09 -50.28
CA SER C 302 19.31 15.84 -50.18
C SER C 302 20.14 15.45 -48.97
N GLY C 303 19.52 15.00 -47.88
CA GLY C 303 20.30 14.51 -46.76
C GLY C 303 21.04 13.23 -47.10
N ILE C 304 20.36 12.31 -47.80
CA ILE C 304 20.99 11.09 -48.29
C ILE C 304 22.21 11.42 -49.14
N PHE C 305 22.16 12.50 -49.91
CA PHE C 305 23.35 12.94 -50.64
C PHE C 305 24.39 13.52 -49.70
N LYS C 306 23.98 14.44 -48.82
CA LYS C 306 24.93 15.15 -47.99
C LYS C 306 25.66 14.18 -47.09
N SER C 307 25.00 13.68 -46.04
CA SER C 307 25.37 12.46 -45.33
C SER C 307 26.82 12.35 -44.84
N PHE C 308 27.65 13.36 -45.14
CA PHE C 308 29.10 13.21 -45.09
C PHE C 308 29.80 14.45 -44.58
N GLY C 309 29.08 15.52 -44.26
CA GLY C 309 29.65 16.67 -43.60
C GLY C 309 29.57 16.51 -42.10
N ASP C 310 30.41 15.63 -41.55
CA ASP C 310 30.37 15.25 -40.14
C ASP C 310 30.52 16.47 -39.24
N ALA C 311 31.69 17.12 -39.29
CA ALA C 311 31.96 18.29 -38.45
C ALA C 311 33.35 18.82 -38.75
N GLU C 318 38.36 12.01 -41.68
CA GLU C 318 37.85 11.15 -40.62
C GLU C 318 36.53 10.54 -41.07
N LEU C 319 35.43 10.91 -40.40
CA LEU C 319 34.10 10.36 -40.69
C LEU C 319 34.03 8.86 -40.48
N LYS C 320 34.98 8.28 -39.75
CA LYS C 320 34.97 6.83 -39.58
C LYS C 320 34.02 6.40 -38.49
N GLU C 321 32.79 6.92 -38.54
CA GLU C 321 31.66 6.45 -37.76
C GLU C 321 30.81 5.49 -38.57
N ILE C 322 31.49 4.48 -39.12
CA ILE C 322 30.89 3.40 -39.87
C ILE C 322 30.93 2.16 -39.01
N THR C 323 29.76 1.66 -38.62
CA THR C 323 29.73 0.53 -37.71
C THR C 323 30.16 -0.72 -38.43
N TYR C 324 31.17 -1.40 -37.91
CA TYR C 324 31.69 -2.58 -38.59
C TYR C 324 31.45 -3.82 -37.74
N SER C 325 31.14 -4.92 -38.42
CA SER C 325 30.88 -6.18 -37.75
C SER C 325 31.55 -7.30 -38.51
N ALA C 326 32.11 -8.25 -37.78
CA ALA C 326 32.74 -9.42 -38.35
C ALA C 326 32.11 -10.66 -37.74
N ALA C 327 32.13 -11.76 -38.48
CA ALA C 327 31.50 -12.96 -37.94
C ALA C 327 31.98 -14.21 -38.67
N ALA C 328 31.75 -15.34 -38.02
CA ALA C 328 32.15 -16.65 -38.51
C ALA C 328 31.02 -17.65 -38.31
N GLU C 329 30.85 -18.56 -39.26
CA GLU C 329 29.67 -19.40 -39.35
C GLU C 329 29.87 -20.80 -38.77
N TYR C 330 30.78 -21.57 -39.37
CA TYR C 330 30.95 -22.99 -39.08
C TYR C 330 29.64 -23.76 -39.00
N MET C 331 29.04 -24.07 -40.13
CA MET C 331 27.96 -25.04 -40.17
C MET C 331 28.49 -26.42 -40.57
N TYR C 332 28.12 -27.41 -39.78
CA TYR C 332 28.61 -28.78 -39.85
C TYR C 332 27.53 -29.64 -40.48
N GLN C 333 27.77 -30.09 -41.72
CA GLN C 333 26.87 -30.94 -42.49
C GLN C 333 25.65 -30.16 -42.99
N ASP C 334 25.52 -28.89 -42.63
CA ASP C 334 24.48 -27.95 -43.04
C ASP C 334 23.18 -28.10 -42.25
N ALA C 335 23.19 -28.86 -41.16
CA ALA C 335 22.03 -28.97 -40.28
C ALA C 335 22.37 -28.49 -38.87
N PHE C 336 23.55 -27.90 -38.72
CA PHE C 336 24.03 -27.39 -37.45
C PHE C 336 24.98 -26.24 -37.74
N ALA C 337 24.96 -25.21 -36.90
CA ALA C 337 25.79 -24.05 -37.15
C ALA C 337 26.14 -23.39 -35.82
N MET C 338 27.39 -22.93 -35.71
CA MET C 338 27.87 -22.28 -34.48
C MET C 338 28.39 -20.89 -34.82
N ARG C 339 27.56 -19.88 -34.62
CA ARG C 339 27.83 -18.52 -35.08
C ARG C 339 28.60 -17.72 -34.03
N LEU C 340 29.70 -17.11 -34.45
CA LEU C 340 30.41 -16.10 -33.67
C LEU C 340 30.31 -14.76 -34.36
N GLY C 341 30.24 -13.69 -33.58
CA GLY C 341 30.24 -12.39 -34.21
C GLY C 341 30.57 -11.24 -33.31
N TYR C 342 31.36 -10.30 -33.78
CA TYR C 342 31.69 -9.09 -33.07
C TYR C 342 31.12 -7.90 -33.82
N TYR C 343 30.38 -7.06 -33.12
CA TYR C 343 29.77 -5.87 -33.70
C TYR C 343 30.29 -4.65 -32.97
N HIS C 344 30.64 -3.59 -33.71
CA HIS C 344 31.21 -2.40 -33.11
C HIS C 344 30.68 -1.16 -33.80
N GLU C 345 30.03 -0.29 -33.04
CA GLU C 345 29.78 1.06 -33.49
C GLU C 345 30.81 1.99 -32.87
N SER C 346 30.81 3.22 -33.31
CA SER C 346 31.71 4.20 -32.71
C SER C 346 31.26 4.48 -31.29
N PRO C 347 32.16 4.45 -30.30
CA PRO C 347 31.76 4.78 -28.93
C PRO C 347 31.36 6.23 -28.75
N MET C 348 31.52 7.07 -29.77
CA MET C 348 31.05 8.45 -29.77
C MET C 348 29.81 8.65 -30.63
N LYS C 349 29.49 7.70 -31.49
CA LYS C 349 28.46 7.87 -32.51
C LYS C 349 27.51 6.68 -32.50
N GLY C 350 27.00 6.35 -31.32
CA GLY C 350 26.03 5.28 -31.19
C GLY C 350 26.19 4.43 -29.96
N ALA C 351 27.43 4.24 -29.52
CA ALA C 351 27.76 3.56 -28.26
C ALA C 351 27.06 2.21 -28.16
N LYS C 352 27.43 1.30 -29.06
CA LYS C 352 26.81 -0.02 -29.07
C LYS C 352 27.75 -1.00 -29.73
N GLN C 353 28.18 -2.00 -28.96
CA GLN C 353 29.05 -3.03 -29.47
C GLN C 353 28.90 -4.28 -28.62
N PHE C 354 29.10 -5.42 -29.23
CA PHE C 354 28.87 -6.67 -28.53
C PHE C 354 29.58 -7.81 -29.23
N PHE C 355 29.42 -9.00 -28.65
CA PHE C 355 30.18 -10.19 -28.95
C PHE C 355 29.23 -11.38 -29.11
N SER C 356 28.26 -11.22 -29.99
CA SER C 356 27.14 -12.15 -30.08
C SER C 356 27.59 -13.57 -30.38
N LEU C 357 27.10 -14.50 -29.57
CA LEU C 357 27.18 -15.93 -29.81
C LEU C 357 25.87 -16.41 -30.39
N GLY C 358 25.89 -17.57 -31.03
CA GLY C 358 24.64 -18.16 -31.46
C GLY C 358 24.85 -19.55 -31.97
N ALA C 359 23.74 -20.27 -32.11
CA ALA C 359 23.78 -21.61 -32.68
C ALA C 359 22.48 -21.84 -33.44
N GLY C 360 22.50 -22.88 -34.26
CA GLY C 360 21.36 -23.18 -35.10
C GLY C 360 21.26 -24.64 -35.45
N PHE C 361 20.06 -25.20 -35.40
CA PHE C 361 19.81 -26.60 -35.65
C PHE C 361 18.77 -26.74 -36.75
N LYS C 362 18.81 -27.88 -37.44
CA LYS C 362 17.91 -28.13 -38.57
C LYS C 362 17.45 -29.56 -38.49
N TYR C 363 16.18 -29.77 -38.09
CA TYR C 363 15.73 -31.15 -37.91
C TYR C 363 15.30 -31.79 -39.23
N SER C 364 14.18 -31.35 -39.79
CA SER C 364 13.76 -31.81 -41.11
C SER C 364 13.57 -30.66 -42.08
N MET C 365 12.72 -29.71 -41.75
CA MET C 365 12.52 -28.52 -42.57
C MET C 365 12.36 -27.30 -41.68
N ILE C 366 12.49 -27.47 -40.36
CA ILE C 366 12.40 -26.38 -39.41
C ILE C 366 13.79 -26.17 -38.83
N LYS C 367 14.25 -24.93 -38.85
CA LYS C 367 15.52 -24.59 -38.25
C LYS C 367 15.25 -23.76 -37.00
N VAL C 368 15.94 -24.09 -35.92
CA VAL C 368 15.82 -23.40 -34.66
C VAL C 368 17.13 -22.66 -34.45
N ASP C 369 17.08 -21.33 -34.47
CA ASP C 369 18.26 -20.51 -34.29
C ASP C 369 18.11 -19.74 -32.99
N VAL C 370 19.18 -19.72 -32.20
CA VAL C 370 19.15 -19.05 -30.91
C VAL C 370 20.47 -18.32 -30.76
N SER C 371 20.48 -17.27 -29.95
CA SER C 371 21.71 -16.49 -29.89
C SER C 371 21.66 -15.51 -28.74
N TYR C 372 22.85 -15.20 -28.22
CA TYR C 372 23.05 -14.38 -27.05
C TYR C 372 23.98 -13.23 -27.41
N LEU C 373 23.98 -12.18 -26.59
CA LEU C 373 24.38 -10.85 -27.01
C LEU C 373 25.31 -10.20 -25.98
N PHE C 374 26.42 -10.88 -25.65
CA PHE C 374 27.38 -10.35 -24.67
C PHE C 374 27.77 -8.90 -24.95
N SER C 375 27.38 -7.98 -24.07
CA SER C 375 27.54 -6.56 -24.33
C SER C 375 28.98 -6.16 -24.08
N ALA C 376 29.67 -5.68 -25.12
CA ALA C 376 31.10 -5.49 -25.01
C ALA C 376 31.48 -4.45 -23.97
N SER C 377 31.21 -3.17 -24.24
CA SER C 377 31.70 -2.16 -23.31
C SER C 377 30.64 -1.21 -22.78
N LYS C 378 29.91 -0.57 -23.66
CA LYS C 378 29.34 0.74 -23.37
C LYS C 378 28.04 0.54 -22.56
N VAL C 379 27.21 1.58 -22.49
CA VAL C 379 26.04 1.68 -21.63
C VAL C 379 25.09 0.50 -21.82
N LYS C 380 24.24 0.28 -20.83
CA LYS C 380 23.37 -0.90 -20.77
C LYS C 380 22.52 -1.04 -22.03
N ASN C 381 22.78 -2.09 -22.76
CA ASN C 381 22.01 -2.42 -23.96
C ASN C 381 20.73 -3.14 -23.54
N PRO C 382 19.55 -2.73 -24.03
CA PRO C 382 18.31 -3.33 -23.53
C PRO C 382 18.18 -4.81 -23.80
N LEU C 383 18.97 -5.35 -24.72
CA LEU C 383 19.01 -6.79 -24.98
C LEU C 383 20.45 -7.23 -24.73
N GLU C 384 20.71 -7.73 -23.54
CA GLU C 384 22.03 -8.22 -23.19
C GLU C 384 21.92 -9.59 -22.52
N ASN C 385 20.79 -9.83 -21.88
CA ASN C 385 20.48 -11.12 -21.28
C ASN C 385 19.14 -11.58 -21.85
N THR C 386 19.20 -12.18 -23.03
CA THR C 386 18.02 -12.67 -23.73
C THR C 386 18.44 -13.86 -24.57
N LEU C 387 17.52 -14.36 -25.39
CA LEU C 387 17.88 -15.32 -26.42
C LEU C 387 17.05 -14.97 -27.65
N ARG C 388 17.70 -14.48 -28.69
CA ARG C 388 16.95 -14.11 -29.87
C ARG C 388 16.46 -15.37 -30.56
N PHE C 389 15.31 -15.87 -30.17
CA PHE C 389 14.86 -17.16 -30.66
C PHE C 389 14.16 -16.97 -31.99
N SER C 390 14.68 -17.57 -33.04
CA SER C 390 14.05 -17.50 -34.34
C SER C 390 13.87 -18.91 -34.88
N LEU C 391 12.90 -19.06 -35.77
CA LEU C 391 12.42 -20.38 -36.16
C LEU C 391 12.03 -20.30 -37.63
N THR C 392 12.32 -21.35 -38.38
CA THR C 392 12.11 -21.32 -39.82
C THR C 392 11.28 -22.51 -40.27
N PHE C 393 10.81 -22.43 -41.50
CA PHE C 393 10.13 -23.53 -42.16
C PHE C 393 10.44 -23.47 -43.64
N ASN C 394 10.76 -24.62 -44.21
CA ASN C 394 11.10 -24.72 -45.62
C ASN C 394 10.14 -25.68 -46.29
N PHE C 395 9.90 -25.47 -47.57
CA PHE C 395 9.01 -26.34 -48.33
C PHE C 395 9.80 -27.00 -49.46
N GLY C 396 9.10 -27.74 -50.30
CA GLY C 396 9.73 -28.56 -51.30
C GLY C 396 10.47 -27.75 -52.35
N ASP C 397 10.82 -28.45 -53.43
CA ASP C 397 11.52 -27.88 -54.58
C ASP C 397 12.91 -27.37 -54.18
N LYS C 398 13.69 -28.30 -53.62
CA LYS C 398 15.11 -28.05 -53.39
C LYS C 398 15.78 -27.66 -54.70
N TYR C 399 16.30 -26.44 -54.76
CA TYR C 399 16.97 -25.97 -55.96
C TYR C 399 18.46 -26.26 -55.90
N GLU C 400 19.05 -26.46 -57.08
CA GLU C 400 20.45 -26.79 -57.21
C GLU C 400 21.25 -25.50 -57.29
N THR C 401 21.92 -25.15 -56.19
CA THR C 401 22.73 -23.94 -56.13
C THR C 401 24.14 -24.24 -56.62
N TYR C 402 24.55 -23.54 -57.66
CA TYR C 402 25.88 -23.72 -58.24
C TYR C 402 26.89 -22.78 -57.60
#